data_1PSB
#
_entry.id   1PSB
#
loop_
_entity.id
_entity.type
_entity.pdbx_description
1 polymer 'S-100 protein, beta chain'
2 polymer 'Ndr Ser/Thr kinase-like protein'
#
loop_
_entity_poly.entity_id
_entity_poly.type
_entity_poly.pdbx_seq_one_letter_code
_entity_poly.pdbx_strand_id
1 'polypeptide(L)'
;SELEKAVVALIDVFHQYSGREGDKHKLKKSELKELINNELSHFLEEIKEQEVVDKVMETLDSDGDGECDFQEFMAFVAMI
TTACHEFFEHE
;
A,B
2 'polypeptide(L)' KRLRRSAHARKETEFLRLKRTRLGLE C,D
#
# COMPACT_ATOMS: atom_id res chain seq x y z
N SER A 1 -8.28 8.70 10.37
CA SER A 1 -7.78 8.15 11.64
C SER A 1 -6.45 7.41 11.42
N GLU A 2 -6.23 6.25 12.06
CA GLU A 2 -4.95 5.55 12.05
C GLU A 2 -4.46 5.29 10.61
N LEU A 3 -5.31 4.72 9.75
CA LEU A 3 -4.89 4.46 8.37
C LEU A 3 -4.47 5.76 7.69
N GLU A 4 -5.25 6.84 7.83
CA GLU A 4 -4.88 8.12 7.26
C GLU A 4 -3.52 8.56 7.77
N LYS A 5 -3.27 8.42 9.08
CA LYS A 5 -2.02 8.83 9.71
C LYS A 5 -0.86 8.07 9.07
N ALA A 6 -0.96 6.74 9.06
CA ALA A 6 -0.01 5.85 8.41
C ALA A 6 0.23 6.30 6.97
N VAL A 7 -0.85 6.50 6.22
CA VAL A 7 -0.79 6.94 4.84
C VAL A 7 -0.04 8.26 4.69
N VAL A 8 -0.43 9.32 5.40
CA VAL A 8 0.26 10.59 5.25
C VAL A 8 1.73 10.47 5.67
N ALA A 9 2.04 9.62 6.66
CA ALA A 9 3.44 9.31 6.96
C ALA A 9 4.14 8.73 5.73
N LEU A 10 3.57 7.70 5.09
CA LEU A 10 4.14 7.13 3.87
C LEU A 10 4.35 8.22 2.81
N ILE A 11 3.30 9.02 2.55
CA ILE A 11 3.34 10.09 1.55
C ILE A 11 4.50 11.03 1.88
N ASP A 12 4.56 11.52 3.12
CA ASP A 12 5.55 12.52 3.52
C ASP A 12 6.96 11.96 3.40
N VAL A 13 7.20 10.81 4.02
CA VAL A 13 8.52 10.17 4.04
C VAL A 13 8.99 9.97 2.60
N PHE A 14 8.15 9.35 1.78
CA PHE A 14 8.45 9.17 0.38
C PHE A 14 8.75 10.51 -0.29
N HIS A 15 7.84 11.48 -0.14
CA HIS A 15 7.91 12.77 -0.81
C HIS A 15 9.26 13.44 -0.55
N GLN A 16 9.65 13.56 0.72
CA GLN A 16 10.88 14.28 1.02
C GLN A 16 12.09 13.54 0.44
N TYR A 17 12.20 12.22 0.65
CA TYR A 17 13.32 11.45 0.11
C TYR A 17 13.35 11.58 -1.43
N SER A 18 12.18 11.45 -2.07
CA SER A 18 11.97 11.66 -3.50
C SER A 18 12.36 13.08 -3.95
N GLY A 19 12.39 14.06 -3.04
CA GLY A 19 12.80 15.41 -3.37
C GLY A 19 14.32 15.48 -3.54
N ARG A 20 15.07 14.57 -2.92
CA ARG A 20 16.52 14.69 -2.83
C ARG A 20 17.17 14.34 -4.17
N GLU A 21 16.85 13.16 -4.71
CA GLU A 21 17.23 12.76 -6.07
C GLU A 21 16.03 12.03 -6.66
N GLY A 22 15.34 12.69 -7.59
CA GLY A 22 14.06 12.27 -8.12
C GLY A 22 13.28 13.55 -8.38
N ASP A 23 11.96 13.53 -8.17
CA ASP A 23 11.17 14.75 -8.17
C ASP A 23 9.85 14.52 -7.46
N LYS A 24 9.93 14.23 -6.15
CA LYS A 24 8.78 14.18 -5.23
C LYS A 24 7.86 12.97 -5.41
N HIS A 25 7.50 12.65 -6.66
CA HIS A 25 6.66 11.52 -7.05
C HIS A 25 7.46 10.24 -7.32
N LYS A 26 8.80 10.32 -7.39
CA LYS A 26 9.65 9.23 -7.85
C LYS A 26 10.97 9.18 -7.10
N LEU A 27 11.31 8.06 -6.44
CA LEU A 27 12.58 7.87 -5.75
C LEU A 27 13.61 7.38 -6.75
N LYS A 28 14.74 8.07 -6.95
CA LYS A 28 15.85 7.53 -7.74
C LYS A 28 16.51 6.35 -6.98
N LYS A 29 17.26 5.49 -7.67
CA LYS A 29 17.87 4.30 -7.05
C LYS A 29 18.68 4.62 -5.80
N SER A 30 19.41 5.74 -5.78
CA SER A 30 20.09 6.24 -4.61
C SER A 30 19.11 6.41 -3.43
N GLU A 31 17.99 7.08 -3.70
CA GLU A 31 17.00 7.36 -2.67
C GLU A 31 16.29 6.09 -2.24
N LEU A 32 15.93 5.22 -3.19
CA LEU A 32 15.30 3.94 -2.87
C LEU A 32 16.23 3.11 -1.98
N LYS A 33 17.51 3.03 -2.35
CA LYS A 33 18.53 2.36 -1.58
C LYS A 33 18.56 2.93 -0.16
N GLU A 34 18.74 4.24 -0.07
CA GLU A 34 18.90 4.91 1.21
C GLU A 34 17.65 4.66 2.06
N LEU A 35 16.47 4.93 1.50
CA LEU A 35 15.17 4.71 2.12
C LEU A 35 15.12 3.29 2.71
N ILE A 36 15.41 2.27 1.90
CA ILE A 36 15.37 0.90 2.40
C ILE A 36 16.34 0.72 3.57
N ASN A 37 17.61 1.04 3.37
CA ASN A 37 18.64 0.91 4.40
C ASN A 37 18.25 1.61 5.70
N ASN A 38 17.83 2.86 5.55
CA ASN A 38 17.59 3.84 6.60
C ASN A 38 16.29 3.58 7.36
N GLU A 39 15.23 3.20 6.66
CA GLU A 39 13.87 3.11 7.20
C GLU A 39 13.33 1.68 7.22
N LEU A 40 13.64 0.83 6.24
CA LEU A 40 13.10 -0.53 6.17
C LEU A 40 13.98 -1.52 6.95
N SER A 41 14.93 -1.00 7.75
CA SER A 41 16.01 -1.69 8.43
C SER A 41 15.62 -2.97 9.19
N HIS A 42 14.41 -3.00 9.77
CA HIS A 42 13.94 -4.16 10.52
C HIS A 42 13.38 -5.21 9.56
N PHE A 43 12.78 -4.78 8.45
CA PHE A 43 12.10 -5.67 7.51
C PHE A 43 13.11 -6.24 6.52
N LEU A 44 13.98 -5.40 5.97
CA LEU A 44 15.11 -5.81 5.14
C LEU A 44 16.38 -5.40 5.85
N GLU A 45 17.40 -6.27 5.81
CA GLU A 45 18.72 -5.89 6.30
C GLU A 45 19.37 -4.94 5.30
N GLU A 46 20.43 -4.24 5.73
CA GLU A 46 21.08 -3.20 4.95
C GLU A 46 21.51 -3.68 3.57
N ILE A 47 21.55 -2.74 2.63
CA ILE A 47 21.77 -2.98 1.21
C ILE A 47 22.87 -2.08 0.70
N LYS A 48 24.10 -2.62 0.68
CA LYS A 48 25.24 -2.01 0.02
C LYS A 48 25.11 -2.19 -1.51
N GLU A 49 24.47 -3.29 -1.94
CA GLU A 49 24.39 -3.69 -3.32
C GLU A 49 23.57 -2.72 -4.18
N GLN A 50 24.22 -1.66 -4.68
CA GLN A 50 23.66 -0.75 -5.67
C GLN A 50 23.08 -1.49 -6.89
N GLU A 51 23.56 -2.69 -7.17
CA GLU A 51 23.00 -3.58 -8.18
C GLU A 51 21.57 -3.98 -7.81
N VAL A 52 21.38 -4.41 -6.56
CA VAL A 52 20.13 -5.02 -6.13
C VAL A 52 19.05 -3.96 -5.95
N VAL A 53 19.38 -2.81 -5.36
CA VAL A 53 18.42 -1.73 -5.24
C VAL A 53 17.90 -1.38 -6.64
N ASP A 54 18.82 -1.28 -7.61
CA ASP A 54 18.47 -1.07 -9.00
C ASP A 54 17.59 -2.22 -9.52
N LYS A 55 17.92 -3.48 -9.21
CA LYS A 55 17.13 -4.62 -9.67
C LYS A 55 15.69 -4.57 -9.13
N VAL A 56 15.52 -4.41 -7.82
CA VAL A 56 14.19 -4.44 -7.22
C VAL A 56 13.37 -3.24 -7.68
N MET A 57 14.04 -2.10 -7.92
CA MET A 57 13.40 -0.97 -8.55
C MET A 57 13.00 -1.31 -9.99
N GLU A 58 13.95 -1.80 -10.80
CA GLU A 58 13.79 -2.13 -12.21
C GLU A 58 12.59 -3.06 -12.40
N THR A 59 12.45 -4.00 -11.47
CA THR A 59 11.36 -4.97 -11.42
C THR A 59 10.01 -4.24 -11.47
N LEU A 60 9.88 -3.10 -10.78
CA LEU A 60 8.64 -2.32 -10.72
C LEU A 60 8.68 -1.05 -11.58
N ASP A 61 9.85 -0.63 -12.07
CA ASP A 61 10.06 0.66 -12.70
C ASP A 61 9.35 0.81 -14.06
N SER A 62 8.03 1.03 -14.03
CA SER A 62 7.21 1.33 -15.19
C SER A 62 7.77 2.48 -16.04
N ASP A 63 8.45 3.46 -15.42
CA ASP A 63 8.97 4.62 -16.13
C ASP A 63 10.31 4.33 -16.81
N GLY A 64 10.97 3.25 -16.38
CA GLY A 64 12.27 2.82 -16.86
C GLY A 64 13.30 3.94 -16.83
N ASP A 65 13.31 4.78 -15.77
CA ASP A 65 14.17 5.95 -15.67
C ASP A 65 15.12 5.84 -14.46
N GLY A 66 15.26 4.64 -13.88
CA GLY A 66 16.16 4.40 -12.77
C GLY A 66 15.68 5.05 -11.47
N GLU A 67 14.36 5.13 -11.35
CA GLU A 67 13.62 5.52 -10.18
C GLU A 67 12.43 4.56 -9.99
N CYS A 68 11.68 4.73 -8.90
CA CYS A 68 10.41 4.04 -8.71
C CYS A 68 9.37 5.08 -8.27
N ASP A 69 8.24 5.10 -8.96
CA ASP A 69 7.17 6.07 -8.73
C ASP A 69 6.46 5.73 -7.43
N PHE A 70 5.80 6.72 -6.82
CA PHE A 70 5.02 6.50 -5.62
C PHE A 70 4.07 5.30 -5.75
N GLN A 71 3.44 5.15 -6.92
CA GLN A 71 2.64 3.98 -7.23
C GLN A 71 3.44 2.68 -7.02
N GLU A 72 4.63 2.60 -7.61
CA GLU A 72 5.46 1.40 -7.53
C GLU A 72 5.88 1.17 -6.08
N PHE A 73 6.26 2.23 -5.39
CA PHE A 73 6.53 2.18 -3.96
C PHE A 73 5.35 1.60 -3.19
N MET A 74 4.12 2.10 -3.42
CA MET A 74 2.94 1.55 -2.77
C MET A 74 2.74 0.07 -3.11
N ALA A 75 2.97 -0.31 -4.37
CA ALA A 75 2.91 -1.71 -4.77
C ALA A 75 3.94 -2.56 -3.99
N PHE A 76 5.17 -2.08 -3.88
CA PHE A 76 6.23 -2.74 -3.11
C PHE A 76 5.79 -2.89 -1.65
N VAL A 77 5.37 -1.78 -1.04
CA VAL A 77 4.82 -1.74 0.30
C VAL A 77 3.72 -2.79 0.44
N ALA A 78 2.82 -2.92 -0.54
CA ALA A 78 1.71 -3.85 -0.44
C ALA A 78 2.19 -5.28 -0.18
N MET A 79 3.09 -5.78 -1.02
CA MET A 79 3.59 -7.14 -0.86
C MET A 79 4.43 -7.29 0.41
N ILE A 80 5.29 -6.31 0.70
CA ILE A 80 6.11 -6.33 1.92
C ILE A 80 5.20 -6.43 3.16
N THR A 81 4.22 -5.54 3.24
CA THR A 81 3.25 -5.51 4.31
C THR A 81 2.49 -6.84 4.36
N THR A 82 2.06 -7.36 3.22
CA THR A 82 1.36 -8.66 3.18
C THR A 82 2.23 -9.76 3.78
N ALA A 83 3.51 -9.84 3.39
CA ALA A 83 4.43 -10.81 4.00
C ALA A 83 4.47 -10.63 5.51
N CYS A 84 4.58 -9.38 5.97
CA CYS A 84 4.55 -9.10 7.40
C CYS A 84 3.21 -9.47 8.02
N HIS A 85 2.09 -9.32 7.32
CA HIS A 85 0.79 -9.73 7.80
C HIS A 85 0.71 -11.25 7.94
N GLU A 86 1.27 -11.99 6.97
CA GLU A 86 1.39 -13.43 7.06
C GLU A 86 2.18 -13.80 8.31
N PHE A 87 3.33 -13.15 8.53
CA PHE A 87 4.07 -13.28 9.79
C PHE A 87 3.15 -13.06 10.98
N PHE A 88 2.43 -11.94 10.97
CA PHE A 88 1.61 -11.48 12.08
C PHE A 88 0.54 -12.49 12.47
N GLU A 89 0.11 -13.37 11.57
CA GLU A 89 -0.76 -14.49 11.94
C GLU A 89 -0.17 -15.26 13.14
N HIS A 90 1.16 -15.41 13.18
CA HIS A 90 1.90 -15.94 14.32
C HIS A 90 2.94 -14.90 14.76
N GLU A 91 2.48 -13.82 15.40
CA GLU A 91 3.36 -12.82 16.01
C GLU A 91 4.49 -13.48 16.82
N SER B 1 12.32 4.01 10.60
CA SER B 1 11.21 3.08 10.92
C SER B 1 9.83 3.74 10.81
N GLU B 2 9.75 4.95 10.29
CA GLU B 2 8.47 5.66 10.13
C GLU B 2 7.51 4.80 9.31
N LEU B 3 7.96 4.38 8.13
CA LEU B 3 7.17 3.54 7.25
C LEU B 3 6.92 2.17 7.89
N GLU B 4 7.87 1.63 8.66
CA GLU B 4 7.64 0.37 9.38
C GLU B 4 6.48 0.54 10.37
N LYS B 5 6.44 1.66 11.09
CA LYS B 5 5.39 1.96 12.04
C LYS B 5 4.06 1.99 11.29
N ALA B 6 4.00 2.80 10.23
CA ALA B 6 2.83 2.90 9.37
C ALA B 6 2.37 1.49 8.94
N VAL B 7 3.27 0.71 8.36
CA VAL B 7 3.05 -0.64 7.89
C VAL B 7 2.44 -1.52 8.98
N VAL B 8 3.07 -1.61 10.17
CA VAL B 8 2.48 -2.42 11.23
C VAL B 8 1.14 -1.86 11.68
N ALA B 9 0.94 -0.54 11.65
CA ALA B 9 -0.38 0.04 11.93
C ALA B 9 -1.43 -0.47 10.93
N LEU B 10 -1.11 -0.49 9.62
CA LEU B 10 -2.03 -1.03 8.61
C LEU B 10 -2.41 -2.47 8.98
N ILE B 11 -1.40 -3.30 9.24
CA ILE B 11 -1.61 -4.71 9.59
C ILE B 11 -2.50 -4.80 10.83
N ASP B 12 -2.14 -4.11 11.90
CA ASP B 12 -2.80 -4.24 13.18
C ASP B 12 -4.27 -3.82 13.06
N VAL B 13 -4.51 -2.63 12.49
CA VAL B 13 -5.85 -2.12 12.27
C VAL B 13 -6.64 -3.14 11.45
N PHE B 14 -6.09 -3.56 10.31
CA PHE B 14 -6.79 -4.51 9.46
C PHE B 14 -7.15 -5.77 10.24
N HIS B 15 -6.19 -6.39 10.91
CA HIS B 15 -6.40 -7.63 11.64
C HIS B 15 -7.50 -7.44 12.69
N GLN B 16 -7.48 -6.30 13.40
CA GLN B 16 -8.46 -5.99 14.43
C GLN B 16 -9.88 -6.16 13.88
N TYR B 17 -10.17 -5.55 12.73
CA TYR B 17 -11.48 -5.67 12.09
C TYR B 17 -11.67 -7.06 11.47
N SER B 18 -10.68 -7.53 10.71
CA SER B 18 -10.71 -8.81 9.99
C SER B 18 -10.88 -10.01 10.93
N GLY B 19 -10.49 -9.89 12.20
CA GLY B 19 -10.70 -10.94 13.18
C GLY B 19 -12.17 -11.11 13.53
N ARG B 20 -12.99 -10.06 13.34
CA ARG B 20 -14.36 -10.05 13.85
C ARG B 20 -15.30 -10.84 12.96
N GLU B 21 -15.34 -10.54 11.66
CA GLU B 21 -16.07 -11.31 10.67
C GLU B 21 -15.21 -11.41 9.42
N GLY B 22 -14.62 -12.58 9.23
CA GLY B 22 -13.58 -12.84 8.24
C GLY B 22 -12.64 -13.83 8.89
N ASP B 23 -11.35 -13.77 8.55
CA ASP B 23 -10.34 -14.69 9.08
C ASP B 23 -8.99 -13.97 9.16
N LYS B 24 -8.94 -12.79 9.79
CA LYS B 24 -7.71 -12.03 10.05
C LYS B 24 -7.06 -11.40 8.81
N HIS B 25 -7.10 -12.08 7.65
CA HIS B 25 -6.54 -11.62 6.38
C HIS B 25 -7.65 -11.27 5.37
N LYS B 26 -8.92 -11.18 5.82
CA LYS B 26 -10.14 -11.07 5.00
C LYS B 26 -11.14 -10.10 5.66
N LEU B 27 -11.52 -8.99 5.02
CA LEU B 27 -12.59 -8.13 5.51
C LEU B 27 -13.92 -8.46 4.83
N LYS B 28 -14.93 -8.91 5.59
CA LYS B 28 -16.29 -9.05 5.08
C LYS B 28 -16.99 -7.69 5.11
N LYS B 29 -18.09 -7.50 4.35
CA LYS B 29 -18.71 -6.21 4.11
C LYS B 29 -19.05 -5.43 5.38
N SER B 30 -19.51 -6.12 6.42
CA SER B 30 -19.72 -5.54 7.73
C SER B 30 -18.45 -4.87 8.23
N GLU B 31 -17.33 -5.59 8.17
CA GLU B 31 -16.05 -5.13 8.70
C GLU B 31 -15.49 -4.05 7.79
N LEU B 32 -15.53 -4.28 6.48
CA LEU B 32 -15.06 -3.37 5.46
C LEU B 32 -15.73 -2.02 5.65
N LYS B 33 -17.06 -2.01 5.80
CA LYS B 33 -17.80 -0.78 6.01
C LYS B 33 -17.25 -0.03 7.23
N GLU B 34 -17.32 -0.64 8.42
CA GLU B 34 -16.94 0.08 9.63
C GLU B 34 -15.47 0.50 9.56
N LEU B 35 -14.59 -0.40 9.08
CA LEU B 35 -13.19 -0.14 8.85
C LEU B 35 -13.01 1.12 8.00
N ILE B 36 -13.61 1.19 6.81
CA ILE B 36 -13.38 2.35 5.95
C ILE B 36 -13.98 3.61 6.60
N ASN B 37 -15.22 3.55 7.11
CA ASN B 37 -15.83 4.74 7.74
C ASN B 37 -14.95 5.26 8.87
N ASN B 38 -14.58 4.35 9.76
CA ASN B 38 -13.81 4.62 10.97
C ASN B 38 -12.45 5.20 10.61
N GLU B 39 -11.75 4.57 9.66
CA GLU B 39 -10.37 4.88 9.37
C GLU B 39 -10.22 5.99 8.35
N LEU B 40 -10.98 5.98 7.25
CA LEU B 40 -10.95 7.03 6.24
C LEU B 40 -11.97 8.11 6.63
N SER B 41 -11.93 8.53 7.89
CA SER B 41 -12.92 9.39 8.53
C SER B 41 -12.93 10.80 7.95
N HIS B 42 -11.80 11.25 7.38
CA HIS B 42 -11.71 12.50 6.63
C HIS B 42 -11.64 12.21 5.13
N PHE B 43 -10.87 11.18 4.77
CA PHE B 43 -10.62 10.77 3.39
C PHE B 43 -11.91 10.48 2.63
N LEU B 44 -12.84 9.71 3.21
CA LEU B 44 -14.15 9.43 2.64
C LEU B 44 -15.27 10.00 3.51
N GLU B 45 -16.45 10.21 2.90
CA GLU B 45 -17.69 10.53 3.59
C GLU B 45 -18.31 9.23 4.09
N GLU B 46 -19.19 9.32 5.10
CA GLU B 46 -19.89 8.19 5.70
C GLU B 46 -20.52 7.31 4.62
N ILE B 47 -20.09 6.06 4.54
CA ILE B 47 -20.41 5.14 3.46
C ILE B 47 -21.71 4.41 3.78
N LYS B 48 -22.78 5.20 3.89
CA LYS B 48 -24.10 4.79 4.35
C LYS B 48 -24.61 3.54 3.62
N GLU B 49 -24.64 3.61 2.29
CA GLU B 49 -25.29 2.63 1.44
C GLU B 49 -24.50 1.31 1.40
N GLN B 50 -25.00 0.29 2.10
CA GLN B 50 -24.41 -1.06 2.13
C GLN B 50 -24.22 -1.62 0.71
N GLU B 51 -25.10 -1.28 -0.23
CA GLU B 51 -24.93 -1.71 -1.61
C GLU B 51 -23.56 -1.24 -2.14
N VAL B 52 -23.16 -0.01 -1.77
CA VAL B 52 -21.90 0.53 -2.21
C VAL B 52 -20.73 -0.10 -1.44
N VAL B 53 -20.86 -0.34 -0.13
CA VAL B 53 -19.77 -1.02 0.58
C VAL B 53 -19.51 -2.39 -0.06
N ASP B 54 -20.58 -3.13 -0.36
CA ASP B 54 -20.49 -4.37 -1.12
C ASP B 54 -19.82 -4.12 -2.47
N LYS B 55 -20.26 -3.11 -3.23
CA LYS B 55 -19.72 -2.83 -4.54
C LYS B 55 -18.22 -2.55 -4.50
N VAL B 56 -17.76 -1.67 -3.60
CA VAL B 56 -16.34 -1.31 -3.57
C VAL B 56 -15.47 -2.51 -3.22
N MET B 57 -15.95 -3.43 -2.35
CA MET B 57 -15.21 -4.67 -2.21
C MET B 57 -15.29 -5.51 -3.49
N GLU B 58 -16.50 -5.72 -4.04
CA GLU B 58 -16.71 -6.56 -5.21
C GLU B 58 -15.78 -6.14 -6.35
N THR B 59 -15.62 -4.82 -6.50
CA THR B 59 -14.76 -4.19 -7.48
C THR B 59 -13.32 -4.71 -7.35
N LEU B 60 -12.85 -4.93 -6.12
CA LEU B 60 -11.48 -5.39 -5.85
C LEU B 60 -11.40 -6.87 -5.47
N ASP B 61 -12.54 -7.53 -5.24
CA ASP B 61 -12.59 -8.87 -4.66
C ASP B 61 -12.13 -9.95 -5.64
N SER B 62 -10.82 -9.98 -5.88
CA SER B 62 -10.09 -11.01 -6.60
C SER B 62 -10.56 -12.40 -6.18
N ASP B 63 -10.77 -12.58 -4.87
CA ASP B 63 -11.10 -13.85 -4.27
C ASP B 63 -12.53 -14.29 -4.60
N GLY B 64 -13.38 -13.37 -5.08
CA GLY B 64 -14.79 -13.62 -5.39
C GLY B 64 -15.49 -14.33 -4.24
N ASP B 65 -15.20 -13.92 -3.00
CA ASP B 65 -15.62 -14.61 -1.79
C ASP B 65 -16.59 -13.76 -0.96
N GLY B 66 -16.82 -12.51 -1.38
CA GLY B 66 -17.69 -11.59 -0.65
C GLY B 66 -17.02 -11.02 0.59
N GLU B 67 -15.72 -11.25 0.74
CA GLU B 67 -14.86 -10.64 1.73
C GLU B 67 -13.53 -10.41 1.02
N CYS B 68 -12.95 -9.21 1.18
CA CYS B 68 -11.79 -8.77 0.41
C CYS B 68 -10.52 -9.11 1.17
N ASP B 69 -9.52 -9.65 0.46
CA ASP B 69 -8.26 -10.05 1.07
C ASP B 69 -7.43 -8.83 1.42
N PHE B 70 -6.52 -9.00 2.39
CA PHE B 70 -5.56 -7.97 2.75
C PHE B 70 -4.87 -7.36 1.52
N GLN B 71 -4.51 -8.19 0.53
CA GLN B 71 -4.00 -7.73 -0.76
C GLN B 71 -4.93 -6.69 -1.41
N GLU B 72 -6.22 -6.99 -1.48
CA GLU B 72 -7.18 -6.12 -2.14
C GLU B 72 -7.37 -4.83 -1.34
N PHE B 73 -7.43 -4.97 -0.01
CA PHE B 73 -7.39 -3.81 0.88
C PHE B 73 -6.13 -2.96 0.59
N MET B 74 -4.96 -3.59 0.45
CA MET B 74 -3.73 -2.88 0.13
C MET B 74 -3.83 -2.18 -1.23
N ALA B 75 -4.47 -2.82 -2.22
CA ALA B 75 -4.75 -2.16 -3.49
C ALA B 75 -5.63 -0.91 -3.29
N PHE B 76 -6.67 -1.02 -2.46
CA PHE B 76 -7.54 0.11 -2.15
C PHE B 76 -6.71 1.23 -1.50
N VAL B 77 -5.96 0.88 -0.45
CA VAL B 77 -5.04 1.78 0.21
C VAL B 77 -4.13 2.43 -0.83
N ALA B 78 -3.57 1.67 -1.77
CA ALA B 78 -2.68 2.19 -2.79
C ALA B 78 -3.36 3.28 -3.63
N MET B 79 -4.55 3.02 -4.19
CA MET B 79 -5.22 4.02 -5.00
C MET B 79 -5.54 5.26 -4.17
N ILE B 80 -6.11 5.06 -2.98
CA ILE B 80 -6.51 6.13 -2.07
C ILE B 80 -5.28 7.01 -1.74
N THR B 81 -4.21 6.34 -1.33
CA THR B 81 -2.96 6.97 -0.93
C THR B 81 -2.34 7.72 -2.10
N THR B 82 -2.34 7.13 -3.30
CA THR B 82 -1.85 7.81 -4.50
C THR B 82 -2.67 9.07 -4.76
N ALA B 83 -4.00 8.98 -4.70
CA ALA B 83 -4.86 10.14 -4.89
C ALA B 83 -4.54 11.21 -3.85
N CYS B 84 -4.39 10.81 -2.58
CA CYS B 84 -4.02 11.74 -1.51
C CYS B 84 -2.68 12.39 -1.81
N HIS B 85 -1.66 11.60 -2.17
CA HIS B 85 -0.32 12.07 -2.53
C HIS B 85 -0.41 13.14 -3.59
N GLU B 86 -1.04 12.81 -4.72
CA GLU B 86 -1.18 13.74 -5.83
C GLU B 86 -1.86 15.03 -5.36
N PHE B 87 -2.98 14.89 -4.64
CA PHE B 87 -3.77 16.03 -4.21
C PHE B 87 -2.96 16.93 -3.27
N PHE B 88 -2.32 16.30 -2.29
CA PHE B 88 -1.60 16.95 -1.21
C PHE B 88 -0.33 17.60 -1.73
N GLU B 89 0.34 16.98 -2.72
CA GLU B 89 1.50 17.58 -3.34
C GLU B 89 1.06 18.76 -4.20
N HIS B 90 0.20 18.51 -5.21
CA HIS B 90 -0.21 19.56 -6.12
C HIS B 90 -1.34 20.36 -5.48
N GLU B 91 -1.00 21.14 -4.45
CA GLU B 91 -1.98 21.95 -3.73
C GLU B 91 -2.66 22.95 -4.67
N LYS C 1 32.52 -26.24 -18.97
CA LYS C 1 31.59 -25.45 -19.81
C LYS C 1 30.77 -24.49 -18.95
N ARG C 2 29.98 -25.03 -18.01
CA ARG C 2 29.20 -24.20 -17.10
C ARG C 2 30.13 -23.65 -16.02
N LEU C 3 30.95 -22.68 -16.37
CA LEU C 3 31.80 -21.95 -15.44
C LEU C 3 30.95 -21.04 -14.55
N ARG C 4 31.52 -20.56 -13.44
CA ARG C 4 30.85 -19.65 -12.52
C ARG C 4 30.90 -18.22 -13.08
N ARG C 5 30.47 -18.05 -14.33
CA ARG C 5 30.50 -16.78 -15.04
C ARG C 5 29.36 -15.86 -14.59
N SER C 6 28.30 -16.43 -14.01
CA SER C 6 27.08 -15.74 -13.66
C SER C 6 27.24 -14.87 -12.40
N ALA C 7 28.07 -13.83 -12.50
CA ALA C 7 28.22 -12.82 -11.47
C ALA C 7 26.87 -12.21 -11.08
N HIS C 8 25.94 -12.15 -12.05
CA HIS C 8 24.56 -11.72 -11.87
C HIS C 8 23.73 -12.75 -11.08
N ALA C 9 24.26 -13.23 -9.95
CA ALA C 9 23.59 -14.18 -9.08
C ALA C 9 22.53 -13.47 -8.23
N ARG C 10 21.70 -14.23 -7.52
CA ARG C 10 20.56 -13.72 -6.78
C ARG C 10 21.01 -13.10 -5.45
N LYS C 11 21.86 -12.07 -5.52
CA LYS C 11 22.29 -11.26 -4.40
C LYS C 11 21.08 -10.75 -3.61
N GLU C 12 19.95 -10.54 -4.30
CA GLU C 12 18.66 -10.20 -3.72
C GLU C 12 18.37 -11.02 -2.45
N THR C 13 18.66 -12.32 -2.49
CA THR C 13 18.46 -13.25 -1.38
C THR C 13 18.99 -12.67 -0.06
N GLU C 14 20.15 -12.00 -0.09
CA GLU C 14 20.80 -11.43 1.08
C GLU C 14 19.83 -10.65 1.96
N PHE C 15 18.88 -9.94 1.32
CA PHE C 15 17.90 -9.09 1.99
C PHE C 15 16.55 -9.79 1.99
N LEU C 16 16.15 -10.30 0.81
CA LEU C 16 14.83 -10.90 0.63
C LEU C 16 14.62 -12.12 1.54
N ARG C 17 15.68 -12.75 2.05
CA ARG C 17 15.58 -13.80 3.06
C ARG C 17 14.56 -13.43 4.14
N LEU C 18 14.61 -12.19 4.64
CA LEU C 18 13.70 -11.75 5.68
C LEU C 18 12.25 -11.79 5.18
N LYS C 19 12.01 -11.33 3.94
CA LYS C 19 10.69 -11.39 3.33
C LYS C 19 10.23 -12.85 3.23
N ARG C 20 11.09 -13.74 2.73
CA ARG C 20 10.78 -15.16 2.65
C ARG C 20 10.43 -15.70 4.04
N THR C 21 11.19 -15.30 5.06
CA THR C 21 10.94 -15.72 6.43
C THR C 21 9.54 -15.26 6.86
N ARG C 22 9.19 -13.99 6.63
CA ARG C 22 7.89 -13.49 7.00
C ARG C 22 6.76 -14.18 6.21
N LEU C 23 6.98 -14.47 4.93
CA LEU C 23 6.02 -15.23 4.13
C LEU C 23 5.86 -16.62 4.72
N GLY C 24 6.95 -17.22 5.21
CA GLY C 24 7.00 -18.56 5.76
C GLY C 24 5.84 -18.92 6.69
N LEU C 25 5.41 -17.98 7.54
CA LEU C 25 4.30 -18.23 8.46
C LEU C 25 2.99 -18.50 7.70
N GLU C 26 2.79 -17.83 6.57
CA GLU C 26 1.58 -17.89 5.74
C GLU C 26 0.32 -17.67 6.59
N LYS D 1 -42.12 14.69 -1.11
CA LYS D 1 -43.14 14.20 -2.05
C LYS D 1 -42.48 13.50 -3.24
N ARG D 2 -41.66 14.25 -3.99
CA ARG D 2 -40.79 13.74 -5.05
C ARG D 2 -39.49 14.52 -4.95
N LEU D 3 -38.42 14.01 -5.57
CA LEU D 3 -37.10 14.61 -5.57
C LEU D 3 -36.40 14.13 -6.85
N ARG D 4 -35.36 14.83 -7.29
CA ARG D 4 -34.55 14.41 -8.42
C ARG D 4 -33.72 13.20 -7.98
N ARG D 5 -34.31 12.02 -8.15
CA ARG D 5 -33.78 10.72 -7.77
C ARG D 5 -32.44 10.41 -8.43
N SER D 6 -31.86 9.26 -8.10
CA SER D 6 -30.50 8.85 -8.42
C SER D 6 -30.31 8.45 -9.89
N ALA D 7 -30.72 9.31 -10.81
CA ALA D 7 -30.41 9.16 -12.23
C ALA D 7 -28.90 9.33 -12.41
N HIS D 8 -28.34 10.40 -11.82
CA HIS D 8 -26.94 10.75 -11.94
C HIS D 8 -26.06 9.89 -11.02
N ALA D 9 -26.27 8.57 -11.02
CA ALA D 9 -25.63 7.59 -10.14
C ALA D 9 -25.94 7.82 -8.66
N ARG D 10 -25.47 8.93 -8.10
CA ARG D 10 -25.71 9.39 -6.74
C ARG D 10 -24.92 8.55 -5.73
N LYS D 11 -25.24 7.26 -5.64
CA LYS D 11 -24.76 6.32 -4.64
C LYS D 11 -23.24 6.27 -4.56
N GLU D 12 -22.56 6.18 -5.70
CA GLU D 12 -21.10 6.21 -5.72
C GLU D 12 -20.61 7.61 -5.35
N THR D 13 -21.10 8.61 -6.07
CA THR D 13 -20.63 9.98 -6.04
C THR D 13 -20.68 10.59 -4.64
N GLU D 14 -21.72 10.31 -3.85
CA GLU D 14 -21.81 10.84 -2.49
C GLU D 14 -20.55 10.56 -1.67
N PHE D 15 -19.84 9.47 -1.96
CA PHE D 15 -18.56 9.18 -1.33
C PHE D 15 -17.42 9.55 -2.27
N LEU D 16 -17.44 9.05 -3.50
CA LEU D 16 -16.31 9.16 -4.42
C LEU D 16 -16.07 10.56 -4.96
N ARG D 17 -17.00 11.51 -4.84
CA ARG D 17 -16.82 12.88 -5.34
C ARG D 17 -15.45 13.45 -4.96
N LEU D 18 -15.06 13.28 -3.68
CA LEU D 18 -13.77 13.75 -3.22
C LEU D 18 -12.60 12.97 -3.84
N LYS D 19 -12.78 11.69 -4.19
CA LYS D 19 -11.77 10.89 -4.88
C LYS D 19 -11.60 11.46 -6.29
N ARG D 20 -12.72 11.68 -6.99
CA ARG D 20 -12.71 12.32 -8.29
C ARG D 20 -11.96 13.66 -8.20
N THR D 21 -12.24 14.45 -7.16
CA THR D 21 -11.54 15.71 -6.93
C THR D 21 -10.03 15.47 -6.73
N ARG D 22 -9.66 14.50 -5.89
CA ARG D 22 -8.26 14.21 -5.61
C ARG D 22 -7.51 13.78 -6.87
N LEU D 23 -8.13 13.04 -7.77
CA LEU D 23 -7.52 12.76 -9.07
C LEU D 23 -7.53 14.02 -9.94
N GLY D 24 -8.63 14.77 -9.90
CA GLY D 24 -8.85 15.97 -10.71
C GLY D 24 -7.78 17.02 -10.45
N LEU D 25 -7.37 17.18 -9.19
CA LEU D 25 -6.32 18.12 -8.82
C LEU D 25 -4.97 17.73 -9.43
N GLU D 26 -4.77 16.45 -9.79
CA GLU D 26 -3.52 15.92 -10.31
C GLU D 26 -2.35 16.35 -9.43
N SER A 1 -8.68 7.13 11.63
CA SER A 1 -7.52 7.85 12.20
C SER A 1 -6.22 7.14 11.83
N GLU A 2 -6.04 5.95 12.38
CA GLU A 2 -4.80 5.19 12.33
C GLU A 2 -4.32 5.05 10.88
N LEU A 3 -5.22 4.60 10.01
CA LEU A 3 -4.89 4.45 8.59
C LEU A 3 -4.51 5.80 7.99
N GLU A 4 -5.21 6.88 8.35
CA GLU A 4 -4.88 8.22 7.85
C GLU A 4 -3.46 8.57 8.24
N LYS A 5 -3.10 8.32 9.50
CA LYS A 5 -1.77 8.63 10.02
C LYS A 5 -0.73 7.85 9.22
N ALA A 6 -0.91 6.54 9.13
CA ALA A 6 -0.05 5.66 8.36
C ALA A 6 0.12 6.18 6.92
N VAL A 7 -1.01 6.50 6.28
CA VAL A 7 -1.06 6.99 4.92
C VAL A 7 -0.26 8.30 4.77
N VAL A 8 -0.56 9.34 5.58
CA VAL A 8 0.18 10.58 5.46
C VAL A 8 1.67 10.35 5.78
N ALA A 9 1.98 9.45 6.71
CA ALA A 9 3.37 9.06 6.95
C ALA A 9 4.01 8.53 5.67
N LEU A 10 3.36 7.59 4.96
CA LEU A 10 3.90 7.10 3.69
C LEU A 10 4.16 8.25 2.73
N ILE A 11 3.14 9.09 2.51
CA ILE A 11 3.22 10.17 1.53
C ILE A 11 4.38 11.10 1.91
N ASP A 12 4.39 11.57 3.16
CA ASP A 12 5.36 12.55 3.63
C ASP A 12 6.78 11.97 3.59
N VAL A 13 6.99 10.80 4.17
CA VAL A 13 8.29 10.16 4.24
C VAL A 13 8.82 9.97 2.83
N PHE A 14 7.98 9.40 1.95
CA PHE A 14 8.34 9.25 0.55
C PHE A 14 8.82 10.58 -0.02
N HIS A 15 8.03 11.65 0.16
CA HIS A 15 8.42 12.97 -0.32
C HIS A 15 9.74 13.44 0.29
N GLN A 16 10.00 13.17 1.58
CA GLN A 16 11.25 13.63 2.20
C GLN A 16 12.45 13.14 1.39
N TYR A 17 12.47 11.86 1.00
CA TYR A 17 13.52 11.32 0.15
C TYR A 17 13.38 11.79 -1.31
N SER A 18 12.19 11.64 -1.87
CA SER A 18 11.91 11.92 -3.28
C SER A 18 12.15 13.39 -3.65
N GLY A 19 12.07 14.31 -2.69
CA GLY A 19 12.37 15.71 -2.92
C GLY A 19 13.85 15.90 -3.25
N ARG A 20 14.70 14.97 -2.80
CA ARG A 20 16.15 15.14 -2.86
C ARG A 20 16.64 14.80 -4.27
N GLU A 21 16.31 13.62 -4.78
CA GLU A 21 16.60 13.24 -6.16
C GLU A 21 15.46 12.39 -6.73
N GLY A 22 14.63 13.01 -7.57
CA GLY A 22 13.48 12.39 -8.23
C GLY A 22 12.20 13.23 -8.08
N ASP A 23 12.37 14.56 -8.11
CA ASP A 23 11.33 15.58 -8.19
C ASP A 23 10.04 15.20 -7.45
N LYS A 24 10.13 14.94 -6.15
CA LYS A 24 9.01 14.77 -5.21
C LYS A 24 8.25 13.45 -5.40
N HIS A 25 7.97 13.04 -6.64
CA HIS A 25 7.12 11.90 -6.94
C HIS A 25 7.90 10.62 -7.24
N LYS A 26 9.24 10.69 -7.36
CA LYS A 26 10.07 9.53 -7.70
C LYS A 26 11.30 9.41 -6.80
N LEU A 27 11.84 8.20 -6.69
CA LEU A 27 13.08 7.88 -5.98
C LEU A 27 14.13 7.40 -6.98
N LYS A 28 15.31 8.02 -7.01
CA LYS A 28 16.46 7.49 -7.76
C LYS A 28 17.02 6.27 -7.03
N LYS A 29 18.02 5.59 -7.61
CA LYS A 29 18.70 4.48 -6.95
C LYS A 29 19.23 4.91 -5.57
N SER A 30 19.80 6.10 -5.49
CA SER A 30 20.28 6.69 -4.25
C SER A 30 19.14 6.81 -3.24
N GLU A 31 18.03 7.44 -3.65
CA GLU A 31 16.94 7.68 -2.72
C GLU A 31 16.30 6.37 -2.29
N LEU A 32 16.04 5.48 -3.25
CA LEU A 32 15.46 4.16 -3.04
C LEU A 32 16.32 3.38 -2.04
N LYS A 33 17.62 3.36 -2.26
CA LYS A 33 18.55 2.68 -1.38
C LYS A 33 18.38 3.18 0.04
N GLU A 34 18.61 4.49 0.25
CA GLU A 34 18.62 5.01 1.62
C GLU A 34 17.24 4.86 2.25
N LEU A 35 16.17 5.11 1.48
CA LEU A 35 14.79 4.91 1.90
C LEU A 35 14.62 3.49 2.44
N ILE A 36 14.97 2.45 1.68
CA ILE A 36 14.77 1.08 2.16
C ILE A 36 15.65 0.83 3.39
N ASN A 37 16.95 1.13 3.30
CA ASN A 37 17.89 0.94 4.41
C ASN A 37 17.36 1.56 5.70
N ASN A 38 16.97 2.83 5.63
CA ASN A 38 16.53 3.62 6.76
C ASN A 38 15.20 3.12 7.29
N GLU A 39 14.23 2.88 6.39
CA GLU A 39 12.88 2.62 6.83
C GLU A 39 12.60 1.15 7.12
N LEU A 40 13.07 0.23 6.28
CA LEU A 40 12.69 -1.18 6.35
C LEU A 40 13.70 -2.02 7.13
N SER A 41 14.53 -1.39 7.98
CA SER A 41 15.67 -2.02 8.64
C SER A 41 15.39 -3.35 9.33
N HIS A 42 14.17 -3.56 9.83
CA HIS A 42 13.76 -4.77 10.55
C HIS A 42 12.97 -5.73 9.64
N PHE A 43 12.52 -5.24 8.48
CA PHE A 43 11.79 -5.97 7.47
C PHE A 43 12.79 -6.62 6.51
N LEU A 44 13.65 -5.81 5.88
CA LEU A 44 14.78 -6.23 5.06
C LEU A 44 16.06 -5.76 5.75
N GLU A 45 17.17 -6.48 5.52
CA GLU A 45 18.45 -6.01 6.02
C GLU A 45 18.94 -4.81 5.20
N GLU A 46 19.95 -4.11 5.72
CA GLU A 46 20.57 -2.99 5.04
C GLU A 46 21.10 -3.46 3.68
N ILE A 47 20.92 -2.62 2.66
CA ILE A 47 21.17 -2.92 1.27
C ILE A 47 22.33 -2.04 0.82
N LYS A 48 23.50 -2.66 0.69
CA LYS A 48 24.76 -1.97 0.49
C LYS A 48 25.08 -1.80 -0.99
N GLU A 49 25.16 -2.90 -1.71
CA GLU A 49 25.68 -2.90 -3.06
C GLU A 49 24.73 -2.18 -4.02
N GLN A 50 25.18 -1.07 -4.62
CA GLN A 50 24.38 -0.29 -5.56
C GLN A 50 23.80 -1.15 -6.69
N GLU A 51 24.49 -2.23 -7.08
CA GLU A 51 23.98 -3.17 -8.07
C GLU A 51 22.62 -3.73 -7.60
N VAL A 52 22.53 -4.10 -6.32
CA VAL A 52 21.30 -4.65 -5.78
C VAL A 52 20.24 -3.57 -5.73
N VAL A 53 20.57 -2.38 -5.21
CA VAL A 53 19.58 -1.31 -5.09
C VAL A 53 18.99 -1.01 -6.47
N ASP A 54 19.87 -0.91 -7.47
CA ASP A 54 19.48 -0.75 -8.86
C ASP A 54 18.57 -1.91 -9.28
N LYS A 55 18.99 -3.16 -9.03
CA LYS A 55 18.23 -4.32 -9.47
C LYS A 55 16.81 -4.30 -8.88
N VAL A 56 16.68 -4.11 -7.57
CA VAL A 56 15.35 -4.05 -6.97
C VAL A 56 14.55 -2.88 -7.55
N MET A 57 15.15 -1.70 -7.73
CA MET A 57 14.40 -0.60 -8.32
C MET A 57 13.91 -0.97 -9.72
N GLU A 58 14.81 -1.46 -10.59
CA GLU A 58 14.50 -1.87 -11.95
C GLU A 58 13.36 -2.88 -11.96
N THR A 59 13.42 -3.83 -11.03
CA THR A 59 12.38 -4.84 -10.86
C THR A 59 10.99 -4.19 -10.66
N LEU A 60 10.94 -3.03 -10.01
CA LEU A 60 9.68 -2.31 -9.79
C LEU A 60 9.35 -1.34 -10.92
N ASP A 61 10.39 -0.70 -11.48
CA ASP A 61 10.41 0.42 -12.42
C ASP A 61 9.47 0.28 -13.63
N SER A 62 8.18 0.32 -13.36
CA SER A 62 7.11 0.32 -14.35
C SER A 62 7.13 1.64 -15.15
N ASP A 63 7.75 2.70 -14.61
CA ASP A 63 7.96 3.93 -15.34
C ASP A 63 9.04 3.75 -16.42
N GLY A 64 9.84 2.68 -16.33
CA GLY A 64 10.98 2.44 -17.22
C GLY A 64 11.92 3.65 -17.30
N ASP A 65 12.03 4.43 -16.22
CA ASP A 65 12.79 5.68 -16.21
C ASP A 65 13.94 5.61 -15.20
N GLY A 66 14.28 4.40 -14.73
CA GLY A 66 15.19 4.21 -13.62
C GLY A 66 14.51 4.62 -12.32
N GLU A 67 14.32 5.92 -12.15
CA GLU A 67 13.65 6.48 -10.99
C GLU A 67 12.27 5.83 -10.84
N CYS A 68 11.97 5.37 -9.62
CA CYS A 68 10.75 4.63 -9.32
C CYS A 68 9.75 5.61 -8.72
N ASP A 69 8.57 5.74 -9.34
CA ASP A 69 7.56 6.68 -8.90
C ASP A 69 6.87 6.16 -7.62
N PHE A 70 6.11 7.02 -6.96
CA PHE A 70 5.34 6.69 -5.78
C PHE A 70 4.53 5.40 -5.99
N GLN A 71 4.01 5.17 -7.19
CA GLN A 71 3.25 3.97 -7.51
C GLN A 71 4.09 2.69 -7.30
N GLU A 72 5.29 2.64 -7.86
CA GLU A 72 6.19 1.51 -7.74
C GLU A 72 6.49 1.25 -6.28
N PHE A 73 6.88 2.33 -5.59
CA PHE A 73 7.12 2.31 -4.16
C PHE A 73 5.94 1.68 -3.43
N MET A 74 4.72 2.20 -3.62
CA MET A 74 3.53 1.65 -2.98
C MET A 74 3.30 0.19 -3.36
N ALA A 75 3.50 -0.17 -4.63
CA ALA A 75 3.36 -1.55 -5.06
C ALA A 75 4.30 -2.46 -4.28
N PHE A 76 5.57 -2.05 -4.13
CA PHE A 76 6.56 -2.80 -3.37
C PHE A 76 6.09 -2.91 -1.92
N VAL A 77 5.75 -1.78 -1.31
CA VAL A 77 5.19 -1.75 0.04
C VAL A 77 4.00 -2.71 0.15
N ALA A 78 3.11 -2.75 -0.84
CA ALA A 78 1.92 -3.60 -0.80
C ALA A 78 2.30 -5.07 -0.66
N MET A 79 3.17 -5.58 -1.54
CA MET A 79 3.57 -6.98 -1.45
C MET A 79 4.34 -7.25 -0.16
N ILE A 80 5.23 -6.34 0.24
CA ILE A 80 5.97 -6.46 1.50
C ILE A 80 4.99 -6.59 2.67
N THR A 81 4.04 -5.67 2.76
CA THR A 81 3.02 -5.65 3.81
C THR A 81 2.20 -6.95 3.77
N THR A 82 1.74 -7.34 2.58
CA THR A 82 0.96 -8.57 2.43
C THR A 82 1.77 -9.75 2.96
N ALA A 83 3.03 -9.89 2.54
CA ALA A 83 3.89 -10.97 3.01
C ALA A 83 4.01 -10.92 4.54
N CYS A 84 4.26 -9.74 5.11
CA CYS A 84 4.30 -9.61 6.57
C CYS A 84 3.01 -10.15 7.18
N HIS A 85 1.86 -9.64 6.73
CA HIS A 85 0.54 -10.06 7.20
C HIS A 85 0.39 -11.58 7.14
N GLU A 86 0.67 -12.18 5.98
CA GLU A 86 0.55 -13.61 5.73
C GLU A 86 1.25 -14.46 6.79
N PHE A 87 2.34 -13.95 7.38
CA PHE A 87 3.18 -14.74 8.27
C PHE A 87 3.14 -14.20 9.70
N PHE A 88 2.66 -12.98 9.90
CA PHE A 88 2.50 -12.36 11.20
C PHE A 88 1.11 -12.66 11.78
N GLU A 89 0.07 -12.68 10.95
CA GLU A 89 -1.28 -13.05 11.39
C GLU A 89 -1.42 -14.57 11.31
N HIS A 90 -1.34 -15.13 10.10
CA HIS A 90 -1.24 -16.57 9.89
C HIS A 90 0.19 -16.98 10.28
N GLU A 91 0.45 -16.98 11.58
CA GLU A 91 1.73 -17.30 12.18
C GLU A 91 1.71 -18.73 12.72
N SER B 1 11.15 1.90 11.83
CA SER B 1 10.93 3.33 11.53
C SER B 1 9.51 3.58 11.02
N GLU B 2 9.27 4.79 10.51
CA GLU B 2 7.96 5.30 10.15
C GLU B 2 7.19 4.32 9.25
N LEU B 3 7.79 3.90 8.13
CA LEU B 3 7.08 3.02 7.21
C LEU B 3 6.73 1.69 7.88
N GLU B 4 7.67 1.09 8.62
CA GLU B 4 7.40 -0.13 9.38
C GLU B 4 6.24 0.10 10.34
N LYS B 5 6.24 1.24 11.04
CA LYS B 5 5.19 1.58 12.00
C LYS B 5 3.85 1.61 11.28
N ALA B 6 3.77 2.40 10.20
CA ALA B 6 2.61 2.50 9.34
C ALA B 6 2.12 1.11 8.90
N VAL B 7 3.04 0.29 8.39
CA VAL B 7 2.79 -1.07 7.95
C VAL B 7 2.17 -1.92 9.07
N VAL B 8 2.82 -2.01 10.23
CA VAL B 8 2.28 -2.85 11.30
C VAL B 8 0.96 -2.26 11.81
N ALA B 9 0.80 -0.93 11.80
CA ALA B 9 -0.47 -0.30 12.12
C ALA B 9 -1.56 -0.78 11.15
N LEU B 10 -1.30 -0.76 9.83
CA LEU B 10 -2.24 -1.27 8.84
C LEU B 10 -2.64 -2.71 9.18
N ILE B 11 -1.64 -3.58 9.38
CA ILE B 11 -1.86 -4.99 9.65
C ILE B 11 -2.71 -5.15 10.92
N ASP B 12 -2.30 -4.51 12.03
CA ASP B 12 -2.97 -4.62 13.31
C ASP B 12 -4.41 -4.10 13.23
N VAL B 13 -4.60 -2.89 12.71
CA VAL B 13 -5.92 -2.30 12.56
C VAL B 13 -6.78 -3.23 11.73
N PHE B 14 -6.28 -3.64 10.57
CA PHE B 14 -6.98 -4.60 9.75
C PHE B 14 -7.39 -5.82 10.57
N HIS B 15 -6.45 -6.42 11.32
CA HIS B 15 -6.72 -7.56 12.19
C HIS B 15 -7.89 -7.26 13.14
N GLN B 16 -7.90 -6.10 13.80
CA GLN B 16 -8.98 -5.76 14.72
C GLN B 16 -10.35 -5.99 14.06
N TYR B 17 -10.55 -5.46 12.85
CA TYR B 17 -11.80 -5.64 12.13
C TYR B 17 -11.97 -7.06 11.57
N SER B 18 -11.01 -7.53 10.76
CA SER B 18 -11.09 -8.83 10.08
C SER B 18 -11.17 -10.00 11.05
N GLY B 19 -10.66 -9.82 12.28
CA GLY B 19 -10.79 -10.80 13.33
C GLY B 19 -12.26 -11.11 13.62
N ARG B 20 -13.16 -10.13 13.43
CA ARG B 20 -14.56 -10.32 13.78
C ARG B 20 -15.26 -11.17 12.73
N GLU B 21 -15.17 -10.79 11.44
CA GLU B 21 -15.75 -11.54 10.34
C GLU B 21 -14.79 -11.52 9.13
N GLY B 22 -14.12 -12.66 8.92
CA GLY B 22 -13.13 -12.91 7.87
C GLY B 22 -11.77 -13.32 8.45
N ASP B 23 -11.80 -14.12 9.52
CA ASP B 23 -10.68 -14.73 10.25
C ASP B 23 -9.34 -14.00 10.07
N LYS B 24 -9.28 -12.73 10.49
CA LYS B 24 -8.06 -11.94 10.56
C LYS B 24 -7.45 -11.61 9.19
N HIS B 25 -7.98 -12.14 8.07
CA HIS B 25 -7.34 -12.07 6.76
C HIS B 25 -8.22 -11.39 5.70
N LYS B 26 -9.54 -11.38 5.91
CA LYS B 26 -10.48 -10.73 5.02
C LYS B 26 -11.43 -9.84 5.83
N LEU B 27 -12.04 -8.86 5.17
CA LEU B 27 -13.09 -8.03 5.75
C LEU B 27 -14.42 -8.37 5.08
N LYS B 28 -15.37 -8.94 5.83
CA LYS B 28 -16.73 -9.08 5.32
C LYS B 28 -17.40 -7.69 5.27
N LYS B 29 -18.51 -7.53 4.52
CA LYS B 29 -19.10 -6.22 4.26
C LYS B 29 -19.36 -5.44 5.56
N SER B 30 -19.82 -6.17 6.57
CA SER B 30 -20.08 -5.74 7.93
C SER B 30 -18.84 -5.07 8.53
N GLU B 31 -17.66 -5.64 8.30
CA GLU B 31 -16.41 -5.11 8.81
C GLU B 31 -15.93 -3.98 7.92
N LEU B 32 -16.00 -4.20 6.60
CA LEU B 32 -15.52 -3.27 5.60
C LEU B 32 -16.16 -1.91 5.82
N LYS B 33 -17.49 -1.85 5.98
CA LYS B 33 -18.14 -0.57 6.15
C LYS B 33 -17.55 0.22 7.32
N GLU B 34 -17.58 -0.36 8.51
CA GLU B 34 -17.14 0.35 9.70
C GLU B 34 -15.64 0.67 9.61
N LEU B 35 -14.85 -0.26 9.08
CA LEU B 35 -13.44 -0.05 8.81
C LEU B 35 -13.26 1.23 7.97
N ILE B 36 -13.93 1.33 6.82
CA ILE B 36 -13.78 2.52 5.97
C ILE B 36 -14.28 3.75 6.72
N ASN B 37 -15.54 3.72 7.17
CA ASN B 37 -16.17 4.89 7.78
C ASN B 37 -15.32 5.43 8.93
N ASN B 38 -14.88 4.54 9.83
CA ASN B 38 -14.16 4.95 11.02
C ASN B 38 -12.72 5.33 10.67
N GLU B 39 -11.98 4.41 10.03
CA GLU B 39 -10.55 4.62 9.86
C GLU B 39 -10.25 5.64 8.77
N LEU B 40 -11.06 5.66 7.71
CA LEU B 40 -10.89 6.55 6.57
C LEU B 40 -11.71 7.84 6.73
N SER B 41 -12.30 8.08 7.91
CA SER B 41 -13.20 9.19 8.21
C SER B 41 -12.73 10.54 7.66
N HIS B 42 -11.48 10.89 7.95
CA HIS B 42 -10.91 12.17 7.54
C HIS B 42 -10.88 12.26 6.00
N PHE B 43 -10.48 11.17 5.34
CA PHE B 43 -10.25 11.14 3.91
C PHE B 43 -11.57 11.05 3.14
N LEU B 44 -12.42 10.06 3.47
CA LEU B 44 -13.67 9.80 2.77
C LEU B 44 -14.86 10.14 3.67
N GLU B 45 -15.86 10.79 3.09
CA GLU B 45 -17.14 11.03 3.73
C GLU B 45 -17.80 9.68 4.06
N GLU B 46 -18.59 9.64 5.14
CA GLU B 46 -19.25 8.42 5.59
C GLU B 46 -20.15 7.85 4.49
N ILE B 47 -20.20 6.53 4.42
CA ILE B 47 -20.82 5.78 3.32
C ILE B 47 -22.29 5.53 3.62
N LYS B 48 -22.57 5.01 4.82
CA LYS B 48 -23.90 4.66 5.33
C LYS B 48 -24.50 3.46 4.58
N GLU B 49 -24.78 3.62 3.28
CA GLU B 49 -25.55 2.66 2.50
C GLU B 49 -24.80 1.33 2.31
N GLN B 50 -25.21 0.29 3.04
CA GLN B 50 -24.76 -1.09 2.93
C GLN B 50 -24.50 -1.49 1.46
N GLU B 51 -25.45 -1.24 0.57
CA GLU B 51 -25.31 -1.68 -0.81
C GLU B 51 -24.06 -1.06 -1.49
N VAL B 52 -23.70 0.18 -1.12
CA VAL B 52 -22.49 0.77 -1.65
C VAL B 52 -21.28 0.08 -1.05
N VAL B 53 -21.29 -0.22 0.26
CA VAL B 53 -20.17 -0.92 0.89
C VAL B 53 -19.94 -2.26 0.15
N ASP B 54 -21.03 -3.00 -0.07
CA ASP B 54 -21.01 -4.21 -0.87
C ASP B 54 -20.41 -3.95 -2.25
N LYS B 55 -20.88 -2.92 -2.96
CA LYS B 55 -20.38 -2.64 -4.30
C LYS B 55 -18.88 -2.35 -4.29
N VAL B 56 -18.40 -1.47 -3.42
CA VAL B 56 -16.97 -1.17 -3.39
C VAL B 56 -16.19 -2.43 -3.01
N MET B 57 -16.65 -3.21 -2.03
CA MET B 57 -15.95 -4.44 -1.70
C MET B 57 -15.89 -5.36 -2.93
N GLU B 58 -17.04 -5.59 -3.58
CA GLU B 58 -17.15 -6.42 -4.76
C GLU B 58 -16.14 -5.97 -5.82
N THR B 59 -16.05 -4.65 -6.02
CA THR B 59 -15.10 -4.04 -6.95
C THR B 59 -13.66 -4.45 -6.63
N LEU B 60 -13.30 -4.66 -5.36
CA LEU B 60 -11.95 -5.08 -4.97
C LEU B 60 -11.81 -6.60 -4.85
N ASP B 61 -12.91 -7.30 -4.59
CA ASP B 61 -12.98 -8.72 -4.22
C ASP B 61 -12.42 -9.68 -5.29
N SER B 62 -11.11 -9.66 -5.50
CA SER B 62 -10.36 -10.62 -6.31
C SER B 62 -10.73 -12.05 -5.95
N ASP B 63 -10.96 -12.29 -4.66
CA ASP B 63 -11.20 -13.61 -4.11
C ASP B 63 -12.56 -14.15 -4.52
N GLY B 64 -13.46 -13.30 -5.02
CA GLY B 64 -14.84 -13.68 -5.35
C GLY B 64 -15.51 -14.39 -4.17
N ASP B 65 -15.17 -13.98 -2.95
CA ASP B 65 -15.60 -14.62 -1.70
C ASP B 65 -16.45 -13.67 -0.88
N GLY B 66 -16.85 -12.54 -1.46
CA GLY B 66 -17.49 -11.46 -0.74
C GLY B 66 -16.44 -10.73 0.07
N GLU B 67 -15.93 -11.40 1.11
CA GLU B 67 -14.95 -10.86 2.03
C GLU B 67 -13.71 -10.37 1.27
N CYS B 68 -13.27 -9.13 1.49
CA CYS B 68 -12.13 -8.57 0.78
C CYS B 68 -10.85 -8.92 1.52
N ASP B 69 -9.89 -9.57 0.86
CA ASP B 69 -8.64 -9.99 1.49
C ASP B 69 -7.78 -8.77 1.83
N PHE B 70 -6.84 -8.95 2.77
CA PHE B 70 -5.87 -7.93 3.13
C PHE B 70 -5.25 -7.29 1.89
N GLN B 71 -4.83 -8.10 0.91
CA GLN B 71 -4.23 -7.55 -0.31
C GLN B 71 -5.21 -6.61 -1.03
N GLU B 72 -6.49 -6.95 -1.09
CA GLU B 72 -7.47 -6.10 -1.77
C GLU B 72 -7.66 -4.80 -0.99
N PHE B 73 -7.75 -4.90 0.32
CA PHE B 73 -7.71 -3.75 1.20
C PHE B 73 -6.48 -2.88 0.89
N MET B 74 -5.29 -3.49 0.81
CA MET B 74 -4.04 -2.80 0.55
C MET B 74 -4.08 -2.12 -0.83
N ALA B 75 -4.56 -2.82 -1.85
CA ALA B 75 -4.70 -2.29 -3.18
C ALA B 75 -5.60 -1.05 -3.17
N PHE B 76 -6.73 -1.13 -2.46
CA PHE B 76 -7.63 -0.01 -2.29
C PHE B 76 -6.90 1.15 -1.60
N VAL B 77 -6.24 0.87 -0.47
CA VAL B 77 -5.41 1.84 0.22
C VAL B 77 -4.41 2.46 -0.75
N ALA B 78 -3.80 1.69 -1.66
CA ALA B 78 -2.85 2.23 -2.62
C ALA B 78 -3.48 3.32 -3.49
N MET B 79 -4.62 3.03 -4.12
CA MET B 79 -5.28 4.05 -4.94
C MET B 79 -5.76 5.24 -4.10
N ILE B 80 -6.31 4.99 -2.90
CA ILE B 80 -6.72 6.05 -1.99
C ILE B 80 -5.53 6.98 -1.70
N THR B 81 -4.43 6.38 -1.26
CA THR B 81 -3.20 7.08 -0.93
C THR B 81 -2.70 7.86 -2.14
N THR B 82 -2.68 7.23 -3.32
CA THR B 82 -2.28 7.90 -4.56
C THR B 82 -3.16 9.12 -4.81
N ALA B 83 -4.48 8.94 -4.77
CA ALA B 83 -5.41 10.03 -5.00
C ALA B 83 -5.12 11.16 -4.02
N CYS B 84 -4.94 10.85 -2.73
CA CYS B 84 -4.61 11.88 -1.77
C CYS B 84 -3.28 12.58 -2.13
N HIS B 85 -2.21 11.80 -2.26
CA HIS B 85 -0.86 12.22 -2.64
C HIS B 85 -0.91 13.22 -3.79
N GLU B 86 -1.70 12.93 -4.83
CA GLU B 86 -1.85 13.81 -5.99
C GLU B 86 -2.23 15.25 -5.65
N PHE B 87 -2.68 15.57 -4.42
CA PHE B 87 -2.83 16.96 -4.00
C PHE B 87 -1.56 17.76 -4.32
N PHE B 88 -0.40 17.11 -4.20
CA PHE B 88 0.89 17.72 -4.44
C PHE B 88 1.01 18.32 -5.84
N GLU B 89 0.26 17.81 -6.83
CA GLU B 89 0.28 18.39 -8.16
C GLU B 89 -0.10 19.88 -8.08
N HIS B 90 -1.03 20.23 -7.19
CA HIS B 90 -1.33 21.61 -6.85
C HIS B 90 -1.18 21.76 -5.34
N GLU B 91 0.07 21.73 -4.86
CA GLU B 91 0.44 21.80 -3.45
C GLU B 91 -0.48 22.70 -2.62
N LYS C 1 25.88 -29.25 -4.54
CA LYS C 1 25.34 -28.12 -3.75
C LYS C 1 25.43 -28.41 -2.25
N ARG C 2 25.09 -27.41 -1.43
CA ARG C 2 25.11 -27.49 0.03
C ARG C 2 23.77 -27.01 0.56
N LEU C 3 22.96 -27.95 1.08
CA LEU C 3 21.60 -27.69 1.54
C LEU C 3 21.56 -26.50 2.50
N ARG C 4 20.57 -25.60 2.31
CA ARG C 4 20.41 -24.33 3.02
C ARG C 4 21.52 -23.33 2.68
N ARG C 5 22.78 -23.67 2.96
CA ARG C 5 23.93 -22.80 2.76
C ARG C 5 23.95 -22.22 1.34
N SER C 6 23.66 -23.02 0.31
CA SER C 6 23.60 -22.54 -1.06
C SER C 6 22.58 -21.41 -1.23
N ALA C 7 21.46 -21.48 -0.51
CA ALA C 7 20.44 -20.45 -0.52
C ALA C 7 20.91 -19.24 0.30
N HIS C 8 21.50 -19.49 1.48
CA HIS C 8 22.09 -18.46 2.32
C HIS C 8 23.20 -17.72 1.58
N ALA C 9 23.87 -18.38 0.63
CA ALA C 9 24.92 -17.81 -0.19
C ALA C 9 24.39 -16.88 -1.30
N ARG C 10 23.07 -16.80 -1.51
CA ARG C 10 22.50 -15.94 -2.55
C ARG C 10 22.52 -14.48 -2.12
N LYS C 11 23.72 -13.91 -2.00
CA LYS C 11 24.01 -12.55 -1.53
C LYS C 11 23.06 -11.53 -2.14
N GLU C 12 22.89 -11.58 -3.46
CA GLU C 12 21.98 -10.75 -4.24
C GLU C 12 20.59 -10.61 -3.60
N THR C 13 20.14 -11.63 -2.87
CA THR C 13 18.84 -11.72 -2.24
C THR C 13 18.94 -11.89 -0.71
N GLU C 14 20.11 -11.73 -0.09
CA GLU C 14 20.23 -11.94 1.35
C GLU C 14 19.45 -10.90 2.14
N PHE C 15 19.31 -9.68 1.62
CA PHE C 15 18.44 -8.67 2.21
C PHE C 15 17.02 -9.22 2.36
N LEU C 16 16.59 -10.03 1.39
CA LEU C 16 15.29 -10.67 1.34
C LEU C 16 15.29 -12.01 2.07
N ARG C 17 16.43 -12.47 2.63
CA ARG C 17 16.49 -13.70 3.42
C ARG C 17 15.45 -13.65 4.52
N LEU C 18 15.24 -12.46 5.09
CA LEU C 18 14.21 -12.21 6.08
C LEU C 18 12.84 -12.56 5.49
N LYS C 19 12.47 -11.96 4.35
CA LYS C 19 11.22 -12.26 3.66
C LYS C 19 11.09 -13.77 3.42
N ARG C 20 12.13 -14.38 2.87
CA ARG C 20 12.20 -15.83 2.63
C ARG C 20 11.92 -16.59 3.93
N THR C 21 12.56 -16.21 5.03
CA THR C 21 12.34 -16.82 6.34
C THR C 21 10.88 -16.65 6.78
N ARG C 22 10.33 -15.43 6.66
CA ARG C 22 8.96 -15.17 7.06
C ARG C 22 8.02 -16.06 6.24
N LEU C 23 8.32 -16.27 4.95
CA LEU C 23 7.52 -17.19 4.13
C LEU C 23 7.71 -18.63 4.62
N GLY C 24 8.95 -18.98 4.99
CA GLY C 24 9.27 -20.27 5.60
C GLY C 24 8.45 -20.53 6.86
N LEU C 25 8.22 -19.49 7.66
CA LEU C 25 7.50 -19.53 8.95
C LEU C 25 6.28 -20.45 8.88
N GLU C 26 5.34 -20.17 7.99
CA GLU C 26 4.12 -20.97 7.83
C GLU C 26 3.58 -20.78 6.42
N LYS D 1 -21.78 15.71 -13.84
CA LYS D 1 -21.93 16.20 -12.44
C LYS D 1 -23.10 17.19 -12.34
N ARG D 2 -23.51 17.48 -11.09
CA ARG D 2 -24.45 18.53 -10.73
C ARG D 2 -25.86 18.30 -11.30
N LEU D 3 -26.04 18.54 -12.59
CA LEU D 3 -27.33 18.47 -13.28
C LEU D 3 -27.97 17.10 -13.04
N ARG D 4 -27.12 16.07 -13.01
CA ARG D 4 -27.44 14.69 -12.65
C ARG D 4 -28.47 14.58 -11.53
N ARG D 5 -28.40 15.45 -10.51
CA ARG D 5 -29.32 15.47 -9.38
C ARG D 5 -30.78 15.39 -9.85
N SER D 6 -31.10 16.09 -10.94
CA SER D 6 -32.44 16.17 -11.50
C SER D 6 -32.96 14.78 -11.89
N ALA D 7 -32.07 13.91 -12.38
CA ALA D 7 -32.42 12.55 -12.77
C ALA D 7 -32.29 11.61 -11.57
N HIS D 8 -31.32 11.86 -10.70
CA HIS D 8 -30.97 10.98 -9.59
C HIS D 8 -29.98 11.70 -8.67
N ALA D 9 -30.29 11.76 -7.38
CA ALA D 9 -29.39 12.32 -6.38
C ALA D 9 -28.13 11.46 -6.31
N ARG D 10 -26.98 12.00 -6.70
CA ARG D 10 -25.75 11.21 -6.79
C ARG D 10 -25.08 11.01 -5.44
N LYS D 11 -25.86 10.78 -4.38
CA LYS D 11 -25.36 10.64 -3.02
C LYS D 11 -24.35 9.48 -2.94
N GLU D 12 -24.67 8.36 -3.60
CA GLU D 12 -23.79 7.22 -3.67
C GLU D 12 -22.41 7.54 -4.29
N THR D 13 -22.29 8.65 -5.03
CA THR D 13 -21.02 9.09 -5.61
C THR D 13 -20.25 9.99 -4.64
N GLU D 14 -20.90 10.52 -3.60
CA GLU D 14 -20.36 11.56 -2.74
C GLU D 14 -18.94 11.23 -2.27
N PHE D 15 -18.75 10.03 -1.75
CA PHE D 15 -17.48 9.58 -1.18
C PHE D 15 -16.40 9.52 -2.27
N LEU D 16 -16.79 9.17 -3.50
CA LEU D 16 -15.91 9.05 -4.64
C LEU D 16 -15.64 10.43 -5.28
N ARG D 17 -16.54 11.40 -5.10
CA ARG D 17 -16.39 12.77 -5.61
C ARG D 17 -14.97 13.29 -5.33
N LEU D 18 -14.47 13.04 -4.12
CA LEU D 18 -13.12 13.40 -3.71
C LEU D 18 -12.07 12.76 -4.60
N LYS D 19 -12.23 11.47 -4.94
CA LYS D 19 -11.35 10.78 -5.86
C LYS D 19 -11.41 11.46 -7.23
N ARG D 20 -12.62 11.69 -7.75
CA ARG D 20 -12.79 12.36 -9.04
C ARG D 20 -12.05 13.70 -9.03
N THR D 21 -12.18 14.46 -7.94
CA THR D 21 -11.52 15.75 -7.78
C THR D 21 -10.00 15.56 -7.82
N ARG D 22 -9.46 14.67 -6.99
CA ARG D 22 -8.02 14.44 -6.93
C ARG D 22 -7.48 13.96 -8.28
N LEU D 23 -8.24 13.13 -9.01
CA LEU D 23 -7.83 12.69 -10.33
C LEU D 23 -7.88 13.86 -11.31
N GLY D 24 -8.91 14.71 -11.19
CA GLY D 24 -9.00 15.96 -11.95
C GLY D 24 -7.75 16.81 -11.72
N LEU D 25 -7.24 16.81 -10.49
CA LEU D 25 -6.03 17.54 -10.11
C LEU D 25 -4.74 16.98 -10.72
N GLU D 26 -4.78 15.83 -11.42
CA GLU D 26 -3.54 15.19 -11.88
C GLU D 26 -2.69 16.13 -12.75
N SER A 1 -9.43 5.79 12.37
CA SER A 1 -8.98 7.06 11.78
C SER A 1 -7.45 7.13 11.66
N GLU A 2 -6.78 5.99 11.86
CA GLU A 2 -5.33 5.87 11.89
C GLU A 2 -4.75 5.69 10.48
N LEU A 3 -5.39 4.84 9.65
CA LEU A 3 -4.81 4.50 8.35
C LEU A 3 -4.55 5.75 7.53
N GLU A 4 -5.51 6.68 7.47
CA GLU A 4 -5.30 7.94 6.78
C GLU A 4 -4.06 8.70 7.29
N LYS A 5 -3.76 8.62 8.60
CA LYS A 5 -2.56 9.22 9.16
C LYS A 5 -1.32 8.50 8.63
N ALA A 6 -1.33 7.17 8.70
CA ALA A 6 -0.28 6.35 8.12
C ALA A 6 -0.03 6.73 6.66
N VAL A 7 -1.11 6.82 5.88
CA VAL A 7 -1.10 7.24 4.48
C VAL A 7 -0.39 8.59 4.31
N VAL A 8 -0.81 9.65 5.02
CA VAL A 8 -0.12 10.92 4.88
C VAL A 8 1.34 10.82 5.32
N ALA A 9 1.67 9.97 6.30
CA ALA A 9 3.06 9.70 6.62
C ALA A 9 3.81 9.10 5.42
N LEU A 10 3.25 8.06 4.77
CA LEU A 10 3.87 7.48 3.58
C LEU A 10 4.10 8.56 2.53
N ILE A 11 3.06 9.36 2.24
CA ILE A 11 3.15 10.41 1.24
C ILE A 11 4.26 11.40 1.62
N ASP A 12 4.23 11.94 2.84
CA ASP A 12 5.17 12.94 3.29
C ASP A 12 6.61 12.43 3.19
N VAL A 13 6.85 11.23 3.73
CA VAL A 13 8.15 10.59 3.75
C VAL A 13 8.63 10.38 2.32
N PHE A 14 7.79 9.79 1.47
CA PHE A 14 8.13 9.61 0.07
C PHE A 14 8.51 10.95 -0.55
N HIS A 15 7.62 11.95 -0.39
CA HIS A 15 7.70 13.24 -1.03
C HIS A 15 9.04 13.91 -0.73
N GLN A 16 9.45 13.99 0.54
CA GLN A 16 10.69 14.69 0.87
C GLN A 16 11.92 14.00 0.26
N TYR A 17 12.02 12.67 0.35
CA TYR A 17 13.12 11.94 -0.28
C TYR A 17 13.09 12.15 -1.81
N SER A 18 11.93 11.89 -2.41
CA SER A 18 11.67 12.10 -3.83
C SER A 18 11.95 13.55 -4.25
N GLY A 19 11.77 14.50 -3.34
CA GLY A 19 12.05 15.91 -3.56
C GLY A 19 13.55 16.10 -3.79
N ARG A 20 14.39 15.31 -3.10
CA ARG A 20 15.83 15.43 -3.26
C ARG A 20 16.24 14.95 -4.65
N GLU A 21 15.81 13.74 -5.04
CA GLU A 21 16.00 13.26 -6.40
C GLU A 21 14.77 12.49 -6.86
N GLY A 22 14.34 12.73 -8.11
CA GLY A 22 13.17 12.11 -8.72
C GLY A 22 11.90 12.96 -8.55
N ASP A 23 12.11 14.28 -8.46
CA ASP A 23 11.10 15.34 -8.50
C ASP A 23 9.75 14.99 -7.87
N LYS A 24 9.73 14.73 -6.56
CA LYS A 24 8.53 14.60 -5.74
C LYS A 24 7.66 13.36 -6.00
N HIS A 25 7.59 12.87 -7.24
CA HIS A 25 6.77 11.73 -7.63
C HIS A 25 7.57 10.42 -7.76
N LYS A 26 8.91 10.46 -7.87
CA LYS A 26 9.72 9.26 -8.09
C LYS A 26 10.93 9.17 -7.16
N LEU A 27 11.32 7.95 -6.79
CA LEU A 27 12.57 7.69 -6.07
C LEU A 27 13.58 7.13 -7.05
N LYS A 28 14.79 7.68 -7.08
CA LYS A 28 15.90 7.06 -7.82
C LYS A 28 16.56 6.02 -6.91
N LYS A 29 17.47 5.21 -7.46
CA LYS A 29 18.12 4.14 -6.71
C LYS A 29 18.78 4.66 -5.43
N SER A 30 19.35 5.86 -5.47
CA SER A 30 19.93 6.49 -4.30
C SER A 30 18.87 6.73 -3.22
N GLU A 31 17.76 7.39 -3.57
CA GLU A 31 16.73 7.76 -2.61
C GLU A 31 16.07 6.48 -2.07
N LEU A 32 15.75 5.58 -3.00
CA LEU A 32 15.15 4.28 -2.74
C LEU A 32 16.02 3.52 -1.74
N LYS A 33 17.34 3.46 -1.99
CA LYS A 33 18.29 2.82 -1.09
C LYS A 33 18.22 3.40 0.32
N GLU A 34 18.45 4.71 0.47
CA GLU A 34 18.58 5.28 1.80
C GLU A 34 17.24 5.15 2.53
N LEU A 35 16.15 5.42 1.80
CA LEU A 35 14.81 5.31 2.32
C LEU A 35 14.56 3.89 2.83
N ILE A 36 14.79 2.88 1.98
CA ILE A 36 14.57 1.49 2.38
C ILE A 36 15.41 1.14 3.61
N ASN A 37 16.74 1.37 3.59
CA ASN A 37 17.52 1.03 4.78
C ASN A 37 16.94 1.77 5.99
N ASN A 38 16.93 3.10 5.94
CA ASN A 38 16.62 3.96 7.07
C ASN A 38 15.23 3.65 7.63
N GLU A 39 14.28 3.38 6.73
CA GLU A 39 12.89 3.20 7.11
C GLU A 39 12.35 1.82 6.75
N LEU A 40 13.20 0.79 6.79
CA LEU A 40 12.75 -0.59 6.61
C LEU A 40 13.66 -1.61 7.32
N SER A 41 14.83 -1.22 7.85
CA SER A 41 15.78 -2.11 8.53
C SER A 41 15.11 -3.13 9.46
N HIS A 42 14.09 -2.71 10.23
CA HIS A 42 13.49 -3.56 11.24
C HIS A 42 12.58 -4.64 10.63
N PHE A 43 12.30 -4.57 9.33
CA PHE A 43 11.62 -5.64 8.60
C PHE A 43 12.67 -6.28 7.68
N LEU A 44 13.19 -5.47 6.75
CA LEU A 44 14.02 -5.91 5.65
C LEU A 44 15.47 -5.78 6.09
N GLU A 45 16.20 -6.90 6.10
CA GLU A 45 17.58 -6.96 6.57
C GLU A 45 18.47 -6.05 5.71
N GLU A 46 19.57 -5.56 6.31
CA GLU A 46 20.47 -4.58 5.71
C GLU A 46 20.73 -4.87 4.23
N ILE A 47 20.53 -3.84 3.40
CA ILE A 47 20.68 -3.96 1.96
C ILE A 47 22.11 -4.39 1.62
N LYS A 48 23.10 -3.58 2.00
CA LYS A 48 24.51 -3.79 1.74
C LYS A 48 24.82 -3.75 0.23
N GLU A 49 24.39 -4.77 -0.50
CA GLU A 49 24.62 -4.92 -1.92
C GLU A 49 23.68 -3.96 -2.68
N GLN A 50 24.11 -2.72 -2.89
CA GLN A 50 23.38 -1.68 -3.61
C GLN A 50 22.70 -2.18 -4.90
N GLU A 51 23.28 -3.18 -5.58
CA GLU A 51 22.71 -3.74 -6.80
C GLU A 51 21.27 -4.20 -6.54
N VAL A 52 21.01 -4.71 -5.34
CA VAL A 52 19.70 -5.17 -4.93
C VAL A 52 18.68 -4.04 -5.05
N VAL A 53 19.02 -2.80 -4.69
CA VAL A 53 18.06 -1.71 -4.73
C VAL A 53 17.62 -1.48 -6.17
N ASP A 54 18.62 -1.46 -7.07
CA ASP A 54 18.41 -1.29 -8.49
C ASP A 54 17.49 -2.43 -8.97
N LYS A 55 17.82 -3.66 -8.60
CA LYS A 55 17.05 -4.83 -9.03
C LYS A 55 15.60 -4.75 -8.56
N VAL A 56 15.36 -4.50 -7.26
CA VAL A 56 13.99 -4.53 -6.73
C VAL A 56 13.18 -3.35 -7.28
N MET A 57 13.78 -2.17 -7.43
CA MET A 57 13.03 -1.08 -8.03
C MET A 57 12.76 -1.39 -9.51
N GLU A 58 13.78 -1.83 -10.26
CA GLU A 58 13.68 -2.20 -11.66
C GLU A 58 12.56 -3.22 -11.87
N THR A 59 12.50 -4.20 -10.97
CA THR A 59 11.48 -5.25 -10.97
C THR A 59 10.07 -4.63 -10.97
N LEU A 60 9.89 -3.48 -10.33
CA LEU A 60 8.61 -2.78 -10.25
C LEU A 60 8.54 -1.55 -11.14
N ASP A 61 9.54 -1.31 -11.99
CA ASP A 61 9.66 -0.06 -12.72
C ASP A 61 8.71 0.00 -13.92
N SER A 62 7.40 0.06 -13.64
CA SER A 62 6.38 0.25 -14.65
C SER A 62 6.57 1.57 -15.41
N ASP A 63 7.27 2.55 -14.80
CA ASP A 63 7.57 3.81 -15.46
C ASP A 63 8.64 3.63 -16.54
N GLY A 64 9.38 2.51 -16.54
CA GLY A 64 10.52 2.29 -17.40
C GLY A 64 11.50 3.48 -17.41
N ASP A 65 11.67 4.13 -16.25
CA ASP A 65 12.42 5.38 -16.13
C ASP A 65 13.63 5.19 -15.22
N GLY A 66 13.91 3.94 -14.82
CA GLY A 66 14.94 3.64 -13.82
C GLY A 66 14.43 4.02 -12.43
N GLU A 67 14.27 5.32 -12.20
CA GLU A 67 13.60 5.83 -11.02
C GLU A 67 12.14 5.37 -11.00
N CYS A 68 11.62 5.03 -9.82
CA CYS A 68 10.33 4.37 -9.64
C CYS A 68 9.34 5.32 -8.98
N ASP A 69 8.12 5.40 -9.52
CA ASP A 69 7.15 6.38 -9.04
C ASP A 69 6.48 5.96 -7.74
N PHE A 70 5.69 6.88 -7.18
CA PHE A 70 4.90 6.64 -5.99
C PHE A 70 4.10 5.33 -6.09
N GLN A 71 3.39 5.11 -7.20
CA GLN A 71 2.63 3.88 -7.40
C GLN A 71 3.54 2.64 -7.26
N GLU A 72 4.70 2.61 -7.91
CA GLU A 72 5.59 1.46 -7.83
C GLU A 72 6.08 1.27 -6.39
N PHE A 73 6.47 2.37 -5.75
CA PHE A 73 6.80 2.36 -4.33
C PHE A 73 5.65 1.74 -3.52
N MET A 74 4.41 2.15 -3.79
CA MET A 74 3.24 1.62 -3.13
C MET A 74 3.12 0.11 -3.36
N ALA A 75 3.36 -0.35 -4.59
CA ALA A 75 3.37 -1.77 -4.90
C ALA A 75 4.43 -2.51 -4.07
N PHE A 76 5.63 -1.93 -3.94
CA PHE A 76 6.69 -2.50 -3.13
C PHE A 76 6.22 -2.60 -1.67
N VAL A 77 5.75 -1.48 -1.12
CA VAL A 77 5.19 -1.43 0.21
C VAL A 77 4.12 -2.51 0.38
N ALA A 78 3.22 -2.67 -0.60
CA ALA A 78 2.17 -3.67 -0.56
C ALA A 78 2.73 -5.08 -0.41
N MET A 79 3.67 -5.49 -1.27
CA MET A 79 4.25 -6.83 -1.14
C MET A 79 4.90 -7.01 0.24
N ILE A 80 5.71 -6.04 0.67
CA ILE A 80 6.43 -6.15 1.93
C ILE A 80 5.43 -6.29 3.08
N THR A 81 4.45 -5.39 3.14
CA THR A 81 3.46 -5.39 4.20
C THR A 81 2.67 -6.70 4.16
N THR A 82 2.25 -7.17 2.99
CA THR A 82 1.54 -8.44 2.87
C THR A 82 2.40 -9.59 3.40
N ALA A 83 3.65 -9.67 2.95
CA ALA A 83 4.57 -10.70 3.41
C ALA A 83 4.71 -10.66 4.93
N CYS A 84 4.87 -9.46 5.50
CA CYS A 84 4.92 -9.33 6.96
C CYS A 84 3.61 -9.79 7.60
N HIS A 85 2.46 -9.39 7.07
CA HIS A 85 1.17 -9.80 7.59
C HIS A 85 1.05 -11.33 7.60
N GLU A 86 1.47 -11.99 6.53
CA GLU A 86 1.49 -13.45 6.48
C GLU A 86 2.46 -13.98 7.55
N PHE A 87 3.65 -13.40 7.63
CA PHE A 87 4.66 -13.79 8.62
C PHE A 87 4.18 -13.57 10.06
N PHE A 88 3.28 -12.62 10.29
CA PHE A 88 2.87 -12.10 11.59
C PHE A 88 2.37 -13.19 12.54
N GLU A 89 1.89 -14.31 12.02
CA GLU A 89 1.55 -15.46 12.85
C GLU A 89 2.76 -15.87 13.70
N HIS A 90 3.95 -15.90 13.10
CA HIS A 90 5.19 -16.04 13.82
C HIS A 90 5.52 -14.67 14.43
N GLU A 91 4.74 -14.28 15.45
CA GLU A 91 4.86 -12.96 16.05
C GLU A 91 6.19 -12.83 16.79
N SER B 1 10.89 3.70 12.59
CA SER B 1 10.87 4.70 11.50
C SER B 1 9.46 4.89 10.94
N GLU B 2 9.23 5.99 10.22
CA GLU B 2 7.90 6.40 9.81
C GLU B 2 7.23 5.36 8.92
N LEU B 3 7.90 4.92 7.84
CA LEU B 3 7.32 3.89 6.99
C LEU B 3 6.98 2.65 7.82
N GLU B 4 7.94 2.18 8.63
CA GLU B 4 7.74 1.02 9.49
C GLU B 4 6.50 1.21 10.37
N LYS B 5 6.34 2.39 10.97
CA LYS B 5 5.22 2.71 11.85
C LYS B 5 3.91 2.59 11.06
N ALA B 6 3.84 3.28 9.92
CA ALA B 6 2.70 3.23 9.02
C ALA B 6 2.35 1.78 8.68
N VAL B 7 3.36 1.02 8.27
CA VAL B 7 3.25 -0.38 7.90
C VAL B 7 2.68 -1.21 9.06
N VAL B 8 3.27 -1.18 10.26
CA VAL B 8 2.72 -1.94 11.37
C VAL B 8 1.31 -1.47 11.70
N ALA B 9 1.03 -0.16 11.62
CA ALA B 9 -0.32 0.35 11.83
C ALA B 9 -1.30 -0.31 10.86
N LEU B 10 -0.96 -0.38 9.57
CA LEU B 10 -1.79 -1.03 8.57
C LEU B 10 -2.10 -2.47 8.98
N ILE B 11 -1.07 -3.27 9.29
CA ILE B 11 -1.28 -4.67 9.66
C ILE B 11 -2.14 -4.73 10.93
N ASP B 12 -1.75 -3.98 11.96
CA ASP B 12 -2.41 -4.00 13.26
C ASP B 12 -3.90 -3.70 13.12
N VAL B 13 -4.24 -2.59 12.47
CA VAL B 13 -5.63 -2.20 12.27
C VAL B 13 -6.33 -3.28 11.44
N PHE B 14 -5.80 -3.54 10.24
CA PHE B 14 -6.48 -4.42 9.30
C PHE B 14 -6.78 -5.78 9.93
N HIS B 15 -5.77 -6.43 10.50
CA HIS B 15 -5.93 -7.82 10.92
C HIS B 15 -6.94 -7.91 12.07
N GLN B 16 -7.00 -6.91 12.95
CA GLN B 16 -7.99 -6.89 14.01
C GLN B 16 -9.39 -6.86 13.39
N TYR B 17 -9.63 -5.91 12.49
CA TYR B 17 -10.94 -5.76 11.86
C TYR B 17 -11.31 -7.05 11.12
N SER B 18 -10.43 -7.47 10.22
CA SER B 18 -10.60 -8.67 9.41
C SER B 18 -10.84 -9.92 10.28
N GLY B 19 -10.15 -9.99 11.41
CA GLY B 19 -10.31 -11.07 12.36
C GLY B 19 -11.74 -11.16 12.89
N ARG B 20 -12.44 -10.03 13.05
CA ARG B 20 -13.76 -10.06 13.68
C ARG B 20 -14.78 -10.75 12.78
N GLU B 21 -14.82 -10.38 11.49
CA GLU B 21 -15.66 -11.05 10.50
C GLU B 21 -14.91 -11.15 9.16
N GLY B 22 -14.67 -12.40 8.72
CA GLY B 22 -14.01 -12.73 7.49
C GLY B 22 -12.91 -13.72 7.82
N ASP B 23 -11.67 -13.25 7.90
CA ASP B 23 -10.51 -14.01 8.36
C ASP B 23 -9.44 -12.98 8.66
N LYS B 24 -8.39 -13.35 9.42
CA LYS B 24 -7.29 -12.44 9.71
C LYS B 24 -6.79 -11.67 8.48
N HIS B 25 -6.78 -12.30 7.30
CA HIS B 25 -6.27 -11.73 6.06
C HIS B 25 -7.40 -11.21 5.13
N LYS B 26 -8.67 -11.24 5.56
CA LYS B 26 -9.85 -11.00 4.73
C LYS B 26 -10.92 -10.17 5.48
N LEU B 27 -11.34 -9.02 4.92
CA LEU B 27 -12.41 -8.18 5.46
C LEU B 27 -13.78 -8.59 4.88
N LYS B 28 -14.73 -8.96 5.75
CA LYS B 28 -16.12 -9.13 5.33
C LYS B 28 -16.82 -7.76 5.39
N LYS B 29 -17.97 -7.58 4.71
CA LYS B 29 -18.59 -6.26 4.51
C LYS B 29 -18.83 -5.52 5.83
N SER B 30 -19.20 -6.27 6.88
CA SER B 30 -19.38 -5.75 8.22
C SER B 30 -18.14 -4.96 8.65
N GLU B 31 -16.95 -5.52 8.40
CA GLU B 31 -15.68 -4.94 8.77
C GLU B 31 -15.30 -3.87 7.76
N LEU B 32 -15.39 -4.18 6.46
CA LEU B 32 -14.97 -3.28 5.39
C LEU B 32 -15.68 -1.93 5.55
N LYS B 33 -16.96 -1.96 5.90
CA LYS B 33 -17.76 -0.77 6.17
C LYS B 33 -17.07 0.10 7.22
N GLU B 34 -16.93 -0.41 8.45
CA GLU B 34 -16.43 0.40 9.54
C GLU B 34 -14.97 0.78 9.28
N LEU B 35 -14.20 -0.14 8.69
CA LEU B 35 -12.82 0.07 8.30
C LEU B 35 -12.73 1.34 7.45
N ILE B 36 -13.48 1.43 6.35
CA ILE B 36 -13.36 2.63 5.52
C ILE B 36 -13.90 3.83 6.27
N ASN B 37 -15.13 3.73 6.82
CA ASN B 37 -15.80 4.84 7.50
C ASN B 37 -14.86 5.49 8.52
N ASN B 38 -14.30 4.67 9.40
CA ASN B 38 -13.47 5.14 10.50
C ASN B 38 -12.09 5.50 9.98
N GLU B 39 -11.40 4.56 9.32
CA GLU B 39 -10.00 4.75 8.99
C GLU B 39 -9.76 5.82 7.92
N LEU B 40 -10.75 6.08 7.07
CA LEU B 40 -10.74 7.20 6.14
C LEU B 40 -11.80 8.23 6.58
N SER B 41 -12.00 8.45 7.89
CA SER B 41 -13.01 9.40 8.38
C SER B 41 -12.81 10.80 7.83
N HIS B 42 -11.55 11.20 7.60
CA HIS B 42 -11.21 12.50 7.05
C HIS B 42 -11.13 12.38 5.52
N PHE B 43 -10.47 11.32 5.04
CA PHE B 43 -10.20 11.12 3.62
C PHE B 43 -11.48 10.96 2.78
N LEU B 44 -12.41 10.12 3.21
CA LEU B 44 -13.68 9.85 2.55
C LEU B 44 -14.85 10.26 3.46
N GLU B 45 -16.04 10.37 2.87
CA GLU B 45 -17.26 10.59 3.62
C GLU B 45 -17.72 9.30 4.30
N GLU B 46 -18.71 9.42 5.18
CA GLU B 46 -19.38 8.31 5.83
C GLU B 46 -20.07 7.45 4.77
N ILE B 47 -19.95 6.14 4.91
CA ILE B 47 -20.45 5.12 4.00
C ILE B 47 -21.32 4.17 4.83
N LYS B 48 -22.48 4.67 5.25
CA LYS B 48 -23.41 3.94 6.10
C LYS B 48 -24.15 2.86 5.33
N GLU B 49 -24.43 3.09 4.05
CA GLU B 49 -25.22 2.18 3.24
C GLU B 49 -24.40 0.93 2.88
N GLN B 50 -24.65 -0.17 3.61
CA GLN B 50 -24.03 -1.48 3.39
C GLN B 50 -23.84 -1.78 1.91
N GLU B 51 -24.89 -1.60 1.09
CA GLU B 51 -24.85 -1.98 -0.31
C GLU B 51 -23.72 -1.29 -1.07
N VAL B 52 -23.40 -0.04 -0.70
CA VAL B 52 -22.27 0.66 -1.29
C VAL B 52 -20.97 -0.06 -0.91
N VAL B 53 -20.79 -0.36 0.38
CA VAL B 53 -19.57 -1.02 0.82
C VAL B 53 -19.44 -2.37 0.09
N ASP B 54 -20.56 -3.09 0.01
CA ASP B 54 -20.64 -4.35 -0.72
C ASP B 54 -20.20 -4.13 -2.17
N LYS B 55 -20.66 -3.06 -2.83
CA LYS B 55 -20.24 -2.74 -4.17
C LYS B 55 -18.71 -2.53 -4.21
N VAL B 56 -18.14 -1.71 -3.30
CA VAL B 56 -16.70 -1.46 -3.39
C VAL B 56 -15.91 -2.75 -3.13
N MET B 57 -16.27 -3.56 -2.12
CA MET B 57 -15.56 -4.83 -1.98
C MET B 57 -15.73 -5.68 -3.24
N GLU B 58 -16.95 -5.82 -3.77
CA GLU B 58 -17.18 -6.57 -5.01
C GLU B 58 -16.26 -6.08 -6.13
N THR B 59 -16.16 -4.76 -6.28
CA THR B 59 -15.29 -4.10 -7.24
C THR B 59 -13.83 -4.52 -7.03
N LEU B 60 -13.36 -4.53 -5.78
CA LEU B 60 -11.95 -4.77 -5.49
C LEU B 60 -11.56 -6.25 -5.50
N ASP B 61 -12.49 -7.09 -5.03
CA ASP B 61 -12.40 -8.51 -4.70
C ASP B 61 -11.72 -9.37 -5.78
N SER B 62 -10.42 -9.18 -5.91
CA SER B 62 -9.56 -9.88 -6.84
C SER B 62 -9.48 -11.37 -6.48
N ASP B 63 -9.69 -11.70 -5.20
CA ASP B 63 -9.76 -13.08 -4.75
C ASP B 63 -11.07 -13.76 -5.21
N GLY B 64 -12.06 -12.99 -5.67
CA GLY B 64 -13.37 -13.52 -6.02
C GLY B 64 -13.99 -14.31 -4.87
N ASP B 65 -13.77 -13.85 -3.63
CA ASP B 65 -14.10 -14.59 -2.41
C ASP B 65 -15.15 -13.83 -1.60
N GLY B 66 -15.70 -12.75 -2.16
CA GLY B 66 -16.57 -11.83 -1.45
C GLY B 66 -15.75 -11.00 -0.46
N GLU B 67 -15.26 -11.66 0.59
CA GLU B 67 -14.43 -11.03 1.60
C GLU B 67 -13.17 -10.49 0.92
N CYS B 68 -12.82 -9.22 1.16
CA CYS B 68 -11.75 -8.54 0.45
C CYS B 68 -10.43 -8.85 1.14
N ASP B 69 -9.45 -9.38 0.40
CA ASP B 69 -8.17 -9.77 0.95
C ASP B 69 -7.35 -8.52 1.29
N PHE B 70 -6.35 -8.69 2.15
CA PHE B 70 -5.41 -7.63 2.47
C PHE B 70 -4.85 -6.97 1.20
N GLN B 71 -4.58 -7.76 0.15
CA GLN B 71 -4.18 -7.24 -1.15
C GLN B 71 -5.18 -6.21 -1.69
N GLU B 72 -6.47 -6.53 -1.74
CA GLU B 72 -7.50 -5.62 -2.23
C GLU B 72 -7.51 -4.34 -1.42
N PHE B 73 -7.55 -4.52 -0.10
CA PHE B 73 -7.48 -3.40 0.83
C PHE B 73 -6.27 -2.51 0.50
N MET B 74 -5.08 -3.10 0.39
CA MET B 74 -3.88 -2.35 0.06
C MET B 74 -3.96 -1.70 -1.32
N ALA B 75 -4.60 -2.34 -2.29
CA ALA B 75 -4.81 -1.74 -3.61
C ALA B 75 -5.71 -0.51 -3.50
N PHE B 76 -6.78 -0.60 -2.71
CA PHE B 76 -7.68 0.53 -2.48
C PHE B 76 -6.90 1.66 -1.81
N VAL B 77 -6.21 1.34 -0.72
CA VAL B 77 -5.31 2.27 -0.06
C VAL B 77 -4.32 2.85 -1.07
N ALA B 78 -3.78 2.04 -1.99
CA ALA B 78 -2.82 2.51 -2.97
C ALA B 78 -3.42 3.57 -3.88
N MET B 79 -4.59 3.32 -4.49
CA MET B 79 -5.21 4.35 -5.34
C MET B 79 -5.45 5.63 -4.54
N ILE B 80 -6.02 5.47 -3.33
CA ILE B 80 -6.33 6.59 -2.46
C ILE B 80 -5.07 7.42 -2.20
N THR B 81 -4.01 6.74 -1.73
CA THR B 81 -2.75 7.35 -1.36
C THR B 81 -2.13 8.04 -2.58
N THR B 82 -2.06 7.33 -3.71
CA THR B 82 -1.44 7.84 -4.93
C THR B 82 -2.17 9.12 -5.39
N ALA B 83 -3.50 9.12 -5.35
CA ALA B 83 -4.24 10.34 -5.66
C ALA B 83 -3.92 11.43 -4.62
N CYS B 84 -3.92 11.06 -3.35
CA CYS B 84 -3.63 12.00 -2.27
C CYS B 84 -2.22 12.56 -2.38
N HIS B 85 -1.28 11.84 -2.96
CA HIS B 85 0.05 12.34 -3.24
C HIS B 85 -0.04 13.59 -4.12
N GLU B 86 -1.00 13.65 -5.05
CA GLU B 86 -1.30 14.88 -5.78
C GLU B 86 -1.94 15.89 -4.82
N PHE B 87 -2.93 15.45 -4.04
CA PHE B 87 -3.60 16.29 -3.04
C PHE B 87 -2.65 16.86 -1.98
N PHE B 88 -1.41 16.37 -1.91
CA PHE B 88 -0.37 16.96 -1.09
C PHE B 88 -0.19 18.43 -1.51
N GLU B 89 -0.31 18.71 -2.81
CA GLU B 89 -0.39 20.07 -3.31
C GLU B 89 -1.85 20.49 -3.06
N HIS B 90 -2.17 20.72 -1.79
CA HIS B 90 -3.53 20.91 -1.30
C HIS B 90 -4.26 22.12 -1.92
N GLU B 91 -4.78 21.92 -3.12
CA GLU B 91 -5.68 22.80 -3.81
C GLU B 91 -5.13 24.24 -3.90
N LYS C 1 32.05 -28.53 -0.07
CA LYS C 1 32.27 -28.34 -1.51
C LYS C 1 32.17 -29.69 -2.23
N ARG C 2 33.08 -30.62 -1.90
CA ARG C 2 32.98 -32.00 -2.33
C ARG C 2 31.86 -32.63 -1.48
N LEU C 3 30.62 -32.28 -1.83
CA LEU C 3 29.43 -32.57 -1.04
C LEU C 3 29.55 -31.78 0.28
N ARG C 4 28.82 -32.19 1.32
CA ARG C 4 28.73 -31.50 2.61
C ARG C 4 28.07 -30.13 2.45
N ARG C 5 28.80 -29.17 1.85
CA ARG C 5 28.37 -27.85 1.41
C ARG C 5 27.23 -27.25 2.25
N SER C 6 27.40 -27.31 3.57
CA SER C 6 26.35 -27.01 4.53
C SER C 6 26.21 -25.50 4.73
N ALA C 7 25.88 -24.77 3.67
CA ALA C 7 25.68 -23.33 3.67
C ALA C 7 24.71 -22.97 2.55
N HIS C 8 24.26 -21.71 2.53
CA HIS C 8 23.45 -21.14 1.48
C HIS C 8 24.05 -19.78 1.13
N ALA C 9 23.66 -19.20 -0.02
CA ALA C 9 24.13 -17.89 -0.45
C ALA C 9 23.45 -16.78 0.37
N ARG C 10 23.72 -16.77 1.68
CA ARG C 10 23.04 -15.88 2.61
C ARG C 10 23.27 -14.43 2.24
N LYS C 11 24.52 -13.99 2.06
CA LYS C 11 24.81 -12.61 1.69
C LYS C 11 24.03 -12.17 0.44
N GLU C 12 23.78 -13.09 -0.49
CA GLU C 12 23.09 -12.81 -1.73
C GLU C 12 21.56 -12.77 -1.57
N THR C 13 21.03 -13.20 -0.41
CA THR C 13 19.61 -13.31 -0.18
C THR C 13 19.15 -12.64 1.12
N GLU C 14 20.08 -12.22 1.99
CA GLU C 14 19.81 -11.77 3.35
C GLU C 14 18.67 -10.76 3.41
N PHE C 15 18.73 -9.74 2.57
CA PHE C 15 17.73 -8.70 2.45
C PHE C 15 16.33 -9.25 2.12
N LEU C 16 16.25 -10.37 1.39
CA LEU C 16 14.98 -11.04 1.08
C LEU C 16 14.67 -12.16 2.09
N ARG C 17 15.52 -12.37 3.11
CA ARG C 17 15.33 -13.45 4.06
C ARG C 17 13.94 -13.39 4.69
N LEU C 18 13.43 -12.21 5.02
CA LEU C 18 12.06 -12.09 5.53
C LEU C 18 11.06 -12.77 4.60
N LYS C 19 11.18 -12.49 3.29
CA LYS C 19 10.23 -12.92 2.28
C LYS C 19 10.39 -14.41 2.01
N ARG C 20 11.63 -14.92 2.08
CA ARG C 20 11.90 -16.34 2.03
C ARG C 20 11.25 -17.03 3.25
N THR C 21 11.56 -16.55 4.45
CA THR C 21 11.10 -17.16 5.70
C THR C 21 9.58 -17.16 5.77
N ARG C 22 8.96 -16.06 5.32
CA ARG C 22 7.52 -15.88 5.25
C ARG C 22 6.83 -17.06 4.56
N LEU C 23 7.49 -17.74 3.61
CA LEU C 23 6.87 -18.87 2.92
C LEU C 23 6.51 -19.97 3.92
N GLY C 24 7.24 -20.07 5.04
CA GLY C 24 6.92 -20.98 6.12
C GLY C 24 5.48 -20.85 6.61
N LEU C 25 4.88 -19.65 6.54
CA LEU C 25 3.52 -19.44 6.99
C LEU C 25 2.49 -19.68 5.88
N GLU C 26 2.92 -20.03 4.67
CA GLU C 26 2.02 -20.32 3.56
C GLU C 26 1.87 -21.83 3.38
N LYS D 1 -38.97 6.02 -18.62
CA LYS D 1 -39.64 5.54 -17.41
C LYS D 1 -38.89 5.99 -16.15
N ARG D 2 -39.54 5.90 -14.98
CA ARG D 2 -38.90 6.17 -13.70
C ARG D 2 -38.02 4.98 -13.31
N LEU D 3 -36.82 4.88 -13.86
CA LEU D 3 -35.90 3.79 -13.55
C LEU D 3 -35.12 4.16 -12.29
N ARG D 4 -34.32 3.22 -11.76
CA ARG D 4 -33.59 3.44 -10.52
C ARG D 4 -32.34 4.30 -10.77
N ARG D 5 -32.53 5.51 -11.28
CA ARG D 5 -31.46 6.45 -11.63
C ARG D 5 -30.88 7.14 -10.38
N SER D 6 -30.66 6.37 -9.32
CA SER D 6 -29.99 6.78 -8.10
C SER D 6 -29.47 5.54 -7.36
N ALA D 7 -29.06 4.52 -8.14
CA ALA D 7 -28.59 3.25 -7.58
C ALA D 7 -27.25 3.41 -6.87
N HIS D 8 -26.77 2.35 -6.22
CA HIS D 8 -25.53 2.34 -5.47
C HIS D 8 -24.38 2.93 -6.30
N ALA D 9 -24.28 2.49 -7.55
CA ALA D 9 -23.28 2.96 -8.51
C ALA D 9 -23.31 4.49 -8.71
N ARG D 10 -24.46 5.12 -8.48
CA ARG D 10 -24.61 6.58 -8.51
C ARG D 10 -24.26 7.13 -7.13
N LYS D 11 -24.89 6.59 -6.07
CA LYS D 11 -24.65 6.99 -4.68
C LYS D 11 -23.16 7.05 -4.36
N GLU D 12 -22.36 6.17 -4.98
CA GLU D 12 -20.91 6.14 -4.89
C GLU D 12 -20.31 7.55 -4.93
N THR D 13 -20.84 8.44 -5.78
CA THR D 13 -20.30 9.79 -5.92
C THR D 13 -20.18 10.49 -4.56
N GLU D 14 -21.11 10.26 -3.62
CA GLU D 14 -21.07 10.94 -2.33
C GLU D 14 -19.77 10.69 -1.56
N PHE D 15 -19.04 9.61 -1.89
CA PHE D 15 -17.74 9.31 -1.32
C PHE D 15 -16.67 9.50 -2.40
N LEU D 16 -16.85 8.84 -3.55
CA LEU D 16 -15.87 8.83 -4.63
C LEU D 16 -15.65 10.21 -5.25
N ARG D 17 -16.58 11.16 -5.11
CA ARG D 17 -16.33 12.55 -5.49
C ARG D 17 -15.03 13.04 -4.86
N LEU D 18 -14.73 12.60 -3.63
CA LEU D 18 -13.48 12.97 -2.99
C LEU D 18 -12.30 12.38 -3.76
N LYS D 19 -12.35 11.09 -4.14
CA LYS D 19 -11.32 10.51 -5.02
C LYS D 19 -11.17 11.36 -6.27
N ARG D 20 -12.28 11.63 -6.97
CA ARG D 20 -12.26 12.44 -8.18
C ARG D 20 -11.60 13.79 -7.91
N THR D 21 -11.88 14.42 -6.77
CA THR D 21 -11.24 15.68 -6.40
C THR D 21 -9.72 15.49 -6.28
N ARG D 22 -9.25 14.55 -5.45
CA ARG D 22 -7.80 14.39 -5.27
C ARG D 22 -7.10 13.96 -6.56
N LEU D 23 -7.72 13.11 -7.37
CA LEU D 23 -7.19 12.76 -8.68
C LEU D 23 -7.17 14.00 -9.59
N GLY D 24 -8.22 14.81 -9.49
CA GLY D 24 -8.47 15.96 -10.35
C GLY D 24 -7.32 16.95 -10.36
N LEU D 25 -6.54 17.03 -9.28
CA LEU D 25 -5.38 17.90 -9.25
C LEU D 25 -4.36 17.51 -10.32
N GLU D 26 -4.19 16.19 -10.54
CA GLU D 26 -3.16 15.64 -11.41
C GLU D 26 -1.78 16.26 -11.11
N SER A 1 -8.57 7.34 12.11
CA SER A 1 -7.59 8.20 11.43
C SER A 1 -6.14 7.75 11.62
N GLU A 2 -5.90 6.65 12.32
CA GLU A 2 -4.55 6.07 12.41
C GLU A 2 -4.07 5.71 11.00
N LEU A 3 -4.94 5.08 10.20
CA LEU A 3 -4.61 4.80 8.81
C LEU A 3 -4.31 6.09 8.05
N GLU A 4 -5.12 7.13 8.24
CA GLU A 4 -4.87 8.43 7.62
C GLU A 4 -3.49 8.98 8.04
N LYS A 5 -3.14 8.86 9.32
CA LYS A 5 -1.86 9.30 9.85
C LYS A 5 -0.73 8.57 9.12
N ALA A 6 -0.80 7.24 9.13
CA ALA A 6 0.15 6.38 8.43
C ALA A 6 0.28 6.82 6.97
N VAL A 7 -0.84 6.98 6.28
CA VAL A 7 -0.91 7.41 4.90
C VAL A 7 -0.19 8.75 4.70
N VAL A 8 -0.53 9.80 5.45
CA VAL A 8 0.15 11.08 5.26
C VAL A 8 1.64 10.95 5.60
N ALA A 9 2.00 10.13 6.60
CA ALA A 9 3.40 9.87 6.91
C ALA A 9 4.11 9.26 5.69
N LEU A 10 3.54 8.23 5.08
CA LEU A 10 4.10 7.62 3.88
C LEU A 10 4.30 8.70 2.80
N ILE A 11 3.25 9.46 2.51
CA ILE A 11 3.28 10.52 1.51
C ILE A 11 4.41 11.51 1.81
N ASP A 12 4.47 12.03 3.03
CA ASP A 12 5.42 13.07 3.41
C ASP A 12 6.85 12.55 3.39
N VAL A 13 7.09 11.40 4.05
CA VAL A 13 8.41 10.76 4.05
C VAL A 13 8.84 10.53 2.59
N PHE A 14 7.95 9.94 1.78
CA PHE A 14 8.26 9.75 0.38
C PHE A 14 8.65 11.09 -0.26
N HIS A 15 7.84 12.14 -0.10
CA HIS A 15 8.11 13.44 -0.71
C HIS A 15 9.52 13.90 -0.34
N GLN A 16 9.86 13.87 0.95
CA GLN A 16 11.19 14.25 1.40
C GLN A 16 12.26 13.45 0.66
N TYR A 17 12.14 12.11 0.64
CA TYR A 17 13.19 11.27 0.09
C TYR A 17 13.30 11.46 -1.43
N SER A 18 12.17 11.27 -2.13
CA SER A 18 12.07 11.43 -3.58
C SER A 18 12.54 12.83 -4.02
N GLY A 19 12.27 13.85 -3.21
CA GLY A 19 12.68 15.21 -3.47
C GLY A 19 14.20 15.33 -3.56
N ARG A 20 14.95 14.52 -2.81
CA ARG A 20 16.40 14.69 -2.74
C ARG A 20 17.05 14.37 -4.08
N GLU A 21 16.70 13.21 -4.68
CA GLU A 21 17.20 12.81 -5.98
C GLU A 21 16.07 12.14 -6.77
N GLY A 22 15.59 12.83 -7.79
CA GLY A 22 14.49 12.44 -8.65
C GLY A 22 13.54 13.62 -8.72
N ASP A 23 12.40 13.53 -8.05
CA ASP A 23 11.48 14.64 -7.83
C ASP A 23 10.51 14.19 -6.73
N LYS A 24 9.72 15.09 -6.16
CA LYS A 24 8.86 14.79 -5.02
C LYS A 24 7.79 13.69 -5.29
N HIS A 25 7.72 13.11 -6.50
CA HIS A 25 6.87 11.97 -6.83
C HIS A 25 7.65 10.78 -7.42
N LYS A 26 8.97 10.86 -7.50
CA LYS A 26 9.86 9.91 -8.18
C LYS A 26 11.14 9.67 -7.35
N LEU A 27 11.41 8.43 -6.93
CA LEU A 27 12.59 8.03 -6.17
C LEU A 27 13.69 7.55 -7.13
N LYS A 28 14.85 8.21 -7.18
CA LYS A 28 16.00 7.66 -7.90
C LYS A 28 16.62 6.53 -7.06
N LYS A 29 17.52 5.73 -7.65
CA LYS A 29 18.07 4.51 -7.03
C LYS A 29 18.65 4.76 -5.64
N SER A 30 19.35 5.88 -5.50
CA SER A 30 19.90 6.39 -4.25
C SER A 30 18.79 6.46 -3.20
N GLU A 31 17.67 7.08 -3.56
CA GLU A 31 16.57 7.33 -2.66
C GLU A 31 15.80 6.04 -2.40
N LEU A 32 15.54 5.24 -3.43
CA LEU A 32 14.88 3.95 -3.26
C LEU A 32 15.68 3.09 -2.28
N LYS A 33 16.99 3.01 -2.48
CA LYS A 33 17.88 2.32 -1.57
C LYS A 33 17.72 2.91 -0.17
N GLU A 34 18.00 4.20 -0.02
CA GLU A 34 18.07 4.83 1.29
C GLU A 34 16.76 4.65 2.04
N LEU A 35 15.65 4.87 1.34
CA LEU A 35 14.29 4.65 1.79
C LEU A 35 14.18 3.26 2.41
N ILE A 36 14.54 2.19 1.70
CA ILE A 36 14.40 0.85 2.27
C ILE A 36 15.33 0.71 3.49
N ASN A 37 16.61 1.02 3.33
CA ASN A 37 17.60 0.81 4.40
C ASN A 37 17.19 1.54 5.68
N ASN A 38 16.66 2.76 5.54
CA ASN A 38 16.34 3.66 6.64
C ASN A 38 14.97 3.34 7.23
N GLU A 39 13.95 3.21 6.37
CA GLU A 39 12.56 3.11 6.81
C GLU A 39 12.08 1.67 6.98
N LEU A 40 12.79 0.68 6.43
CA LEU A 40 12.45 -0.73 6.55
C LEU A 40 13.52 -1.50 7.34
N SER A 41 14.38 -0.83 8.11
CA SER A 41 15.55 -1.44 8.77
C SER A 41 15.26 -2.77 9.48
N HIS A 42 14.17 -2.83 10.25
CA HIS A 42 13.81 -4.02 11.01
C HIS A 42 13.15 -5.07 10.11
N PHE A 43 12.53 -4.63 9.01
CA PHE A 43 11.89 -5.49 8.03
C PHE A 43 12.93 -6.14 7.14
N LEU A 44 13.65 -5.34 6.35
CA LEU A 44 14.68 -5.80 5.43
C LEU A 44 16.05 -5.40 5.97
N GLU A 45 16.98 -6.35 5.94
CA GLU A 45 18.38 -6.09 6.22
C GLU A 45 18.91 -5.07 5.21
N GLU A 46 20.00 -4.38 5.57
CA GLU A 46 20.60 -3.39 4.71
C GLU A 46 21.02 -4.01 3.37
N ILE A 47 20.94 -3.19 2.33
CA ILE A 47 21.09 -3.65 0.95
C ILE A 47 22.50 -3.39 0.47
N LYS A 48 22.95 -2.13 0.56
CA LYS A 48 24.21 -1.54 0.09
C LYS A 48 24.51 -1.71 -1.42
N GLU A 49 24.47 -2.95 -1.92
CA GLU A 49 24.86 -3.34 -3.26
C GLU A 49 24.03 -2.60 -4.32
N GLN A 50 24.57 -1.51 -4.87
CA GLN A 50 23.87 -0.62 -5.81
C GLN A 50 23.14 -1.40 -6.92
N GLU A 51 23.76 -2.45 -7.45
CA GLU A 51 23.15 -3.26 -8.49
C GLU A 51 21.83 -3.85 -8.03
N VAL A 52 21.75 -4.29 -6.77
CA VAL A 52 20.53 -4.85 -6.23
C VAL A 52 19.47 -3.75 -6.11
N VAL A 53 19.86 -2.57 -5.60
CA VAL A 53 18.91 -1.47 -5.47
C VAL A 53 18.31 -1.14 -6.85
N ASP A 54 19.18 -1.03 -7.86
CA ASP A 54 18.78 -0.85 -9.25
C ASP A 54 17.81 -1.95 -9.69
N LYS A 55 18.16 -3.22 -9.42
CA LYS A 55 17.35 -4.35 -9.84
C LYS A 55 15.95 -4.27 -9.22
N VAL A 56 15.86 -4.03 -7.92
CA VAL A 56 14.53 -3.95 -7.30
C VAL A 56 13.79 -2.73 -7.83
N MET A 57 14.44 -1.57 -7.97
CA MET A 57 13.74 -0.42 -8.52
C MET A 57 13.19 -0.76 -9.91
N GLU A 58 14.02 -1.34 -10.77
CA GLU A 58 13.61 -1.80 -12.10
C GLU A 58 12.39 -2.71 -11.99
N THR A 59 12.45 -3.68 -11.08
CA THR A 59 11.37 -4.62 -10.83
C THR A 59 10.05 -3.87 -10.51
N LEU A 60 10.11 -2.78 -9.74
CA LEU A 60 8.90 -2.04 -9.36
C LEU A 60 8.49 -1.01 -10.41
N ASP A 61 9.45 -0.48 -11.17
CA ASP A 61 9.32 0.67 -12.07
C ASP A 61 8.38 0.44 -13.24
N SER A 62 7.07 0.31 -12.96
CA SER A 62 6.02 0.25 -13.96
C SER A 62 6.05 1.45 -14.91
N ASP A 63 6.55 2.59 -14.43
CA ASP A 63 6.62 3.82 -15.22
C ASP A 63 7.71 3.73 -16.29
N GLY A 64 8.62 2.75 -16.21
CA GLY A 64 9.76 2.66 -17.12
C GLY A 64 10.55 3.98 -17.16
N ASP A 65 10.65 4.68 -16.03
CA ASP A 65 11.30 5.98 -15.92
C ASP A 65 12.63 5.84 -15.17
N GLY A 66 13.00 4.62 -14.83
CA GLY A 66 14.12 4.34 -13.94
C GLY A 66 13.68 4.67 -12.52
N GLU A 67 13.49 5.96 -12.26
CA GLU A 67 13.05 6.48 -10.98
C GLU A 67 11.68 5.88 -10.64
N CYS A 68 11.52 5.36 -9.43
CA CYS A 68 10.31 4.65 -9.02
C CYS A 68 9.25 5.65 -8.57
N ASP A 69 8.04 5.55 -9.11
CA ASP A 69 6.96 6.46 -8.76
C ASP A 69 6.41 6.10 -7.39
N PHE A 70 5.72 7.06 -6.75
CA PHE A 70 5.01 6.84 -5.51
C PHE A 70 4.16 5.58 -5.59
N GLN A 71 3.42 5.39 -6.69
CA GLN A 71 2.61 4.20 -6.90
C GLN A 71 3.43 2.92 -6.75
N GLU A 72 4.66 2.90 -7.29
CA GLU A 72 5.51 1.72 -7.27
C GLU A 72 6.03 1.47 -5.86
N PHE A 73 6.45 2.55 -5.19
CA PHE A 73 6.76 2.49 -3.76
C PHE A 73 5.59 1.87 -2.99
N MET A 74 4.38 2.40 -3.17
CA MET A 74 3.21 1.93 -2.45
C MET A 74 2.93 0.46 -2.77
N ALA A 75 3.03 0.08 -4.04
CA ALA A 75 2.87 -1.31 -4.47
C ALA A 75 3.88 -2.21 -3.75
N PHE A 76 5.15 -1.80 -3.69
CA PHE A 76 6.18 -2.56 -2.99
C PHE A 76 5.82 -2.69 -1.52
N VAL A 77 5.53 -1.56 -0.88
CA VAL A 77 5.08 -1.52 0.50
C VAL A 77 3.90 -2.48 0.69
N ALA A 78 2.95 -2.53 -0.24
CA ALA A 78 1.78 -3.40 -0.14
C ALA A 78 2.17 -4.86 -0.05
N MET A 79 2.99 -5.37 -0.98
CA MET A 79 3.39 -6.77 -0.92
C MET A 79 4.24 -7.05 0.33
N ILE A 80 5.16 -6.14 0.67
CA ILE A 80 5.99 -6.25 1.86
C ILE A 80 5.10 -6.38 3.10
N THR A 81 4.12 -5.48 3.22
CA THR A 81 3.15 -5.43 4.29
C THR A 81 2.35 -6.73 4.34
N THR A 82 1.86 -7.20 3.18
CA THR A 82 1.12 -8.45 3.11
C THR A 82 1.96 -9.60 3.66
N ALA A 83 3.20 -9.75 3.15
CA ALA A 83 4.10 -10.79 3.62
C ALA A 83 4.31 -10.69 5.13
N CYS A 84 4.52 -9.47 5.63
CA CYS A 84 4.63 -9.26 7.07
C CYS A 84 3.36 -9.76 7.78
N HIS A 85 2.15 -9.41 7.33
CA HIS A 85 0.94 -9.91 7.97
C HIS A 85 0.87 -11.43 7.94
N GLU A 86 1.21 -12.03 6.80
CA GLU A 86 1.26 -13.47 6.64
C GLU A 86 2.17 -14.08 7.73
N PHE A 87 3.34 -13.46 7.96
CA PHE A 87 4.21 -13.85 9.06
C PHE A 87 3.56 -13.63 10.43
N PHE A 88 2.94 -12.46 10.60
CA PHE A 88 2.45 -11.95 11.87
C PHE A 88 1.45 -12.88 12.54
N GLU A 89 0.77 -13.74 11.77
CA GLU A 89 -0.03 -14.82 12.31
C GLU A 89 0.70 -15.56 13.44
N HIS A 90 2.02 -15.74 13.27
CA HIS A 90 2.92 -16.25 14.29
C HIS A 90 4.03 -15.21 14.50
N GLU A 91 3.71 -14.09 15.16
CA GLU A 91 4.67 -13.10 15.60
C GLU A 91 5.95 -13.74 16.17
N SER B 1 11.48 1.97 12.44
CA SER B 1 11.43 3.22 11.67
C SER B 1 10.00 3.55 11.23
N GLU B 2 9.74 4.81 10.88
CA GLU B 2 8.39 5.34 10.65
C GLU B 2 7.56 4.46 9.73
N LEU B 3 8.07 4.14 8.53
CA LEU B 3 7.24 3.42 7.57
C LEU B 3 6.94 2.01 8.06
N GLU B 4 7.96 1.23 8.46
CA GLU B 4 7.69 -0.11 8.98
C GLU B 4 6.77 -0.09 10.20
N LYS B 5 6.86 0.94 11.05
CA LYS B 5 5.95 1.11 12.18
C LYS B 5 4.52 1.33 11.66
N ALA B 6 4.35 2.29 10.75
CA ALA B 6 3.08 2.55 10.10
C ALA B 6 2.50 1.27 9.49
N VAL B 7 3.35 0.47 8.86
CA VAL B 7 2.99 -0.82 8.29
C VAL B 7 2.45 -1.76 9.38
N VAL B 8 3.18 -2.01 10.47
CA VAL B 8 2.64 -2.89 11.51
C VAL B 8 1.36 -2.32 12.11
N ALA B 9 1.25 -0.98 12.22
CA ALA B 9 -0.01 -0.37 12.60
C ALA B 9 -1.13 -0.76 11.62
N LEU B 10 -0.90 -0.65 10.31
CA LEU B 10 -1.85 -1.07 9.28
C LEU B 10 -2.26 -2.53 9.50
N ILE B 11 -1.26 -3.42 9.66
CA ILE B 11 -1.51 -4.84 9.89
C ILE B 11 -2.41 -5.01 11.10
N ASP B 12 -2.03 -4.40 12.23
CA ASP B 12 -2.73 -4.57 13.49
C ASP B 12 -4.17 -4.08 13.38
N VAL B 13 -4.35 -2.84 12.91
CA VAL B 13 -5.65 -2.20 12.76
C VAL B 13 -6.54 -3.06 11.87
N PHE B 14 -6.05 -3.37 10.67
CA PHE B 14 -6.75 -4.25 9.74
C PHE B 14 -7.16 -5.54 10.44
N HIS B 15 -6.22 -6.18 11.13
CA HIS B 15 -6.48 -7.45 11.78
C HIS B 15 -7.60 -7.30 12.81
N GLN B 16 -7.65 -6.19 13.56
CA GLN B 16 -8.72 -6.03 14.55
C GLN B 16 -10.08 -6.11 13.86
N TYR B 17 -10.28 -5.33 12.79
CA TYR B 17 -11.54 -5.36 12.05
C TYR B 17 -11.78 -6.76 11.46
N SER B 18 -10.78 -7.31 10.78
CA SER B 18 -10.87 -8.61 10.14
C SER B 18 -11.19 -9.72 11.15
N GLY B 19 -10.76 -9.55 12.41
CA GLY B 19 -11.01 -10.52 13.46
C GLY B 19 -12.50 -10.55 13.83
N ARG B 20 -13.22 -9.46 13.58
CA ARG B 20 -14.61 -9.35 14.00
C ARG B 20 -15.51 -10.22 13.12
N GLU B 21 -15.43 -10.05 11.79
CA GLU B 21 -16.28 -10.73 10.85
C GLU B 21 -15.57 -10.88 9.50
N GLY B 22 -15.17 -12.10 9.17
CA GLY B 22 -14.52 -12.44 7.92
C GLY B 22 -13.51 -13.54 8.22
N ASP B 23 -12.22 -13.20 8.24
CA ASP B 23 -11.16 -14.13 8.61
C ASP B 23 -10.01 -13.28 9.12
N LYS B 24 -9.07 -13.89 9.87
CA LYS B 24 -7.82 -13.30 10.30
C LYS B 24 -7.27 -12.30 9.27
N HIS B 25 -7.24 -12.70 8.00
CA HIS B 25 -6.61 -11.98 6.91
C HIS B 25 -7.62 -11.34 5.93
N LYS B 26 -8.94 -11.35 6.23
CA LYS B 26 -9.97 -10.86 5.30
C LYS B 26 -11.15 -10.15 6.00
N LEU B 27 -11.73 -9.13 5.33
CA LEU B 27 -12.82 -8.28 5.83
C LEU B 27 -14.14 -8.54 5.11
N LYS B 28 -15.25 -8.75 5.84
CA LYS B 28 -16.59 -8.77 5.24
C LYS B 28 -16.98 -7.36 4.79
N LYS B 29 -18.06 -7.22 4.03
CA LYS B 29 -18.59 -5.91 3.65
C LYS B 29 -18.87 -5.04 4.89
N SER B 30 -19.40 -5.64 5.95
CA SER B 30 -19.65 -4.97 7.21
C SER B 30 -18.35 -4.37 7.75
N GLU B 31 -17.30 -5.21 7.85
CA GLU B 31 -16.04 -4.75 8.42
C GLU B 31 -15.36 -3.74 7.51
N LEU B 32 -15.41 -3.96 6.19
CA LEU B 32 -14.83 -3.06 5.21
C LEU B 32 -15.51 -1.68 5.32
N LYS B 33 -16.85 -1.66 5.33
CA LYS B 33 -17.62 -0.45 5.50
C LYS B 33 -17.22 0.24 6.82
N GLU B 34 -17.21 -0.50 7.92
CA GLU B 34 -16.85 0.04 9.22
C GLU B 34 -15.45 0.66 9.15
N LEU B 35 -14.48 -0.12 8.69
CA LEU B 35 -13.09 0.29 8.49
C LEU B 35 -13.04 1.62 7.73
N ILE B 36 -13.67 1.71 6.55
CA ILE B 36 -13.60 2.94 5.77
C ILE B 36 -14.22 4.11 6.56
N ASN B 37 -15.47 3.97 7.04
CA ASN B 37 -16.11 5.05 7.78
C ASN B 37 -15.25 5.50 8.97
N ASN B 38 -14.75 4.52 9.73
CA ASN B 38 -14.10 4.72 11.01
C ASN B 38 -12.68 5.26 10.87
N GLU B 39 -11.93 4.80 9.87
CA GLU B 39 -10.54 5.22 9.68
C GLU B 39 -10.39 6.28 8.59
N LEU B 40 -11.08 6.16 7.45
CA LEU B 40 -10.88 7.07 6.32
C LEU B 40 -11.82 8.27 6.39
N SER B 41 -12.29 8.64 7.59
CA SER B 41 -13.33 9.64 7.80
C SER B 41 -13.09 10.98 7.07
N HIS B 42 -11.83 11.41 6.96
CA HIS B 42 -11.46 12.62 6.24
C HIS B 42 -11.22 12.30 4.76
N PHE B 43 -10.57 11.18 4.49
CA PHE B 43 -10.13 10.79 3.14
C PHE B 43 -11.30 10.47 2.22
N LEU B 44 -12.34 9.82 2.75
CA LEU B 44 -13.56 9.44 2.08
C LEU B 44 -14.75 9.90 2.94
N GLU B 45 -15.79 10.42 2.30
CA GLU B 45 -17.06 10.74 2.96
C GLU B 45 -17.68 9.45 3.54
N GLU B 46 -18.57 9.62 4.53
CA GLU B 46 -19.36 8.56 5.13
C GLU B 46 -19.95 7.65 4.05
N ILE B 47 -19.72 6.35 4.20
CA ILE B 47 -20.05 5.34 3.21
C ILE B 47 -21.56 5.10 3.21
N LYS B 48 -22.12 4.83 2.02
CA LYS B 48 -23.56 4.79 1.82
C LYS B 48 -24.12 3.37 1.72
N GLU B 49 -25.09 3.18 0.82
CA GLU B 49 -25.91 2.00 0.74
C GLU B 49 -25.06 0.71 0.65
N GLN B 50 -25.44 -0.32 1.41
CA GLN B 50 -24.76 -1.61 1.49
C GLN B 50 -24.47 -2.19 0.10
N GLU B 51 -25.36 -2.00 -0.87
CA GLU B 51 -25.13 -2.47 -2.23
C GLU B 51 -23.85 -1.85 -2.82
N VAL B 52 -23.63 -0.55 -2.58
CA VAL B 52 -22.45 0.15 -3.08
C VAL B 52 -21.21 -0.36 -2.34
N VAL B 53 -21.29 -0.51 -1.02
CA VAL B 53 -20.16 -1.02 -0.25
C VAL B 53 -19.78 -2.41 -0.76
N ASP B 54 -20.79 -3.27 -0.97
CA ASP B 54 -20.61 -4.58 -1.55
C ASP B 54 -19.97 -4.48 -2.94
N LYS B 55 -20.42 -3.54 -3.77
CA LYS B 55 -19.87 -3.35 -5.11
C LYS B 55 -18.38 -3.03 -5.01
N VAL B 56 -17.98 -2.07 -4.16
CA VAL B 56 -16.55 -1.80 -4.01
C VAL B 56 -15.83 -3.02 -3.45
N MET B 57 -16.41 -3.74 -2.46
CA MET B 57 -15.77 -4.96 -1.99
C MET B 57 -15.50 -5.91 -3.16
N GLU B 58 -16.53 -6.19 -3.96
CA GLU B 58 -16.43 -7.05 -5.14
C GLU B 58 -15.32 -6.53 -6.07
N THR B 59 -15.26 -5.22 -6.27
CA THR B 59 -14.23 -4.57 -7.08
C THR B 59 -12.83 -4.93 -6.58
N LEU B 60 -12.62 -5.04 -5.26
CA LEU B 60 -11.30 -5.36 -4.72
C LEU B 60 -11.07 -6.87 -4.56
N ASP B 61 -12.13 -7.64 -4.31
CA ASP B 61 -12.08 -9.06 -3.91
C ASP B 61 -11.50 -9.99 -5.00
N SER B 62 -10.19 -9.88 -5.23
CA SER B 62 -9.39 -10.74 -6.10
C SER B 62 -9.69 -12.22 -5.88
N ASP B 63 -9.79 -12.60 -4.62
CA ASP B 63 -9.91 -13.99 -4.18
C ASP B 63 -11.28 -14.56 -4.49
N GLY B 64 -12.25 -13.68 -4.75
CA GLY B 64 -13.62 -14.05 -5.05
C GLY B 64 -14.21 -14.88 -3.90
N ASP B 65 -13.91 -14.48 -2.66
CA ASP B 65 -14.29 -15.20 -1.44
C ASP B 65 -15.27 -14.34 -0.63
N GLY B 66 -15.89 -13.35 -1.28
CA GLY B 66 -16.67 -12.34 -0.62
C GLY B 66 -15.73 -11.39 0.11
N GLU B 67 -15.15 -11.88 1.21
CA GLU B 67 -14.28 -11.12 2.08
C GLU B 67 -13.11 -10.53 1.27
N CYS B 68 -12.83 -9.24 1.47
CA CYS B 68 -11.70 -8.59 0.83
C CYS B 68 -10.44 -8.96 1.62
N ASP B 69 -9.43 -9.52 0.96
CA ASP B 69 -8.23 -9.99 1.62
C ASP B 69 -7.36 -8.77 1.99
N PHE B 70 -6.47 -8.95 2.96
CA PHE B 70 -5.53 -7.90 3.35
C PHE B 70 -4.83 -7.28 2.14
N GLN B 71 -4.38 -8.11 1.20
CA GLN B 71 -3.76 -7.62 -0.03
C GLN B 71 -4.68 -6.60 -0.73
N GLU B 72 -5.98 -6.89 -0.78
CA GLU B 72 -6.96 -6.07 -1.48
C GLU B 72 -7.22 -4.79 -0.70
N PHE B 73 -7.33 -4.89 0.63
CA PHE B 73 -7.35 -3.72 1.50
C PHE B 73 -6.15 -2.83 1.15
N MET B 74 -4.94 -3.42 1.16
CA MET B 74 -3.72 -2.67 0.95
C MET B 74 -3.69 -2.05 -0.46
N ALA B 75 -4.13 -2.79 -1.47
CA ALA B 75 -4.25 -2.27 -2.83
C ALA B 75 -5.20 -1.07 -2.88
N PHE B 76 -6.35 -1.17 -2.20
CA PHE B 76 -7.31 -0.07 -2.13
C PHE B 76 -6.66 1.14 -1.45
N VAL B 77 -6.07 0.92 -0.28
CA VAL B 77 -5.30 1.93 0.42
C VAL B 77 -4.26 2.53 -0.52
N ALA B 78 -3.58 1.71 -1.33
CA ALA B 78 -2.55 2.16 -2.24
C ALA B 78 -3.09 3.19 -3.23
N MET B 79 -4.20 2.88 -3.93
CA MET B 79 -4.76 3.87 -4.86
C MET B 79 -5.29 5.09 -4.12
N ILE B 80 -5.96 4.91 -2.99
CA ILE B 80 -6.48 6.00 -2.17
C ILE B 80 -5.34 6.96 -1.79
N THR B 81 -4.24 6.37 -1.32
CA THR B 81 -3.01 7.06 -0.96
C THR B 81 -2.43 7.76 -2.19
N THR B 82 -2.30 7.04 -3.31
CA THR B 82 -1.71 7.61 -4.52
C THR B 82 -2.49 8.85 -4.97
N ALA B 83 -3.83 8.80 -4.96
CA ALA B 83 -4.63 9.98 -5.27
C ALA B 83 -4.32 11.12 -4.30
N CYS B 84 -4.25 10.82 -3.00
CA CYS B 84 -3.85 11.84 -2.03
C CYS B 84 -2.46 12.41 -2.36
N HIS B 85 -1.48 11.54 -2.67
CA HIS B 85 -0.14 11.94 -3.05
C HIS B 85 -0.16 12.88 -4.25
N GLU B 86 -0.88 12.50 -5.32
CA GLU B 86 -1.02 13.32 -6.50
C GLU B 86 -1.50 14.73 -6.12
N PHE B 87 -2.48 14.81 -5.21
CA PHE B 87 -2.91 16.08 -4.68
C PHE B 87 -1.76 16.78 -3.94
N PHE B 88 -1.26 16.14 -2.89
CA PHE B 88 -0.34 16.70 -1.92
C PHE B 88 0.96 17.17 -2.56
N GLU B 89 1.40 16.49 -3.63
CA GLU B 89 2.49 16.95 -4.47
C GLU B 89 2.28 18.42 -4.85
N HIS B 90 1.08 18.74 -5.32
CA HIS B 90 0.74 20.09 -5.76
C HIS B 90 0.33 20.88 -4.51
N GLU B 91 1.32 21.19 -3.68
CA GLU B 91 1.13 21.93 -2.44
C GLU B 91 0.51 23.31 -2.71
N LYS C 1 24.98 -20.78 -17.50
CA LYS C 1 26.23 -20.72 -18.27
C LYS C 1 27.22 -19.72 -17.65
N ARG C 2 26.83 -18.44 -17.58
CA ARG C 2 27.68 -17.38 -17.09
C ARG C 2 27.72 -17.40 -15.55
N LEU C 3 28.28 -18.48 -14.99
CA LEU C 3 28.34 -18.80 -13.58
C LEU C 3 26.95 -19.13 -13.04
N ARG C 4 26.04 -18.14 -13.05
CA ARG C 4 24.70 -18.22 -12.47
C ARG C 4 24.81 -18.70 -11.02
N ARG C 5 25.83 -18.22 -10.31
CA ARG C 5 26.20 -18.71 -8.99
C ARG C 5 25.30 -18.12 -7.91
N SER C 6 23.99 -18.40 -7.99
CA SER C 6 23.02 -18.00 -6.99
C SER C 6 23.39 -18.53 -5.61
N ALA C 7 23.91 -19.76 -5.55
CA ALA C 7 24.34 -20.41 -4.32
C ALA C 7 25.65 -19.79 -3.80
N HIS C 8 25.60 -18.52 -3.41
CA HIS C 8 26.66 -17.80 -2.73
C HIS C 8 26.31 -17.71 -1.24
N ALA C 9 27.06 -16.93 -0.46
CA ALA C 9 26.86 -16.77 0.97
C ALA C 9 25.66 -15.86 1.32
N ARG C 10 24.54 -16.01 0.62
CA ARG C 10 23.22 -15.41 0.90
C ARG C 10 23.12 -13.87 0.81
N LYS C 11 24.18 -13.11 1.12
CA LYS C 11 24.15 -11.67 1.29
C LYS C 11 23.47 -10.91 0.15
N GLU C 12 23.66 -11.32 -1.11
CA GLU C 12 23.04 -10.63 -2.24
C GLU C 12 21.51 -10.72 -2.20
N THR C 13 20.97 -11.70 -1.45
CA THR C 13 19.56 -12.05 -1.40
C THR C 13 18.97 -12.02 0.01
N GLU C 14 19.78 -11.97 1.07
CA GLU C 14 19.34 -12.17 2.45
C GLU C 14 18.06 -11.41 2.82
N PHE C 15 17.99 -10.13 2.49
CA PHE C 15 16.82 -9.29 2.72
C PHE C 15 15.58 -9.89 2.06
N LEU C 16 15.68 -10.30 0.80
CA LEU C 16 14.59 -10.95 0.08
C LEU C 16 14.28 -12.31 0.69
N ARG C 17 15.32 -13.11 0.98
CA ARG C 17 15.18 -14.45 1.56
C ARG C 17 14.32 -14.38 2.81
N LEU C 18 14.69 -13.52 3.76
CA LEU C 18 13.94 -13.34 5.00
C LEU C 18 12.49 -12.95 4.69
N LYS C 19 12.29 -11.99 3.80
CA LYS C 19 10.95 -11.54 3.45
C LYS C 19 10.12 -12.69 2.88
N ARG C 20 10.64 -13.42 1.91
CA ARG C 20 9.99 -14.59 1.33
C ARG C 20 9.68 -15.62 2.42
N THR C 21 10.63 -15.87 3.33
CA THR C 21 10.41 -16.81 4.42
C THR C 21 9.22 -16.35 5.27
N ARG C 22 9.18 -15.06 5.62
CA ARG C 22 8.08 -14.50 6.39
C ARG C 22 6.76 -14.57 5.60
N LEU C 23 6.79 -14.40 4.28
CA LEU C 23 5.62 -14.54 3.43
C LEU C 23 5.14 -15.99 3.50
N GLY C 24 6.09 -16.93 3.50
CA GLY C 24 5.84 -18.35 3.43
C GLY C 24 4.98 -18.92 4.56
N LEU C 25 4.88 -18.25 5.71
CA LEU C 25 4.19 -18.84 6.86
C LEU C 25 2.71 -19.09 6.55
N GLU C 26 2.00 -18.10 6.00
CA GLU C 26 0.58 -18.27 5.70
C GLU C 26 0.40 -19.12 4.45
N LYS D 1 -40.66 7.59 -7.42
CA LYS D 1 -40.85 7.20 -8.83
C LYS D 1 -39.55 7.38 -9.62
N ARG D 2 -39.06 8.62 -9.72
CA ARG D 2 -37.81 8.89 -10.41
C ARG D 2 -36.64 8.45 -9.52
N LEU D 3 -36.37 7.15 -9.51
CA LEU D 3 -35.24 6.57 -8.79
C LEU D 3 -33.92 6.95 -9.49
N ARG D 4 -32.79 6.86 -8.76
CA ARG D 4 -31.43 7.08 -9.24
C ARG D 4 -31.32 8.29 -10.18
N ARG D 5 -31.73 9.47 -9.70
CA ARG D 5 -31.52 10.73 -10.40
C ARG D 5 -30.08 11.19 -10.17
N SER D 6 -29.57 12.09 -11.03
CA SER D 6 -28.18 12.52 -11.04
C SER D 6 -27.66 12.85 -9.64
N ALA D 7 -28.40 13.67 -8.88
CA ALA D 7 -28.03 14.02 -7.51
C ALA D 7 -27.87 12.78 -6.63
N HIS D 8 -28.81 11.84 -6.74
CA HIS D 8 -28.81 10.61 -5.96
C HIS D 8 -27.60 9.75 -6.35
N ALA D 9 -27.34 9.65 -7.66
CA ALA D 9 -26.18 8.92 -8.16
C ALA D 9 -24.89 9.53 -7.58
N ARG D 10 -24.73 10.85 -7.70
CA ARG D 10 -23.59 11.54 -7.13
C ARG D 10 -23.46 11.26 -5.64
N LYS D 11 -24.56 11.43 -4.89
CA LYS D 11 -24.62 11.16 -3.46
C LYS D 11 -24.06 9.78 -3.14
N GLU D 12 -24.54 8.75 -3.85
CA GLU D 12 -24.08 7.38 -3.66
C GLU D 12 -22.61 7.17 -4.03
N THR D 13 -21.88 8.21 -4.47
CA THR D 13 -20.47 8.13 -4.75
C THR D 13 -19.67 9.24 -4.06
N GLU D 14 -20.18 9.95 -3.05
CA GLU D 14 -19.45 11.07 -2.42
C GLU D 14 -18.01 10.69 -2.03
N PHE D 15 -17.87 9.50 -1.44
CA PHE D 15 -16.59 8.93 -1.09
C PHE D 15 -15.68 8.87 -2.33
N LEU D 16 -16.22 8.41 -3.45
CA LEU D 16 -15.49 8.46 -4.70
C LEU D 16 -15.27 9.89 -5.15
N ARG D 17 -16.21 10.81 -4.94
CA ARG D 17 -16.01 12.23 -5.27
C ARG D 17 -14.73 12.77 -4.62
N LEU D 18 -14.51 12.47 -3.34
CA LEU D 18 -13.25 12.88 -2.69
C LEU D 18 -12.05 12.29 -3.42
N LYS D 19 -12.05 10.97 -3.66
CA LYS D 19 -10.97 10.28 -4.39
C LYS D 19 -10.71 10.95 -5.74
N ARG D 20 -11.76 11.11 -6.55
CA ARG D 20 -11.77 11.78 -7.84
C ARG D 20 -11.12 13.17 -7.69
N THR D 21 -11.54 13.95 -6.69
CA THR D 21 -10.99 15.28 -6.46
C THR D 21 -9.48 15.21 -6.17
N ARG D 22 -9.07 14.35 -5.24
CA ARG D 22 -7.68 14.29 -4.83
C ARG D 22 -6.78 13.87 -5.99
N LEU D 23 -7.23 12.95 -6.84
CA LEU D 23 -6.49 12.65 -8.07
C LEU D 23 -6.60 13.82 -9.05
N GLY D 24 -7.80 14.42 -9.11
CA GLY D 24 -8.22 15.47 -10.01
C GLY D 24 -7.39 16.74 -9.89
N LEU D 25 -6.67 16.90 -8.78
CA LEU D 25 -5.67 17.97 -8.64
C LEU D 25 -4.78 17.97 -9.89
N GLU D 26 -4.42 16.78 -10.37
CA GLU D 26 -3.78 16.60 -11.67
C GLU D 26 -4.86 16.46 -12.74
N SER A 1 -7.71 9.52 11.40
CA SER A 1 -7.68 8.17 11.98
C SER A 1 -6.45 7.37 11.53
N GLU A 2 -6.19 6.23 12.18
CA GLU A 2 -4.97 5.45 12.04
C GLU A 2 -4.52 5.26 10.58
N LEU A 3 -5.39 4.76 9.70
CA LEU A 3 -5.00 4.53 8.31
C LEU A 3 -4.53 5.84 7.68
N GLU A 4 -5.30 6.92 7.85
CA GLU A 4 -4.97 8.22 7.30
C GLU A 4 -3.63 8.72 7.84
N LYS A 5 -3.40 8.53 9.15
CA LYS A 5 -2.16 8.95 9.79
C LYS A 5 -0.97 8.21 9.20
N ALA A 6 -1.07 6.87 9.16
CA ALA A 6 -0.08 6.02 8.53
C ALA A 6 0.20 6.50 7.11
N VAL A 7 -0.87 6.74 6.33
CA VAL A 7 -0.76 7.22 4.97
C VAL A 7 -0.02 8.56 4.90
N VAL A 8 -0.45 9.59 5.63
CA VAL A 8 0.21 10.89 5.49
C VAL A 8 1.66 10.82 5.97
N ALA A 9 1.95 10.00 6.99
CA ALA A 9 3.33 9.72 7.36
C ALA A 9 4.10 9.15 6.16
N LEU A 10 3.57 8.11 5.52
CA LEU A 10 4.19 7.46 4.38
C LEU A 10 4.46 8.50 3.28
N ILE A 11 3.44 9.29 2.94
CA ILE A 11 3.52 10.33 1.92
C ILE A 11 4.60 11.34 2.29
N ASP A 12 4.55 11.89 3.51
CA ASP A 12 5.50 12.92 3.94
C ASP A 12 6.93 12.39 3.87
N VAL A 13 7.16 11.23 4.48
CA VAL A 13 8.46 10.58 4.49
C VAL A 13 8.95 10.38 3.07
N PHE A 14 8.10 9.75 2.25
CA PHE A 14 8.38 9.56 0.84
C PHE A 14 8.80 10.89 0.19
N HIS A 15 8.00 11.94 0.37
CA HIS A 15 8.26 13.27 -0.17
C HIS A 15 9.66 13.76 0.23
N GLN A 16 10.04 13.64 1.51
CA GLN A 16 11.37 14.09 1.94
C GLN A 16 12.49 13.45 1.11
N TYR A 17 12.46 12.13 0.95
CA TYR A 17 13.48 11.45 0.14
C TYR A 17 13.33 11.81 -1.35
N SER A 18 12.13 11.63 -1.89
CA SER A 18 11.80 11.85 -3.30
C SER A 18 12.12 13.27 -3.77
N GLY A 19 12.03 14.24 -2.87
CA GLY A 19 12.41 15.61 -3.15
C GLY A 19 13.85 15.71 -3.63
N ARG A 20 14.73 14.82 -3.14
CA ARG A 20 16.15 14.92 -3.43
C ARG A 20 16.46 14.46 -4.85
N GLU A 21 16.02 13.25 -5.23
CA GLU A 21 16.24 12.70 -6.56
C GLU A 21 15.01 11.87 -6.99
N GLY A 22 14.30 12.38 -7.99
CA GLY A 22 13.02 11.86 -8.49
C GLY A 22 11.88 12.85 -8.28
N ASP A 23 12.22 14.15 -8.17
CA ASP A 23 11.32 15.29 -8.18
C ASP A 23 10.02 15.04 -7.43
N LYS A 24 10.13 14.70 -6.14
CA LYS A 24 9.06 14.55 -5.15
C LYS A 24 8.06 13.42 -5.41
N HIS A 25 7.65 13.17 -6.65
CA HIS A 25 6.73 12.11 -7.02
C HIS A 25 7.42 10.74 -7.06
N LYS A 26 8.75 10.68 -7.23
CA LYS A 26 9.47 9.44 -7.46
C LYS A 26 10.71 9.34 -6.56
N LEU A 27 11.16 8.11 -6.29
CA LEU A 27 12.43 7.82 -5.63
C LEU A 27 13.41 7.25 -6.64
N LYS A 28 14.48 7.97 -6.94
CA LYS A 28 15.59 7.41 -7.73
C LYS A 28 16.24 6.27 -6.93
N LYS A 29 16.84 5.27 -7.60
CA LYS A 29 17.38 4.09 -6.89
C LYS A 29 18.35 4.42 -5.77
N SER A 30 19.06 5.54 -5.86
CA SER A 30 19.87 6.07 -4.77
C SER A 30 18.99 6.32 -3.54
N GLU A 31 17.88 7.03 -3.73
CA GLU A 31 16.95 7.38 -2.67
C GLU A 31 16.28 6.12 -2.16
N LEU A 32 15.77 5.30 -3.08
CA LEU A 32 15.07 4.05 -2.77
C LEU A 32 15.98 3.18 -1.90
N LYS A 33 17.25 3.07 -2.28
CA LYS A 33 18.25 2.36 -1.49
C LYS A 33 18.34 2.92 -0.08
N GLU A 34 18.72 4.19 0.10
CA GLU A 34 18.94 4.71 1.45
C GLU A 34 17.66 4.62 2.28
N LEU A 35 16.52 4.88 1.64
CA LEU A 35 15.18 4.75 2.22
C LEU A 35 15.02 3.33 2.80
N ILE A 36 15.24 2.28 2.01
CA ILE A 36 15.12 0.91 2.52
C ILE A 36 16.13 0.69 3.65
N ASN A 37 17.42 0.92 3.38
CA ASN A 37 18.50 0.64 4.32
C ASN A 37 18.22 1.28 5.67
N ASN A 38 17.83 2.56 5.63
CA ASN A 38 17.60 3.36 6.82
C ASN A 38 16.33 2.93 7.53
N GLU A 39 15.20 2.89 6.81
CA GLU A 39 13.91 2.72 7.47
C GLU A 39 13.51 1.26 7.62
N LEU A 40 13.68 0.44 6.59
CA LEU A 40 13.40 -0.99 6.68
C LEU A 40 14.62 -1.69 7.28
N SER A 41 15.24 -1.09 8.29
CA SER A 41 16.48 -1.55 8.91
C SER A 41 16.25 -2.80 9.75
N HIS A 42 15.01 -3.04 10.18
CA HIS A 42 14.62 -4.20 10.97
C HIS A 42 13.94 -5.21 10.04
N PHE A 43 13.03 -4.71 9.20
CA PHE A 43 12.35 -5.49 8.18
C PHE A 43 13.33 -6.22 7.27
N LEU A 44 14.26 -5.47 6.63
CA LEU A 44 15.28 -5.98 5.73
C LEU A 44 16.66 -5.71 6.34
N GLU A 45 17.70 -6.32 5.77
CA GLU A 45 19.08 -5.99 6.09
C GLU A 45 19.53 -4.82 5.21
N GLU A 46 20.67 -4.20 5.55
CA GLU A 46 21.30 -3.24 4.67
C GLU A 46 21.64 -3.93 3.35
N ILE A 47 21.66 -3.16 2.27
CA ILE A 47 21.74 -3.68 0.92
C ILE A 47 23.17 -3.69 0.38
N LYS A 48 23.82 -2.52 0.40
CA LYS A 48 25.13 -2.29 -0.21
C LYS A 48 25.10 -2.39 -1.75
N GLU A 49 24.71 -3.54 -2.31
CA GLU A 49 24.72 -3.77 -3.74
C GLU A 49 23.67 -2.90 -4.45
N GLN A 50 24.03 -1.66 -4.78
CA GLN A 50 23.22 -0.72 -5.56
C GLN A 50 22.52 -1.39 -6.75
N GLU A 51 23.22 -2.30 -7.43
CA GLU A 51 22.68 -3.06 -8.55
C GLU A 51 21.45 -3.89 -8.14
N VAL A 52 21.51 -4.57 -6.99
CA VAL A 52 20.43 -5.43 -6.55
C VAL A 52 19.19 -4.57 -6.25
N VAL A 53 19.35 -3.53 -5.43
CA VAL A 53 18.23 -2.64 -5.15
C VAL A 53 17.71 -2.00 -6.45
N ASP A 54 18.61 -1.60 -7.36
CA ASP A 54 18.19 -1.13 -8.66
C ASP A 54 17.30 -2.19 -9.31
N LYS A 55 17.66 -3.46 -9.25
CA LYS A 55 16.80 -4.52 -9.78
C LYS A 55 15.46 -4.61 -9.03
N VAL A 56 15.47 -4.67 -7.68
CA VAL A 56 14.22 -4.82 -6.94
C VAL A 56 13.26 -3.68 -7.26
N MET A 57 13.76 -2.44 -7.30
CA MET A 57 12.91 -1.31 -7.63
C MET A 57 12.55 -1.30 -9.11
N GLU A 58 13.49 -1.66 -10.00
CA GLU A 58 13.26 -1.71 -11.44
C GLU A 58 12.04 -2.56 -11.75
N THR A 59 11.92 -3.75 -11.14
CA THR A 59 10.74 -4.58 -11.40
C THR A 59 9.41 -3.92 -10.99
N LEU A 60 9.40 -2.91 -10.11
CA LEU A 60 8.21 -2.10 -9.86
C LEU A 60 8.20 -0.85 -10.76
N ASP A 61 9.37 -0.39 -11.23
CA ASP A 61 9.50 0.85 -11.96
C ASP A 61 8.75 0.83 -13.30
N SER A 62 7.46 1.20 -13.26
CA SER A 62 6.60 1.44 -14.39
C SER A 62 7.29 2.18 -15.54
N ASP A 63 8.15 3.14 -15.19
CA ASP A 63 8.78 4.05 -16.14
C ASP A 63 10.06 3.43 -16.73
N GLY A 64 10.61 2.37 -16.13
CA GLY A 64 11.90 1.80 -16.50
C GLY A 64 12.97 2.87 -16.67
N ASP A 65 12.95 3.88 -15.80
CA ASP A 65 13.71 5.10 -15.90
C ASP A 65 14.69 5.25 -14.73
N GLY A 66 14.65 4.33 -13.76
CA GLY A 66 15.54 4.30 -12.61
C GLY A 66 15.01 5.09 -11.41
N GLU A 67 13.77 5.59 -11.48
CA GLU A 67 13.09 6.26 -10.38
C GLU A 67 11.65 5.77 -10.26
N CYS A 68 11.30 5.22 -9.08
CA CYS A 68 10.01 4.57 -8.85
C CYS A 68 9.03 5.62 -8.38
N ASP A 69 7.88 5.75 -9.05
CA ASP A 69 6.84 6.67 -8.63
C ASP A 69 6.24 6.23 -7.30
N PHE A 70 5.59 7.15 -6.58
CA PHE A 70 4.92 6.87 -5.33
C PHE A 70 4.06 5.60 -5.41
N GLN A 71 3.30 5.41 -6.49
CA GLN A 71 2.51 4.21 -6.69
C GLN A 71 3.40 2.95 -6.70
N GLU A 72 4.55 3.00 -7.38
CA GLU A 72 5.45 1.86 -7.48
C GLU A 72 6.08 1.57 -6.11
N PHE A 73 6.47 2.63 -5.41
CA PHE A 73 6.87 2.56 -4.01
C PHE A 73 5.77 1.86 -3.21
N MET A 74 4.51 2.25 -3.39
CA MET A 74 3.37 1.61 -2.75
C MET A 74 3.30 0.12 -3.09
N ALA A 75 3.58 -0.26 -4.34
CA ALA A 75 3.64 -1.66 -4.73
C ALA A 75 4.74 -2.42 -3.97
N PHE A 76 5.93 -1.82 -3.85
CA PHE A 76 7.01 -2.41 -3.07
C PHE A 76 6.55 -2.57 -1.61
N VAL A 77 6.00 -1.50 -1.03
CA VAL A 77 5.41 -1.53 0.30
C VAL A 77 4.41 -2.70 0.39
N ALA A 78 3.55 -2.87 -0.62
CA ALA A 78 2.54 -3.92 -0.59
C ALA A 78 3.18 -5.30 -0.44
N MET A 79 4.16 -5.66 -1.28
CA MET A 79 4.78 -6.99 -1.15
C MET A 79 5.40 -7.17 0.24
N ILE A 80 6.14 -6.17 0.72
CA ILE A 80 6.80 -6.20 2.02
C ILE A 80 5.76 -6.43 3.11
N THR A 81 4.73 -5.58 3.11
CA THR A 81 3.63 -5.61 4.06
C THR A 81 2.92 -6.96 3.99
N THR A 82 2.75 -7.54 2.79
CA THR A 82 2.12 -8.85 2.64
C THR A 82 2.93 -9.91 3.39
N ALA A 83 4.24 -9.97 3.16
CA ALA A 83 5.06 -10.95 3.85
C ALA A 83 4.95 -10.76 5.36
N CYS A 84 5.07 -9.51 5.81
CA CYS A 84 4.93 -9.19 7.23
C CYS A 84 3.56 -9.61 7.77
N HIS A 85 2.49 -9.29 7.03
CA HIS A 85 1.11 -9.62 7.35
C HIS A 85 0.96 -11.11 7.59
N GLU A 86 1.35 -11.94 6.61
CA GLU A 86 1.16 -13.38 6.74
C GLU A 86 1.76 -13.86 8.07
N PHE A 87 3.00 -13.45 8.34
CA PHE A 87 3.71 -13.78 9.57
C PHE A 87 2.93 -13.29 10.79
N PHE A 88 2.71 -11.98 10.85
CA PHE A 88 2.20 -11.32 12.03
C PHE A 88 0.77 -11.77 12.38
N GLU A 89 -0.05 -12.05 11.36
CA GLU A 89 -1.34 -12.68 11.59
C GLU A 89 -1.11 -14.09 12.18
N HIS A 90 -0.23 -14.88 11.55
CA HIS A 90 0.11 -16.21 12.05
C HIS A 90 1.07 -16.09 13.24
N GLU A 91 0.55 -15.59 14.37
CA GLU A 91 1.31 -15.31 15.57
C GLU A 91 0.44 -15.56 16.80
N SER B 1 12.39 4.53 10.17
CA SER B 1 11.50 3.35 10.31
C SER B 1 10.02 3.72 10.35
N GLU B 2 9.69 4.99 10.10
CA GLU B 2 8.32 5.45 9.91
C GLU B 2 7.55 4.48 9.01
N LEU B 3 8.18 4.08 7.90
CA LEU B 3 7.60 3.11 7.00
C LEU B 3 7.19 1.84 7.73
N GLU B 4 8.10 1.24 8.52
CA GLU B 4 7.80 0.04 9.27
C GLU B 4 6.57 0.26 10.17
N LYS B 5 6.49 1.44 10.80
CA LYS B 5 5.38 1.78 11.68
C LYS B 5 4.07 1.83 10.90
N ALA B 6 4.05 2.60 9.80
CA ALA B 6 2.90 2.67 8.91
C ALA B 6 2.47 1.28 8.46
N VAL B 7 3.44 0.47 8.02
CA VAL B 7 3.22 -0.89 7.58
C VAL B 7 2.55 -1.73 8.67
N VAL B 8 3.12 -1.80 9.88
CA VAL B 8 2.47 -2.56 10.94
C VAL B 8 1.13 -1.95 11.32
N ALA B 9 0.96 -0.63 11.19
CA ALA B 9 -0.34 0.01 11.41
C ALA B 9 -1.39 -0.53 10.44
N LEU B 10 -1.07 -0.64 9.13
CA LEU B 10 -1.99 -1.24 8.17
C LEU B 10 -2.38 -2.65 8.66
N ILE B 11 -1.38 -3.47 8.97
CA ILE B 11 -1.62 -4.85 9.39
C ILE B 11 -2.51 -4.87 10.64
N ASP B 12 -2.15 -4.10 11.67
CA ASP B 12 -2.83 -4.11 12.96
C ASP B 12 -4.27 -3.63 12.83
N VAL B 13 -4.47 -2.47 12.19
CA VAL B 13 -5.82 -1.93 12.02
C VAL B 13 -6.65 -2.92 11.22
N PHE B 14 -6.08 -3.45 10.13
CA PHE B 14 -6.75 -4.51 9.39
C PHE B 14 -7.14 -5.66 10.32
N HIS B 15 -6.18 -6.18 11.10
CA HIS B 15 -6.37 -7.29 12.03
C HIS B 15 -7.54 -7.02 12.96
N GLN B 16 -7.60 -5.83 13.57
CA GLN B 16 -8.69 -5.47 14.48
C GLN B 16 -10.04 -5.75 13.81
N TYR B 17 -10.24 -5.25 12.59
CA TYR B 17 -11.51 -5.44 11.88
C TYR B 17 -11.68 -6.87 11.35
N SER B 18 -10.70 -7.39 10.61
CA SER B 18 -10.75 -8.71 9.99
C SER B 18 -10.91 -9.82 11.03
N GLY B 19 -10.42 -9.62 12.25
CA GLY B 19 -10.60 -10.56 13.34
C GLY B 19 -12.08 -10.79 13.62
N ARG B 20 -12.94 -9.80 13.37
CA ARG B 20 -14.33 -9.87 13.81
C ARG B 20 -15.16 -10.72 12.86
N GLU B 21 -15.17 -10.38 11.56
CA GLU B 21 -15.94 -11.09 10.55
C GLU B 21 -15.16 -11.11 9.23
N GLY B 22 -14.58 -12.27 8.90
CA GLY B 22 -13.72 -12.46 7.74
C GLY B 22 -12.57 -13.38 8.12
N ASP B 23 -12.05 -13.19 9.34
CA ASP B 23 -11.10 -14.04 10.04
C ASP B 23 -9.64 -13.70 9.70
N LYS B 24 -9.16 -12.61 10.29
CA LYS B 24 -7.75 -12.19 10.32
C LYS B 24 -7.21 -11.70 8.97
N HIS B 25 -7.41 -12.47 7.89
CA HIS B 25 -6.85 -12.20 6.58
C HIS B 25 -7.86 -11.53 5.63
N LYS B 26 -9.14 -11.47 6.01
CA LYS B 26 -10.22 -11.03 5.12
C LYS B 26 -11.20 -10.13 5.87
N LEU B 27 -11.90 -9.26 5.15
CA LEU B 27 -12.92 -8.34 5.67
C LEU B 27 -14.27 -8.64 5.02
N LYS B 28 -15.33 -8.84 5.78
CA LYS B 28 -16.69 -8.89 5.22
C LYS B 28 -17.15 -7.50 4.82
N LYS B 29 -18.32 -7.39 4.18
CA LYS B 29 -18.95 -6.12 3.87
C LYS B 29 -19.11 -5.26 5.13
N SER B 30 -19.49 -5.88 6.24
CA SER B 30 -19.62 -5.19 7.51
C SER B 30 -18.26 -4.62 7.90
N GLU B 31 -17.23 -5.46 7.94
CA GLU B 31 -15.95 -5.01 8.45
C GLU B 31 -15.38 -3.92 7.55
N LEU B 32 -15.40 -4.13 6.23
CA LEU B 32 -14.97 -3.12 5.28
C LEU B 32 -15.75 -1.81 5.47
N LYS B 33 -17.08 -1.90 5.61
CA LYS B 33 -17.91 -0.74 5.83
C LYS B 33 -17.45 0.06 7.05
N GLU B 34 -17.43 -0.57 8.23
CA GLU B 34 -17.09 0.18 9.43
C GLU B 34 -15.63 0.61 9.41
N LEU B 35 -14.73 -0.21 8.87
CA LEU B 35 -13.34 0.14 8.63
C LEU B 35 -13.27 1.46 7.86
N ILE B 36 -13.92 1.55 6.70
CA ILE B 36 -13.85 2.77 5.90
C ILE B 36 -14.46 3.93 6.69
N ASN B 37 -15.70 3.77 7.19
CA ASN B 37 -16.38 4.82 7.94
C ASN B 37 -15.50 5.40 9.06
N ASN B 38 -14.84 4.55 9.85
CA ASN B 38 -14.04 4.99 10.98
C ASN B 38 -12.68 5.54 10.54
N GLU B 39 -12.03 4.84 9.61
CA GLU B 39 -10.64 5.14 9.28
C GLU B 39 -10.51 6.22 8.21
N LEU B 40 -11.35 6.19 7.18
CA LEU B 40 -11.20 7.06 6.01
C LEU B 40 -12.07 8.31 6.12
N SER B 41 -12.62 8.63 7.30
CA SER B 41 -13.58 9.70 7.52
C SER B 41 -13.21 11.05 6.89
N HIS B 42 -11.92 11.36 6.82
CA HIS B 42 -11.41 12.63 6.32
C HIS B 42 -10.95 12.53 4.86
N PHE B 43 -10.84 11.30 4.34
CA PHE B 43 -10.47 11.01 2.97
C PHE B 43 -11.74 10.85 2.13
N LEU B 44 -12.59 9.90 2.50
CA LEU B 44 -13.86 9.60 1.85
C LEU B 44 -14.99 9.98 2.81
N GLU B 45 -16.17 10.23 2.24
CA GLU B 45 -17.39 10.45 3.01
C GLU B 45 -17.72 9.17 3.80
N GLU B 46 -18.57 9.30 4.83
CA GLU B 46 -19.13 8.16 5.52
C GLU B 46 -19.96 7.34 4.52
N ILE B 47 -20.10 6.05 4.76
CA ILE B 47 -20.71 5.10 3.84
C ILE B 47 -21.69 4.22 4.62
N LYS B 48 -22.93 4.70 4.76
CA LYS B 48 -24.00 3.98 5.43
C LYS B 48 -24.78 3.07 4.46
N GLU B 49 -24.76 3.38 3.16
CA GLU B 49 -25.55 2.68 2.16
C GLU B 49 -24.97 1.29 1.91
N GLN B 50 -25.40 0.32 2.71
CA GLN B 50 -24.97 -1.08 2.68
C GLN B 50 -24.81 -1.63 1.26
N GLU B 51 -25.77 -1.39 0.36
CA GLU B 51 -25.67 -1.92 -1.00
C GLU B 51 -24.39 -1.41 -1.67
N VAL B 52 -24.03 -0.15 -1.45
CA VAL B 52 -22.81 0.40 -2.01
C VAL B 52 -21.58 -0.19 -1.30
N VAL B 53 -21.63 -0.37 0.02
CA VAL B 53 -20.51 -1.00 0.71
C VAL B 53 -20.26 -2.40 0.13
N ASP B 54 -21.34 -3.15 -0.12
CA ASP B 54 -21.27 -4.43 -0.80
C ASP B 54 -20.70 -4.27 -2.21
N LYS B 55 -21.12 -3.25 -2.96
CA LYS B 55 -20.59 -3.02 -4.30
C LYS B 55 -19.08 -2.77 -4.27
N VAL B 56 -18.59 -1.89 -3.40
CA VAL B 56 -17.14 -1.67 -3.32
C VAL B 56 -16.46 -2.98 -2.90
N MET B 57 -16.97 -3.68 -1.88
CA MET B 57 -16.45 -4.96 -1.46
C MET B 57 -16.28 -5.91 -2.66
N GLU B 58 -17.36 -6.08 -3.42
CA GLU B 58 -17.37 -6.88 -4.64
C GLU B 58 -16.28 -6.40 -5.59
N THR B 59 -16.21 -5.08 -5.81
CA THR B 59 -15.22 -4.44 -6.66
C THR B 59 -13.79 -4.78 -6.19
N LEU B 60 -13.52 -4.83 -4.88
CA LEU B 60 -12.17 -5.16 -4.41
C LEU B 60 -11.92 -6.67 -4.53
N ASP B 61 -12.93 -7.50 -4.26
CA ASP B 61 -12.86 -8.95 -4.10
C ASP B 61 -12.43 -9.70 -5.38
N SER B 62 -11.19 -9.50 -5.81
CA SER B 62 -10.55 -10.24 -6.89
C SER B 62 -10.52 -11.74 -6.60
N ASP B 63 -10.56 -12.12 -5.31
CA ASP B 63 -10.56 -13.51 -4.89
C ASP B 63 -11.89 -14.18 -5.19
N GLY B 64 -12.95 -13.41 -5.48
CA GLY B 64 -14.30 -13.95 -5.65
C GLY B 64 -14.71 -14.79 -4.45
N ASP B 65 -14.37 -14.33 -3.24
CA ASP B 65 -14.56 -15.05 -1.99
C ASP B 65 -15.55 -14.30 -1.10
N GLY B 66 -16.32 -13.38 -1.69
CA GLY B 66 -17.17 -12.47 -0.96
C GLY B 66 -16.31 -11.42 -0.26
N GLU B 67 -15.60 -11.84 0.78
CA GLU B 67 -14.76 -10.99 1.60
C GLU B 67 -13.64 -10.33 0.79
N CYS B 68 -13.20 -9.16 1.27
CA CYS B 68 -12.07 -8.40 0.76
C CYS B 68 -10.83 -8.94 1.46
N ASP B 69 -9.97 -9.66 0.74
CA ASP B 69 -8.75 -10.21 1.31
C ASP B 69 -7.77 -9.07 1.60
N PHE B 70 -6.80 -9.30 2.50
CA PHE B 70 -5.76 -8.33 2.79
C PHE B 70 -5.12 -7.77 1.52
N GLN B 71 -4.88 -8.60 0.50
CA GLN B 71 -4.32 -8.11 -0.76
C GLN B 71 -5.23 -7.04 -1.39
N GLU B 72 -6.54 -7.28 -1.39
CA GLU B 72 -7.51 -6.38 -1.99
C GLU B 72 -7.62 -5.10 -1.17
N PHE B 73 -7.60 -5.23 0.15
CA PHE B 73 -7.48 -4.10 1.05
C PHE B 73 -6.23 -3.28 0.69
N MET B 74 -5.04 -3.90 0.64
CA MET B 74 -3.82 -3.21 0.28
C MET B 74 -3.93 -2.53 -1.09
N ALA B 75 -4.51 -3.22 -2.07
CA ALA B 75 -4.74 -2.64 -3.40
C ALA B 75 -5.60 -1.38 -3.30
N PHE B 76 -6.68 -1.42 -2.53
CA PHE B 76 -7.56 -0.27 -2.32
C PHE B 76 -6.77 0.85 -1.65
N VAL B 77 -6.08 0.53 -0.55
CA VAL B 77 -5.21 1.44 0.16
C VAL B 77 -4.23 2.08 -0.82
N ALA B 78 -3.60 1.33 -1.72
CA ALA B 78 -2.60 1.86 -2.63
C ALA B 78 -3.16 3.01 -3.46
N MET B 79 -4.28 2.80 -4.13
CA MET B 79 -4.87 3.85 -4.96
C MET B 79 -5.36 5.02 -4.11
N ILE B 80 -6.03 4.74 -3.00
CA ILE B 80 -6.51 5.79 -2.09
C ILE B 80 -5.34 6.66 -1.62
N THR B 81 -4.26 6.00 -1.15
CA THR B 81 -3.05 6.65 -0.73
C THR B 81 -2.47 7.47 -1.91
N THR B 82 -2.45 6.92 -3.12
CA THR B 82 -2.00 7.66 -4.29
C THR B 82 -2.83 8.94 -4.50
N ALA B 83 -4.15 8.86 -4.34
CA ALA B 83 -4.99 10.07 -4.42
C ALA B 83 -4.58 11.08 -3.34
N CYS B 84 -4.35 10.60 -2.11
CA CYS B 84 -3.88 11.47 -1.04
C CYS B 84 -2.51 12.09 -1.38
N HIS B 85 -1.58 11.31 -1.94
CA HIS B 85 -0.31 11.80 -2.45
C HIS B 85 -0.55 12.92 -3.46
N GLU B 86 -1.35 12.67 -4.50
CA GLU B 86 -1.67 13.69 -5.52
C GLU B 86 -2.08 15.00 -4.85
N PHE B 87 -2.98 14.92 -3.87
CA PHE B 87 -3.42 16.06 -3.09
C PHE B 87 -2.23 16.72 -2.39
N PHE B 88 -1.51 15.96 -1.57
CA PHE B 88 -0.45 16.45 -0.69
C PHE B 88 0.66 17.13 -1.48
N GLU B 89 0.99 16.58 -2.66
CA GLU B 89 2.07 17.10 -3.49
C GLU B 89 1.75 18.51 -3.96
N HIS B 90 0.62 18.70 -4.66
CA HIS B 90 0.30 20.00 -5.23
C HIS B 90 -0.35 20.88 -4.15
N GLU B 91 0.46 21.32 -3.18
CA GLU B 91 0.09 22.25 -2.13
C GLU B 91 1.02 23.47 -2.20
N LYS C 1 33.92 -22.10 4.02
CA LYS C 1 33.53 -20.73 4.42
C LYS C 1 32.72 -20.06 3.30
N ARG C 2 31.95 -19.03 3.66
CA ARG C 2 31.09 -18.32 2.72
C ARG C 2 31.94 -17.35 1.90
N LEU C 3 32.86 -17.91 1.11
CA LEU C 3 33.73 -17.21 0.18
C LEU C 3 33.45 -17.78 -1.21
N ARG C 4 33.58 -16.94 -2.24
CA ARG C 4 33.44 -17.28 -3.65
C ARG C 4 31.99 -17.64 -4.00
N ARG C 5 31.50 -18.76 -3.49
CA ARG C 5 30.15 -19.26 -3.73
C ARG C 5 29.12 -18.17 -3.44
N SER C 6 29.39 -17.37 -2.39
CA SER C 6 28.68 -16.16 -2.02
C SER C 6 28.19 -15.36 -3.24
N ALA C 7 29.05 -15.22 -4.25
CA ALA C 7 28.76 -14.44 -5.44
C ALA C 7 27.56 -14.98 -6.23
N HIS C 8 27.40 -16.31 -6.33
CA HIS C 8 26.38 -16.89 -7.18
C HIS C 8 25.01 -16.79 -6.49
N ALA C 9 24.43 -15.59 -6.51
CA ALA C 9 23.11 -15.24 -6.01
C ALA C 9 23.02 -15.22 -4.48
N ARG C 10 23.73 -16.12 -3.78
CA ARG C 10 23.61 -16.31 -2.35
C ARG C 10 23.68 -14.99 -1.57
N LYS C 11 24.75 -14.21 -1.77
CA LYS C 11 24.89 -12.91 -1.12
C LYS C 11 23.77 -11.97 -1.59
N GLU C 12 23.53 -11.92 -2.91
CA GLU C 12 22.53 -11.04 -3.51
C GLU C 12 21.15 -11.27 -2.89
N THR C 13 20.87 -12.51 -2.49
CA THR C 13 19.60 -12.92 -1.90
C THR C 13 19.44 -12.41 -0.46
N GLU C 14 20.50 -11.95 0.21
CA GLU C 14 20.50 -11.65 1.65
C GLU C 14 19.29 -10.84 2.07
N PHE C 15 19.01 -9.74 1.36
CA PHE C 15 17.92 -8.83 1.68
C PHE C 15 16.57 -9.54 1.55
N LEU C 16 16.47 -10.44 0.57
CA LEU C 16 15.27 -11.21 0.29
C LEU C 16 15.08 -12.33 1.32
N ARG C 17 16.16 -12.88 1.87
CA ARG C 17 16.08 -13.95 2.87
C ARG C 17 15.08 -13.60 3.98
N LEU C 18 15.14 -12.36 4.47
CA LEU C 18 14.26 -11.90 5.54
C LEU C 18 12.79 -12.05 5.11
N LYS C 19 12.42 -11.42 3.99
CA LYS C 19 11.07 -11.52 3.43
C LYS C 19 10.68 -13.00 3.26
N ARG C 20 11.57 -13.77 2.62
CA ARG C 20 11.40 -15.19 2.38
C ARG C 20 11.16 -15.95 3.69
N THR C 21 11.83 -15.56 4.78
CA THR C 21 11.60 -16.17 6.08
C THR C 21 10.15 -15.93 6.52
N ARG C 22 9.67 -14.68 6.45
CA ARG C 22 8.29 -14.43 6.84
C ARG C 22 7.32 -15.16 5.91
N LEU C 23 7.61 -15.23 4.61
CA LEU C 23 6.79 -15.98 3.67
C LEU C 23 6.81 -17.48 4.01
N GLY C 24 7.97 -17.99 4.46
CA GLY C 24 8.11 -19.36 4.94
C GLY C 24 7.25 -19.58 6.18
N LEU C 25 7.30 -18.64 7.12
CA LEU C 25 6.48 -18.68 8.33
C LEU C 25 4.99 -18.66 7.97
N GLU C 26 4.65 -17.94 6.89
CA GLU C 26 3.30 -17.78 6.35
C GLU C 26 2.28 -17.45 7.45
N LYS D 1 -25.08 -1.77 -14.96
CA LYS D 1 -23.82 -1.57 -15.71
C LYS D 1 -23.68 -0.10 -16.11
N ARG D 2 -22.67 0.23 -16.92
CA ARG D 2 -22.58 1.56 -17.52
C ARG D 2 -23.77 1.74 -18.46
N LEU D 3 -24.32 2.95 -18.54
CA LEU D 3 -25.47 3.31 -19.38
C LEU D 3 -26.78 2.72 -18.84
N ARG D 4 -26.85 1.40 -18.73
CA ARG D 4 -27.94 0.69 -18.08
C ARG D 4 -28.18 1.26 -16.68
N ARG D 5 -27.10 1.48 -15.92
CA ARG D 5 -27.10 2.10 -14.60
C ARG D 5 -27.99 1.33 -13.62
N SER D 6 -29.29 1.61 -13.63
CA SER D 6 -30.33 0.95 -12.87
C SER D 6 -30.05 0.95 -11.36
N ALA D 7 -29.20 0.04 -10.89
CA ALA D 7 -28.72 0.05 -9.51
C ALA D 7 -27.86 1.29 -9.26
N HIS D 8 -27.11 1.72 -10.28
CA HIS D 8 -26.29 2.92 -10.21
C HIS D 8 -27.18 4.16 -10.28
N ALA D 9 -27.99 4.38 -9.25
CA ALA D 9 -28.95 5.47 -9.16
C ALA D 9 -28.30 6.83 -8.89
N ARG D 10 -27.14 7.09 -9.49
CA ARG D 10 -26.33 8.30 -9.40
C ARG D 10 -25.77 8.55 -7.99
N LYS D 11 -26.63 8.69 -6.99
CA LYS D 11 -26.29 9.07 -5.62
C LYS D 11 -25.06 8.33 -5.10
N GLU D 12 -24.99 7.01 -5.32
CA GLU D 12 -23.90 6.15 -4.88
C GLU D 12 -22.51 6.67 -5.25
N THR D 13 -22.38 7.46 -6.33
CA THR D 13 -21.08 8.01 -6.71
C THR D 13 -20.50 8.94 -5.63
N GLU D 14 -21.34 9.48 -4.74
CA GLU D 14 -20.98 10.53 -3.80
C GLU D 14 -19.65 10.25 -3.08
N PHE D 15 -19.50 9.03 -2.54
CA PHE D 15 -18.33 8.64 -1.78
C PHE D 15 -17.05 8.74 -2.62
N LEU D 16 -17.16 8.49 -3.93
CA LEU D 16 -16.03 8.39 -4.84
C LEU D 16 -15.78 9.73 -5.55
N ARG D 17 -16.84 10.46 -5.91
CA ARG D 17 -16.84 11.63 -6.77
C ARG D 17 -15.72 12.61 -6.41
N LEU D 18 -15.49 12.80 -5.10
CA LEU D 18 -14.42 13.66 -4.58
C LEU D 18 -13.09 13.46 -5.31
N LYS D 19 -12.81 12.25 -5.80
CA LYS D 19 -11.58 11.91 -6.51
C LYS D 19 -11.32 12.87 -7.68
N ARG D 20 -12.36 13.41 -8.34
CA ARG D 20 -12.10 14.36 -9.42
C ARG D 20 -11.32 15.58 -8.92
N THR D 21 -11.49 15.95 -7.65
CA THR D 21 -10.68 16.98 -7.01
C THR D 21 -9.22 16.53 -6.95
N ARG D 22 -8.98 15.27 -6.58
CA ARG D 22 -7.64 14.74 -6.44
C ARG D 22 -6.95 14.69 -7.80
N LEU D 23 -7.72 14.38 -8.86
CA LEU D 23 -7.21 14.48 -10.22
C LEU D 23 -6.96 15.94 -10.58
N GLY D 24 -7.84 16.85 -10.14
CA GLY D 24 -7.65 18.29 -10.26
C GLY D 24 -6.32 18.74 -9.65
N LEU D 25 -6.01 18.25 -8.45
CA LEU D 25 -4.73 18.48 -7.80
C LEU D 25 -3.61 17.91 -8.68
N GLU D 26 -3.58 16.60 -8.93
CA GLU D 26 -2.65 16.00 -9.88
C GLU D 26 -3.31 14.82 -10.60
N SER A 1 -8.92 6.85 12.28
CA SER A 1 -8.00 7.62 11.41
C SER A 1 -6.57 7.07 11.40
N GLU A 2 -6.35 5.93 12.05
CA GLU A 2 -5.06 5.26 12.08
C GLU A 2 -4.54 5.03 10.66
N LEU A 3 -5.39 4.47 9.79
CA LEU A 3 -4.98 4.23 8.40
C LEU A 3 -4.57 5.54 7.73
N GLU A 4 -5.36 6.61 7.91
CA GLU A 4 -4.98 7.93 7.38
C GLU A 4 -3.59 8.32 7.89
N LYS A 5 -3.32 8.10 9.18
CA LYS A 5 -2.04 8.45 9.78
C LYS A 5 -0.92 7.70 9.06
N ALA A 6 -1.07 6.37 8.97
CA ALA A 6 -0.13 5.51 8.26
C ALA A 6 0.09 6.02 6.83
N VAL A 7 -1.00 6.24 6.10
CA VAL A 7 -1.00 6.73 4.74
C VAL A 7 -0.22 8.04 4.61
N VAL A 8 -0.56 9.08 5.38
CA VAL A 8 0.17 10.34 5.29
C VAL A 8 1.63 10.15 5.71
N ALA A 9 1.92 9.23 6.64
CA ALA A 9 3.30 8.90 6.97
C ALA A 9 4.04 8.35 5.74
N LEU A 10 3.45 7.39 5.01
CA LEU A 10 4.06 6.86 3.79
C LEU A 10 4.35 8.02 2.83
N ILE A 11 3.33 8.84 2.56
CA ILE A 11 3.44 9.97 1.65
C ILE A 11 4.58 10.90 2.10
N ASP A 12 4.58 11.29 3.38
CA ASP A 12 5.54 12.24 3.92
C ASP A 12 6.96 11.69 3.85
N VAL A 13 7.19 10.47 4.35
CA VAL A 13 8.51 9.86 4.34
C VAL A 13 9.00 9.74 2.91
N PHE A 14 8.13 9.24 2.02
CA PHE A 14 8.45 9.19 0.61
C PHE A 14 8.83 10.57 0.10
N HIS A 15 8.00 11.59 0.32
CA HIS A 15 8.23 12.95 -0.16
C HIS A 15 9.58 13.46 0.33
N GLN A 16 9.91 13.23 1.60
CA GLN A 16 11.18 13.67 2.18
C GLN A 16 12.33 13.17 1.30
N TYR A 17 12.34 11.87 0.96
CA TYR A 17 13.38 11.28 0.14
C TYR A 17 13.28 11.73 -1.33
N SER A 18 12.09 11.61 -1.89
CA SER A 18 11.76 11.93 -3.26
C SER A 18 12.01 13.41 -3.58
N GLY A 19 11.98 14.28 -2.56
CA GLY A 19 12.32 15.69 -2.74
C GLY A 19 13.80 15.83 -3.08
N ARG A 20 14.64 14.90 -2.60
CA ARG A 20 16.07 14.99 -2.78
C ARG A 20 16.44 14.67 -4.24
N GLU A 21 16.00 13.51 -4.75
CA GLU A 21 16.16 13.16 -6.15
C GLU A 21 14.94 12.36 -6.64
N GLY A 22 14.09 13.03 -7.42
CA GLY A 22 12.95 12.47 -8.14
C GLY A 22 11.68 13.28 -7.89
N ASP A 23 11.82 14.62 -7.94
CA ASP A 23 10.76 15.62 -7.94
C ASP A 23 9.54 15.24 -7.10
N LYS A 24 9.77 14.85 -5.84
CA LYS A 24 8.74 14.53 -4.84
C LYS A 24 7.67 13.52 -5.30
N HIS A 25 7.93 12.77 -6.39
CA HIS A 25 7.01 11.78 -6.95
C HIS A 25 7.70 10.47 -7.34
N LYS A 26 9.05 10.46 -7.44
CA LYS A 26 9.84 9.29 -7.81
C LYS A 26 11.07 9.20 -6.90
N LEU A 27 11.68 8.02 -6.75
CA LEU A 27 12.89 7.82 -5.98
C LEU A 27 14.03 7.40 -6.90
N LYS A 28 15.07 8.23 -6.99
CA LYS A 28 16.31 7.83 -7.64
C LYS A 28 17.07 6.86 -6.72
N LYS A 29 18.00 6.08 -7.27
CA LYS A 29 18.61 4.95 -6.56
C LYS A 29 19.33 5.33 -5.27
N SER A 30 19.95 6.50 -5.22
CA SER A 30 20.50 7.07 -4.00
C SER A 30 19.43 7.11 -2.91
N GLU A 31 18.24 7.60 -3.27
CA GLU A 31 17.14 7.80 -2.35
C GLU A 31 16.55 6.46 -1.99
N LEU A 32 16.23 5.63 -2.99
CA LEU A 32 15.64 4.32 -2.75
C LEU A 32 16.55 3.50 -1.82
N LYS A 33 17.86 3.53 -2.06
CA LYS A 33 18.84 2.88 -1.20
C LYS A 33 18.67 3.36 0.23
N GLU A 34 18.87 4.66 0.45
CA GLU A 34 18.90 5.17 1.82
C GLU A 34 17.55 4.89 2.49
N LEU A 35 16.45 5.19 1.79
CA LEU A 35 15.09 4.95 2.21
C LEU A 35 14.96 3.51 2.72
N ILE A 36 15.32 2.50 1.93
CA ILE A 36 15.16 1.12 2.39
C ILE A 36 16.06 0.87 3.61
N ASN A 37 17.35 1.20 3.53
CA ASN A 37 18.26 0.92 4.64
C ASN A 37 17.78 1.57 5.94
N ASN A 38 17.29 2.81 5.85
CA ASN A 38 16.87 3.64 6.97
C ASN A 38 15.52 3.18 7.52
N GLU A 39 14.53 2.97 6.64
CA GLU A 39 13.17 2.70 7.04
C GLU A 39 12.91 1.20 7.26
N LEU A 40 13.43 0.34 6.39
CA LEU A 40 13.09 -1.09 6.41
C LEU A 40 14.08 -1.89 7.27
N SER A 41 14.85 -1.25 8.16
CA SER A 41 15.93 -1.88 8.90
C SER A 41 15.55 -3.17 9.64
N HIS A 42 14.33 -3.23 10.18
CA HIS A 42 13.84 -4.42 10.89
C HIS A 42 13.36 -5.46 9.88
N PHE A 43 12.84 -5.00 8.75
CA PHE A 43 12.30 -5.82 7.67
C PHE A 43 13.47 -6.46 6.90
N LEU A 44 14.23 -5.67 6.15
CA LEU A 44 15.38 -6.12 5.36
C LEU A 44 16.67 -5.67 6.03
N GLU A 45 17.71 -6.50 5.96
CA GLU A 45 19.03 -6.12 6.42
C GLU A 45 19.67 -5.13 5.44
N GLU A 46 20.71 -4.43 5.90
CA GLU A 46 21.46 -3.45 5.15
C GLU A 46 21.87 -4.00 3.79
N ILE A 47 21.66 -3.20 2.75
CA ILE A 47 21.82 -3.61 1.36
C ILE A 47 23.29 -3.50 0.95
N LYS A 48 23.87 -2.33 1.21
CA LYS A 48 25.22 -1.94 0.83
C LYS A 48 25.36 -1.81 -0.70
N GLU A 49 25.30 -2.94 -1.41
CA GLU A 49 25.61 -3.05 -2.83
C GLU A 49 24.60 -2.26 -3.68
N GLN A 50 25.00 -1.08 -4.18
CA GLN A 50 24.10 -0.19 -4.91
C GLN A 50 23.45 -0.89 -6.11
N GLU A 51 24.18 -1.81 -6.75
CA GLU A 51 23.66 -2.55 -7.89
C GLU A 51 22.37 -3.27 -7.51
N VAL A 52 22.26 -3.73 -6.27
CA VAL A 52 21.04 -4.37 -5.79
C VAL A 52 19.91 -3.35 -5.76
N VAL A 53 20.15 -2.12 -5.30
CA VAL A 53 19.11 -1.12 -5.26
C VAL A 53 18.63 -0.85 -6.69
N ASP A 54 19.57 -0.73 -7.62
CA ASP A 54 19.24 -0.58 -9.04
C ASP A 54 18.40 -1.78 -9.52
N LYS A 55 18.78 -3.01 -9.16
CA LYS A 55 18.05 -4.20 -9.57
C LYS A 55 16.62 -4.21 -9.02
N VAL A 56 16.46 -4.00 -7.71
CA VAL A 56 15.12 -4.04 -7.13
C VAL A 56 14.27 -2.91 -7.72
N MET A 57 14.86 -1.73 -7.97
CA MET A 57 14.15 -0.69 -8.69
C MET A 57 13.73 -1.18 -10.07
N GLU A 58 14.68 -1.68 -10.86
CA GLU A 58 14.43 -2.17 -12.21
C GLU A 58 13.27 -3.17 -12.21
N THR A 59 13.27 -4.06 -11.23
CA THR A 59 12.23 -5.06 -11.02
C THR A 59 10.83 -4.41 -10.87
N LEU A 60 10.74 -3.22 -10.29
CA LEU A 60 9.48 -2.53 -10.03
C LEU A 60 9.13 -1.50 -11.11
N ASP A 61 10.17 -0.90 -11.69
CA ASP A 61 10.18 0.26 -12.58
C ASP A 61 9.27 0.15 -13.81
N SER A 62 7.95 0.17 -13.60
CA SER A 62 6.98 0.25 -14.67
C SER A 62 7.19 1.50 -15.54
N ASP A 63 7.78 2.56 -14.97
CA ASP A 63 8.05 3.80 -15.69
C ASP A 63 9.20 3.62 -16.70
N GLY A 64 9.99 2.54 -16.58
CA GLY A 64 11.19 2.34 -17.39
C GLY A 64 12.12 3.56 -17.35
N ASP A 65 12.18 4.25 -16.20
CA ASP A 65 12.91 5.52 -16.06
C ASP A 65 14.04 5.37 -15.03
N GLY A 66 14.29 4.15 -14.56
CA GLY A 66 15.19 3.88 -13.46
C GLY A 66 14.55 4.33 -12.15
N GLU A 67 14.47 5.65 -11.97
CA GLU A 67 13.88 6.25 -10.77
C GLU A 67 12.44 5.77 -10.64
N CYS A 68 12.11 5.17 -9.49
CA CYS A 68 10.85 4.46 -9.28
C CYS A 68 9.77 5.38 -8.76
N ASP A 69 8.61 5.41 -9.43
CA ASP A 69 7.51 6.30 -9.08
C ASP A 69 6.90 5.90 -7.74
N PHE A 70 6.17 6.83 -7.12
CA PHE A 70 5.36 6.55 -5.94
C PHE A 70 4.51 5.29 -6.13
N GLN A 71 3.93 5.09 -7.32
CA GLN A 71 3.17 3.89 -7.63
C GLN A 71 4.02 2.62 -7.49
N GLU A 72 5.27 2.64 -7.97
CA GLU A 72 6.14 1.47 -7.93
C GLU A 72 6.56 1.20 -6.50
N PHE A 73 6.89 2.28 -5.78
CA PHE A 73 7.11 2.24 -4.35
C PHE A 73 5.92 1.59 -3.64
N MET A 74 4.69 2.04 -3.92
CA MET A 74 3.48 1.46 -3.37
C MET A 74 3.37 -0.03 -3.70
N ALA A 75 3.63 -0.41 -4.95
CA ALA A 75 3.63 -1.81 -5.35
C ALA A 75 4.60 -2.64 -4.48
N PHE A 76 5.82 -2.14 -4.30
CA PHE A 76 6.83 -2.77 -3.46
C PHE A 76 6.30 -2.89 -2.02
N VAL A 77 5.85 -1.76 -1.46
CA VAL A 77 5.26 -1.69 -0.13
C VAL A 77 4.16 -2.76 0.00
N ALA A 78 3.30 -2.91 -1.00
CA ALA A 78 2.20 -3.85 -0.94
C ALA A 78 2.72 -5.28 -0.68
N MET A 79 3.63 -5.77 -1.51
CA MET A 79 4.10 -7.15 -1.35
C MET A 79 4.93 -7.32 -0.07
N ILE A 80 5.77 -6.34 0.24
CA ILE A 80 6.53 -6.34 1.48
C ILE A 80 5.58 -6.43 2.68
N THR A 81 4.54 -5.58 2.67
CA THR A 81 3.53 -5.56 3.71
C THR A 81 2.78 -6.90 3.75
N THR A 82 2.41 -7.49 2.61
CA THR A 82 1.84 -8.83 2.58
C THR A 82 2.74 -9.83 3.30
N ALA A 83 4.05 -9.83 3.01
CA ALA A 83 4.96 -10.73 3.71
C ALA A 83 4.92 -10.48 5.21
N CYS A 84 4.97 -9.20 5.62
CA CYS A 84 4.87 -8.85 7.04
C CYS A 84 3.56 -9.35 7.66
N HIS A 85 2.43 -9.13 6.98
CA HIS A 85 1.12 -9.62 7.38
C HIS A 85 1.16 -11.13 7.60
N GLU A 86 1.57 -11.89 6.58
CA GLU A 86 1.66 -13.34 6.67
C GLU A 86 2.50 -13.75 7.89
N PHE A 87 3.67 -13.14 8.03
CA PHE A 87 4.59 -13.36 9.15
C PHE A 87 3.87 -13.17 10.49
N PHE A 88 3.29 -11.98 10.65
CA PHE A 88 2.68 -11.54 11.89
C PHE A 88 1.45 -12.36 12.21
N GLU A 89 0.70 -12.74 11.18
CA GLU A 89 -0.52 -13.52 11.30
C GLU A 89 -0.19 -14.97 11.66
N HIS A 90 0.45 -15.71 10.75
CA HIS A 90 0.66 -17.14 10.94
C HIS A 90 1.93 -17.34 11.75
N GLU A 91 1.88 -16.99 13.03
CA GLU A 91 3.02 -17.12 13.93
C GLU A 91 3.39 -18.60 14.13
N SER B 1 12.26 3.64 10.94
CA SER B 1 11.24 2.58 11.03
C SER B 1 9.82 3.08 10.75
N GLU B 2 9.65 4.35 10.38
CA GLU B 2 8.33 4.94 10.16
C GLU B 2 7.50 4.13 9.16
N LEU B 3 8.08 3.77 8.01
CA LEU B 3 7.35 2.93 7.04
C LEU B 3 6.88 1.63 7.71
N GLU B 4 7.79 0.95 8.42
CA GLU B 4 7.47 -0.29 9.11
C GLU B 4 6.33 -0.06 10.12
N LYS B 5 6.37 1.06 10.85
CA LYS B 5 5.39 1.41 11.85
C LYS B 5 4.01 1.56 11.19
N ALA B 6 3.96 2.38 10.13
CA ALA B 6 2.77 2.56 9.32
C ALA B 6 2.24 1.19 8.85
N VAL B 7 3.13 0.36 8.29
CA VAL B 7 2.79 -0.96 7.81
C VAL B 7 2.18 -1.83 8.91
N VAL B 8 2.86 -2.02 10.05
CA VAL B 8 2.31 -2.86 11.12
C VAL B 8 1.03 -2.26 11.67
N ALA B 9 0.91 -0.92 11.72
CA ALA B 9 -0.36 -0.29 12.06
C ALA B 9 -1.44 -0.72 11.08
N LEU B 10 -1.16 -0.70 9.77
CA LEU B 10 -2.10 -1.13 8.75
C LEU B 10 -2.57 -2.56 9.03
N ILE B 11 -1.60 -3.46 9.23
CA ILE B 11 -1.84 -4.87 9.50
C ILE B 11 -2.71 -5.02 10.74
N ASP B 12 -2.31 -4.40 11.85
CA ASP B 12 -2.97 -4.54 13.14
C ASP B 12 -4.40 -4.00 13.08
N VAL B 13 -4.57 -2.77 12.59
CA VAL B 13 -5.88 -2.14 12.46
C VAL B 13 -6.79 -3.05 11.64
N PHE B 14 -6.28 -3.45 10.46
CA PHE B 14 -7.00 -4.33 9.57
C PHE B 14 -7.43 -5.61 10.29
N HIS B 15 -6.49 -6.32 10.92
CA HIS B 15 -6.79 -7.54 11.65
C HIS B 15 -7.88 -7.30 12.69
N GLN B 16 -7.70 -6.24 13.48
CA GLN B 16 -8.64 -5.85 14.53
C GLN B 16 -10.07 -5.78 13.99
N TYR B 17 -10.30 -5.22 12.79
CA TYR B 17 -11.63 -5.27 12.18
C TYR B 17 -11.94 -6.68 11.66
N SER B 18 -11.07 -7.17 10.78
CA SER B 18 -11.26 -8.38 9.99
C SER B 18 -11.62 -9.59 10.85
N GLY B 19 -10.96 -9.74 12.00
CA GLY B 19 -11.20 -10.86 12.89
C GLY B 19 -12.65 -10.94 13.36
N ARG B 20 -13.34 -9.79 13.44
CA ARG B 20 -14.65 -9.74 14.09
C ARG B 20 -15.73 -10.34 13.20
N GLU B 21 -15.78 -9.96 11.92
CA GLU B 21 -16.68 -10.57 10.95
C GLU B 21 -15.97 -10.71 9.60
N GLY B 22 -15.59 -11.96 9.28
CA GLY B 22 -14.84 -12.31 8.10
C GLY B 22 -13.80 -13.34 8.52
N ASP B 23 -12.56 -12.90 8.76
CA ASP B 23 -11.47 -13.72 9.28
C ASP B 23 -10.30 -12.78 9.54
N LYS B 24 -9.28 -13.23 10.28
CA LYS B 24 -8.03 -12.48 10.44
C LYS B 24 -7.58 -11.77 9.14
N HIS B 25 -7.65 -12.46 7.99
CA HIS B 25 -7.20 -11.90 6.71
C HIS B 25 -8.32 -11.33 5.83
N LYS B 26 -9.56 -11.25 6.32
CA LYS B 26 -10.75 -10.94 5.52
C LYS B 26 -11.79 -10.04 6.24
N LEU B 27 -12.29 -9.00 5.55
CA LEU B 27 -13.34 -8.09 6.04
C LEU B 27 -14.70 -8.41 5.39
N LYS B 28 -15.76 -8.64 6.17
CA LYS B 28 -17.12 -8.69 5.63
C LYS B 28 -17.55 -7.30 5.17
N LYS B 29 -18.72 -7.19 4.53
CA LYS B 29 -19.33 -5.91 4.20
C LYS B 29 -19.47 -5.05 5.46
N SER B 30 -19.85 -5.67 6.58
CA SER B 30 -19.99 -5.02 7.86
C SER B 30 -18.63 -4.45 8.30
N GLU B 31 -17.58 -5.28 8.30
CA GLU B 31 -16.27 -4.77 8.72
C GLU B 31 -15.79 -3.69 7.76
N LEU B 32 -15.99 -3.89 6.45
CA LEU B 32 -15.62 -2.93 5.43
C LEU B 32 -16.27 -1.58 5.72
N LYS B 33 -17.59 -1.52 5.94
CA LYS B 33 -18.21 -0.22 6.15
C LYS B 33 -17.56 0.52 7.32
N GLU B 34 -17.48 -0.14 8.48
CA GLU B 34 -16.96 0.54 9.66
C GLU B 34 -15.49 0.90 9.47
N LEU B 35 -14.70 0.00 8.88
CA LEU B 35 -13.32 0.24 8.49
C LEU B 35 -13.24 1.55 7.70
N ILE B 36 -14.01 1.69 6.62
CA ILE B 36 -13.93 2.88 5.78
C ILE B 36 -14.38 4.10 6.58
N ASN B 37 -15.59 4.06 7.15
CA ASN B 37 -16.17 5.18 7.90
C ASN B 37 -15.20 5.68 8.96
N ASN B 38 -14.73 4.76 9.79
CA ASN B 38 -13.88 5.07 10.92
C ASN B 38 -12.51 5.55 10.46
N GLU B 39 -11.85 4.78 9.61
CA GLU B 39 -10.46 5.06 9.29
C GLU B 39 -10.32 6.12 8.22
N LEU B 40 -11.11 6.08 7.14
CA LEU B 40 -11.00 7.06 6.07
C LEU B 40 -11.99 8.21 6.35
N SER B 41 -12.02 8.64 7.62
CA SER B 41 -12.99 9.57 8.17
C SER B 41 -12.95 10.92 7.48
N HIS B 42 -11.74 11.41 7.16
CA HIS B 42 -11.55 12.64 6.40
C HIS B 42 -11.44 12.32 4.91
N PHE B 43 -10.75 11.22 4.58
CA PHE B 43 -10.42 10.85 3.21
C PHE B 43 -11.67 10.66 2.36
N LEU B 44 -12.63 9.87 2.83
CA LEU B 44 -13.89 9.61 2.14
C LEU B 44 -15.04 10.17 2.96
N GLU B 45 -16.18 10.43 2.32
CA GLU B 45 -17.40 10.76 3.04
C GLU B 45 -17.89 9.49 3.75
N GLU B 46 -18.56 9.65 4.89
CA GLU B 46 -19.09 8.53 5.65
C GLU B 46 -20.04 7.71 4.78
N ILE B 47 -20.03 6.39 4.98
CA ILE B 47 -20.72 5.42 4.13
C ILE B 47 -21.78 4.71 4.95
N LYS B 48 -22.98 5.26 4.91
CA LYS B 48 -24.18 4.73 5.54
C LYS B 48 -24.78 3.63 4.66
N GLU B 49 -24.81 3.89 3.34
CA GLU B 49 -25.54 3.07 2.38
C GLU B 49 -24.92 1.69 2.21
N GLN B 50 -25.34 0.74 3.05
CA GLN B 50 -24.93 -0.67 3.05
C GLN B 50 -24.66 -1.21 1.63
N GLU B 51 -25.63 -1.10 0.73
CA GLU B 51 -25.49 -1.67 -0.61
C GLU B 51 -24.28 -1.10 -1.36
N VAL B 52 -23.93 0.16 -1.11
CA VAL B 52 -22.75 0.77 -1.71
C VAL B 52 -21.48 0.24 -1.03
N VAL B 53 -21.50 -0.03 0.29
CA VAL B 53 -20.37 -0.71 0.92
C VAL B 53 -20.14 -2.04 0.20
N ASP B 54 -21.24 -2.77 -0.02
CA ASP B 54 -21.21 -4.03 -0.76
C ASP B 54 -20.63 -3.81 -2.17
N LYS B 55 -21.08 -2.77 -2.87
CA LYS B 55 -20.56 -2.49 -4.21
C LYS B 55 -19.06 -2.23 -4.19
N VAL B 56 -18.57 -1.35 -3.31
CA VAL B 56 -17.13 -1.08 -3.29
C VAL B 56 -16.38 -2.36 -2.92
N MET B 57 -16.84 -3.12 -1.92
CA MET B 57 -16.17 -4.36 -1.57
C MET B 57 -16.11 -5.30 -2.79
N GLU B 58 -17.25 -5.50 -3.45
CA GLU B 58 -17.35 -6.31 -4.66
C GLU B 58 -16.34 -5.84 -5.71
N THR B 59 -16.27 -4.52 -5.91
CA THR B 59 -15.32 -3.91 -6.84
C THR B 59 -13.88 -4.30 -6.51
N LEU B 60 -13.53 -4.47 -5.22
CA LEU B 60 -12.18 -4.88 -4.82
C LEU B 60 -12.03 -6.40 -4.78
N ASP B 61 -13.12 -7.14 -4.56
CA ASP B 61 -13.15 -8.57 -4.27
C ASP B 61 -12.68 -9.43 -5.47
N SER B 62 -11.40 -9.33 -5.82
CA SER B 62 -10.82 -10.07 -6.94
C SER B 62 -10.92 -11.59 -6.69
N ASP B 63 -10.88 -12.00 -5.43
CA ASP B 63 -10.98 -13.39 -5.02
C ASP B 63 -12.42 -13.92 -5.16
N GLY B 64 -13.40 -13.03 -5.34
CA GLY B 64 -14.80 -13.42 -5.41
C GLY B 64 -15.21 -14.23 -4.16
N ASP B 65 -14.80 -13.76 -2.98
CA ASP B 65 -14.97 -14.46 -1.71
C ASP B 65 -16.05 -13.76 -0.87
N GLY B 66 -16.71 -12.75 -1.44
CA GLY B 66 -17.60 -11.88 -0.70
C GLY B 66 -16.76 -10.91 0.11
N GLU B 67 -16.08 -11.43 1.13
CA GLU B 67 -15.19 -10.65 1.97
C GLU B 67 -14.11 -9.96 1.15
N CYS B 68 -13.59 -8.85 1.67
CA CYS B 68 -12.42 -8.16 1.15
C CYS B 68 -11.18 -8.68 1.86
N ASP B 69 -10.31 -9.39 1.13
CA ASP B 69 -9.05 -9.90 1.65
C ASP B 69 -8.03 -8.77 1.82
N PHE B 70 -7.03 -9.00 2.67
CA PHE B 70 -5.97 -8.03 2.92
C PHE B 70 -5.36 -7.47 1.64
N GLN B 71 -5.15 -8.31 0.62
CA GLN B 71 -4.59 -7.88 -0.66
C GLN B 71 -5.50 -6.86 -1.36
N GLU B 72 -6.81 -7.10 -1.32
CA GLU B 72 -7.82 -6.26 -1.95
C GLU B 72 -7.87 -4.91 -1.24
N PHE B 73 -7.89 -5.01 0.09
CA PHE B 73 -7.71 -3.86 0.96
C PHE B 73 -6.46 -3.07 0.57
N MET B 74 -5.30 -3.73 0.47
CA MET B 74 -4.05 -3.07 0.06
C MET B 74 -4.18 -2.41 -1.31
N ALA B 75 -4.77 -3.10 -2.28
CA ALA B 75 -5.01 -2.54 -3.60
C ALA B 75 -5.82 -1.24 -3.49
N PHE B 76 -6.88 -1.25 -2.68
CA PHE B 76 -7.69 -0.06 -2.45
C PHE B 76 -6.86 1.04 -1.80
N VAL B 77 -6.14 0.71 -0.73
CA VAL B 77 -5.23 1.61 -0.06
C VAL B 77 -4.26 2.22 -1.08
N ALA B 78 -3.72 1.43 -2.01
CA ALA B 78 -2.76 1.92 -2.98
C ALA B 78 -3.34 3.07 -3.80
N MET B 79 -4.51 2.87 -4.41
CA MET B 79 -5.10 3.94 -5.21
C MET B 79 -5.48 5.15 -4.34
N ILE B 80 -6.07 4.90 -3.16
CA ILE B 80 -6.43 5.97 -2.23
C ILE B 80 -5.19 6.82 -1.90
N THR B 81 -4.12 6.15 -1.46
CA THR B 81 -2.88 6.75 -1.05
C THR B 81 -2.23 7.48 -2.23
N THR B 82 -2.28 6.91 -3.43
CA THR B 82 -1.78 7.57 -4.63
C THR B 82 -2.58 8.85 -4.90
N ALA B 83 -3.91 8.77 -4.83
CA ALA B 83 -4.77 9.93 -5.02
C ALA B 83 -4.40 11.04 -4.02
N CYS B 84 -4.22 10.67 -2.75
CA CYS B 84 -3.78 11.61 -1.72
C CYS B 84 -2.41 12.18 -2.06
N HIS B 85 -1.44 11.31 -2.39
CA HIS B 85 -0.08 11.68 -2.75
C HIS B 85 -0.09 12.76 -3.83
N GLU B 86 -0.75 12.52 -4.96
CA GLU B 86 -0.83 13.54 -5.99
C GLU B 86 -1.56 14.79 -5.45
N PHE B 87 -2.68 14.59 -4.75
CA PHE B 87 -3.46 15.69 -4.18
C PHE B 87 -2.64 16.52 -3.20
N PHE B 88 -1.55 15.97 -2.66
CA PHE B 88 -0.66 16.70 -1.76
C PHE B 88 -0.13 17.97 -2.43
N GLU B 89 0.05 17.96 -3.75
CA GLU B 89 0.44 19.16 -4.49
C GLU B 89 -0.56 20.31 -4.30
N HIS B 90 -1.83 19.98 -4.00
CA HIS B 90 -2.86 20.90 -3.59
C HIS B 90 -3.06 20.73 -2.07
N GLU B 91 -2.10 21.22 -1.28
CA GLU B 91 -2.18 21.17 0.17
C GLU B 91 -3.47 21.83 0.66
N LYS C 1 31.61 -13.08 -7.11
CA LYS C 1 31.54 -14.41 -7.75
C LYS C 1 32.81 -14.65 -8.59
N ARG C 2 32.67 -15.16 -9.81
CA ARG C 2 33.78 -15.49 -10.69
C ARG C 2 34.65 -14.24 -10.91
N LEU C 3 35.87 -14.24 -10.35
CA LEU C 3 36.77 -13.09 -10.37
C LEU C 3 36.08 -11.85 -9.83
N ARG C 4 35.28 -12.01 -8.77
CA ARG C 4 34.46 -10.97 -8.16
C ARG C 4 33.31 -10.60 -9.11
N ARG C 5 33.62 -9.99 -10.27
CA ARG C 5 32.69 -9.66 -11.34
C ARG C 5 31.69 -8.55 -10.97
N SER C 6 30.94 -8.71 -9.87
CA SER C 6 29.93 -7.78 -9.39
C SER C 6 28.65 -7.79 -10.23
N ALA C 7 28.78 -7.67 -11.57
CA ALA C 7 27.65 -7.63 -12.49
C ALA C 7 26.95 -9.00 -12.60
N HIS C 8 26.29 -9.43 -11.52
CA HIS C 8 25.67 -10.73 -11.40
C HIS C 8 24.47 -10.62 -10.45
N ALA C 9 23.55 -11.60 -10.53
CA ALA C 9 22.45 -11.70 -9.57
C ALA C 9 22.99 -12.35 -8.27
N ARG C 10 22.23 -13.27 -7.68
CA ARG C 10 22.60 -14.01 -6.47
C ARG C 10 22.48 -13.10 -5.23
N LYS C 11 23.32 -12.06 -5.17
CA LYS C 11 23.52 -11.22 -4.00
C LYS C 11 22.23 -10.66 -3.37
N GLU C 12 21.22 -10.32 -4.20
CA GLU C 12 19.92 -9.88 -3.73
C GLU C 12 19.35 -10.78 -2.62
N THR C 13 19.64 -12.08 -2.72
CA THR C 13 19.23 -13.08 -1.75
C THR C 13 19.55 -12.63 -0.33
N GLU C 14 20.72 -12.02 -0.08
CA GLU C 14 21.13 -11.63 1.26
C GLU C 14 20.05 -10.80 1.98
N PHE C 15 19.25 -10.03 1.25
CA PHE C 15 18.21 -9.19 1.80
C PHE C 15 16.84 -9.81 1.54
N LEU C 16 16.59 -10.24 0.29
CA LEU C 16 15.31 -10.83 -0.07
C LEU C 16 14.98 -12.08 0.77
N ARG C 17 16.01 -12.76 1.29
CA ARG C 17 15.90 -13.82 2.28
C ARG C 17 14.93 -13.45 3.39
N LEU C 18 14.96 -12.20 3.88
CA LEU C 18 14.09 -11.79 4.97
C LEU C 18 12.63 -11.84 4.52
N LYS C 19 12.35 -11.27 3.34
CA LYS C 19 11.02 -11.25 2.73
C LYS C 19 10.53 -12.68 2.56
N ARG C 20 11.37 -13.52 1.97
CA ARG C 20 11.14 -14.95 1.78
C ARG C 20 10.77 -15.59 3.12
N THR C 21 11.60 -15.39 4.14
CA THR C 21 11.40 -15.99 5.45
C THR C 21 10.08 -15.51 6.07
N ARG C 22 9.74 -14.23 5.92
CA ARG C 22 8.48 -13.74 6.43
C ARG C 22 7.29 -14.40 5.73
N LEU C 23 7.37 -14.68 4.42
CA LEU C 23 6.35 -15.51 3.78
C LEU C 23 6.41 -16.93 4.37
N GLY C 24 7.63 -17.41 4.60
CA GLY C 24 7.98 -18.76 5.05
C GLY C 24 7.29 -19.19 6.35
N LEU C 25 6.80 -18.24 7.16
CA LEU C 25 5.95 -18.57 8.30
C LEU C 25 4.75 -19.42 7.85
N GLU C 26 4.26 -19.18 6.63
CA GLU C 26 3.25 -19.99 5.96
C GLU C 26 3.71 -20.29 4.53
N LYS D 1 -32.18 18.71 -15.52
CA LYS D 1 -33.62 18.57 -15.81
C LYS D 1 -34.15 17.25 -15.24
N ARG D 2 -35.48 17.09 -15.19
CA ARG D 2 -36.11 15.87 -14.69
C ARG D 2 -35.56 14.63 -15.39
N LEU D 3 -35.34 14.73 -16.70
CA LEU D 3 -34.77 13.68 -17.52
C LEU D 3 -33.39 13.24 -17.00
N ARG D 4 -32.64 14.14 -16.37
CA ARG D 4 -31.33 13.87 -15.81
C ARG D 4 -31.50 13.36 -14.37
N ARG D 5 -32.29 14.08 -13.57
CA ARG D 5 -32.62 13.70 -12.20
C ARG D 5 -33.01 12.23 -12.15
N SER D 6 -33.96 11.84 -13.01
CA SER D 6 -34.42 10.49 -13.26
C SER D 6 -34.68 9.72 -11.95
N ALA D 7 -33.71 8.92 -11.53
CA ALA D 7 -33.80 8.11 -10.32
C ALA D 7 -33.89 8.99 -9.06
N HIS D 8 -33.15 10.10 -9.08
CA HIS D 8 -32.90 11.08 -8.02
C HIS D 8 -31.53 11.68 -8.35
N ALA D 9 -30.55 10.79 -8.51
CA ALA D 9 -29.17 11.04 -8.84
C ALA D 9 -28.45 9.70 -8.72
N ARG D 10 -27.24 9.59 -9.27
CA ARG D 10 -26.35 8.46 -9.08
C ARG D 10 -25.74 8.59 -7.67
N LYS D 11 -26.60 8.46 -6.66
CA LYS D 11 -26.32 8.75 -5.26
C LYS D 11 -24.96 8.19 -4.82
N GLU D 12 -24.72 6.91 -5.13
CA GLU D 12 -23.54 6.16 -4.76
C GLU D 12 -22.22 6.86 -5.08
N THR D 13 -22.19 7.75 -6.08
CA THR D 13 -20.99 8.49 -6.42
C THR D 13 -20.47 9.30 -5.24
N GLU D 14 -21.35 9.74 -4.33
CA GLU D 14 -21.03 10.70 -3.28
C GLU D 14 -19.73 10.34 -2.53
N PHE D 15 -19.59 9.08 -2.12
CA PHE D 15 -18.43 8.64 -1.35
C PHE D 15 -17.15 8.64 -2.19
N LEU D 16 -17.28 8.48 -3.51
CA LEU D 16 -16.16 8.31 -4.43
C LEU D 16 -15.74 9.63 -5.06
N ARG D 17 -16.68 10.56 -5.24
CA ARG D 17 -16.47 11.82 -5.95
C ARG D 17 -15.19 12.52 -5.51
N LEU D 18 -14.98 12.69 -4.21
CA LEU D 18 -13.74 13.29 -3.71
C LEU D 18 -12.49 12.47 -4.07
N LYS D 19 -12.54 11.14 -3.95
CA LYS D 19 -11.44 10.27 -4.39
C LYS D 19 -11.12 10.54 -5.87
N ARG D 20 -12.16 10.53 -6.70
CA ARG D 20 -12.09 10.84 -8.12
C ARG D 20 -11.43 12.23 -8.29
N THR D 21 -11.87 13.22 -7.51
CA THR D 21 -11.32 14.56 -7.59
C THR D 21 -9.81 14.53 -7.28
N ARG D 22 -9.39 13.82 -6.23
CA ARG D 22 -7.99 13.72 -5.90
C ARG D 22 -7.21 13.00 -7.02
N LEU D 23 -7.78 11.96 -7.62
CA LEU D 23 -7.18 11.30 -8.78
C LEU D 23 -7.09 12.26 -9.96
N GLY D 24 -8.07 13.15 -10.07
CA GLY D 24 -8.13 14.18 -11.10
C GLY D 24 -7.12 15.31 -10.88
N LEU D 25 -6.26 15.26 -9.84
CA LEU D 25 -5.18 16.22 -9.71
C LEU D 25 -4.29 16.10 -10.96
N GLU D 26 -3.80 14.90 -11.24
CA GLU D 26 -3.13 14.62 -12.50
C GLU D 26 -4.16 14.57 -13.64
N SER A 1 -8.79 7.18 11.54
CA SER A 1 -7.64 8.03 11.89
C SER A 1 -6.30 7.32 11.73
N GLU A 2 -6.21 6.09 12.25
CA GLU A 2 -4.96 5.32 12.25
C GLU A 2 -4.41 5.20 10.82
N LEU A 3 -5.28 4.72 9.92
CA LEU A 3 -4.91 4.55 8.53
C LEU A 3 -4.49 5.89 7.93
N GLU A 4 -5.24 6.96 8.22
CA GLU A 4 -4.93 8.29 7.72
C GLU A 4 -3.54 8.72 8.17
N LYS A 5 -3.21 8.50 9.45
CA LYS A 5 -1.93 8.85 10.03
C LYS A 5 -0.82 8.10 9.29
N ALA A 6 -0.96 6.77 9.23
CA ALA A 6 -0.04 5.90 8.52
C ALA A 6 0.17 6.41 7.08
N VAL A 7 -0.93 6.67 6.39
CA VAL A 7 -0.94 7.16 5.04
C VAL A 7 -0.18 8.49 4.91
N VAL A 8 -0.53 9.53 5.68
CA VAL A 8 0.17 10.82 5.54
C VAL A 8 1.65 10.67 5.89
N ALA A 9 2.00 9.84 6.87
CA ALA A 9 3.40 9.53 7.12
C ALA A 9 4.05 8.95 5.87
N LEU A 10 3.45 7.91 5.28
CA LEU A 10 3.98 7.27 4.08
C LEU A 10 4.14 8.28 2.95
N ILE A 11 3.11 9.10 2.69
CA ILE A 11 3.16 10.15 1.69
C ILE A 11 4.36 11.05 2.00
N ASP A 12 4.44 11.58 3.23
CA ASP A 12 5.46 12.56 3.59
C ASP A 12 6.86 11.99 3.41
N VAL A 13 7.09 10.80 3.98
CA VAL A 13 8.36 10.09 3.90
C VAL A 13 8.76 9.94 2.43
N PHE A 14 7.91 9.28 1.65
CA PHE A 14 8.18 9.01 0.25
C PHE A 14 8.47 10.32 -0.49
N HIS A 15 7.57 11.28 -0.34
CA HIS A 15 7.61 12.60 -0.97
C HIS A 15 8.93 13.28 -0.67
N GLN A 16 9.34 13.31 0.60
CA GLN A 16 10.58 13.98 1.00
C GLN A 16 11.77 13.36 0.26
N TYR A 17 11.91 12.04 0.31
CA TYR A 17 13.02 11.36 -0.36
C TYR A 17 12.96 11.61 -1.87
N SER A 18 11.79 11.43 -2.46
CA SER A 18 11.54 11.74 -3.87
C SER A 18 11.80 13.22 -4.19
N GLY A 19 11.74 14.12 -3.22
CA GLY A 19 12.03 15.52 -3.40
C GLY A 19 13.53 15.72 -3.62
N ARG A 20 14.35 14.85 -3.03
CA ARG A 20 15.80 14.96 -3.13
C ARG A 20 16.24 14.61 -4.56
N GLU A 21 15.77 13.46 -5.08
CA GLU A 21 15.94 13.11 -6.49
C GLU A 21 14.68 12.39 -6.96
N GLY A 22 14.31 12.59 -8.22
CA GLY A 22 13.22 11.87 -8.88
C GLY A 22 12.02 12.79 -9.10
N ASP A 23 11.72 13.64 -8.12
CA ASP A 23 10.75 14.74 -8.17
C ASP A 23 9.39 14.35 -7.61
N LYS A 24 9.32 14.25 -6.29
CA LYS A 24 8.13 14.11 -5.48
C LYS A 24 7.40 12.77 -5.62
N HIS A 25 7.09 12.32 -6.84
CA HIS A 25 6.22 11.16 -7.07
C HIS A 25 6.98 9.88 -7.42
N LYS A 26 8.32 9.93 -7.56
CA LYS A 26 9.11 8.79 -8.01
C LYS A 26 10.48 8.75 -7.33
N LEU A 27 10.90 7.59 -6.80
CA LEU A 27 12.18 7.43 -6.11
C LEU A 27 13.20 6.80 -7.06
N LYS A 28 14.38 7.40 -7.18
CA LYS A 28 15.51 6.80 -7.88
C LYS A 28 16.15 5.73 -7.00
N LYS A 29 17.06 4.93 -7.58
CA LYS A 29 17.79 3.91 -6.84
C LYS A 29 18.51 4.47 -5.62
N SER A 30 19.16 5.63 -5.79
CA SER A 30 19.80 6.37 -4.72
C SER A 30 18.82 6.63 -3.56
N GLU A 31 17.66 7.18 -3.88
CA GLU A 31 16.70 7.55 -2.85
C GLU A 31 16.11 6.30 -2.19
N LEU A 32 15.67 5.35 -3.03
CA LEU A 32 15.01 4.12 -2.63
C LEU A 32 15.91 3.30 -1.70
N LYS A 33 17.15 3.00 -2.11
CA LYS A 33 18.05 2.22 -1.27
C LYS A 33 18.27 2.92 0.06
N GLU A 34 18.53 4.23 0.04
CA GLU A 34 18.79 4.92 1.29
C GLU A 34 17.58 4.79 2.19
N LEU A 35 16.40 5.15 1.69
CA LEU A 35 15.14 5.06 2.38
C LEU A 35 15.00 3.68 3.01
N ILE A 36 15.16 2.62 2.22
CA ILE A 36 15.05 1.25 2.68
C ILE A 36 16.08 0.97 3.79
N ASN A 37 17.37 1.18 3.53
CA ASN A 37 18.43 0.95 4.53
C ASN A 37 18.12 1.72 5.82
N ASN A 38 17.71 2.98 5.70
CA ASN A 38 17.49 3.86 6.82
C ASN A 38 16.29 3.38 7.64
N GLU A 39 15.13 3.27 6.98
CA GLU A 39 13.87 3.04 7.68
C GLU A 39 13.46 1.58 7.71
N LEU A 40 13.62 0.85 6.60
CA LEU A 40 13.21 -0.55 6.54
C LEU A 40 14.27 -1.46 7.17
N SER A 41 15.30 -0.87 7.79
CA SER A 41 16.30 -1.51 8.65
C SER A 41 15.66 -2.53 9.57
N HIS A 42 14.48 -2.16 10.09
CA HIS A 42 13.71 -2.93 11.03
C HIS A 42 13.25 -4.28 10.44
N PHE A 43 13.01 -4.33 9.12
CA PHE A 43 12.45 -5.49 8.43
C PHE A 43 13.49 -6.20 7.53
N LEU A 44 14.32 -5.45 6.81
CA LEU A 44 15.23 -5.97 5.78
C LEU A 44 16.70 -5.73 6.13
N GLU A 45 17.58 -6.48 5.46
CA GLU A 45 19.03 -6.31 5.54
C GLU A 45 19.51 -5.12 4.69
N GLU A 46 20.80 -4.82 4.81
CA GLU A 46 21.46 -3.64 4.26
C GLU A 46 21.63 -3.72 2.74
N ILE A 47 20.66 -3.25 1.94
CA ILE A 47 20.81 -3.09 0.49
C ILE A 47 21.86 -2.02 0.18
N LYS A 48 23.14 -2.33 0.35
CA LYS A 48 24.24 -1.49 -0.12
C LYS A 48 24.45 -1.70 -1.62
N GLU A 49 24.27 -2.95 -2.08
CA GLU A 49 24.56 -3.38 -3.44
C GLU A 49 23.62 -2.73 -4.45
N GLN A 50 23.99 -1.53 -4.95
CA GLN A 50 23.28 -0.75 -5.96
C GLN A 50 22.58 -1.61 -7.02
N GLU A 51 23.27 -2.61 -7.57
CA GLU A 51 22.71 -3.47 -8.62
C GLU A 51 21.42 -4.13 -8.13
N VAL A 52 21.46 -4.65 -6.90
CA VAL A 52 20.33 -5.36 -6.32
C VAL A 52 19.22 -4.38 -5.93
N VAL A 53 19.57 -3.21 -5.39
CA VAL A 53 18.55 -2.20 -5.11
C VAL A 53 17.79 -1.89 -6.41
N ASP A 54 18.55 -1.69 -7.50
CA ASP A 54 17.96 -1.46 -8.81
C ASP A 54 17.13 -2.66 -9.25
N LYS A 55 17.60 -3.89 -9.01
CA LYS A 55 16.84 -5.09 -9.37
C LYS A 55 15.49 -5.15 -8.62
N VAL A 56 15.47 -4.96 -7.30
CA VAL A 56 14.22 -5.02 -6.55
C VAL A 56 13.27 -3.90 -6.99
N MET A 57 13.80 -2.72 -7.31
CA MET A 57 12.98 -1.68 -7.92
C MET A 57 12.41 -2.15 -9.25
N GLU A 58 13.28 -2.64 -10.13
CA GLU A 58 12.93 -3.10 -11.47
C GLU A 58 11.80 -4.13 -11.39
N THR A 59 11.88 -5.00 -10.39
CA THR A 59 10.86 -6.01 -10.11
C THR A 59 9.47 -5.38 -9.91
N LEU A 60 9.37 -4.16 -9.37
CA LEU A 60 8.11 -3.44 -9.23
C LEU A 60 7.92 -2.34 -10.28
N ASP A 61 8.97 -1.89 -10.96
CA ASP A 61 8.93 -0.71 -11.81
C ASP A 61 8.07 -0.87 -13.07
N SER A 62 6.74 -0.87 -12.90
CA SER A 62 5.78 -0.89 -14.00
C SER A 62 6.03 0.26 -14.99
N ASP A 63 6.60 1.37 -14.52
CA ASP A 63 6.86 2.53 -15.36
C ASP A 63 8.04 2.29 -16.30
N GLY A 64 8.85 1.25 -16.06
CA GLY A 64 10.05 0.99 -16.84
C GLY A 64 10.92 2.23 -16.97
N ASP A 65 11.07 2.98 -15.87
CA ASP A 65 11.67 4.31 -15.83
C ASP A 65 12.94 4.29 -14.96
N GLY A 66 13.34 3.10 -14.48
CA GLY A 66 14.46 2.94 -13.56
C GLY A 66 14.03 3.33 -12.17
N GLU A 67 13.68 4.60 -11.98
CA GLU A 67 13.05 5.08 -10.76
C GLU A 67 11.67 4.44 -10.60
N CYS A 68 11.26 4.20 -9.35
CA CYS A 68 9.96 3.59 -9.04
C CYS A 68 8.96 4.69 -8.70
N ASP A 69 7.79 4.68 -9.35
CA ASP A 69 6.72 5.60 -9.04
C ASP A 69 6.14 5.24 -7.68
N PHE A 70 5.49 6.21 -7.02
CA PHE A 70 4.84 5.98 -5.74
C PHE A 70 3.96 4.73 -5.74
N GLN A 71 3.21 4.50 -6.82
CA GLN A 71 2.45 3.26 -7.00
C GLN A 71 3.34 2.02 -6.79
N GLU A 72 4.49 1.98 -7.45
CA GLU A 72 5.36 0.81 -7.45
C GLU A 72 6.00 0.66 -6.07
N PHE A 73 6.41 1.78 -5.47
CA PHE A 73 6.84 1.79 -4.08
C PHE A 73 5.75 1.17 -3.19
N MET A 74 4.51 1.64 -3.31
CA MET A 74 3.40 1.09 -2.55
C MET A 74 3.19 -0.40 -2.83
N ALA A 75 3.41 -0.85 -4.06
CA ALA A 75 3.36 -2.27 -4.39
C ALA A 75 4.44 -3.05 -3.62
N PHE A 76 5.67 -2.53 -3.57
CA PHE A 76 6.73 -3.15 -2.80
C PHE A 76 6.33 -3.21 -1.32
N VAL A 77 5.95 -2.05 -0.77
CA VAL A 77 5.43 -1.95 0.59
C VAL A 77 4.31 -2.96 0.80
N ALA A 78 3.42 -3.15 -0.18
CA ALA A 78 2.31 -4.09 -0.06
C ALA A 78 2.81 -5.51 0.17
N MET A 79 3.71 -6.03 -0.67
CA MET A 79 4.21 -7.39 -0.45
C MET A 79 4.83 -7.52 0.94
N ILE A 80 5.67 -6.54 1.31
CA ILE A 80 6.37 -6.52 2.58
C ILE A 80 5.36 -6.58 3.73
N THR A 81 4.42 -5.64 3.73
CA THR A 81 3.38 -5.52 4.73
C THR A 81 2.57 -6.82 4.81
N THR A 82 2.16 -7.37 3.66
CA THR A 82 1.36 -8.59 3.62
C THR A 82 2.14 -9.74 4.27
N ALA A 83 3.38 -9.95 3.83
CA ALA A 83 4.24 -11.01 4.35
C ALA A 83 4.36 -10.88 5.86
N CYS A 84 4.60 -9.65 6.36
CA CYS A 84 4.61 -9.40 7.79
C CYS A 84 3.26 -9.78 8.42
N HIS A 85 2.15 -9.24 7.91
CA HIS A 85 0.79 -9.43 8.41
C HIS A 85 0.53 -10.89 8.77
N GLU A 86 0.83 -11.78 7.82
CA GLU A 86 0.62 -13.21 7.96
C GLU A 86 1.11 -13.71 9.32
N PHE A 87 2.33 -13.32 9.70
CA PHE A 87 2.99 -13.86 10.90
C PHE A 87 2.85 -12.93 12.09
N PHE A 88 2.61 -11.65 11.83
CA PHE A 88 2.25 -10.71 12.87
C PHE A 88 0.98 -11.23 13.56
N GLU A 89 0.09 -11.84 12.76
CA GLU A 89 -1.04 -12.59 13.26
C GLU A 89 -0.55 -13.94 13.79
N HIS A 90 -0.06 -14.80 12.90
CA HIS A 90 0.23 -16.18 13.24
C HIS A 90 1.63 -16.29 13.87
N GLU A 91 1.73 -15.80 15.11
CA GLU A 91 2.90 -15.95 15.98
C GLU A 91 2.47 -15.68 17.42
N SER B 1 10.74 3.20 12.78
CA SER B 1 10.83 4.09 11.60
C SER B 1 9.43 4.52 11.13
N GLU B 2 9.32 5.70 10.52
CA GLU B 2 8.03 6.28 10.15
C GLU B 2 7.18 5.31 9.32
N LEU B 3 7.76 4.81 8.22
CA LEU B 3 7.04 3.89 7.35
C LEU B 3 6.80 2.55 8.04
N GLU B 4 7.70 2.12 8.92
CA GLU B 4 7.54 0.89 9.67
C GLU B 4 6.34 1.02 10.62
N LYS B 5 6.22 2.15 11.30
CA LYS B 5 5.12 2.44 12.21
C LYS B 5 3.82 2.49 11.42
N ALA B 6 3.81 3.21 10.30
CA ALA B 6 2.68 3.19 9.39
C ALA B 6 2.28 1.76 9.06
N VAL B 7 3.24 0.96 8.56
CA VAL B 7 3.03 -0.44 8.22
C VAL B 7 2.40 -1.22 9.39
N VAL B 8 3.01 -1.20 10.58
CA VAL B 8 2.44 -1.98 11.67
C VAL B 8 1.08 -1.43 12.11
N ALA B 9 0.81 -0.12 11.95
CA ALA B 9 -0.55 0.39 12.15
C ALA B 9 -1.53 -0.25 11.16
N LEU B 10 -1.17 -0.28 9.86
CA LEU B 10 -2.02 -0.90 8.85
C LEU B 10 -2.34 -2.34 9.27
N ILE B 11 -1.31 -3.12 9.62
CA ILE B 11 -1.49 -4.50 10.06
C ILE B 11 -2.37 -4.55 11.31
N ASP B 12 -2.05 -3.73 12.31
CA ASP B 12 -2.75 -3.71 13.58
C ASP B 12 -4.24 -3.50 13.36
N VAL B 13 -4.60 -2.48 12.60
CA VAL B 13 -5.98 -2.19 12.28
C VAL B 13 -6.56 -3.35 11.47
N PHE B 14 -5.94 -3.68 10.34
CA PHE B 14 -6.47 -4.66 9.40
C PHE B 14 -6.84 -5.96 10.10
N HIS B 15 -5.91 -6.56 10.85
CA HIS B 15 -6.16 -7.89 11.39
C HIS B 15 -7.32 -7.89 12.38
N GLN B 16 -7.38 -6.87 13.25
CA GLN B 16 -8.46 -6.75 14.23
C GLN B 16 -9.82 -6.87 13.54
N TYR B 17 -10.02 -6.11 12.46
CA TYR B 17 -11.28 -6.12 11.72
C TYR B 17 -11.43 -7.45 10.97
N SER B 18 -10.44 -7.80 10.16
CA SER B 18 -10.44 -8.98 9.30
C SER B 18 -10.62 -10.29 10.07
N GLY B 19 -10.23 -10.32 11.35
CA GLY B 19 -10.45 -11.47 12.20
C GLY B 19 -11.93 -11.74 12.43
N ARG B 20 -12.76 -10.69 12.43
CA ARG B 20 -14.15 -10.82 12.86
C ARG B 20 -15.02 -11.44 11.77
N GLU B 21 -14.96 -10.90 10.54
CA GLU B 21 -15.70 -11.44 9.40
C GLU B 21 -14.78 -11.48 8.19
N GLY B 22 -14.34 -12.70 7.86
CA GLY B 22 -13.30 -12.97 6.88
C GLY B 22 -12.50 -14.14 7.43
N ASP B 23 -11.19 -13.95 7.66
CA ASP B 23 -10.34 -14.98 8.24
C ASP B 23 -8.99 -14.40 8.67
N LYS B 24 -8.98 -13.18 9.22
CA LYS B 24 -7.78 -12.44 9.58
C LYS B 24 -7.05 -11.87 8.35
N HIS B 25 -7.04 -12.60 7.23
CA HIS B 25 -6.43 -12.19 5.97
C HIS B 25 -7.42 -11.48 5.04
N LYS B 26 -8.72 -11.55 5.35
CA LYS B 26 -9.82 -11.13 4.48
C LYS B 26 -10.77 -10.19 5.21
N LEU B 27 -11.30 -9.17 4.50
CA LEU B 27 -12.36 -8.30 4.98
C LEU B 27 -13.66 -8.60 4.25
N LYS B 28 -14.69 -9.06 4.97
CA LYS B 28 -16.05 -9.16 4.44
C LYS B 28 -16.67 -7.75 4.46
N LYS B 29 -17.71 -7.50 3.64
CA LYS B 29 -18.27 -6.16 3.45
C LYS B 29 -18.67 -5.49 4.76
N SER B 30 -19.17 -6.28 5.71
CA SER B 30 -19.48 -5.85 7.06
C SER B 30 -18.27 -5.15 7.69
N GLU B 31 -17.10 -5.77 7.63
CA GLU B 31 -15.89 -5.23 8.21
C GLU B 31 -15.34 -4.11 7.31
N LEU B 32 -15.33 -4.33 6.00
CA LEU B 32 -14.80 -3.37 5.05
C LEU B 32 -15.52 -2.01 5.21
N LYS B 33 -16.85 -2.01 5.30
CA LYS B 33 -17.59 -0.77 5.40
C LYS B 33 -17.20 -0.01 6.66
N GLU B 34 -17.23 -0.68 7.82
CA GLU B 34 -16.95 0.00 9.07
C GLU B 34 -15.49 0.42 9.13
N LEU B 35 -14.57 -0.40 8.61
CA LEU B 35 -13.17 -0.03 8.44
C LEU B 35 -13.11 1.32 7.70
N ILE B 36 -13.76 1.43 6.54
CA ILE B 36 -13.71 2.68 5.78
C ILE B 36 -14.36 3.82 6.56
N ASN B 37 -15.62 3.65 6.99
CA ASN B 37 -16.37 4.66 7.73
C ASN B 37 -15.57 5.21 8.91
N ASN B 38 -15.04 4.29 9.72
CA ASN B 38 -14.42 4.59 11.00
C ASN B 38 -13.02 5.15 10.82
N GLU B 39 -12.22 4.57 9.92
CA GLU B 39 -10.83 4.96 9.76
C GLU B 39 -10.64 6.06 8.71
N LEU B 40 -11.34 5.97 7.58
CA LEU B 40 -11.10 6.81 6.41
C LEU B 40 -11.87 8.14 6.46
N SER B 41 -12.50 8.45 7.60
CA SER B 41 -13.45 9.54 7.78
C SER B 41 -12.93 10.90 7.29
N HIS B 42 -11.62 11.16 7.48
CA HIS B 42 -11.00 12.39 7.05
C HIS B 42 -11.02 12.49 5.52
N PHE B 43 -10.76 11.39 4.83
CA PHE B 43 -10.56 11.38 3.39
C PHE B 43 -11.89 11.16 2.66
N LEU B 44 -12.70 10.20 3.10
CA LEU B 44 -13.99 9.87 2.50
C LEU B 44 -15.11 10.16 3.49
N GLU B 45 -16.28 10.53 2.97
CA GLU B 45 -17.49 10.62 3.77
C GLU B 45 -17.83 9.26 4.37
N GLU B 46 -18.69 9.23 5.40
CA GLU B 46 -19.23 7.99 5.92
C GLU B 46 -20.04 7.32 4.80
N ILE B 47 -20.00 5.98 4.78
CA ILE B 47 -20.51 5.13 3.72
C ILE B 47 -21.51 4.15 4.32
N LYS B 48 -22.74 4.63 4.49
CA LYS B 48 -23.90 3.88 4.93
C LYS B 48 -24.38 2.90 3.84
N GLU B 49 -24.27 3.33 2.57
CA GLU B 49 -24.88 2.65 1.43
C GLU B 49 -24.20 1.30 1.14
N GLN B 50 -24.65 0.24 1.83
CA GLN B 50 -24.12 -1.11 1.70
C GLN B 50 -23.93 -1.54 0.25
N GLU B 51 -24.83 -1.15 -0.66
CA GLU B 51 -24.68 -1.48 -2.07
C GLU B 51 -23.35 -0.93 -2.61
N VAL B 52 -23.03 0.32 -2.26
CA VAL B 52 -21.80 0.94 -2.70
C VAL B 52 -20.61 0.28 -1.99
N VAL B 53 -20.70 0.04 -0.68
CA VAL B 53 -19.58 -0.57 0.04
C VAL B 53 -19.24 -1.93 -0.57
N ASP B 54 -20.28 -2.72 -0.88
CA ASP B 54 -20.09 -3.94 -1.64
C ASP B 54 -19.44 -3.62 -2.99
N LYS B 55 -19.98 -2.68 -3.77
CA LYS B 55 -19.48 -2.44 -5.12
C LYS B 55 -17.99 -2.05 -5.12
N VAL B 56 -17.56 -1.17 -4.21
CA VAL B 56 -16.13 -0.84 -4.13
C VAL B 56 -15.33 -2.10 -3.76
N MET B 57 -15.90 -2.99 -2.92
CA MET B 57 -15.27 -4.28 -2.69
C MET B 57 -15.17 -5.07 -3.99
N GLU B 58 -16.28 -5.23 -4.75
CA GLU B 58 -16.31 -6.00 -5.99
C GLU B 58 -15.21 -5.51 -6.92
N THR B 59 -15.10 -4.18 -6.99
CA THR B 59 -14.12 -3.49 -7.81
C THR B 59 -12.69 -3.97 -7.49
N LEU B 60 -12.39 -4.30 -6.22
CA LEU B 60 -11.10 -4.86 -5.83
C LEU B 60 -11.16 -6.38 -5.55
N ASP B 61 -12.29 -7.05 -5.72
CA ASP B 61 -12.48 -8.44 -5.28
C ASP B 61 -11.79 -9.43 -6.24
N SER B 62 -10.45 -9.40 -6.27
CA SER B 62 -9.63 -10.37 -7.00
C SER B 62 -9.98 -11.80 -6.57
N ASP B 63 -10.37 -11.95 -5.30
CA ASP B 63 -10.66 -13.24 -4.71
C ASP B 63 -11.97 -13.82 -5.27
N GLY B 64 -12.80 -12.98 -5.93
CA GLY B 64 -14.11 -13.38 -6.43
C GLY B 64 -14.99 -14.05 -5.37
N ASP B 65 -14.75 -13.74 -4.10
CA ASP B 65 -15.39 -14.37 -2.95
C ASP B 65 -16.16 -13.33 -2.14
N GLY B 66 -16.50 -12.21 -2.77
CA GLY B 66 -17.03 -11.05 -2.07
C GLY B 66 -15.89 -10.35 -1.34
N GLU B 67 -15.39 -10.99 -0.29
CA GLU B 67 -14.37 -10.42 0.59
C GLU B 67 -13.16 -9.93 -0.20
N CYS B 68 -12.47 -8.93 0.36
CA CYS B 68 -11.22 -8.41 -0.20
C CYS B 68 -10.07 -8.84 0.72
N ASP B 69 -9.06 -9.51 0.18
CA ASP B 69 -7.92 -9.94 0.99
C ASP B 69 -6.99 -8.75 1.29
N PHE B 70 -6.00 -8.97 2.17
CA PHE B 70 -5.04 -7.94 2.56
C PHE B 70 -4.47 -7.22 1.35
N GLN B 71 -4.06 -7.94 0.30
CA GLN B 71 -3.56 -7.33 -0.94
C GLN B 71 -4.56 -6.33 -1.53
N GLU B 72 -5.84 -6.69 -1.57
CA GLU B 72 -6.87 -5.87 -2.20
C GLU B 72 -7.17 -4.65 -1.34
N PHE B 73 -7.24 -4.86 -0.02
CA PHE B 73 -7.30 -3.77 0.93
C PHE B 73 -6.13 -2.82 0.64
N MET B 74 -4.93 -3.37 0.53
CA MET B 74 -3.72 -2.60 0.31
C MET B 74 -3.76 -1.86 -1.03
N ALA B 75 -4.31 -2.48 -2.07
CA ALA B 75 -4.51 -1.84 -3.36
C ALA B 75 -5.44 -0.63 -3.21
N PHE B 76 -6.56 -0.81 -2.49
CA PHE B 76 -7.49 0.28 -2.23
C PHE B 76 -6.76 1.41 -1.49
N VAL B 77 -6.06 1.06 -0.41
CA VAL B 77 -5.22 1.99 0.33
C VAL B 77 -4.28 2.72 -0.65
N ALA B 78 -3.60 1.98 -1.54
CA ALA B 78 -2.66 2.57 -2.48
C ALA B 78 -3.30 3.62 -3.37
N MET B 79 -4.43 3.31 -4.02
CA MET B 79 -5.09 4.30 -4.87
C MET B 79 -5.48 5.54 -4.05
N ILE B 80 -6.07 5.34 -2.87
CA ILE B 80 -6.51 6.43 -2.01
C ILE B 80 -5.30 7.31 -1.64
N THR B 81 -4.24 6.67 -1.13
CA THR B 81 -3.00 7.30 -0.74
C THR B 81 -2.41 8.09 -1.91
N THR B 82 -2.38 7.50 -3.10
CA THR B 82 -1.87 8.15 -4.30
C THR B 82 -2.70 9.40 -4.62
N ALA B 83 -4.04 9.29 -4.62
CA ALA B 83 -4.89 10.45 -4.85
C ALA B 83 -4.58 11.55 -3.83
N CYS B 84 -4.46 11.19 -2.55
CA CYS B 84 -4.11 12.15 -1.52
C CYS B 84 -2.75 12.78 -1.78
N HIS B 85 -1.76 11.98 -2.19
CA HIS B 85 -0.43 12.49 -2.52
C HIS B 85 -0.50 13.49 -3.67
N GLU B 86 -1.19 13.13 -4.75
CA GLU B 86 -1.41 14.02 -5.89
C GLU B 86 -1.99 15.36 -5.43
N PHE B 87 -3.01 15.30 -4.57
CA PHE B 87 -3.59 16.51 -3.96
C PHE B 87 -2.50 17.29 -3.23
N PHE B 88 -1.83 16.62 -2.29
CA PHE B 88 -0.87 17.19 -1.37
C PHE B 88 0.29 17.86 -2.10
N GLU B 89 0.73 17.26 -3.22
CA GLU B 89 1.77 17.85 -4.06
C GLU B 89 1.32 19.21 -4.60
N HIS B 90 0.20 19.26 -5.31
CA HIS B 90 -0.23 20.50 -5.93
C HIS B 90 -0.94 21.37 -4.90
N GLU B 91 -0.16 21.93 -3.96
CA GLU B 91 -0.69 22.82 -2.93
C GLU B 91 -1.38 24.03 -3.57
N LYS C 1 33.40 -28.61 -21.19
CA LYS C 1 34.05 -27.73 -20.20
C LYS C 1 33.32 -27.81 -18.85
N ARG C 2 33.94 -27.29 -17.79
CA ARG C 2 33.38 -27.22 -16.45
C ARG C 2 33.73 -25.86 -15.85
N LEU C 3 33.19 -24.78 -16.43
CA LEU C 3 33.43 -23.41 -15.98
C LEU C 3 32.58 -23.13 -14.73
N ARG C 4 32.86 -23.87 -13.65
CA ARG C 4 32.10 -23.91 -12.41
C ARG C 4 30.70 -24.49 -12.61
N ARG C 5 29.85 -23.83 -13.40
CA ARG C 5 28.47 -24.20 -13.71
C ARG C 5 27.54 -23.99 -12.51
N SER C 6 27.91 -24.52 -11.34
CA SER C 6 27.22 -24.27 -10.08
C SER C 6 27.44 -22.82 -9.63
N ALA C 7 26.81 -21.88 -10.34
CA ALA C 7 26.93 -20.45 -10.09
C ALA C 7 26.26 -20.06 -8.77
N HIS C 8 26.93 -20.37 -7.66
CA HIS C 8 26.45 -20.17 -6.29
C HIS C 8 26.43 -18.70 -5.86
N ALA C 9 25.94 -17.80 -6.72
CA ALA C 9 25.94 -16.37 -6.51
C ALA C 9 24.74 -15.97 -5.64
N ARG C 10 24.71 -16.43 -4.39
CA ARG C 10 23.66 -16.06 -3.44
C ARG C 10 23.87 -14.61 -2.95
N LYS C 11 23.84 -13.66 -3.87
CA LYS C 11 24.07 -12.24 -3.59
C LYS C 11 22.78 -11.61 -3.07
N GLU C 12 21.74 -11.61 -3.91
CA GLU C 12 20.43 -11.03 -3.60
C GLU C 12 19.87 -11.62 -2.30
N THR C 13 20.17 -12.89 -2.09
CA THR C 13 19.90 -13.66 -0.89
C THR C 13 20.18 -12.87 0.39
N GLU C 14 21.22 -12.03 0.42
CA GLU C 14 21.52 -11.20 1.59
C GLU C 14 20.26 -10.47 2.09
N PHE C 15 19.46 -9.95 1.16
CA PHE C 15 18.25 -9.20 1.45
C PHE C 15 17.05 -10.13 1.36
N LEU C 16 16.94 -10.85 0.24
CA LEU C 16 15.77 -11.69 -0.01
C LEU C 16 15.62 -12.80 1.02
N ARG C 17 16.68 -13.20 1.72
CA ARG C 17 16.57 -14.09 2.87
C ARG C 17 15.57 -13.53 3.88
N LEU C 18 15.60 -12.22 4.16
CA LEU C 18 14.71 -11.63 5.15
C LEU C 18 13.27 -11.73 4.65
N LYS C 19 13.03 -11.42 3.38
CA LYS C 19 11.70 -11.53 2.79
C LYS C 19 11.22 -12.98 2.83
N ARG C 20 12.06 -13.92 2.40
CA ARG C 20 11.78 -15.35 2.44
C ARG C 20 11.42 -15.78 3.86
N THR C 21 12.22 -15.38 4.84
CA THR C 21 11.95 -15.69 6.24
C THR C 21 10.60 -15.09 6.64
N ARG C 22 10.37 -13.82 6.32
CA ARG C 22 9.12 -13.14 6.66
C ARG C 22 7.91 -13.83 6.02
N LEU C 23 8.05 -14.38 4.82
CA LEU C 23 7.00 -15.18 4.18
C LEU C 23 6.75 -16.52 4.89
N GLY C 24 7.60 -16.93 5.82
CA GLY C 24 7.44 -18.17 6.58
C GLY C 24 8.07 -18.03 7.95
N LEU C 25 7.68 -17.00 8.72
CA LEU C 25 8.37 -16.65 9.96
C LEU C 25 8.32 -17.81 10.95
N GLU C 26 7.21 -18.55 10.94
CA GLU C 26 7.05 -19.83 11.63
C GLU C 26 6.58 -20.87 10.62
N LYS D 1 -26.82 3.22 -20.40
CA LYS D 1 -28.21 2.73 -20.27
C LYS D 1 -28.94 2.80 -21.62
N ARG D 2 -29.83 1.84 -21.87
CA ARG D 2 -30.60 1.73 -23.11
C ARG D 2 -31.95 2.43 -22.95
N LEU D 3 -32.72 2.03 -21.94
CA LEU D 3 -33.92 2.77 -21.56
C LEU D 3 -33.50 4.05 -20.86
N ARG D 4 -34.33 5.10 -20.93
CA ARG D 4 -34.08 6.37 -20.26
C ARG D 4 -34.36 6.26 -18.75
N ARG D 5 -33.65 5.35 -18.07
CA ARG D 5 -33.73 5.18 -16.62
C ARG D 5 -33.09 6.41 -15.98
N SER D 6 -33.82 7.51 -15.98
CA SER D 6 -33.36 8.85 -15.62
C SER D 6 -33.18 9.05 -14.11
N ALA D 7 -32.65 8.05 -13.41
CA ALA D 7 -32.42 8.09 -11.98
C ALA D 7 -31.14 8.88 -11.68
N HIS D 8 -31.08 10.13 -12.13
CA HIS D 8 -29.86 10.94 -12.12
C HIS D 8 -29.44 11.39 -10.72
N ALA D 9 -30.19 11.04 -9.67
CA ALA D 9 -29.80 11.26 -8.29
C ALA D 9 -28.68 10.29 -7.90
N ARG D 10 -27.50 10.47 -8.49
CA ARG D 10 -26.33 9.60 -8.30
C ARG D 10 -25.68 9.84 -6.93
N LYS D 11 -26.47 9.79 -5.84
CA LYS D 11 -26.02 10.02 -4.48
C LYS D 11 -24.76 9.20 -4.15
N GLU D 12 -24.68 7.99 -4.70
CA GLU D 12 -23.55 7.08 -4.59
C GLU D 12 -22.19 7.75 -4.82
N THR D 13 -22.13 8.80 -5.66
CA THR D 13 -20.90 9.50 -5.94
C THR D 13 -20.32 10.23 -4.72
N GLU D 14 -21.15 10.57 -3.73
CA GLU D 14 -20.82 11.47 -2.63
C GLU D 14 -19.49 11.19 -1.93
N PHE D 15 -19.17 9.92 -1.66
CA PHE D 15 -17.93 9.56 -0.96
C PHE D 15 -16.75 9.78 -1.89
N LEU D 16 -16.75 9.05 -3.01
CA LEU D 16 -15.69 9.06 -4.00
C LEU D 16 -15.47 10.48 -4.54
N ARG D 17 -16.51 11.30 -4.58
CA ARG D 17 -16.45 12.70 -4.94
C ARG D 17 -15.32 13.44 -4.20
N LEU D 18 -14.99 13.08 -2.95
CA LEU D 18 -13.83 13.67 -2.32
C LEU D 18 -12.52 13.26 -3.02
N LYS D 19 -12.39 12.00 -3.41
CA LYS D 19 -11.27 11.53 -4.22
C LYS D 19 -11.25 12.29 -5.55
N ARG D 20 -12.39 12.37 -6.24
CA ARG D 20 -12.51 13.13 -7.47
C ARG D 20 -12.05 14.57 -7.25
N THR D 21 -12.45 15.19 -6.14
CA THR D 21 -12.02 16.54 -5.79
C THR D 21 -10.50 16.59 -5.63
N ARG D 22 -9.90 15.65 -4.92
CA ARG D 22 -8.45 15.62 -4.77
C ARG D 22 -7.76 15.47 -6.13
N LEU D 23 -8.32 14.68 -7.04
CA LEU D 23 -7.81 14.57 -8.41
C LEU D 23 -8.02 15.88 -9.18
N GLY D 24 -9.14 16.57 -8.94
CA GLY D 24 -9.38 17.89 -9.50
C GLY D 24 -8.35 18.90 -8.99
N LEU D 25 -8.03 18.83 -7.71
CA LEU D 25 -7.08 19.72 -7.05
C LEU D 25 -5.70 19.53 -7.70
N GLU D 26 -5.28 18.27 -7.89
CA GLU D 26 -4.09 17.97 -8.69
C GLU D 26 -4.16 18.67 -10.06
N SER A 1 -8.57 7.45 11.90
CA SER A 1 -7.45 7.91 12.73
C SER A 1 -6.14 7.22 12.29
N GLU A 2 -5.77 6.12 12.95
CA GLU A 2 -4.48 5.47 12.83
C GLU A 2 -4.11 5.21 11.36
N LEU A 3 -4.99 4.55 10.60
CA LEU A 3 -4.70 4.31 9.19
C LEU A 3 -4.53 5.62 8.42
N GLU A 4 -5.27 6.67 8.78
CA GLU A 4 -5.16 7.96 8.13
C GLU A 4 -3.78 8.56 8.41
N LYS A 5 -3.32 8.45 9.66
CA LYS A 5 -1.99 8.91 10.05
C LYS A 5 -0.92 8.14 9.27
N ALA A 6 -1.03 6.82 9.27
CA ALA A 6 -0.16 5.95 8.47
C ALA A 6 -0.14 6.41 7.01
N VAL A 7 -1.32 6.56 6.41
CA VAL A 7 -1.51 7.00 5.04
C VAL A 7 -0.77 8.32 4.77
N VAL A 8 -1.03 9.38 5.56
CA VAL A 8 -0.33 10.63 5.31
C VAL A 8 1.18 10.45 5.52
N ALA A 9 1.59 9.65 6.50
CA ALA A 9 2.99 9.35 6.73
C ALA A 9 3.63 8.73 5.48
N LEU A 10 3.01 7.73 4.84
CA LEU A 10 3.60 7.11 3.65
C LEU A 10 3.88 8.17 2.57
N ILE A 11 2.86 8.96 2.20
CA ILE A 11 3.04 9.96 1.16
C ILE A 11 4.06 11.02 1.60
N ASP A 12 4.02 11.47 2.85
CA ASP A 12 4.89 12.52 3.33
C ASP A 12 6.35 12.08 3.37
N VAL A 13 6.62 10.93 4.00
CA VAL A 13 7.95 10.33 4.03
C VAL A 13 8.45 10.20 2.60
N PHE A 14 7.62 9.61 1.74
CA PHE A 14 7.99 9.45 0.34
C PHE A 14 8.38 10.81 -0.26
N HIS A 15 7.51 11.82 -0.17
CA HIS A 15 7.77 13.13 -0.75
C HIS A 15 9.11 13.68 -0.27
N GLN A 16 9.39 13.55 1.03
CA GLN A 16 10.62 14.08 1.62
C GLN A 16 11.84 13.49 0.92
N TYR A 17 11.91 12.17 0.77
CA TYR A 17 13.05 11.52 0.14
C TYR A 17 13.03 11.77 -1.38
N SER A 18 11.89 11.49 -2.01
CA SER A 18 11.62 11.76 -3.42
C SER A 18 11.94 13.19 -3.84
N GLY A 19 11.93 14.16 -2.92
CA GLY A 19 12.26 15.53 -3.24
C GLY A 19 13.63 15.65 -3.92
N ARG A 20 14.60 14.83 -3.49
CA ARG A 20 15.98 15.01 -3.90
C ARG A 20 16.22 14.56 -5.35
N GLU A 21 15.84 13.32 -5.68
CA GLU A 21 15.92 12.77 -7.03
C GLU A 21 14.66 11.95 -7.30
N GLY A 22 13.76 12.52 -8.09
CA GLY A 22 12.40 11.99 -8.31
C GLY A 22 11.35 13.08 -8.08
N ASP A 23 11.77 14.28 -7.66
CA ASP A 23 11.00 15.50 -7.58
C ASP A 23 9.63 15.28 -6.92
N LYS A 24 9.64 14.63 -5.75
CA LYS A 24 8.47 14.32 -4.92
C LYS A 24 7.64 13.16 -5.44
N HIS A 25 7.65 12.87 -6.74
CA HIS A 25 6.76 11.92 -7.40
C HIS A 25 7.39 10.52 -7.49
N LYS A 26 8.74 10.47 -7.54
CA LYS A 26 9.48 9.24 -7.82
C LYS A 26 10.63 9.06 -6.84
N LEU A 27 11.33 7.93 -6.93
CA LEU A 27 12.56 7.68 -6.17
C LEU A 27 13.61 7.16 -7.13
N LYS A 28 14.73 7.89 -7.28
CA LYS A 28 15.90 7.37 -7.99
C LYS A 28 16.61 6.36 -7.06
N LYS A 29 17.54 5.57 -7.59
CA LYS A 29 18.18 4.46 -6.87
C LYS A 29 18.76 4.92 -5.54
N SER A 30 19.39 6.09 -5.51
CA SER A 30 19.90 6.72 -4.30
C SER A 30 18.81 6.87 -3.26
N GLU A 31 17.67 7.45 -3.67
CA GLU A 31 16.59 7.77 -2.77
C GLU A 31 15.94 6.47 -2.29
N LEU A 32 15.66 5.55 -3.23
CA LEU A 32 15.07 4.26 -2.94
C LEU A 32 15.93 3.53 -1.91
N LYS A 33 17.23 3.44 -2.16
CA LYS A 33 18.18 2.82 -1.25
C LYS A 33 18.12 3.49 0.12
N GLU A 34 18.41 4.79 0.20
CA GLU A 34 18.60 5.42 1.50
C GLU A 34 17.28 5.40 2.28
N LEU A 35 16.17 5.63 1.58
CA LEU A 35 14.82 5.51 2.12
C LEU A 35 14.63 4.13 2.74
N ILE A 36 14.90 3.06 1.99
CA ILE A 36 14.76 1.71 2.53
C ILE A 36 15.67 1.52 3.76
N ASN A 37 16.96 1.83 3.63
CA ASN A 37 17.92 1.64 4.72
C ASN A 37 17.46 2.34 5.99
N ASN A 38 17.00 3.59 5.89
CA ASN A 38 16.62 4.38 7.06
C ASN A 38 15.22 4.04 7.57
N GLU A 39 14.26 3.85 6.65
CA GLU A 39 12.86 3.74 6.99
C GLU A 39 12.30 2.31 7.00
N LEU A 40 13.07 1.31 6.57
CA LEU A 40 12.63 -0.10 6.56
C LEU A 40 13.61 -0.99 7.34
N SER A 41 14.45 -0.36 8.19
CA SER A 41 15.59 -0.96 8.88
C SER A 41 15.31 -2.28 9.59
N HIS A 42 14.22 -2.35 10.36
CA HIS A 42 13.91 -3.55 11.15
C HIS A 42 13.59 -4.72 10.21
N PHE A 43 12.83 -4.46 9.15
CA PHE A 43 12.42 -5.48 8.19
C PHE A 43 13.59 -5.85 7.28
N LEU A 44 14.11 -4.87 6.53
CA LEU A 44 15.19 -5.07 5.59
C LEU A 44 16.51 -4.64 6.22
N GLU A 45 17.48 -5.56 6.19
CA GLU A 45 18.84 -5.25 6.60
C GLU A 45 19.44 -4.24 5.62
N GLU A 46 20.54 -3.60 6.01
CA GLU A 46 21.17 -2.58 5.18
C GLU A 46 21.46 -3.14 3.78
N ILE A 47 21.11 -2.36 2.76
CA ILE A 47 21.10 -2.84 1.39
C ILE A 47 22.53 -2.82 0.83
N LYS A 48 23.19 -1.67 0.99
CA LYS A 48 24.56 -1.35 0.61
C LYS A 48 24.95 -1.60 -0.87
N GLU A 49 24.81 -2.81 -1.40
CA GLU A 49 25.13 -3.09 -2.78
C GLU A 49 24.14 -2.37 -3.71
N GLN A 50 24.55 -1.23 -4.27
CA GLN A 50 23.77 -0.43 -5.22
C GLN A 50 23.11 -1.29 -6.31
N GLU A 51 23.79 -2.35 -6.73
CA GLU A 51 23.30 -3.26 -7.76
C GLU A 51 21.95 -3.85 -7.33
N VAL A 52 21.82 -4.22 -6.04
CA VAL A 52 20.60 -4.81 -5.53
C VAL A 52 19.52 -3.73 -5.38
N VAL A 53 19.88 -2.50 -4.97
CA VAL A 53 18.90 -1.42 -4.90
C VAL A 53 18.30 -1.22 -6.30
N ASP A 54 19.18 -1.10 -7.29
CA ASP A 54 18.81 -1.00 -8.68
C ASP A 54 17.93 -2.18 -9.08
N LYS A 55 18.29 -3.41 -8.70
CA LYS A 55 17.51 -4.58 -9.04
C LYS A 55 16.09 -4.50 -8.47
N VAL A 56 15.95 -4.23 -7.17
CA VAL A 56 14.62 -4.21 -6.56
C VAL A 56 13.79 -3.06 -7.12
N MET A 57 14.41 -1.89 -7.37
CA MET A 57 13.66 -0.81 -8.01
C MET A 57 13.24 -1.24 -9.42
N GLU A 58 14.18 -1.78 -10.22
CA GLU A 58 13.96 -2.23 -11.58
C GLU A 58 12.77 -3.20 -11.61
N THR A 59 12.72 -4.12 -10.65
CA THR A 59 11.66 -5.10 -10.51
C THR A 59 10.27 -4.41 -10.44
N LEU A 60 10.18 -3.20 -9.89
CA LEU A 60 8.95 -2.41 -9.84
C LEU A 60 8.93 -1.26 -10.85
N ASP A 61 9.94 -1.08 -11.70
CA ASP A 61 10.07 0.12 -12.53
C ASP A 61 9.12 0.08 -13.74
N SER A 62 7.80 0.14 -13.48
CA SER A 62 6.77 0.25 -14.49
C SER A 62 7.03 1.43 -15.43
N ASP A 63 7.64 2.49 -14.89
CA ASP A 63 7.92 3.72 -15.60
C ASP A 63 9.02 3.51 -16.64
N GLY A 64 9.79 2.41 -16.55
CA GLY A 64 10.95 2.16 -17.41
C GLY A 64 11.92 3.35 -17.43
N ASP A 65 11.98 4.09 -16.31
CA ASP A 65 12.70 5.36 -16.21
C ASP A 65 13.81 5.26 -15.16
N GLY A 66 14.07 4.05 -14.63
CA GLY A 66 14.93 3.87 -13.49
C GLY A 66 14.18 4.29 -12.23
N GLU A 67 13.92 5.60 -12.11
CA GLU A 67 13.19 6.17 -10.99
C GLU A 67 11.82 5.50 -10.87
N CYS A 68 11.46 5.05 -9.66
CA CYS A 68 10.20 4.36 -9.40
C CYS A 68 9.19 5.37 -8.87
N ASP A 69 7.99 5.45 -9.46
CA ASP A 69 6.98 6.43 -9.04
C ASP A 69 6.29 5.99 -7.74
N PHE A 70 5.54 6.91 -7.12
CA PHE A 70 4.83 6.63 -5.88
C PHE A 70 4.03 5.32 -5.95
N GLN A 71 3.28 5.06 -7.03
CA GLN A 71 2.55 3.81 -7.20
C GLN A 71 3.46 2.60 -7.03
N GLU A 72 4.67 2.63 -7.61
CA GLU A 72 5.57 1.50 -7.60
C GLU A 72 6.18 1.32 -6.22
N PHE A 73 6.59 2.42 -5.60
CA PHE A 73 6.98 2.41 -4.19
C PHE A 73 5.85 1.76 -3.37
N MET A 74 4.62 2.21 -3.62
CA MET A 74 3.46 1.76 -2.87
C MET A 74 3.18 0.28 -3.12
N ALA A 75 3.42 -0.21 -4.34
CA ALA A 75 3.34 -1.63 -4.64
C ALA A 75 4.36 -2.41 -3.81
N PHE A 76 5.61 -1.91 -3.74
CA PHE A 76 6.66 -2.52 -2.94
C PHE A 76 6.22 -2.55 -1.46
N VAL A 77 5.76 -1.42 -0.95
CA VAL A 77 5.16 -1.33 0.37
C VAL A 77 4.08 -2.41 0.52
N ALA A 78 3.14 -2.50 -0.43
CA ALA A 78 2.03 -3.43 -0.32
C ALA A 78 2.52 -4.87 -0.15
N MET A 79 3.40 -5.34 -1.04
CA MET A 79 3.92 -6.70 -0.92
C MET A 79 4.63 -6.91 0.43
N ILE A 80 5.47 -5.95 0.84
CA ILE A 80 6.23 -6.05 2.08
C ILE A 80 5.27 -6.16 3.29
N THR A 81 4.36 -5.19 3.40
CA THR A 81 3.37 -5.16 4.47
C THR A 81 2.60 -6.48 4.48
N THR A 82 2.15 -6.93 3.30
CA THR A 82 1.38 -8.17 3.22
C THR A 82 2.25 -9.37 3.63
N ALA A 83 3.52 -9.39 3.26
CA ALA A 83 4.41 -10.46 3.68
C ALA A 83 4.51 -10.50 5.20
N CYS A 84 4.69 -9.33 5.83
CA CYS A 84 4.70 -9.23 7.28
C CYS A 84 3.36 -9.70 7.88
N HIS A 85 2.24 -9.19 7.35
CA HIS A 85 0.90 -9.57 7.74
C HIS A 85 0.73 -11.10 7.74
N GLU A 86 1.11 -11.75 6.64
CA GLU A 86 1.05 -13.19 6.54
C GLU A 86 1.98 -13.83 7.57
N PHE A 87 3.22 -13.34 7.69
CA PHE A 87 4.15 -13.85 8.70
C PHE A 87 3.52 -13.77 10.09
N PHE A 88 2.66 -12.77 10.32
CA PHE A 88 2.01 -12.54 11.60
C PHE A 88 1.20 -13.76 12.05
N GLU A 89 0.85 -14.70 11.15
CA GLU A 89 0.29 -15.98 11.58
C GLU A 89 1.22 -16.62 12.62
N HIS A 90 2.54 -16.56 12.40
CA HIS A 90 3.53 -16.91 13.39
C HIS A 90 3.58 -15.81 14.46
N GLU A 91 2.55 -15.70 15.30
CA GLU A 91 2.53 -14.67 16.32
C GLU A 91 3.65 -14.91 17.35
N SER B 1 11.25 2.09 12.22
CA SER B 1 11.22 3.45 11.61
C SER B 1 9.81 3.82 11.12
N GLU B 2 9.64 5.01 10.53
CA GLU B 2 8.32 5.55 10.23
C GLU B 2 7.48 4.63 9.34
N LEU B 3 8.02 4.21 8.19
CA LEU B 3 7.27 3.32 7.31
C LEU B 3 6.92 2.03 8.07
N GLU B 4 7.86 1.51 8.86
CA GLU B 4 7.62 0.30 9.66
C GLU B 4 6.48 0.52 10.64
N LYS B 5 6.42 1.70 11.28
CA LYS B 5 5.36 2.04 12.21
C LYS B 5 4.01 2.01 11.49
N ALA B 6 3.94 2.74 10.37
CA ALA B 6 2.76 2.76 9.50
C ALA B 6 2.33 1.33 9.14
N VAL B 7 3.28 0.53 8.67
CA VAL B 7 3.08 -0.87 8.30
C VAL B 7 2.46 -1.66 9.46
N VAL B 8 3.10 -1.68 10.63
CA VAL B 8 2.56 -2.47 11.73
C VAL B 8 1.21 -1.91 12.20
N ALA B 9 1.01 -0.59 12.13
CA ALA B 9 -0.30 0.00 12.41
C ALA B 9 -1.36 -0.59 11.47
N LEU B 10 -1.09 -0.61 10.15
CA LEU B 10 -2.00 -1.21 9.18
C LEU B 10 -2.33 -2.64 9.58
N ILE B 11 -1.29 -3.45 9.82
CA ILE B 11 -1.46 -4.87 10.12
C ILE B 11 -2.29 -5.04 11.39
N ASP B 12 -1.89 -4.37 12.47
CA ASP B 12 -2.50 -4.51 13.78
C ASP B 12 -3.97 -4.09 13.75
N VAL B 13 -4.25 -2.90 13.22
CA VAL B 13 -5.62 -2.40 13.12
C VAL B 13 -6.44 -3.41 12.33
N PHE B 14 -6.00 -3.72 11.11
CA PHE B 14 -6.71 -4.64 10.25
C PHE B 14 -7.04 -5.92 11.00
N HIS B 15 -6.04 -6.52 11.67
CA HIS B 15 -6.23 -7.76 12.42
C HIS B 15 -7.40 -7.68 13.41
N GLN B 16 -7.66 -6.51 14.00
CA GLN B 16 -8.80 -6.42 14.90
C GLN B 16 -10.08 -6.58 14.08
N TYR B 17 -10.22 -5.78 13.02
CA TYR B 17 -11.42 -5.76 12.19
C TYR B 17 -11.69 -7.11 11.54
N SER B 18 -10.70 -7.66 10.84
CA SER B 18 -10.77 -8.98 10.23
C SER B 18 -10.97 -10.07 11.28
N GLY B 19 -10.58 -9.81 12.54
CA GLY B 19 -10.83 -10.70 13.65
C GLY B 19 -12.33 -10.74 13.99
N ARG B 20 -13.00 -9.58 14.01
CA ARG B 20 -14.39 -9.51 14.48
C ARG B 20 -15.30 -10.34 13.57
N GLU B 21 -15.21 -10.09 12.26
CA GLU B 21 -15.89 -10.90 11.26
C GLU B 21 -14.90 -11.20 10.14
N GLY B 22 -14.42 -12.44 10.09
CA GLY B 22 -13.55 -12.91 9.04
C GLY B 22 -12.69 -14.05 9.58
N ASP B 23 -11.42 -13.75 9.85
CA ASP B 23 -10.40 -14.73 10.23
C ASP B 23 -9.05 -14.06 10.52
N LYS B 24 -9.03 -12.78 10.92
CA LYS B 24 -7.80 -12.02 11.13
C LYS B 24 -7.10 -11.59 9.82
N HIS B 25 -7.43 -12.20 8.68
CA HIS B 25 -6.74 -12.00 7.40
C HIS B 25 -7.67 -11.45 6.29
N LYS B 26 -8.99 -11.63 6.38
CA LYS B 26 -9.96 -11.13 5.42
C LYS B 26 -10.95 -10.18 6.12
N LEU B 27 -11.45 -9.16 5.42
CA LEU B 27 -12.51 -8.26 5.90
C LEU B 27 -13.80 -8.52 5.11
N LYS B 28 -14.93 -8.69 5.80
CA LYS B 28 -16.23 -8.72 5.14
C LYS B 28 -16.66 -7.28 4.80
N LYS B 29 -17.70 -7.13 3.99
CA LYS B 29 -18.23 -5.81 3.63
C LYS B 29 -18.56 -4.96 4.86
N SER B 30 -19.07 -5.57 5.93
CA SER B 30 -19.37 -4.87 7.17
C SER B 30 -18.10 -4.30 7.80
N GLU B 31 -17.08 -5.16 7.99
CA GLU B 31 -15.85 -4.74 8.64
C GLU B 31 -15.15 -3.70 7.77
N LEU B 32 -15.05 -3.99 6.47
CA LEU B 32 -14.46 -3.12 5.47
C LEU B 32 -15.14 -1.75 5.52
N LYS B 33 -16.48 -1.72 5.45
CA LYS B 33 -17.23 -0.48 5.50
C LYS B 33 -16.87 0.28 6.76
N GLU B 34 -17.09 -0.32 7.93
CA GLU B 34 -16.94 0.38 9.18
C GLU B 34 -15.51 0.91 9.30
N LEU B 35 -14.55 0.03 9.04
CA LEU B 35 -13.14 0.34 9.05
C LEU B 35 -12.84 1.56 8.18
N ILE B 36 -13.28 1.57 6.92
CA ILE B 36 -13.02 2.72 6.06
C ILE B 36 -13.69 3.97 6.64
N ASN B 37 -14.99 3.93 6.92
CA ASN B 37 -15.72 5.09 7.44
C ASN B 37 -15.00 5.67 8.66
N ASN B 38 -14.65 4.79 9.58
CA ASN B 38 -14.01 5.13 10.85
C ASN B 38 -12.63 5.73 10.59
N GLU B 39 -11.78 5.00 9.87
CA GLU B 39 -10.38 5.36 9.74
C GLU B 39 -10.09 6.39 8.65
N LEU B 40 -10.69 6.29 7.46
CA LEU B 40 -10.53 7.29 6.41
C LEU B 40 -11.50 8.45 6.70
N SER B 41 -11.47 8.94 7.94
CA SER B 41 -12.44 9.88 8.49
C SER B 41 -12.48 11.20 7.71
N HIS B 42 -11.33 11.69 7.26
CA HIS B 42 -11.25 12.83 6.37
C HIS B 42 -11.29 12.35 4.92
N PHE B 43 -10.56 11.28 4.64
CA PHE B 43 -10.32 10.81 3.29
C PHE B 43 -11.62 10.52 2.54
N LEU B 44 -12.49 9.65 3.09
CA LEU B 44 -13.78 9.33 2.51
C LEU B 44 -14.90 9.74 3.48
N GLU B 45 -15.89 10.49 2.98
CA GLU B 45 -17.08 10.82 3.75
C GLU B 45 -18.00 9.60 3.83
N GLU B 46 -18.97 9.65 4.76
CA GLU B 46 -19.83 8.53 5.15
C GLU B 46 -20.31 7.68 3.97
N ILE B 47 -19.82 6.45 3.90
CA ILE B 47 -20.00 5.56 2.76
C ILE B 47 -21.33 4.83 2.94
N LYS B 48 -22.41 5.61 2.90
CA LYS B 48 -23.76 5.17 3.25
C LYS B 48 -24.16 3.89 2.53
N GLU B 49 -24.19 3.94 1.20
CA GLU B 49 -24.77 2.89 0.37
C GLU B 49 -23.95 1.60 0.49
N GLN B 50 -24.45 0.59 1.21
CA GLN B 50 -23.81 -0.72 1.29
C GLN B 50 -23.64 -1.34 -0.10
N GLU B 51 -24.45 -0.93 -1.07
CA GLU B 51 -24.26 -1.33 -2.47
C GLU B 51 -22.85 -0.93 -2.92
N VAL B 52 -22.45 0.31 -2.59
CA VAL B 52 -21.15 0.83 -2.96
C VAL B 52 -20.07 0.17 -2.11
N VAL B 53 -20.26 0.04 -0.78
CA VAL B 53 -19.25 -0.60 0.05
C VAL B 53 -18.95 -2.02 -0.49
N ASP B 54 -20.01 -2.76 -0.81
CA ASP B 54 -19.90 -4.05 -1.45
C ASP B 54 -19.13 -3.92 -2.76
N LYS B 55 -19.52 -3.02 -3.66
CA LYS B 55 -18.88 -2.93 -4.96
C LYS B 55 -17.37 -2.62 -4.84
N VAL B 56 -17.01 -1.59 -4.07
CA VAL B 56 -15.63 -1.10 -4.02
C VAL B 56 -14.68 -2.15 -3.46
N MET B 57 -15.13 -3.02 -2.54
CA MET B 57 -14.33 -4.15 -2.08
C MET B 57 -14.43 -5.34 -3.03
N GLU B 58 -15.65 -5.67 -3.48
CA GLU B 58 -15.93 -6.79 -4.37
C GLU B 58 -15.06 -6.73 -5.62
N THR B 59 -14.96 -5.54 -6.24
CA THR B 59 -14.13 -5.37 -7.43
C THR B 59 -12.66 -5.77 -7.19
N LEU B 60 -12.20 -5.77 -5.93
CA LEU B 60 -10.84 -6.14 -5.54
C LEU B 60 -10.79 -7.55 -4.95
N ASP B 61 -11.89 -8.31 -4.95
CA ASP B 61 -11.98 -9.59 -4.26
C ASP B 61 -11.22 -10.69 -5.02
N SER B 62 -9.89 -10.60 -5.01
CA SER B 62 -8.99 -11.60 -5.58
C SER B 62 -9.30 -13.00 -5.05
N ASP B 63 -9.75 -13.06 -3.79
CA ASP B 63 -10.04 -14.32 -3.10
C ASP B 63 -11.32 -14.96 -3.65
N GLY B 64 -12.14 -14.20 -4.38
CA GLY B 64 -13.46 -14.65 -4.84
C GLY B 64 -14.30 -15.21 -3.70
N ASP B 65 -14.11 -14.69 -2.48
CA ASP B 65 -14.68 -15.24 -1.26
C ASP B 65 -15.62 -14.23 -0.58
N GLY B 66 -15.93 -13.13 -1.28
CA GLY B 66 -16.65 -12.01 -0.72
C GLY B 66 -15.73 -11.21 0.21
N GLU B 67 -15.36 -11.82 1.34
CA GLU B 67 -14.42 -11.23 2.26
C GLU B 67 -13.07 -11.00 1.54
N CYS B 68 -12.52 -9.79 1.67
CA CYS B 68 -11.37 -9.34 0.89
C CYS B 68 -10.11 -9.41 1.75
N ASP B 69 -8.99 -9.85 1.18
CA ASP B 69 -7.77 -10.10 1.92
C ASP B 69 -7.03 -8.81 2.22
N PHE B 70 -6.14 -8.88 3.21
CA PHE B 70 -5.22 -7.80 3.55
C PHE B 70 -4.50 -7.26 2.31
N GLN B 71 -4.07 -8.13 1.39
CA GLN B 71 -3.46 -7.71 0.13
C GLN B 71 -4.34 -6.72 -0.63
N GLU B 72 -5.65 -6.98 -0.67
CA GLU B 72 -6.60 -6.21 -1.43
C GLU B 72 -6.93 -4.91 -0.69
N PHE B 73 -7.05 -5.00 0.64
CA PHE B 73 -7.13 -3.82 1.49
C PHE B 73 -5.93 -2.90 1.18
N MET B 74 -4.72 -3.46 1.14
CA MET B 74 -3.53 -2.73 0.74
C MET B 74 -3.64 -2.15 -0.66
N ALA B 75 -4.18 -2.91 -1.62
CA ALA B 75 -4.43 -2.38 -2.96
C ALA B 75 -5.36 -1.16 -2.91
N PHE B 76 -6.43 -1.23 -2.10
CA PHE B 76 -7.35 -0.11 -1.94
C PHE B 76 -6.59 1.08 -1.36
N VAL B 77 -5.88 0.85 -0.25
CA VAL B 77 -5.03 1.86 0.36
C VAL B 77 -4.04 2.42 -0.67
N ALA B 78 -3.51 1.59 -1.59
CA ALA B 78 -2.59 2.05 -2.62
C ALA B 78 -3.26 3.07 -3.55
N MET B 79 -4.43 2.75 -4.12
CA MET B 79 -5.13 3.71 -4.97
C MET B 79 -5.45 4.99 -4.19
N ILE B 80 -5.91 4.85 -2.94
CA ILE B 80 -6.27 5.98 -2.09
C ILE B 80 -5.04 6.88 -1.86
N THR B 81 -3.96 6.32 -1.32
CA THR B 81 -2.73 7.06 -1.08
C THR B 81 -2.28 7.73 -2.38
N THR B 82 -2.29 7.01 -3.50
CA THR B 82 -1.88 7.57 -4.77
C THR B 82 -2.75 8.80 -5.12
N ALA B 83 -4.08 8.70 -5.01
CA ALA B 83 -4.94 9.86 -5.23
C ALA B 83 -4.54 11.01 -4.30
N CYS B 84 -4.32 10.72 -3.02
CA CYS B 84 -3.88 11.73 -2.08
C CYS B 84 -2.51 12.30 -2.43
N HIS B 85 -1.62 11.49 -3.00
CA HIS B 85 -0.30 11.90 -3.43
C HIS B 85 -0.42 12.85 -4.63
N GLU B 86 -1.27 12.51 -5.60
CA GLU B 86 -1.56 13.35 -6.75
C GLU B 86 -2.02 14.74 -6.30
N PHE B 87 -2.75 14.81 -5.19
CA PHE B 87 -3.05 16.09 -4.56
C PHE B 87 -1.79 16.68 -3.93
N PHE B 88 -1.22 15.97 -2.95
CA PHE B 88 -0.17 16.48 -2.08
C PHE B 88 1.06 16.97 -2.83
N GLU B 89 1.44 16.32 -3.93
CA GLU B 89 2.56 16.77 -4.74
C GLU B 89 2.33 18.18 -5.31
N HIS B 90 1.08 18.53 -5.63
CA HIS B 90 0.69 19.86 -6.06
C HIS B 90 -0.44 20.38 -5.16
N GLU B 91 -0.11 20.72 -3.90
CA GLU B 91 -1.11 21.17 -2.94
C GLU B 91 -1.97 22.31 -3.48
N LYS C 1 31.80 -16.14 -9.30
CA LYS C 1 32.51 -16.03 -10.59
C LYS C 1 33.62 -14.99 -10.50
N ARG C 2 33.24 -13.74 -10.18
CA ARG C 2 34.19 -12.66 -9.96
C ARG C 2 35.19 -13.07 -8.87
N LEU C 3 36.48 -13.12 -9.23
CA LEU C 3 37.56 -13.58 -8.37
C LEU C 3 37.27 -15.00 -7.84
N ARG C 4 36.64 -15.84 -8.67
CA ARG C 4 36.17 -17.17 -8.30
C ARG C 4 35.00 -17.01 -7.34
N ARG C 5 35.28 -16.62 -6.09
CA ARG C 5 34.32 -16.38 -5.02
C ARG C 5 33.12 -17.34 -5.07
N SER C 6 33.37 -18.61 -4.73
CA SER C 6 32.42 -19.70 -4.87
C SER C 6 31.03 -19.35 -4.32
N ALA C 7 30.95 -18.73 -3.14
CA ALA C 7 29.68 -18.42 -2.49
C ALA C 7 28.97 -17.20 -3.12
N HIS C 8 28.93 -17.09 -4.45
CA HIS C 8 28.23 -16.02 -5.14
C HIS C 8 26.73 -16.33 -5.22
N ALA C 9 26.13 -16.56 -4.04
CA ALA C 9 24.72 -16.87 -3.90
C ALA C 9 23.87 -15.61 -4.06
N ARG C 10 22.55 -15.80 -4.22
CA ARG C 10 21.60 -14.72 -4.45
C ARG C 10 21.33 -13.99 -3.13
N LYS C 11 22.34 -13.31 -2.60
CA LYS C 11 22.32 -12.54 -1.36
C LYS C 11 21.08 -11.63 -1.22
N GLU C 12 20.50 -11.19 -2.34
CA GLU C 12 19.23 -10.48 -2.41
C GLU C 12 18.17 -11.11 -1.50
N THR C 13 18.17 -12.44 -1.38
CA THR C 13 17.32 -13.20 -0.48
C THR C 13 17.25 -12.57 0.91
N GLU C 14 18.36 -12.02 1.43
CA GLU C 14 18.37 -11.35 2.73
C GLU C 14 17.24 -10.32 2.83
N PHE C 15 17.05 -9.53 1.77
CA PHE C 15 16.07 -8.47 1.73
C PHE C 15 14.72 -9.04 1.28
N LEU C 16 14.75 -9.86 0.23
CA LEU C 16 13.55 -10.48 -0.33
C LEU C 16 12.97 -11.56 0.60
N ARG C 17 13.64 -11.82 1.73
CA ARG C 17 13.31 -12.81 2.75
C ARG C 17 11.82 -12.81 3.07
N LEU C 18 11.26 -11.64 3.38
CA LEU C 18 9.87 -11.51 3.78
C LEU C 18 8.97 -12.02 2.65
N LYS C 19 9.14 -11.43 1.47
CA LYS C 19 8.39 -11.77 0.26
C LYS C 19 8.47 -13.28 0.01
N ARG C 20 9.69 -13.80 -0.05
CA ARG C 20 9.95 -15.22 -0.28
C ARG C 20 9.19 -16.06 0.75
N THR C 21 9.32 -15.73 2.03
CA THR C 21 8.71 -16.51 3.10
C THR C 21 7.18 -16.53 2.93
N ARG C 22 6.57 -15.40 2.60
CA ARG C 22 5.11 -15.32 2.59
C ARG C 22 4.43 -16.33 1.66
N LEU C 23 5.15 -16.84 0.64
CA LEU C 23 4.59 -17.88 -0.23
C LEU C 23 4.26 -19.13 0.59
N GLY C 24 5.04 -19.40 1.64
CA GLY C 24 4.77 -20.51 2.55
C GLY C 24 3.50 -20.31 3.36
N LEU C 25 3.10 -19.05 3.61
CA LEU C 25 1.92 -18.71 4.38
C LEU C 25 0.70 -18.75 3.46
N GLU C 26 0.75 -18.01 2.34
CA GLU C 26 -0.25 -18.09 1.29
C GLU C 26 0.44 -18.13 -0.07
N LYS D 1 -28.90 14.13 -19.92
CA LYS D 1 -27.80 15.09 -19.62
C LYS D 1 -26.44 14.42 -19.82
N ARG D 2 -25.36 15.19 -19.66
CA ARG D 2 -23.99 14.69 -19.68
C ARG D 2 -23.82 13.79 -18.45
N LEU D 3 -24.17 12.50 -18.61
CA LEU D 3 -24.28 11.55 -17.51
C LEU D 3 -25.43 12.03 -16.61
N ARG D 4 -25.48 11.59 -15.34
CA ARG D 4 -26.58 11.83 -14.41
C ARG D 4 -27.81 11.01 -14.81
N ARG D 5 -28.23 11.07 -16.08
CA ARG D 5 -29.25 10.18 -16.62
C ARG D 5 -28.89 8.72 -16.31
N SER D 6 -27.58 8.41 -16.31
CA SER D 6 -26.99 7.17 -15.86
C SER D 6 -27.16 7.03 -14.34
N ALA D 7 -28.39 6.82 -13.88
CA ALA D 7 -28.76 6.74 -12.47
C ALA D 7 -28.47 8.05 -11.75
N HIS D 8 -29.48 8.88 -11.53
CA HIS D 8 -29.28 10.22 -10.99
C HIS D 8 -28.95 10.23 -9.49
N ALA D 9 -28.90 9.06 -8.85
CA ALA D 9 -28.59 8.92 -7.43
C ALA D 9 -27.09 9.10 -7.16
N ARG D 10 -26.56 10.27 -7.51
CA ARG D 10 -25.14 10.59 -7.42
C ARG D 10 -24.56 10.45 -6.01
N LYS D 11 -25.41 10.32 -4.99
CA LYS D 11 -25.00 9.93 -3.64
C LYS D 11 -24.04 8.74 -3.71
N GLU D 12 -24.30 7.79 -4.62
CA GLU D 12 -23.44 6.63 -4.83
C GLU D 12 -21.97 7.01 -5.06
N THR D 13 -21.73 8.12 -5.78
CA THR D 13 -20.40 8.61 -6.10
C THR D 13 -19.89 9.62 -5.07
N GLU D 14 -20.68 9.99 -4.06
CA GLU D 14 -20.32 11.05 -3.12
C GLU D 14 -18.94 10.84 -2.52
N PHE D 15 -18.68 9.62 -2.03
CA PHE D 15 -17.44 9.31 -1.32
C PHE D 15 -16.29 9.33 -2.33
N LEU D 16 -16.46 8.58 -3.42
CA LEU D 16 -15.49 8.50 -4.51
C LEU D 16 -15.16 9.89 -5.07
N ARG D 17 -16.11 10.82 -5.06
CA ARG D 17 -15.87 12.18 -5.51
C ARG D 17 -14.71 12.81 -4.73
N LEU D 18 -14.54 12.53 -3.44
CA LEU D 18 -13.36 13.01 -2.73
C LEU D 18 -12.10 12.42 -3.33
N LYS D 19 -12.07 11.10 -3.57
CA LYS D 19 -10.94 10.45 -4.21
C LYS D 19 -10.62 11.14 -5.55
N ARG D 20 -11.64 11.34 -6.38
CA ARG D 20 -11.51 12.07 -7.64
C ARG D 20 -10.94 13.47 -7.39
N THR D 21 -11.44 14.18 -6.39
CA THR D 21 -10.97 15.53 -6.11
C THR D 21 -9.47 15.50 -5.79
N ARG D 22 -9.04 14.56 -4.95
CA ARG D 22 -7.62 14.45 -4.61
C ARG D 22 -6.81 14.02 -5.83
N LEU D 23 -7.35 13.11 -6.65
CA LEU D 23 -6.64 12.54 -7.79
C LEU D 23 -6.46 13.58 -8.90
N GLY D 24 -7.48 14.40 -9.13
CA GLY D 24 -7.51 15.42 -10.16
C GLY D 24 -7.58 16.79 -9.49
N LEU D 25 -6.57 17.09 -8.66
CA LEU D 25 -6.44 18.36 -7.95
C LEU D 25 -6.40 19.51 -8.95
N GLU D 26 -5.49 19.41 -9.93
CA GLU D 26 -5.33 20.36 -11.01
C GLU D 26 -4.90 19.60 -12.26
N SER A 1 -7.88 9.59 11.53
CA SER A 1 -7.75 8.23 12.10
C SER A 1 -6.44 7.56 11.68
N GLU A 2 -6.10 6.46 12.35
CA GLU A 2 -4.80 5.79 12.25
C GLU A 2 -4.34 5.65 10.79
N LEU A 3 -5.18 5.06 9.93
CA LEU A 3 -4.80 4.82 8.55
C LEU A 3 -4.48 6.13 7.83
N GLU A 4 -5.23 7.20 8.09
CA GLU A 4 -4.97 8.49 7.44
C GLU A 4 -3.59 9.01 7.85
N LYS A 5 -3.25 8.87 9.14
CA LYS A 5 -1.95 9.28 9.65
C LYS A 5 -0.84 8.48 8.96
N ALA A 6 -0.98 7.16 8.98
CA ALA A 6 -0.06 6.25 8.28
C ALA A 6 0.11 6.66 6.82
N VAL A 7 -1.01 6.91 6.13
CA VAL A 7 -1.05 7.33 4.75
C VAL A 7 -0.28 8.65 4.54
N VAL A 8 -0.60 9.71 5.29
CA VAL A 8 0.11 10.96 5.08
C VAL A 8 1.60 10.81 5.43
N ALA A 9 1.94 9.97 6.42
CA ALA A 9 3.32 9.62 6.67
C ALA A 9 3.97 9.01 5.43
N LEU A 10 3.34 8.01 4.80
CA LEU A 10 3.86 7.44 3.55
C LEU A 10 4.06 8.53 2.49
N ILE A 11 3.03 9.35 2.25
CA ILE A 11 3.08 10.39 1.24
C ILE A 11 4.27 11.31 1.53
N ASP A 12 4.35 11.83 2.76
CA ASP A 12 5.34 12.82 3.13
C ASP A 12 6.74 12.23 3.07
N VAL A 13 6.97 11.10 3.73
CA VAL A 13 8.27 10.46 3.76
C VAL A 13 8.73 10.22 2.32
N PHE A 14 7.87 9.62 1.50
CA PHE A 14 8.21 9.41 0.11
C PHE A 14 8.56 10.75 -0.55
N HIS A 15 7.70 11.74 -0.46
CA HIS A 15 7.86 13.02 -1.13
C HIS A 15 9.21 13.65 -0.79
N GLN A 16 9.49 13.77 0.51
CA GLN A 16 10.70 14.43 0.99
C GLN A 16 11.97 13.72 0.52
N TYR A 17 11.95 12.39 0.34
CA TYR A 17 13.06 11.67 -0.29
C TYR A 17 13.09 11.88 -1.80
N SER A 18 11.99 11.58 -2.47
CA SER A 18 11.87 11.60 -3.92
C SER A 18 12.24 12.97 -4.50
N GLY A 19 11.86 14.04 -3.82
CA GLY A 19 12.19 15.40 -4.23
C GLY A 19 13.69 15.63 -4.34
N ARG A 20 14.50 14.86 -3.60
CA ARG A 20 15.94 15.09 -3.55
C ARG A 20 16.61 14.60 -4.83
N GLU A 21 16.33 13.37 -5.26
CA GLU A 21 16.81 12.84 -6.54
C GLU A 21 15.76 11.91 -7.16
N GLY A 22 15.42 12.18 -8.42
CA GLY A 22 14.39 11.49 -9.18
C GLY A 22 13.35 12.53 -9.56
N ASP A 23 12.31 12.69 -8.75
CA ASP A 23 11.31 13.76 -8.88
C ASP A 23 10.45 13.70 -7.62
N LYS A 24 9.65 14.72 -7.32
CA LYS A 24 8.68 14.66 -6.22
C LYS A 24 7.89 13.34 -6.22
N HIS A 25 7.57 12.82 -7.40
CA HIS A 25 6.78 11.61 -7.59
C HIS A 25 7.63 10.34 -7.76
N LYS A 26 8.97 10.43 -7.82
CA LYS A 26 9.84 9.33 -8.21
C LYS A 26 11.15 9.28 -7.40
N LEU A 27 11.48 8.12 -6.83
CA LEU A 27 12.71 7.87 -6.07
C LEU A 27 13.84 7.39 -6.97
N LYS A 28 14.95 8.14 -7.05
CA LYS A 28 16.16 7.61 -7.69
C LYS A 28 16.82 6.65 -6.70
N LYS A 29 17.60 5.67 -7.17
CA LYS A 29 18.19 4.61 -6.33
C LYS A 29 19.02 5.14 -5.17
N SER A 30 19.61 6.33 -5.32
CA SER A 30 20.24 7.05 -4.23
C SER A 30 19.27 7.20 -3.06
N GLU A 31 18.06 7.69 -3.36
CA GLU A 31 17.02 7.93 -2.39
C GLU A 31 16.39 6.60 -1.96
N LEU A 32 16.05 5.76 -2.94
CA LEU A 32 15.40 4.48 -2.69
C LEU A 32 16.24 3.64 -1.72
N LYS A 33 17.57 3.65 -1.89
CA LYS A 33 18.48 2.93 -1.01
C LYS A 33 18.29 3.39 0.44
N GLU A 34 18.53 4.68 0.72
CA GLU A 34 18.48 5.19 2.07
C GLU A 34 17.05 5.08 2.63
N LEU A 35 16.05 5.32 1.79
CA LEU A 35 14.64 5.08 2.12
C LEU A 35 14.50 3.66 2.65
N ILE A 36 14.93 2.62 1.93
CA ILE A 36 14.75 1.26 2.42
C ILE A 36 15.55 1.04 3.71
N ASN A 37 16.84 1.37 3.72
CA ASN A 37 17.68 1.08 4.89
C ASN A 37 17.14 1.78 6.14
N ASN A 38 16.77 3.04 6.02
CA ASN A 38 16.32 3.87 7.13
C ASN A 38 14.90 3.52 7.55
N GLU A 39 14.01 3.32 6.57
CA GLU A 39 12.60 3.13 6.84
C GLU A 39 12.26 1.66 7.13
N LEU A 40 12.82 0.72 6.37
CA LEU A 40 12.56 -0.72 6.51
C LEU A 40 13.73 -1.41 7.22
N SER A 41 14.35 -0.77 8.21
CA SER A 41 15.54 -1.30 8.88
C SER A 41 15.38 -2.71 9.42
N HIS A 42 14.16 -3.07 9.83
CA HIS A 42 13.81 -4.38 10.37
C HIS A 42 13.09 -5.20 9.29
N PHE A 43 12.13 -4.57 8.60
CA PHE A 43 11.31 -5.23 7.59
C PHE A 43 12.12 -5.72 6.39
N LEU A 44 13.27 -5.12 6.10
CA LEU A 44 14.22 -5.61 5.13
C LEU A 44 15.62 -5.59 5.76
N GLU A 45 16.50 -6.51 5.35
CA GLU A 45 17.90 -6.40 5.74
C GLU A 45 18.51 -5.18 5.07
N GLU A 46 19.50 -4.54 5.71
CA GLU A 46 20.24 -3.45 5.10
C GLU A 46 20.85 -3.91 3.78
N ILE A 47 20.97 -2.98 2.85
CA ILE A 47 21.31 -3.27 1.46
C ILE A 47 22.82 -3.34 1.23
N LYS A 48 23.54 -2.25 1.54
CA LYS A 48 24.95 -2.08 1.25
C LYS A 48 25.23 -2.07 -0.26
N GLU A 49 25.12 -3.21 -0.95
CA GLU A 49 25.41 -3.32 -2.37
C GLU A 49 24.42 -2.50 -3.20
N GLN A 50 24.88 -1.39 -3.79
CA GLN A 50 24.08 -0.54 -4.67
C GLN A 50 23.42 -1.35 -5.81
N GLU A 51 24.04 -2.47 -6.18
CA GLU A 51 23.49 -3.40 -7.17
C GLU A 51 22.10 -3.89 -6.75
N VAL A 52 21.93 -4.23 -5.47
CA VAL A 52 20.70 -4.82 -4.97
C VAL A 52 19.57 -3.79 -5.05
N VAL A 53 19.80 -2.58 -4.51
CA VAL A 53 18.81 -1.52 -4.62
C VAL A 53 18.46 -1.29 -6.09
N ASP A 54 19.46 -1.21 -6.97
CA ASP A 54 19.22 -1.00 -8.39
C ASP A 54 18.33 -2.13 -8.95
N LYS A 55 18.65 -3.39 -8.61
CA LYS A 55 17.91 -4.55 -9.09
C LYS A 55 16.45 -4.48 -8.64
N VAL A 56 16.20 -4.22 -7.35
CA VAL A 56 14.83 -4.14 -6.89
C VAL A 56 14.14 -2.94 -7.56
N MET A 57 14.83 -1.80 -7.69
CA MET A 57 14.27 -0.66 -8.42
C MET A 57 13.80 -1.09 -9.81
N GLU A 58 14.69 -1.76 -10.56
CA GLU A 58 14.39 -2.27 -11.88
C GLU A 58 13.13 -3.14 -11.81
N THR A 59 13.08 -4.03 -10.84
CA THR A 59 11.94 -4.92 -10.60
C THR A 59 10.64 -4.13 -10.43
N LEU A 60 10.66 -2.90 -9.92
CA LEU A 60 9.46 -2.06 -9.81
C LEU A 60 9.39 -0.99 -10.91
N ASP A 61 10.34 -0.92 -11.83
CA ASP A 61 10.46 0.20 -12.75
C ASP A 61 9.47 0.07 -13.92
N SER A 62 8.16 0.06 -13.61
CA SER A 62 7.13 0.00 -14.63
C SER A 62 7.19 1.20 -15.58
N ASP A 63 7.71 2.33 -15.10
CA ASP A 63 7.87 3.53 -15.91
C ASP A 63 9.02 3.38 -16.93
N GLY A 64 9.88 2.37 -16.76
CA GLY A 64 11.05 2.17 -17.61
C GLY A 64 11.96 3.40 -17.63
N ASP A 65 12.01 4.13 -16.50
CA ASP A 65 12.75 5.38 -16.36
C ASP A 65 13.82 5.24 -15.27
N GLY A 66 14.08 4.01 -14.81
CA GLY A 66 14.91 3.77 -13.65
C GLY A 66 14.15 4.17 -12.39
N GLU A 67 14.01 5.48 -12.18
CA GLU A 67 13.51 6.07 -10.94
C GLU A 67 12.12 5.51 -10.61
N CYS A 68 11.90 5.07 -9.36
CA CYS A 68 10.70 4.33 -8.99
C CYS A 68 9.59 5.29 -8.59
N ASP A 69 8.45 5.27 -9.30
CA ASP A 69 7.34 6.17 -9.04
C ASP A 69 6.60 5.80 -7.75
N PHE A 70 5.83 6.76 -7.23
CA PHE A 70 5.08 6.58 -5.99
C PHE A 70 4.22 5.33 -5.99
N GLN A 71 3.45 5.11 -7.07
CA GLN A 71 2.64 3.90 -7.21
C GLN A 71 3.51 2.64 -7.05
N GLU A 72 4.64 2.58 -7.73
CA GLU A 72 5.54 1.43 -7.67
C GLU A 72 6.12 1.24 -6.26
N PHE A 73 6.52 2.34 -5.62
CA PHE A 73 6.89 2.32 -4.21
C PHE A 73 5.76 1.67 -3.41
N MET A 74 4.54 2.20 -3.52
CA MET A 74 3.45 1.75 -2.68
C MET A 74 3.02 0.31 -3.01
N ALA A 75 3.20 -0.12 -4.27
CA ALA A 75 3.00 -1.50 -4.67
C ALA A 75 4.02 -2.41 -3.96
N PHE A 76 5.28 -1.97 -3.88
CA PHE A 76 6.30 -2.71 -3.16
C PHE A 76 5.89 -2.79 -1.68
N VAL A 77 5.56 -1.64 -1.09
CA VAL A 77 5.01 -1.60 0.25
C VAL A 77 3.83 -2.57 0.38
N ALA A 78 2.94 -2.66 -0.61
CA ALA A 78 1.81 -3.58 -0.56
C ALA A 78 2.26 -5.03 -0.38
N MET A 79 3.17 -5.52 -1.23
CA MET A 79 3.65 -6.89 -1.06
C MET A 79 4.39 -7.08 0.26
N ILE A 80 5.23 -6.10 0.63
CA ILE A 80 5.96 -6.15 1.90
C ILE A 80 4.98 -6.29 3.07
N THR A 81 4.01 -5.38 3.18
CA THR A 81 3.01 -5.38 4.23
C THR A 81 2.24 -6.70 4.22
N THR A 82 1.77 -7.14 3.05
CA THR A 82 1.08 -8.41 2.93
C THR A 82 1.92 -9.55 3.49
N ALA A 83 3.19 -9.64 3.06
CA ALA A 83 4.06 -10.70 3.55
C ALA A 83 4.20 -10.61 5.07
N CYS A 84 4.45 -9.42 5.62
CA CYS A 84 4.59 -9.30 7.06
C CYS A 84 3.30 -9.68 7.78
N HIS A 85 2.14 -9.26 7.24
CA HIS A 85 0.83 -9.63 7.76
C HIS A 85 0.75 -11.15 7.85
N GLU A 86 0.88 -11.85 6.72
CA GLU A 86 0.78 -13.30 6.70
C GLU A 86 1.81 -13.94 7.63
N PHE A 87 3.03 -13.40 7.67
CA PHE A 87 4.10 -13.93 8.51
C PHE A 87 3.65 -13.88 9.97
N PHE A 88 3.37 -12.69 10.47
CA PHE A 88 3.07 -12.48 11.88
C PHE A 88 1.74 -13.12 12.28
N GLU A 89 0.77 -13.08 11.36
CA GLU A 89 -0.51 -13.77 11.50
C GLU A 89 -0.27 -15.24 11.81
N HIS A 90 0.50 -15.94 10.97
CA HIS A 90 0.85 -17.32 11.22
C HIS A 90 2.03 -17.33 12.22
N GLU A 91 1.75 -16.95 13.46
CA GLU A 91 2.77 -16.80 14.49
C GLU A 91 3.36 -18.17 14.84
N SER B 1 12.61 5.16 9.82
CA SER B 1 11.87 4.02 10.40
C SER B 1 10.37 4.28 10.57
N GLU B 2 9.90 5.46 10.15
CA GLU B 2 8.51 5.85 10.25
C GLU B 2 7.61 4.94 9.39
N LEU B 3 8.05 4.58 8.17
CA LEU B 3 7.24 3.70 7.33
C LEU B 3 6.86 2.43 8.08
N GLU B 4 7.81 1.82 8.81
CA GLU B 4 7.49 0.65 9.63
C GLU B 4 6.34 0.93 10.60
N LYS B 5 6.31 2.11 11.22
CA LYS B 5 5.23 2.46 12.15
C LYS B 5 3.89 2.50 11.40
N ALA B 6 3.86 3.23 10.29
CA ALA B 6 2.69 3.30 9.42
C ALA B 6 2.23 1.89 9.01
N VAL B 7 3.18 1.06 8.61
CA VAL B 7 2.95 -0.32 8.20
C VAL B 7 2.33 -1.14 9.34
N VAL B 8 2.95 -1.18 10.53
CA VAL B 8 2.36 -1.97 11.60
C VAL B 8 0.98 -1.44 11.97
N ALA B 9 0.76 -0.11 11.88
CA ALA B 9 -0.58 0.44 12.03
C ALA B 9 -1.54 -0.17 11.01
N LEU B 10 -1.20 -0.15 9.71
CA LEU B 10 -2.05 -0.73 8.67
C LEU B 10 -2.35 -2.20 8.98
N ILE B 11 -1.30 -2.99 9.22
CA ILE B 11 -1.45 -4.42 9.46
C ILE B 11 -2.36 -4.64 10.67
N ASP B 12 -2.03 -3.99 11.80
CA ASP B 12 -2.71 -4.25 13.06
C ASP B 12 -4.16 -3.82 12.98
N VAL B 13 -4.42 -2.59 12.56
CA VAL B 13 -5.76 -2.01 12.50
C VAL B 13 -6.63 -2.91 11.63
N PHE B 14 -6.18 -3.19 10.40
CA PHE B 14 -6.87 -4.10 9.51
C PHE B 14 -7.18 -5.41 10.24
N HIS B 15 -6.15 -6.00 10.85
CA HIS B 15 -6.30 -7.30 11.48
C HIS B 15 -7.30 -7.26 12.63
N GLN B 16 -7.42 -6.13 13.35
CA GLN B 16 -8.41 -6.05 14.43
C GLN B 16 -9.82 -6.20 13.86
N TYR B 17 -10.15 -5.42 12.82
CA TYR B 17 -11.45 -5.51 12.18
C TYR B 17 -11.64 -6.92 11.62
N SER B 18 -10.70 -7.37 10.79
CA SER B 18 -10.74 -8.68 10.15
C SER B 18 -10.89 -9.81 11.18
N GLY B 19 -10.23 -9.66 12.33
CA GLY B 19 -10.26 -10.62 13.41
C GLY B 19 -11.66 -10.79 13.96
N ARG B 20 -12.50 -9.75 13.88
CA ARG B 20 -13.87 -9.86 14.36
C ARG B 20 -14.67 -10.76 13.41
N GLU B 21 -14.65 -10.46 12.11
CA GLU B 21 -15.37 -11.24 11.12
C GLU B 21 -14.59 -11.32 9.81
N GLY B 22 -13.95 -12.46 9.56
CA GLY B 22 -13.29 -12.77 8.31
C GLY B 22 -12.20 -13.82 8.56
N ASP B 23 -11.64 -14.41 7.51
CA ASP B 23 -10.61 -15.42 7.61
C ASP B 23 -9.25 -14.80 7.92
N LYS B 24 -9.16 -14.13 9.08
CA LYS B 24 -7.98 -13.49 9.65
C LYS B 24 -7.49 -12.30 8.81
N HIS B 25 -7.09 -12.57 7.57
CA HIS B 25 -6.48 -11.62 6.65
C HIS B 25 -7.48 -11.08 5.62
N LYS B 26 -8.77 -11.09 5.96
CA LYS B 26 -9.84 -10.68 5.06
C LYS B 26 -10.94 -9.92 5.82
N LEU B 27 -11.57 -8.94 5.18
CA LEU B 27 -12.65 -8.13 5.74
C LEU B 27 -14.00 -8.48 5.09
N LYS B 28 -15.01 -8.84 5.88
CA LYS B 28 -16.40 -8.98 5.41
C LYS B 28 -16.95 -7.58 5.10
N LYS B 29 -18.10 -7.46 4.42
CA LYS B 29 -18.70 -6.15 4.18
C LYS B 29 -18.96 -5.38 5.48
N SER B 30 -19.34 -6.07 6.55
CA SER B 30 -19.53 -5.45 7.86
C SER B 30 -18.22 -4.78 8.30
N GLU B 31 -17.12 -5.54 8.28
CA GLU B 31 -15.85 -5.06 8.76
C GLU B 31 -15.31 -3.96 7.83
N LEU B 32 -15.36 -4.21 6.53
CA LEU B 32 -14.95 -3.29 5.48
C LEU B 32 -15.70 -1.97 5.64
N LYS B 33 -17.03 -2.01 5.78
CA LYS B 33 -17.84 -0.82 5.87
C LYS B 33 -17.32 0.05 7.03
N GLU B 34 -17.32 -0.49 8.25
CA GLU B 34 -16.93 0.32 9.40
C GLU B 34 -15.45 0.72 9.29
N LEU B 35 -14.59 -0.18 8.83
CA LEU B 35 -13.17 0.09 8.59
C LEU B 35 -13.04 1.33 7.73
N ILE B 36 -13.68 1.38 6.56
CA ILE B 36 -13.52 2.55 5.68
C ILE B 36 -14.12 3.78 6.36
N ASN B 37 -15.36 3.70 6.85
CA ASN B 37 -16.02 4.86 7.45
C ASN B 37 -15.18 5.46 8.57
N ASN B 38 -14.76 4.60 9.50
CA ASN B 38 -14.05 5.00 10.70
C ASN B 38 -12.65 5.47 10.35
N GLU B 39 -11.91 4.69 9.56
CA GLU B 39 -10.53 5.02 9.31
C GLU B 39 -10.39 6.13 8.26
N LEU B 40 -11.12 6.09 7.14
CA LEU B 40 -11.07 7.16 6.14
C LEU B 40 -12.08 8.25 6.49
N SER B 41 -12.15 8.61 7.78
CA SER B 41 -13.15 9.51 8.34
C SER B 41 -13.14 10.87 7.65
N HIS B 42 -11.94 11.38 7.37
CA HIS B 42 -11.72 12.66 6.73
C HIS B 42 -11.61 12.45 5.22
N PHE B 43 -10.91 11.38 4.83
CA PHE B 43 -10.61 11.06 3.44
C PHE B 43 -11.88 10.87 2.61
N LEU B 44 -12.81 10.01 3.04
CA LEU B 44 -14.11 9.84 2.39
C LEU B 44 -15.20 10.30 3.36
N GLU B 45 -16.34 10.75 2.83
CA GLU B 45 -17.50 10.98 3.69
C GLU B 45 -18.12 9.61 4.01
N GLU B 46 -19.04 9.55 4.97
CA GLU B 46 -19.55 8.28 5.46
C GLU B 46 -20.25 7.52 4.32
N ILE B 47 -19.89 6.25 4.21
CA ILE B 47 -20.25 5.39 3.09
C ILE B 47 -21.56 4.69 3.42
N LYS B 48 -22.62 5.50 3.41
CA LYS B 48 -23.99 5.12 3.75
C LYS B 48 -24.38 3.79 3.10
N GLU B 49 -24.20 3.70 1.78
CA GLU B 49 -24.71 2.62 0.97
C GLU B 49 -23.83 1.36 1.12
N GLN B 50 -24.21 0.44 2.02
CA GLN B 50 -23.61 -0.89 2.14
C GLN B 50 -23.36 -1.49 0.75
N GLU B 51 -24.35 -1.40 -0.14
CA GLU B 51 -24.28 -2.00 -1.46
C GLU B 51 -23.08 -1.47 -2.24
N VAL B 52 -22.72 -0.20 -2.07
CA VAL B 52 -21.55 0.36 -2.73
C VAL B 52 -20.29 -0.26 -2.15
N VAL B 53 -20.18 -0.33 -0.82
CA VAL B 53 -19.00 -0.95 -0.20
C VAL B 53 -18.84 -2.38 -0.73
N ASP B 54 -19.95 -3.12 -0.72
CA ASP B 54 -20.03 -4.47 -1.23
C ASP B 54 -19.55 -4.52 -2.70
N LYS B 55 -20.06 -3.62 -3.54
CA LYS B 55 -19.67 -3.59 -4.94
C LYS B 55 -18.18 -3.34 -5.09
N VAL B 56 -17.63 -2.30 -4.44
CA VAL B 56 -16.22 -1.99 -4.64
C VAL B 56 -15.34 -3.13 -4.10
N MET B 57 -15.62 -3.63 -2.90
CA MET B 57 -14.82 -4.73 -2.37
C MET B 57 -14.93 -5.96 -3.29
N GLU B 58 -16.14 -6.26 -3.78
CA GLU B 58 -16.35 -7.31 -4.77
C GLU B 58 -15.42 -7.08 -5.97
N THR B 59 -15.36 -5.85 -6.48
CA THR B 59 -14.49 -5.50 -7.59
C THR B 59 -13.01 -5.82 -7.28
N LEU B 60 -12.61 -5.81 -6.01
CA LEU B 60 -11.24 -6.16 -5.59
C LEU B 60 -11.15 -7.57 -5.02
N ASP B 61 -12.24 -8.34 -5.00
CA ASP B 61 -12.29 -9.64 -4.32
C ASP B 61 -11.57 -10.72 -5.14
N SER B 62 -10.24 -10.61 -5.18
CA SER B 62 -9.35 -11.54 -5.86
C SER B 62 -9.64 -12.99 -5.48
N ASP B 63 -9.88 -13.24 -4.19
CA ASP B 63 -10.15 -14.57 -3.67
C ASP B 63 -11.54 -15.08 -4.06
N GLY B 64 -12.42 -14.23 -4.60
CA GLY B 64 -13.78 -14.60 -4.92
C GLY B 64 -14.50 -15.17 -3.69
N ASP B 65 -14.24 -14.60 -2.51
CA ASP B 65 -14.72 -15.10 -1.22
C ASP B 65 -15.65 -14.09 -0.57
N GLY B 66 -16.06 -13.06 -1.33
CA GLY B 66 -16.78 -11.91 -0.82
C GLY B 66 -15.84 -11.01 -0.02
N GLU B 67 -15.41 -11.52 1.13
CA GLU B 67 -14.50 -10.82 2.03
C GLU B 67 -13.19 -10.45 1.33
N CYS B 68 -12.76 -9.19 1.47
CA CYS B 68 -11.64 -8.63 0.70
C CYS B 68 -10.34 -8.81 1.48
N ASP B 69 -9.29 -9.30 0.82
CA ASP B 69 -8.06 -9.72 1.47
C ASP B 69 -7.20 -8.51 1.83
N PHE B 70 -6.25 -8.68 2.76
CA PHE B 70 -5.33 -7.62 3.16
C PHE B 70 -4.70 -6.95 1.95
N GLN B 71 -4.16 -7.72 1.01
CA GLN B 71 -3.54 -7.14 -0.18
C GLN B 71 -4.53 -6.27 -0.98
N GLU B 72 -5.81 -6.66 -1.00
CA GLU B 72 -6.83 -5.93 -1.75
C GLU B 72 -7.17 -4.63 -1.02
N PHE B 73 -7.30 -4.72 0.31
CA PHE B 73 -7.39 -3.53 1.15
C PHE B 73 -6.21 -2.61 0.83
N MET B 74 -5.00 -3.16 0.80
CA MET B 74 -3.80 -2.40 0.54
C MET B 74 -3.85 -1.75 -0.85
N ALA B 75 -4.31 -2.50 -1.85
CA ALA B 75 -4.52 -1.97 -3.19
C ALA B 75 -5.51 -0.79 -3.17
N PHE B 76 -6.61 -0.91 -2.43
CA PHE B 76 -7.57 0.17 -2.29
C PHE B 76 -6.89 1.39 -1.67
N VAL B 77 -6.25 1.17 -0.52
CA VAL B 77 -5.47 2.18 0.17
C VAL B 77 -4.46 2.81 -0.79
N ALA B 78 -3.82 2.02 -1.67
CA ALA B 78 -2.84 2.52 -2.62
C ALA B 78 -3.45 3.57 -3.54
N MET B 79 -4.57 3.26 -4.21
CA MET B 79 -5.17 4.24 -5.11
C MET B 79 -5.67 5.48 -4.35
N ILE B 80 -6.27 5.28 -3.19
CA ILE B 80 -6.70 6.38 -2.33
C ILE B 80 -5.50 7.29 -2.01
N THR B 81 -4.42 6.67 -1.54
CA THR B 81 -3.18 7.33 -1.18
C THR B 81 -2.56 7.99 -2.40
N THR B 82 -2.68 7.39 -3.59
CA THR B 82 -2.23 8.02 -4.82
C THR B 82 -3.02 9.31 -5.06
N ALA B 83 -4.36 9.27 -4.99
CA ALA B 83 -5.14 10.49 -5.17
C ALA B 83 -4.71 11.56 -4.16
N CYS B 84 -4.56 11.18 -2.90
CA CYS B 84 -4.11 12.10 -1.86
C CYS B 84 -2.68 12.61 -2.12
N HIS B 85 -1.80 11.76 -2.63
CA HIS B 85 -0.45 12.13 -3.02
C HIS B 85 -0.50 13.18 -4.14
N GLU B 86 -1.24 12.92 -5.21
CA GLU B 86 -1.40 13.88 -6.30
C GLU B 86 -1.87 15.24 -5.75
N PHE B 87 -2.90 15.21 -4.90
CA PHE B 87 -3.37 16.39 -4.19
C PHE B 87 -2.20 17.10 -3.50
N PHE B 88 -1.53 16.37 -2.61
CA PHE B 88 -0.48 16.88 -1.74
C PHE B 88 0.70 17.44 -2.56
N GLU B 89 1.03 16.81 -3.69
CA GLU B 89 2.05 17.31 -4.59
C GLU B 89 1.62 18.64 -5.19
N HIS B 90 0.38 18.72 -5.68
CA HIS B 90 -0.10 19.89 -6.41
C HIS B 90 -1.34 20.47 -5.73
N GLU B 91 -1.16 21.07 -4.55
CA GLU B 91 -2.26 21.64 -3.79
C GLU B 91 -2.77 22.92 -4.45
N LYS C 1 20.98 -27.61 -4.76
CA LYS C 1 20.08 -28.77 -4.95
C LYS C 1 18.90 -28.78 -3.97
N ARG C 2 19.14 -28.37 -2.72
CA ARG C 2 18.11 -28.17 -1.69
C ARG C 2 18.12 -26.69 -1.34
N LEU C 3 17.06 -25.95 -1.70
CA LEU C 3 16.89 -24.51 -1.46
C LEU C 3 17.81 -23.67 -2.34
N ARG C 4 19.10 -24.01 -2.43
CA ARG C 4 20.02 -23.44 -3.39
C ARG C 4 19.66 -23.97 -4.78
N ARG C 5 18.57 -23.41 -5.31
CA ARG C 5 17.98 -23.79 -6.60
C ARG C 5 16.97 -22.75 -7.12
N SER C 6 16.59 -21.78 -6.29
CA SER C 6 15.53 -20.81 -6.54
C SER C 6 15.96 -19.71 -7.53
N ALA C 7 16.59 -20.09 -8.63
CA ALA C 7 17.26 -19.19 -9.58
C ALA C 7 18.36 -18.42 -8.83
N HIS C 8 17.98 -17.44 -8.02
CA HIS C 8 18.85 -16.77 -7.07
C HIS C 8 19.25 -17.74 -5.97
N ALA C 9 20.43 -17.52 -5.37
CA ALA C 9 20.94 -18.31 -4.27
C ALA C 9 20.56 -17.64 -2.93
N ARG C 10 21.54 -17.16 -2.17
CA ARG C 10 21.34 -16.59 -0.84
C ARG C 10 21.56 -15.08 -0.84
N LYS C 11 22.82 -14.64 -1.02
CA LYS C 11 23.24 -13.25 -0.83
C LYS C 11 22.30 -12.28 -1.53
N GLU C 12 22.15 -12.42 -2.85
CA GLU C 12 21.33 -11.51 -3.66
C GLU C 12 19.86 -11.44 -3.20
N THR C 13 19.39 -12.42 -2.42
CA THR C 13 18.04 -12.48 -1.89
C THR C 13 18.01 -12.34 -0.36
N GLU C 14 19.13 -12.07 0.33
CA GLU C 14 19.17 -12.06 1.79
C GLU C 14 18.10 -11.13 2.35
N PHE C 15 18.06 -9.92 1.80
CA PHE C 15 17.05 -8.89 2.03
C PHE C 15 15.63 -9.45 1.91
N LEU C 16 15.41 -10.28 0.89
CA LEU C 16 14.10 -10.80 0.51
C LEU C 16 13.80 -12.12 1.23
N ARG C 17 14.80 -12.74 1.87
CA ARG C 17 14.66 -14.02 2.55
C ARG C 17 13.54 -13.99 3.59
N LEU C 18 13.22 -12.82 4.14
CA LEU C 18 12.08 -12.64 5.03
C LEU C 18 10.79 -13.12 4.33
N LYS C 19 10.62 -12.78 3.05
CA LYS C 19 9.46 -13.21 2.29
C LYS C 19 9.51 -14.72 2.06
N ARG C 20 10.68 -15.26 1.71
CA ARG C 20 10.87 -16.72 1.59
C ARG C 20 10.46 -17.39 2.92
N THR C 21 10.88 -16.80 4.04
CA THR C 21 10.48 -17.25 5.36
C THR C 21 8.96 -17.15 5.52
N ARG C 22 8.31 -16.08 5.04
CA ARG C 22 6.85 -16.04 5.04
C ARG C 22 6.24 -17.21 4.26
N LEU C 23 6.85 -17.60 3.13
CA LEU C 23 6.36 -18.80 2.43
C LEU C 23 6.57 -20.01 3.34
N GLY C 24 7.66 -20.04 4.10
CA GLY C 24 7.86 -21.02 5.16
C GLY C 24 6.70 -21.04 6.16
N LEU C 25 6.31 -19.87 6.69
CA LEU C 25 5.20 -19.76 7.63
C LEU C 25 3.86 -20.15 6.99
N GLU C 26 3.68 -19.85 5.70
CA GLU C 26 2.43 -20.02 4.98
C GLU C 26 1.33 -19.17 5.62
N LYS D 1 -31.71 17.74 -18.36
CA LYS D 1 -33.17 17.52 -18.44
C LYS D 1 -33.67 16.75 -17.20
N ARG D 2 -34.99 16.74 -16.99
CA ARG D 2 -35.61 15.92 -15.95
C ARG D 2 -35.30 14.45 -16.25
N LEU D 3 -34.71 13.74 -15.29
CA LEU D 3 -34.30 12.35 -15.46
C LEU D 3 -33.98 11.85 -14.05
N ARG D 4 -32.74 12.07 -13.58
CA ARG D 4 -32.22 11.69 -12.27
C ARG D 4 -32.16 10.17 -12.10
N ARG D 5 -33.34 9.56 -12.03
CA ARG D 5 -33.62 8.19 -11.68
C ARG D 5 -32.77 7.21 -12.49
N SER D 6 -32.01 6.35 -11.80
CA SER D 6 -31.23 5.26 -12.35
C SER D 6 -30.07 5.72 -13.24
N ALA D 7 -30.39 6.26 -14.42
CA ALA D 7 -29.48 6.58 -15.51
C ALA D 7 -28.10 7.05 -15.03
N HIS D 8 -28.06 8.18 -14.32
CA HIS D 8 -26.83 8.75 -13.79
C HIS D 8 -26.85 8.77 -12.26
N ALA D 9 -27.59 7.84 -11.64
CA ALA D 9 -27.78 7.82 -10.19
C ALA D 9 -26.55 7.20 -9.50
N ARG D 10 -25.38 7.80 -9.72
CA ARG D 10 -24.13 7.34 -9.14
C ARG D 10 -24.04 7.84 -7.69
N LYS D 11 -24.89 7.27 -6.83
CA LYS D 11 -24.96 7.57 -5.40
C LYS D 11 -23.57 7.65 -4.77
N GLU D 12 -22.64 6.83 -5.25
CA GLU D 12 -21.25 6.76 -4.82
C GLU D 12 -20.68 8.17 -4.61
N THR D 13 -20.95 9.09 -5.55
CA THR D 13 -20.47 10.45 -5.50
C THR D 13 -20.67 11.10 -4.13
N GLU D 14 -21.83 10.87 -3.50
CA GLU D 14 -22.21 11.51 -2.25
C GLU D 14 -21.09 11.47 -1.21
N PHE D 15 -20.38 10.34 -1.12
CA PHE D 15 -19.28 10.15 -0.18
C PHE D 15 -17.92 9.99 -0.86
N LEU D 16 -17.91 9.54 -2.12
CA LEU D 16 -16.68 9.27 -2.87
C LEU D 16 -16.09 10.54 -3.51
N ARG D 17 -16.90 11.58 -3.69
CA ARG D 17 -16.51 12.87 -4.30
C ARG D 17 -15.16 13.35 -3.78
N LEU D 18 -14.88 13.20 -2.50
CA LEU D 18 -13.64 13.65 -1.88
C LEU D 18 -12.44 13.04 -2.60
N LYS D 19 -12.49 11.73 -2.87
CA LYS D 19 -11.42 11.01 -3.56
C LYS D 19 -11.22 11.60 -4.95
N ARG D 20 -12.30 11.71 -5.71
CA ARG D 20 -12.31 12.33 -7.03
C ARG D 20 -11.66 13.71 -6.94
N THR D 21 -12.04 14.51 -5.95
CA THR D 21 -11.51 15.86 -5.80
C THR D 21 -9.99 15.81 -5.59
N ARG D 22 -9.50 14.97 -4.67
CA ARG D 22 -8.06 14.89 -4.45
C ARG D 22 -7.33 14.39 -5.70
N LEU D 23 -7.94 13.44 -6.43
CA LEU D 23 -7.35 12.96 -7.68
C LEU D 23 -7.30 14.10 -8.71
N GLY D 24 -8.34 14.93 -8.72
CA GLY D 24 -8.52 16.06 -9.63
C GLY D 24 -7.28 16.95 -9.76
N LEU D 25 -6.49 17.12 -8.70
CA LEU D 25 -5.28 17.93 -8.77
C LEU D 25 -4.28 17.35 -9.77
N GLU D 26 -4.22 16.02 -9.91
CA GLU D 26 -3.23 15.33 -10.72
C GLU D 26 -1.81 15.87 -10.45
N SER A 1 -6.90 9.41 12.00
CA SER A 1 -7.03 7.99 12.35
C SER A 1 -5.68 7.27 12.25
N GLU A 2 -5.60 6.03 12.73
CA GLU A 2 -4.44 5.19 12.53
C GLU A 2 -4.09 5.06 11.05
N LEU A 3 -5.07 4.67 10.23
CA LEU A 3 -4.84 4.50 8.81
C LEU A 3 -4.43 5.84 8.18
N GLU A 4 -5.17 6.91 8.46
CA GLU A 4 -4.87 8.19 7.83
C GLU A 4 -3.49 8.70 8.27
N LYS A 5 -3.10 8.45 9.52
CA LYS A 5 -1.76 8.77 10.01
C LYS A 5 -0.72 7.99 9.19
N ALA A 6 -0.90 6.68 9.10
CA ALA A 6 -0.03 5.81 8.32
C ALA A 6 0.09 6.32 6.87
N VAL A 7 -1.04 6.65 6.27
CA VAL A 7 -1.15 7.18 4.92
C VAL A 7 -0.32 8.47 4.78
N VAL A 8 -0.56 9.49 5.60
CA VAL A 8 0.19 10.73 5.47
C VAL A 8 1.66 10.48 5.78
N ALA A 9 1.99 9.61 6.73
CA ALA A 9 3.36 9.20 6.98
C ALA A 9 4.02 8.67 5.70
N LEU A 10 3.36 7.74 5.00
CA LEU A 10 3.87 7.23 3.72
C LEU A 10 4.10 8.38 2.74
N ILE A 11 3.10 9.25 2.54
CA ILE A 11 3.21 10.35 1.61
C ILE A 11 4.41 11.24 1.98
N ASP A 12 4.46 11.67 3.24
CA ASP A 12 5.47 12.58 3.75
C ASP A 12 6.86 11.97 3.61
N VAL A 13 7.05 10.74 4.07
CA VAL A 13 8.33 10.05 3.96
C VAL A 13 8.73 9.97 2.49
N PHE A 14 7.86 9.39 1.65
CA PHE A 14 8.20 9.22 0.25
C PHE A 14 8.56 10.56 -0.38
N HIS A 15 7.68 11.57 -0.24
CA HIS A 15 7.86 12.84 -0.91
C HIS A 15 9.19 13.48 -0.53
N GLN A 16 9.56 13.46 0.75
CA GLN A 16 10.85 13.99 1.17
C GLN A 16 11.98 13.33 0.39
N TYR A 17 12.01 12.01 0.35
CA TYR A 17 13.10 11.26 -0.28
C TYR A 17 13.10 11.45 -1.80
N SER A 18 11.96 11.17 -2.43
CA SER A 18 11.78 11.36 -3.87
C SER A 18 12.11 12.79 -4.30
N GLY A 19 11.82 13.77 -3.43
CA GLY A 19 12.11 15.16 -3.68
C GLY A 19 13.62 15.41 -3.79
N ARG A 20 14.46 14.62 -3.11
CA ARG A 20 15.89 14.86 -3.12
C ARG A 20 16.46 14.47 -4.49
N GLU A 21 16.20 13.23 -4.94
CA GLU A 21 16.65 12.75 -6.23
C GLU A 21 15.59 11.84 -6.86
N GLY A 22 15.17 12.19 -8.08
CA GLY A 22 14.18 11.48 -8.85
C GLY A 22 13.17 12.51 -9.34
N ASP A 23 12.00 12.57 -8.70
CA ASP A 23 10.97 13.56 -8.98
C ASP A 23 10.03 13.58 -7.77
N LYS A 24 9.21 14.61 -7.63
CA LYS A 24 8.19 14.69 -6.57
C LYS A 24 7.41 13.38 -6.39
N HIS A 25 7.19 12.63 -7.49
CA HIS A 25 6.41 11.40 -7.50
C HIS A 25 7.28 10.15 -7.66
N LYS A 26 8.63 10.25 -7.69
CA LYS A 26 9.50 9.13 -8.06
C LYS A 26 10.79 9.10 -7.23
N LEU A 27 11.13 7.93 -6.65
CA LEU A 27 12.37 7.72 -5.90
C LEU A 27 13.49 7.27 -6.84
N LYS A 28 14.60 8.01 -6.95
CA LYS A 28 15.79 7.50 -7.64
C LYS A 28 16.48 6.43 -6.78
N LYS A 29 17.32 5.59 -7.38
CA LYS A 29 17.92 4.44 -6.72
C LYS A 29 18.66 4.79 -5.44
N SER A 30 19.36 5.93 -5.42
CA SER A 30 19.99 6.47 -4.22
C SER A 30 18.95 6.57 -3.09
N GLU A 31 17.83 7.20 -3.40
CA GLU A 31 16.78 7.47 -2.44
C GLU A 31 16.12 6.17 -2.00
N LEU A 32 15.74 5.33 -2.97
CA LEU A 32 15.14 4.03 -2.70
C LEU A 32 16.06 3.21 -1.78
N LYS A 33 17.34 3.14 -2.11
CA LYS A 33 18.34 2.42 -1.34
C LYS A 33 18.35 2.88 0.11
N GLU A 34 18.61 4.18 0.33
CA GLU A 34 18.79 4.70 1.67
C GLU A 34 17.47 4.61 2.44
N LEU A 35 16.35 4.91 1.77
CA LEU A 35 15.02 4.72 2.31
C LEU A 35 14.86 3.30 2.84
N ILE A 36 15.14 2.28 2.01
CA ILE A 36 14.98 0.90 2.44
C ILE A 36 15.91 0.59 3.62
N ASN A 37 17.21 0.84 3.47
CA ASN A 37 18.19 0.62 4.52
C ASN A 37 17.73 1.22 5.85
N ASN A 38 17.31 2.48 5.79
CA ASN A 38 17.01 3.30 6.96
C ASN A 38 15.66 2.95 7.57
N GLU A 39 14.60 2.97 6.75
CA GLU A 39 13.21 2.88 7.21
C GLU A 39 12.55 1.54 6.96
N LEU A 40 13.18 0.60 6.26
CA LEU A 40 12.70 -0.78 6.18
C LEU A 40 13.62 -1.67 7.02
N SER A 41 14.24 -1.07 8.05
CA SER A 41 15.29 -1.59 8.88
C SER A 41 14.87 -2.78 9.74
N HIS A 42 13.69 -2.70 10.35
CA HIS A 42 13.19 -3.81 11.17
C HIS A 42 12.93 -5.03 10.28
N PHE A 43 12.32 -4.81 9.12
CA PHE A 43 11.88 -5.87 8.24
C PHE A 43 13.08 -6.47 7.51
N LEU A 44 13.78 -5.65 6.70
CA LEU A 44 14.90 -6.09 5.87
C LEU A 44 16.21 -5.64 6.50
N GLU A 45 17.24 -6.49 6.36
CA GLU A 45 18.59 -6.11 6.71
C GLU A 45 19.14 -5.15 5.64
N GLU A 46 20.25 -4.48 5.95
CA GLU A 46 20.84 -3.47 5.10
C GLU A 46 21.13 -3.97 3.69
N ILE A 47 21.20 -3.03 2.75
CA ILE A 47 21.30 -3.28 1.32
C ILE A 47 22.42 -2.42 0.74
N LYS A 48 23.59 -3.04 0.61
CA LYS A 48 24.79 -2.46 -0.02
C LYS A 48 24.70 -2.51 -1.54
N GLU A 49 24.02 -3.52 -2.10
CA GLU A 49 24.03 -3.76 -3.53
C GLU A 49 23.21 -2.72 -4.32
N GLN A 50 23.87 -1.61 -4.68
CA GLN A 50 23.36 -0.60 -5.61
C GLN A 50 22.76 -1.22 -6.88
N GLU A 51 23.27 -2.38 -7.29
CA GLU A 51 22.78 -3.15 -8.42
C GLU A 51 21.39 -3.71 -8.12
N VAL A 52 21.22 -4.30 -6.93
CA VAL A 52 20.00 -5.00 -6.58
C VAL A 52 18.91 -4.00 -6.26
N VAL A 53 19.19 -2.93 -5.51
CA VAL A 53 18.21 -1.88 -5.28
C VAL A 53 17.67 -1.38 -6.63
N ASP A 54 18.58 -1.14 -7.59
CA ASP A 54 18.19 -0.79 -8.95
C ASP A 54 17.30 -1.87 -9.56
N LYS A 55 17.69 -3.14 -9.48
CA LYS A 55 16.90 -4.20 -10.09
C LYS A 55 15.48 -4.27 -9.50
N VAL A 56 15.37 -4.32 -8.16
CA VAL A 56 14.10 -4.58 -7.49
C VAL A 56 13.12 -3.42 -7.71
N MET A 57 13.61 -2.18 -7.89
CA MET A 57 12.74 -1.08 -8.25
C MET A 57 12.48 -1.05 -9.76
N GLU A 58 13.52 -1.26 -10.57
CA GLU A 58 13.44 -1.23 -12.03
C GLU A 58 12.32 -2.15 -12.52
N THR A 59 12.28 -3.38 -11.99
CA THR A 59 11.25 -4.34 -12.38
C THR A 59 9.83 -3.83 -12.14
N LEU A 60 9.64 -2.85 -11.25
CA LEU A 60 8.33 -2.27 -10.96
C LEU A 60 8.12 -1.00 -11.78
N ASP A 61 9.17 -0.17 -11.89
CA ASP A 61 9.13 1.18 -12.44
C ASP A 61 8.44 1.25 -13.81
N SER A 62 7.13 1.50 -13.82
CA SER A 62 6.31 1.67 -15.01
C SER A 62 6.88 2.72 -15.96
N ASP A 63 7.46 3.79 -15.40
CA ASP A 63 8.02 4.88 -16.21
C ASP A 63 9.34 4.48 -16.88
N GLY A 64 9.95 3.37 -16.48
CA GLY A 64 11.18 2.86 -17.10
C GLY A 64 12.30 3.91 -17.14
N ASP A 65 12.43 4.69 -16.06
CA ASP A 65 13.44 5.73 -15.90
C ASP A 65 14.32 5.39 -14.68
N GLY A 66 14.35 4.12 -14.28
CA GLY A 66 14.96 3.68 -13.05
C GLY A 66 14.12 4.07 -11.84
N GLU A 67 13.96 5.38 -11.63
CA GLU A 67 13.26 5.93 -10.48
C GLU A 67 11.83 5.39 -10.37
N CYS A 68 11.50 4.75 -9.24
CA CYS A 68 10.22 4.05 -9.09
C CYS A 68 9.13 5.05 -8.72
N ASP A 69 7.97 4.95 -9.38
CA ASP A 69 6.85 5.86 -9.17
C ASP A 69 6.23 5.57 -7.80
N PHE A 70 5.58 6.56 -7.19
CA PHE A 70 4.91 6.38 -5.90
C PHE A 70 4.02 5.13 -5.89
N GLN A 71 3.22 4.95 -6.94
CA GLN A 71 2.41 3.75 -7.11
C GLN A 71 3.24 2.47 -6.96
N GLU A 72 4.41 2.42 -7.61
CA GLU A 72 5.24 1.24 -7.63
C GLU A 72 5.91 1.05 -6.27
N PHE A 73 6.33 2.14 -5.64
CA PHE A 73 6.77 2.12 -4.25
C PHE A 73 5.67 1.48 -3.39
N MET A 74 4.43 1.96 -3.51
CA MET A 74 3.30 1.38 -2.79
C MET A 74 3.09 -0.08 -3.13
N ALA A 75 3.26 -0.48 -4.39
CA ALA A 75 3.20 -1.89 -4.77
C ALA A 75 4.25 -2.71 -4.01
N PHE A 76 5.50 -2.21 -3.95
CA PHE A 76 6.57 -2.86 -3.21
C PHE A 76 6.19 -2.97 -1.74
N VAL A 77 5.82 -1.84 -1.14
CA VAL A 77 5.34 -1.78 0.22
C VAL A 77 4.23 -2.80 0.43
N ALA A 78 3.27 -2.91 -0.49
CA ALA A 78 2.14 -3.81 -0.36
C ALA A 78 2.59 -5.26 -0.18
N MET A 79 3.44 -5.78 -1.07
CA MET A 79 3.86 -7.17 -0.96
C MET A 79 4.69 -7.39 0.31
N ILE A 80 5.63 -6.48 0.58
CA ILE A 80 6.44 -6.54 1.80
C ILE A 80 5.52 -6.54 3.03
N THR A 81 4.54 -5.65 3.05
CA THR A 81 3.57 -5.48 4.11
C THR A 81 2.69 -6.74 4.24
N THR A 82 2.37 -7.39 3.13
CA THR A 82 1.64 -8.66 3.15
C THR A 82 2.50 -9.75 3.80
N ALA A 83 3.77 -9.87 3.40
CA ALA A 83 4.68 -10.80 4.08
C ALA A 83 4.74 -10.50 5.58
N CYS A 84 4.88 -9.20 5.92
CA CYS A 84 4.85 -8.74 7.30
C CYS A 84 3.53 -9.11 7.99
N HIS A 85 2.40 -8.97 7.31
CA HIS A 85 1.09 -9.37 7.83
C HIS A 85 1.12 -10.83 8.26
N GLU A 86 1.48 -11.73 7.34
CA GLU A 86 1.53 -13.16 7.65
C GLU A 86 2.39 -13.39 8.89
N PHE A 87 3.58 -12.80 8.89
CA PHE A 87 4.54 -12.91 9.99
C PHE A 87 3.91 -12.43 11.31
N PHE A 88 3.34 -11.24 11.27
CA PHE A 88 2.79 -10.54 12.43
C PHE A 88 1.58 -11.28 12.99
N GLU A 89 0.76 -11.86 12.10
CA GLU A 89 -0.36 -12.68 12.49
C GLU A 89 0.17 -13.96 13.16
N HIS A 90 0.86 -14.82 12.39
CA HIS A 90 1.40 -16.04 12.95
C HIS A 90 2.77 -15.74 13.54
N GLU A 91 2.76 -14.99 14.64
CA GLU A 91 3.97 -14.62 15.36
C GLU A 91 4.62 -15.83 16.03
N SER B 1 12.25 3.95 10.57
CA SER B 1 11.27 2.85 10.65
C SER B 1 9.80 3.35 10.62
N GLU B 2 9.60 4.64 10.35
CA GLU B 2 8.27 5.25 10.28
C GLU B 2 7.34 4.44 9.36
N LEU B 3 7.83 4.09 8.17
CA LEU B 3 7.08 3.23 7.25
C LEU B 3 6.62 1.94 7.93
N GLU B 4 7.50 1.32 8.72
CA GLU B 4 7.20 0.05 9.37
C GLU B 4 6.15 0.26 10.46
N LYS B 5 6.27 1.36 11.22
CA LYS B 5 5.28 1.74 12.22
C LYS B 5 3.90 1.89 11.55
N ALA B 6 3.87 2.72 10.50
CA ALA B 6 2.68 2.90 9.68
C ALA B 6 2.11 1.55 9.26
N VAL B 7 2.95 0.71 8.64
CA VAL B 7 2.57 -0.62 8.20
C VAL B 7 1.96 -1.47 9.33
N VAL B 8 2.63 -1.61 10.47
CA VAL B 8 2.05 -2.42 11.55
C VAL B 8 0.72 -1.82 12.02
N ALA B 9 0.56 -0.49 12.00
CA ALA B 9 -0.75 0.11 12.24
C ALA B 9 -1.77 -0.37 11.19
N LEU B 10 -1.42 -0.34 9.90
CA LEU B 10 -2.31 -0.84 8.85
C LEU B 10 -2.71 -2.30 9.17
N ILE B 11 -1.71 -3.16 9.40
CA ILE B 11 -1.92 -4.58 9.66
C ILE B 11 -2.85 -4.74 10.86
N ASP B 12 -2.51 -4.11 11.98
CA ASP B 12 -3.20 -4.30 13.24
C ASP B 12 -4.66 -3.87 13.11
N VAL B 13 -4.88 -2.65 12.62
CA VAL B 13 -6.22 -2.09 12.49
C VAL B 13 -7.05 -3.00 11.58
N PHE B 14 -6.52 -3.29 10.39
CA PHE B 14 -7.18 -4.19 9.46
C PHE B 14 -7.55 -5.51 10.14
N HIS B 15 -6.57 -6.14 10.78
CA HIS B 15 -6.71 -7.48 11.35
C HIS B 15 -7.78 -7.46 12.44
N GLN B 16 -7.75 -6.44 13.29
CA GLN B 16 -8.73 -6.22 14.34
C GLN B 16 -10.16 -6.26 13.77
N TYR B 17 -10.42 -5.57 12.64
CA TYR B 17 -11.73 -5.64 12.01
C TYR B 17 -11.96 -7.00 11.33
N SER B 18 -11.07 -7.39 10.44
CA SER B 18 -11.16 -8.60 9.62
C SER B 18 -11.44 -9.85 10.46
N GLY B 19 -10.74 -9.97 11.60
CA GLY B 19 -10.88 -11.09 12.50
C GLY B 19 -12.31 -11.27 13.00
N ARG B 20 -13.11 -10.19 13.05
CA ARG B 20 -14.46 -10.29 13.57
C ARG B 20 -15.36 -11.05 12.59
N GLU B 21 -15.36 -10.66 11.31
CA GLU B 21 -16.18 -11.29 10.28
C GLU B 21 -15.43 -11.27 8.93
N GLY B 22 -15.21 -12.46 8.38
CA GLY B 22 -14.49 -12.68 7.12
C GLY B 22 -13.40 -13.69 7.41
N ASP B 23 -12.18 -13.22 7.66
CA ASP B 23 -11.08 -14.04 8.16
C ASP B 23 -10.06 -13.10 8.76
N LYS B 24 -9.10 -13.60 9.53
CA LYS B 24 -7.95 -12.83 9.99
C LYS B 24 -7.40 -11.94 8.86
N HIS B 25 -7.27 -12.52 7.67
CA HIS B 25 -6.68 -11.86 6.51
C HIS B 25 -7.73 -11.16 5.62
N LYS B 26 -9.03 -11.23 5.92
CA LYS B 26 -10.08 -10.78 4.99
C LYS B 26 -11.26 -10.08 5.67
N LEU B 27 -11.74 -8.98 5.08
CA LEU B 27 -12.83 -8.15 5.57
C LEU B 27 -14.15 -8.56 4.95
N LYS B 28 -15.14 -9.01 5.75
CA LYS B 28 -16.49 -9.17 5.23
C LYS B 28 -17.14 -7.79 5.11
N LYS B 29 -18.25 -7.66 4.36
CA LYS B 29 -18.86 -6.38 4.02
C LYS B 29 -19.14 -5.50 5.24
N SER B 30 -19.58 -6.10 6.33
CA SER B 30 -19.77 -5.44 7.61
C SER B 30 -18.47 -4.77 8.07
N GLU B 31 -17.37 -5.53 8.06
CA GLU B 31 -16.09 -5.06 8.54
C GLU B 31 -15.56 -4.00 7.59
N LEU B 32 -15.64 -4.26 6.28
CA LEU B 32 -15.20 -3.36 5.24
C LEU B 32 -15.90 -2.01 5.42
N LYS B 33 -17.22 -2.04 5.58
CA LYS B 33 -18.02 -0.85 5.77
C LYS B 33 -17.49 -0.05 6.97
N GLU B 34 -17.50 -0.63 8.16
CA GLU B 34 -17.12 0.14 9.35
C GLU B 34 -15.66 0.59 9.27
N LEU B 35 -14.79 -0.30 8.78
CA LEU B 35 -13.37 -0.01 8.56
C LEU B 35 -13.22 1.27 7.74
N ILE B 36 -13.84 1.34 6.55
CA ILE B 36 -13.67 2.52 5.72
C ILE B 36 -14.34 3.72 6.40
N ASN B 37 -15.61 3.60 6.81
CA ASN B 37 -16.36 4.68 7.45
C ASN B 37 -15.53 5.32 8.56
N ASN B 38 -15.12 4.51 9.53
CA ASN B 38 -14.48 4.96 10.74
C ASN B 38 -13.08 5.46 10.43
N GLU B 39 -12.25 4.62 9.80
CA GLU B 39 -10.85 4.94 9.66
C GLU B 39 -10.64 6.03 8.61
N LEU B 40 -11.35 5.98 7.48
CA LEU B 40 -11.10 6.91 6.38
C LEU B 40 -11.97 8.18 6.51
N SER B 41 -12.64 8.35 7.65
CA SER B 41 -13.56 9.43 7.98
C SER B 41 -13.03 10.81 7.62
N HIS B 42 -11.75 11.08 7.93
CA HIS B 42 -11.20 12.41 7.74
C HIS B 42 -11.02 12.69 6.25
N PHE B 43 -10.73 11.64 5.47
CA PHE B 43 -10.55 11.73 4.03
C PHE B 43 -11.90 11.79 3.30
N LEU B 44 -12.85 10.89 3.61
CA LEU B 44 -14.09 10.78 2.84
C LEU B 44 -15.34 10.65 3.71
N GLU B 45 -16.51 10.85 3.10
CA GLU B 45 -17.79 10.78 3.79
C GLU B 45 -18.13 9.34 4.19
N GLU B 46 -19.11 9.19 5.08
CA GLU B 46 -19.62 7.90 5.50
C GLU B 46 -20.14 7.10 4.31
N ILE B 47 -20.14 5.78 4.46
CA ILE B 47 -20.49 4.81 3.44
C ILE B 47 -21.60 3.93 4.03
N LYS B 48 -22.83 4.38 3.82
CA LYS B 48 -24.03 3.81 4.42
C LYS B 48 -24.52 2.60 3.62
N GLU B 49 -24.71 2.81 2.31
CA GLU B 49 -25.37 1.84 1.44
C GLU B 49 -24.59 0.53 1.39
N GLN B 50 -25.09 -0.52 2.06
CA GLN B 50 -24.48 -1.85 2.02
C GLN B 50 -24.28 -2.32 0.57
N GLU B 51 -25.17 -1.93 -0.34
CA GLU B 51 -25.02 -2.24 -1.75
C GLU B 51 -23.68 -1.71 -2.26
N VAL B 52 -23.35 -0.46 -1.89
CA VAL B 52 -22.13 0.18 -2.32
C VAL B 52 -20.93 -0.43 -1.60
N VAL B 53 -21.02 -0.70 -0.28
CA VAL B 53 -19.89 -1.33 0.41
C VAL B 53 -19.57 -2.68 -0.27
N ASP B 54 -20.62 -3.47 -0.51
CA ASP B 54 -20.52 -4.74 -1.21
C ASP B 54 -19.90 -4.53 -2.60
N LYS B 55 -20.34 -3.50 -3.33
CA LYS B 55 -19.79 -3.20 -4.65
C LYS B 55 -18.28 -2.93 -4.54
N VAL B 56 -17.85 -2.04 -3.64
CA VAL B 56 -16.44 -1.68 -3.61
C VAL B 56 -15.55 -2.86 -3.19
N MET B 57 -15.96 -3.68 -2.21
CA MET B 57 -15.20 -4.90 -1.99
C MET B 57 -15.22 -5.79 -3.23
N GLU B 58 -16.40 -6.03 -3.84
CA GLU B 58 -16.50 -6.88 -5.03
C GLU B 58 -15.51 -6.42 -6.10
N THR B 59 -15.47 -5.11 -6.35
CA THR B 59 -14.56 -4.48 -7.31
C THR B 59 -13.11 -4.85 -7.01
N LEU B 60 -12.74 -5.04 -5.74
CA LEU B 60 -11.39 -5.39 -5.34
C LEU B 60 -11.24 -6.87 -4.99
N ASP B 61 -12.30 -7.67 -5.06
CA ASP B 61 -12.28 -9.03 -4.52
C ASP B 61 -11.55 -9.99 -5.48
N SER B 62 -10.24 -9.80 -5.62
CA SER B 62 -9.42 -10.66 -6.46
C SER B 62 -9.45 -12.11 -5.95
N ASP B 63 -9.77 -12.31 -4.67
CA ASP B 63 -9.88 -13.62 -4.06
C ASP B 63 -11.15 -14.34 -4.51
N GLY B 64 -12.12 -13.62 -5.09
CA GLY B 64 -13.44 -14.15 -5.40
C GLY B 64 -14.07 -14.85 -4.19
N ASP B 65 -13.87 -14.30 -2.99
CA ASP B 65 -14.21 -14.94 -1.72
C ASP B 65 -15.28 -14.16 -0.98
N GLY B 66 -15.77 -13.06 -1.57
CA GLY B 66 -16.63 -12.11 -0.89
C GLY B 66 -15.80 -11.27 0.07
N GLU B 67 -15.24 -11.93 1.09
CA GLU B 67 -14.39 -11.31 2.07
C GLU B 67 -13.16 -10.73 1.34
N CYS B 68 -12.92 -9.42 1.44
CA CYS B 68 -11.87 -8.78 0.64
C CYS B 68 -10.54 -8.88 1.41
N ASP B 69 -9.48 -9.41 0.78
CA ASP B 69 -8.25 -9.75 1.48
C ASP B 69 -7.42 -8.52 1.81
N PHE B 70 -6.50 -8.69 2.77
CA PHE B 70 -5.53 -7.67 3.14
C PHE B 70 -4.85 -7.08 1.92
N GLN B 71 -4.44 -7.92 0.95
CA GLN B 71 -3.86 -7.45 -0.29
C GLN B 71 -4.79 -6.46 -1.01
N GLU B 72 -6.09 -6.76 -1.06
CA GLU B 72 -7.07 -5.94 -1.76
C GLU B 72 -7.28 -4.63 -1.00
N PHE B 73 -7.38 -4.72 0.33
CA PHE B 73 -7.37 -3.56 1.21
C PHE B 73 -6.14 -2.68 0.92
N MET B 74 -4.94 -3.27 0.88
CA MET B 74 -3.72 -2.54 0.54
C MET B 74 -3.86 -1.86 -0.83
N ALA B 75 -4.49 -2.52 -1.81
CA ALA B 75 -4.76 -1.90 -3.10
C ALA B 75 -5.68 -0.67 -2.97
N PHE B 76 -6.76 -0.79 -2.17
CA PHE B 76 -7.66 0.34 -1.92
C PHE B 76 -6.87 1.50 -1.29
N VAL B 77 -6.15 1.19 -0.21
CA VAL B 77 -5.27 2.13 0.45
C VAL B 77 -4.34 2.77 -0.58
N ALA B 78 -3.73 1.97 -1.47
CA ALA B 78 -2.80 2.47 -2.47
C ALA B 78 -3.46 3.51 -3.38
N MET B 79 -4.62 3.20 -3.99
CA MET B 79 -5.26 4.18 -4.86
C MET B 79 -5.59 5.48 -4.11
N ILE B 80 -6.19 5.36 -2.93
CA ILE B 80 -6.59 6.52 -2.13
C ILE B 80 -5.36 7.35 -1.80
N THR B 81 -4.33 6.70 -1.24
CA THR B 81 -3.10 7.36 -0.85
C THR B 81 -2.44 8.00 -2.08
N THR B 82 -2.43 7.33 -3.23
CA THR B 82 -1.85 7.87 -4.45
C THR B 82 -2.57 9.16 -4.86
N ALA B 83 -3.91 9.14 -4.90
CA ALA B 83 -4.65 10.36 -5.17
C ALA B 83 -4.27 11.46 -4.18
N CYS B 84 -4.23 11.10 -2.89
CA CYS B 84 -3.82 12.01 -1.83
C CYS B 84 -2.38 12.51 -2.03
N HIS B 85 -1.49 11.66 -2.57
CA HIS B 85 -0.11 12.01 -2.83
C HIS B 85 -0.05 13.05 -3.95
N GLU B 86 -0.77 12.82 -5.06
CA GLU B 86 -0.86 13.79 -6.14
C GLU B 86 -1.35 15.13 -5.61
N PHE B 87 -2.41 15.10 -4.80
CA PHE B 87 -2.93 16.27 -4.12
C PHE B 87 -1.83 16.95 -3.31
N PHE B 88 -1.13 16.19 -2.47
CA PHE B 88 -0.13 16.73 -1.56
C PHE B 88 1.05 17.34 -2.33
N GLU B 89 1.43 16.73 -3.46
CA GLU B 89 2.38 17.31 -4.39
C GLU B 89 1.86 18.64 -4.91
N HIS B 90 0.80 18.60 -5.73
CA HIS B 90 0.27 19.82 -6.34
C HIS B 90 -0.78 20.39 -5.39
N GLU B 91 -0.32 20.91 -4.26
CA GLU B 91 -1.19 21.45 -3.22
C GLU B 91 -1.74 22.81 -3.66
N LYS C 1 34.62 -21.36 -11.37
CA LYS C 1 34.31 -20.07 -12.01
C LYS C 1 35.38 -19.69 -13.02
N ARG C 2 35.45 -20.45 -14.13
CA ARG C 2 36.36 -20.17 -15.25
C ARG C 2 35.70 -19.27 -16.30
N LEU C 3 34.38 -19.09 -16.20
CA LEU C 3 33.57 -18.21 -17.01
C LEU C 3 32.71 -17.45 -15.99
N ARG C 4 32.27 -16.23 -16.33
CA ARG C 4 31.64 -15.27 -15.41
C ARG C 4 32.69 -14.71 -14.44
N ARG C 5 33.42 -15.61 -13.76
CA ARG C 5 34.47 -15.31 -12.81
C ARG C 5 33.84 -14.75 -11.54
N SER C 6 33.27 -13.54 -11.63
CA SER C 6 32.48 -12.92 -10.59
C SER C 6 31.17 -13.69 -10.40
N ALA C 7 30.83 -14.04 -9.16
CA ALA C 7 29.54 -14.64 -8.83
C ALA C 7 28.44 -13.57 -8.87
N HIS C 8 28.17 -13.02 -10.07
CA HIS C 8 27.25 -11.91 -10.25
C HIS C 8 25.77 -12.36 -10.19
N ALA C 9 25.39 -13.07 -9.13
CA ALA C 9 24.04 -13.55 -8.88
C ALA C 9 23.97 -14.01 -7.44
N ARG C 10 22.80 -14.52 -7.00
CA ARG C 10 22.56 -15.11 -5.69
C ARG C 10 22.51 -14.08 -4.57
N LYS C 11 23.49 -13.17 -4.49
CA LYS C 11 23.68 -12.25 -3.38
C LYS C 11 22.41 -11.47 -2.99
N GLU C 12 21.54 -11.15 -3.95
CA GLU C 12 20.23 -10.56 -3.71
C GLU C 12 19.43 -11.25 -2.58
N THR C 13 19.62 -12.57 -2.44
CA THR C 13 19.03 -13.38 -1.40
C THR C 13 19.27 -12.77 -0.01
N GLU C 14 20.39 -12.08 0.20
CA GLU C 14 20.71 -11.44 1.47
C GLU C 14 19.53 -10.64 2.01
N PHE C 15 18.81 -9.93 1.14
CA PHE C 15 17.70 -9.08 1.53
C PHE C 15 16.39 -9.85 1.38
N LEU C 16 16.18 -10.46 0.21
CA LEU C 16 14.95 -11.16 -0.12
C LEU C 16 14.62 -12.25 0.92
N ARG C 17 15.66 -12.84 1.52
CA ARG C 17 15.55 -13.79 2.63
C ARG C 17 14.54 -13.30 3.67
N LEU C 18 14.61 -12.04 4.09
CA LEU C 18 13.79 -11.58 5.20
C LEU C 18 12.32 -11.66 4.82
N LYS C 19 11.90 -10.91 3.78
CA LYS C 19 10.51 -10.92 3.37
C LYS C 19 10.05 -12.33 2.99
N ARG C 20 10.92 -13.11 2.35
CA ARG C 20 10.64 -14.51 2.05
C ARG C 20 10.30 -15.26 3.33
N THR C 21 11.12 -15.12 4.38
CA THR C 21 10.87 -15.77 5.66
C THR C 21 9.54 -15.27 6.24
N ARG C 22 9.30 -13.96 6.23
CA ARG C 22 8.11 -13.38 6.83
C ARG C 22 6.84 -13.90 6.11
N LEU C 23 6.90 -14.07 4.78
CA LEU C 23 5.79 -14.66 4.06
C LEU C 23 5.72 -16.16 4.37
N GLY C 24 6.88 -16.82 4.44
CA GLY C 24 7.03 -18.23 4.70
C GLY C 24 6.39 -18.63 6.03
N LEU C 25 6.50 -17.76 7.04
CA LEU C 25 5.87 -17.97 8.34
C LEU C 25 4.34 -18.14 8.19
N GLU C 26 3.76 -17.57 7.12
CA GLU C 26 2.38 -17.81 6.70
C GLU C 26 1.37 -17.62 7.84
N LYS D 1 -33.67 15.23 -13.59
CA LYS D 1 -32.28 15.58 -13.28
C LYS D 1 -32.20 16.99 -12.68
N ARG D 2 -32.86 17.18 -11.54
CA ARG D 2 -32.92 18.47 -10.87
C ARG D 2 -31.51 18.91 -10.48
N LEU D 3 -31.00 19.94 -11.15
CA LEU D 3 -29.64 20.44 -11.01
C LEU D 3 -28.61 19.43 -11.52
N ARG D 4 -28.97 18.64 -12.55
CA ARG D 4 -28.09 17.76 -13.31
C ARG D 4 -27.69 16.50 -12.55
N ARG D 5 -27.30 16.62 -11.27
CA ARG D 5 -27.04 15.53 -10.34
C ARG D 5 -26.22 14.38 -10.94
N SER D 6 -24.99 14.70 -11.36
CA SER D 6 -24.03 13.78 -11.95
C SER D 6 -23.87 12.48 -11.17
N ALA D 7 -23.97 12.54 -9.84
CA ALA D 7 -23.87 11.40 -8.95
C ALA D 7 -24.98 10.36 -9.16
N HIS D 8 -26.00 10.65 -9.98
CA HIS D 8 -27.04 9.69 -10.34
C HIS D 8 -26.42 8.34 -10.72
N ALA D 9 -27.02 7.26 -10.20
CA ALA D 9 -26.55 5.88 -10.31
C ALA D 9 -25.23 5.66 -9.54
N ARG D 10 -24.17 6.39 -9.88
CA ARG D 10 -22.87 6.29 -9.22
C ARG D 10 -22.89 7.05 -7.90
N LYS D 11 -23.80 6.67 -6.99
CA LYS D 11 -23.96 7.29 -5.67
C LYS D 11 -22.61 7.49 -5.01
N GLU D 12 -21.75 6.47 -5.10
CA GLU D 12 -20.41 6.42 -4.53
C GLU D 12 -19.61 7.71 -4.73
N THR D 13 -19.85 8.44 -5.82
CA THR D 13 -19.32 9.79 -6.04
C THR D 13 -19.33 10.61 -4.75
N GLU D 14 -20.42 10.56 -3.99
CA GLU D 14 -20.61 11.34 -2.77
C GLU D 14 -19.44 11.22 -1.78
N PHE D 15 -18.74 10.07 -1.75
CA PHE D 15 -17.51 9.90 -0.99
C PHE D 15 -16.29 9.88 -1.92
N LEU D 16 -16.33 9.06 -2.99
CA LEU D 16 -15.19 8.86 -3.89
C LEU D 16 -14.72 10.17 -4.55
N ARG D 17 -15.55 11.22 -4.52
CA ARG D 17 -15.16 12.57 -4.91
C ARG D 17 -13.79 12.92 -4.31
N LEU D 18 -13.47 12.45 -3.09
CA LEU D 18 -12.16 12.74 -2.50
C LEU D 18 -11.04 12.26 -3.42
N LYS D 19 -11.10 11.02 -3.91
CA LYS D 19 -10.03 10.50 -4.74
C LYS D 19 -10.08 11.15 -6.12
N ARG D 20 -11.29 11.34 -6.65
CA ARG D 20 -11.49 12.00 -7.93
C ARG D 20 -10.80 13.37 -7.92
N THR D 21 -11.07 14.18 -6.90
CA THR D 21 -10.52 15.51 -6.76
C THR D 21 -9.01 15.44 -6.50
N ARG D 22 -8.58 14.64 -5.51
CA ARG D 22 -7.19 14.65 -5.10
C ARG D 22 -6.28 14.12 -6.22
N LEU D 23 -6.74 13.13 -6.99
CA LEU D 23 -6.04 12.70 -8.19
C LEU D 23 -6.17 13.79 -9.25
N GLY D 24 -7.34 14.40 -9.35
CA GLY D 24 -7.65 15.50 -10.26
C GLY D 24 -6.62 16.63 -10.18
N LEU D 25 -6.12 16.95 -8.98
CA LEU D 25 -5.09 17.96 -8.84
C LEU D 25 -3.83 17.63 -9.67
N GLU D 26 -3.49 16.34 -9.81
CA GLU D 26 -2.29 15.88 -10.51
C GLU D 26 -1.03 16.62 -10.02
N SER A 1 -7.97 6.98 11.60
CA SER A 1 -7.04 7.51 12.60
C SER A 1 -5.63 6.99 12.31
N GLU A 2 -5.29 5.82 12.86
CA GLU A 2 -4.03 5.12 12.64
C GLU A 2 -3.69 5.09 11.16
N LEU A 3 -4.63 4.64 10.31
CA LEU A 3 -4.37 4.54 8.89
C LEU A 3 -4.10 5.92 8.28
N GLU A 4 -4.86 6.94 8.67
CA GLU A 4 -4.63 8.29 8.15
C GLU A 4 -3.24 8.78 8.57
N LYS A 5 -2.84 8.51 9.82
CA LYS A 5 -1.52 8.87 10.33
C LYS A 5 -0.44 8.20 9.46
N ALA A 6 -0.57 6.87 9.33
CA ALA A 6 0.31 6.05 8.50
C ALA A 6 0.43 6.65 7.09
N VAL A 7 -0.72 6.89 6.46
CA VAL A 7 -0.85 7.47 5.14
C VAL A 7 -0.12 8.82 5.05
N VAL A 8 -0.43 9.79 5.91
CA VAL A 8 0.25 11.09 5.81
C VAL A 8 1.75 10.93 6.04
N ALA A 9 2.19 10.05 6.94
CA ALA A 9 3.62 9.77 7.10
C ALA A 9 4.22 9.27 5.78
N LEU A 10 3.61 8.24 5.17
CA LEU A 10 4.06 7.68 3.90
C LEU A 10 4.16 8.78 2.85
N ILE A 11 3.10 9.58 2.69
CA ILE A 11 3.10 10.67 1.73
C ILE A 11 4.25 11.65 2.03
N ASP A 12 4.32 12.14 3.27
CA ASP A 12 5.28 13.17 3.66
C ASP A 12 6.72 12.71 3.43
N VAL A 13 7.06 11.53 3.93
CA VAL A 13 8.42 11.01 3.78
C VAL A 13 8.70 10.78 2.29
N PHE A 14 7.79 10.11 1.59
CA PHE A 14 7.96 9.86 0.16
C PHE A 14 8.24 11.16 -0.58
N HIS A 15 7.40 12.18 -0.36
CA HIS A 15 7.54 13.48 -1.02
C HIS A 15 8.94 14.02 -0.80
N GLN A 16 9.40 14.08 0.46
CA GLN A 16 10.70 14.64 0.76
C GLN A 16 11.79 13.86 0.03
N TYR A 17 11.81 12.54 0.18
CA TYR A 17 12.87 11.70 -0.36
C TYR A 17 12.89 11.84 -1.89
N SER A 18 11.73 11.68 -2.52
CA SER A 18 11.50 11.91 -3.95
C SER A 18 11.87 13.33 -4.39
N GLY A 19 11.87 14.30 -3.49
CA GLY A 19 12.32 15.66 -3.78
C GLY A 19 13.85 15.71 -3.77
N ARG A 20 14.47 15.04 -2.79
CA ARG A 20 15.92 15.08 -2.62
C ARG A 20 16.64 14.55 -3.85
N GLU A 21 16.30 13.34 -4.31
CA GLU A 21 16.77 12.85 -5.60
C GLU A 21 15.66 12.03 -6.25
N GLY A 22 14.96 12.64 -7.20
CA GLY A 22 13.78 12.04 -7.78
C GLY A 22 12.95 13.11 -8.45
N ASP A 23 11.66 12.81 -8.68
CA ASP A 23 10.74 13.64 -9.45
C ASP A 23 9.57 14.10 -8.57
N LYS A 24 9.73 14.09 -7.24
CA LYS A 24 8.67 14.31 -6.25
C LYS A 24 7.66 13.15 -6.24
N HIS A 25 7.15 12.77 -7.41
CA HIS A 25 6.30 11.62 -7.63
C HIS A 25 7.09 10.31 -7.65
N LYS A 26 8.42 10.35 -7.80
CA LYS A 26 9.24 9.16 -8.04
C LYS A 26 10.57 9.26 -7.29
N LEU A 27 11.09 8.12 -6.82
CA LEU A 27 12.33 7.96 -6.04
C LEU A 27 13.45 7.40 -6.93
N LYS A 28 14.66 7.97 -6.89
CA LYS A 28 15.85 7.37 -7.52
C LYS A 28 16.31 6.15 -6.73
N LYS A 29 17.27 5.38 -7.27
CA LYS A 29 17.86 4.25 -6.56
C LYS A 29 18.46 4.68 -5.23
N SER A 30 19.09 5.86 -5.17
CA SER A 30 19.59 6.42 -3.93
C SER A 30 18.45 6.54 -2.93
N GLU A 31 17.35 7.20 -3.33
CA GLU A 31 16.24 7.41 -2.43
C GLU A 31 15.58 6.09 -2.03
N LEU A 32 15.34 5.20 -3.00
CA LEU A 32 14.75 3.89 -2.78
C LEU A 32 15.59 3.13 -1.74
N LYS A 33 16.92 3.10 -1.90
CA LYS A 33 17.81 2.45 -0.96
C LYS A 33 17.60 3.02 0.44
N GLU A 34 17.80 4.33 0.64
CA GLU A 34 17.80 4.90 1.98
C GLU A 34 16.41 4.76 2.60
N LEU A 35 15.37 5.04 1.82
CA LEU A 35 13.99 4.89 2.21
C LEU A 35 13.72 3.45 2.68
N ILE A 36 14.08 2.44 1.88
CA ILE A 36 13.87 1.05 2.26
C ILE A 36 14.67 0.74 3.53
N ASN A 37 15.97 1.05 3.60
CA ASN A 37 16.74 0.82 4.82
C ASN A 37 16.04 1.44 6.03
N ASN A 38 15.53 2.66 5.87
CA ASN A 38 14.84 3.43 6.89
C ASN A 38 13.52 2.79 7.32
N GLU A 39 12.73 2.30 6.36
CA GLU A 39 11.37 1.82 6.56
C GLU A 39 11.33 0.34 6.94
N LEU A 40 12.15 -0.49 6.30
CA LEU A 40 12.11 -1.95 6.37
C LEU A 40 13.23 -2.51 7.26
N SER A 41 13.70 -1.74 8.24
CA SER A 41 14.82 -2.13 9.10
C SER A 41 14.63 -3.50 9.76
N HIS A 42 13.41 -3.79 10.23
CA HIS A 42 13.04 -5.06 10.86
C HIS A 42 12.63 -6.12 9.82
N PHE A 43 12.52 -5.73 8.55
CA PHE A 43 11.93 -6.52 7.48
C PHE A 43 13.01 -7.14 6.58
N LEU A 44 13.86 -6.29 6.00
CA LEU A 44 14.90 -6.68 5.06
C LEU A 44 16.27 -6.41 5.69
N GLU A 45 17.31 -7.08 5.17
CA GLU A 45 18.69 -6.76 5.50
C GLU A 45 19.05 -5.39 4.92
N GLU A 46 20.18 -4.83 5.34
CA GLU A 46 20.61 -3.51 4.87
C GLU A 46 20.91 -3.54 3.37
N ILE A 47 20.32 -2.62 2.61
CA ILE A 47 20.44 -2.61 1.14
C ILE A 47 21.77 -1.96 0.75
N LYS A 48 22.88 -2.52 1.21
CA LYS A 48 24.21 -1.96 0.98
C LYS A 48 24.57 -1.99 -0.51
N GLU A 49 24.41 -3.16 -1.15
CA GLU A 49 24.83 -3.38 -2.52
C GLU A 49 23.85 -2.69 -3.48
N GLN A 50 24.33 -1.68 -4.22
CA GLN A 50 23.50 -0.88 -5.12
C GLN A 50 22.77 -1.75 -6.16
N GLU A 51 23.33 -2.91 -6.52
CA GLU A 51 22.70 -3.85 -7.43
C GLU A 51 21.31 -4.24 -6.91
N VAL A 52 21.18 -4.44 -5.59
CA VAL A 52 19.94 -4.92 -5.01
C VAL A 52 18.87 -3.84 -5.15
N VAL A 53 19.16 -2.62 -4.70
CA VAL A 53 18.18 -1.54 -4.83
C VAL A 53 17.79 -1.38 -6.30
N ASP A 54 18.79 -1.36 -7.19
CA ASP A 54 18.53 -1.20 -8.61
C ASP A 54 17.58 -2.31 -9.07
N LYS A 55 17.88 -3.56 -8.76
CA LYS A 55 17.07 -4.69 -9.19
C LYS A 55 15.65 -4.60 -8.64
N VAL A 56 15.49 -4.38 -7.33
CA VAL A 56 14.14 -4.37 -6.76
C VAL A 56 13.34 -3.19 -7.33
N MET A 57 13.95 -2.00 -7.46
CA MET A 57 13.24 -0.88 -8.07
C MET A 57 12.85 -1.26 -9.50
N GLU A 58 13.82 -1.73 -10.29
CA GLU A 58 13.63 -2.11 -11.69
C GLU A 58 12.45 -3.07 -11.81
N THR A 59 12.42 -4.06 -10.91
CA THR A 59 11.37 -5.06 -10.87
C THR A 59 9.98 -4.43 -10.76
N LEU A 60 9.82 -3.28 -10.08
CA LEU A 60 8.55 -2.56 -10.00
C LEU A 60 8.50 -1.33 -10.90
N ASP A 61 9.53 -1.05 -11.71
CA ASP A 61 9.63 0.21 -12.46
C ASP A 61 8.66 0.23 -13.66
N SER A 62 7.35 0.27 -13.39
CA SER A 62 6.29 0.43 -14.37
C SER A 62 6.53 1.66 -15.23
N ASP A 63 7.14 2.69 -14.64
CA ASP A 63 7.39 3.97 -15.28
C ASP A 63 8.50 3.85 -16.34
N GLY A 64 9.29 2.76 -16.31
CA GLY A 64 10.44 2.57 -17.18
C GLY A 64 11.37 3.78 -17.17
N ASP A 65 11.48 4.45 -16.01
CA ASP A 65 12.21 5.71 -15.86
C ASP A 65 13.37 5.54 -14.90
N GLY A 66 13.67 4.30 -14.50
CA GLY A 66 14.60 4.02 -13.42
C GLY A 66 13.94 4.36 -12.10
N GLU A 67 13.79 5.67 -11.84
CA GLU A 67 13.13 6.17 -10.66
C GLU A 67 11.70 5.63 -10.58
N CYS A 68 11.31 5.16 -9.40
CA CYS A 68 10.08 4.40 -9.19
C CYS A 68 9.02 5.28 -8.55
N ASP A 69 7.79 5.22 -9.08
CA ASP A 69 6.71 6.13 -8.73
C ASP A 69 6.08 5.78 -7.39
N PHE A 70 5.37 6.77 -6.84
CA PHE A 70 4.58 6.66 -5.62
C PHE A 70 3.74 5.38 -5.63
N GLN A 71 3.02 5.12 -6.72
CA GLN A 71 2.18 3.92 -6.80
C GLN A 71 3.02 2.65 -6.63
N GLU A 72 4.22 2.61 -7.24
CA GLU A 72 5.10 1.44 -7.18
C GLU A 72 5.65 1.30 -5.77
N PHE A 73 6.02 2.41 -5.13
CA PHE A 73 6.36 2.43 -3.72
C PHE A 73 5.23 1.78 -2.91
N MET A 74 3.99 2.24 -3.07
CA MET A 74 2.85 1.65 -2.37
C MET A 74 2.72 0.15 -2.67
N ALA A 75 2.81 -0.24 -3.94
CA ALA A 75 2.71 -1.62 -4.38
C ALA A 75 3.79 -2.50 -3.73
N PHE A 76 5.02 -1.97 -3.64
CA PHE A 76 6.13 -2.68 -3.02
C PHE A 76 5.84 -2.83 -1.54
N VAL A 77 5.54 -1.71 -0.87
CA VAL A 77 5.18 -1.70 0.53
C VAL A 77 4.02 -2.66 0.78
N ALA A 78 3.07 -2.80 -0.15
CA ALA A 78 1.93 -3.68 0.01
C ALA A 78 2.38 -5.12 0.24
N MET A 79 3.21 -5.66 -0.66
CA MET A 79 3.64 -7.06 -0.53
C MET A 79 4.51 -7.24 0.71
N ILE A 80 5.38 -6.27 0.99
CA ILE A 80 6.19 -6.30 2.20
C ILE A 80 5.30 -6.41 3.44
N THR A 81 4.31 -5.51 3.54
CA THR A 81 3.38 -5.52 4.66
C THR A 81 2.59 -6.81 4.68
N THR A 82 2.19 -7.35 3.52
CA THR A 82 1.53 -8.65 3.46
C THR A 82 2.42 -9.73 4.08
N ALA A 83 3.68 -9.82 3.66
CA ALA A 83 4.61 -10.81 4.19
C ALA A 83 4.71 -10.67 5.72
N CYS A 84 4.88 -9.44 6.19
CA CYS A 84 4.99 -9.16 7.62
C CYS A 84 3.69 -9.47 8.35
N HIS A 85 2.54 -9.25 7.72
CA HIS A 85 1.23 -9.57 8.26
C HIS A 85 1.11 -11.08 8.43
N GLU A 86 1.38 -11.84 7.36
CA GLU A 86 1.36 -13.30 7.42
C GLU A 86 2.22 -13.80 8.57
N PHE A 87 3.44 -13.26 8.68
CA PHE A 87 4.34 -13.54 9.81
C PHE A 87 3.66 -13.24 11.14
N PHE A 88 3.33 -11.97 11.38
CA PHE A 88 2.89 -11.50 12.67
C PHE A 88 1.63 -12.19 13.15
N GLU A 89 0.69 -12.50 12.24
CA GLU A 89 -0.53 -13.21 12.60
C GLU A 89 -0.28 -14.70 12.86
N HIS A 90 0.88 -15.24 12.49
CA HIS A 90 1.28 -16.59 12.86
C HIS A 90 2.63 -16.51 13.56
N GLU A 91 2.62 -15.94 14.77
CA GLU A 91 3.83 -15.74 15.56
C GLU A 91 4.23 -17.04 16.28
N SER B 1 11.22 3.88 12.49
CA SER B 1 10.83 4.92 11.50
C SER B 1 9.32 5.16 11.52
N GLU B 2 8.93 6.40 11.18
CA GLU B 2 7.56 6.79 10.94
C GLU B 2 6.91 5.81 9.95
N LEU B 3 7.67 5.40 8.93
CA LEU B 3 7.15 4.53 7.89
C LEU B 3 7.09 3.09 8.38
N GLU B 4 8.06 2.64 9.15
CA GLU B 4 7.99 1.32 9.76
C GLU B 4 6.75 1.25 10.67
N LYS B 5 6.52 2.33 11.43
CA LYS B 5 5.38 2.47 12.30
C LYS B 5 4.09 2.41 11.48
N ALA B 6 4.01 3.21 10.41
CA ALA B 6 2.89 3.19 9.46
C ALA B 6 2.61 1.75 9.00
N VAL B 7 3.64 1.09 8.49
CA VAL B 7 3.59 -0.28 8.01
C VAL B 7 2.99 -1.21 9.08
N VAL B 8 3.56 -1.24 10.29
CA VAL B 8 3.00 -2.12 11.31
C VAL B 8 1.61 -1.67 11.75
N ALA B 9 1.29 -0.37 11.74
CA ALA B 9 -0.04 0.12 12.08
C ALA B 9 -1.10 -0.48 11.15
N LEU B 10 -0.79 -0.54 9.84
CA LEU B 10 -1.69 -1.18 8.88
C LEU B 10 -1.99 -2.62 9.33
N ILE B 11 -0.96 -3.40 9.64
CA ILE B 11 -1.14 -4.76 10.16
C ILE B 11 -1.99 -4.74 11.44
N ASP B 12 -1.62 -3.88 12.39
CA ASP B 12 -2.24 -3.79 13.70
C ASP B 12 -3.74 -3.58 13.55
N VAL B 13 -4.14 -2.59 12.77
CA VAL B 13 -5.53 -2.31 12.48
C VAL B 13 -6.14 -3.50 11.74
N PHE B 14 -5.54 -3.88 10.61
CA PHE B 14 -6.16 -4.85 9.72
C PHE B 14 -6.50 -6.15 10.45
N HIS B 15 -5.54 -6.76 11.15
CA HIS B 15 -5.78 -8.08 11.73
C HIS B 15 -6.95 -8.04 12.72
N GLN B 16 -6.97 -7.00 13.58
CA GLN B 16 -8.03 -6.81 14.55
C GLN B 16 -9.40 -6.80 13.88
N TYR B 17 -9.54 -6.12 12.75
CA TYR B 17 -10.80 -6.03 12.01
C TYR B 17 -11.10 -7.34 11.26
N SER B 18 -10.19 -7.77 10.41
CA SER B 18 -10.36 -8.94 9.55
C SER B 18 -10.67 -10.20 10.36
N GLY B 19 -10.07 -10.33 11.55
CA GLY B 19 -10.32 -11.45 12.43
C GLY B 19 -11.80 -11.56 12.82
N ARG B 20 -12.54 -10.45 12.84
CA ARG B 20 -13.90 -10.45 13.36
C ARG B 20 -14.86 -11.11 12.38
N GLU B 21 -14.89 -10.64 11.14
CA GLU B 21 -15.73 -11.19 10.08
C GLU B 21 -14.95 -11.18 8.77
N GLY B 22 -14.81 -12.36 8.17
CA GLY B 22 -13.94 -12.64 7.03
C GLY B 22 -12.99 -13.71 7.54
N ASP B 23 -11.71 -13.37 7.76
CA ASP B 23 -10.77 -14.24 8.45
C ASP B 23 -9.52 -13.41 8.76
N LYS B 24 -8.56 -13.98 9.49
CA LYS B 24 -7.32 -13.32 9.89
C LYS B 24 -6.66 -12.49 8.78
N HIS B 25 -6.81 -12.90 7.51
CA HIS B 25 -6.16 -12.29 6.37
C HIS B 25 -7.14 -11.56 5.41
N LYS B 26 -8.45 -11.53 5.71
CA LYS B 26 -9.48 -10.98 4.83
C LYS B 26 -10.60 -10.24 5.59
N LEU B 27 -11.01 -9.06 5.12
CA LEU B 27 -12.10 -8.26 5.67
C LEU B 27 -13.42 -8.55 4.95
N LYS B 28 -14.47 -8.98 5.66
CA LYS B 28 -15.81 -9.07 5.09
C LYS B 28 -16.45 -7.66 5.06
N LYS B 29 -17.56 -7.50 4.32
CA LYS B 29 -18.16 -6.21 4.00
C LYS B 29 -18.44 -5.35 5.24
N SER B 30 -18.89 -5.94 6.33
CA SER B 30 -19.12 -5.23 7.58
C SER B 30 -17.81 -4.60 8.07
N GLU B 31 -16.72 -5.38 8.04
CA GLU B 31 -15.44 -4.94 8.56
C GLU B 31 -14.84 -3.91 7.62
N LEU B 32 -14.89 -4.18 6.32
CA LEU B 32 -14.40 -3.28 5.28
C LEU B 32 -15.11 -1.92 5.42
N LYS B 33 -16.45 -1.94 5.54
CA LYS B 33 -17.23 -0.73 5.78
C LYS B 33 -16.70 -0.03 7.02
N GLU B 34 -16.71 -0.71 8.17
CA GLU B 34 -16.39 -0.10 9.45
C GLU B 34 -14.99 0.52 9.39
N LEU B 35 -14.03 -0.27 8.93
CA LEU B 35 -12.66 0.13 8.66
C LEU B 35 -12.64 1.41 7.85
N ILE B 36 -13.31 1.47 6.70
CA ILE B 36 -13.26 2.67 5.87
C ILE B 36 -13.87 3.86 6.63
N ASN B 37 -15.13 3.75 7.10
CA ASN B 37 -15.79 4.88 7.76
C ASN B 37 -14.94 5.38 8.94
N ASN B 38 -14.50 4.45 9.78
CA ASN B 38 -13.82 4.77 11.02
C ASN B 38 -12.44 5.35 10.71
N GLU B 39 -11.63 4.63 9.94
CA GLU B 39 -10.24 5.02 9.73
C GLU B 39 -10.11 6.09 8.65
N LEU B 40 -10.79 5.96 7.51
CA LEU B 40 -10.74 6.99 6.47
C LEU B 40 -11.85 8.01 6.75
N SER B 41 -12.00 8.43 8.01
CA SER B 41 -13.04 9.33 8.45
C SER B 41 -12.90 10.71 7.80
N HIS B 42 -11.66 11.10 7.49
CA HIS B 42 -11.35 12.34 6.79
C HIS B 42 -11.02 12.06 5.32
N PHE B 43 -10.23 11.00 5.08
CA PHE B 43 -9.74 10.65 3.76
C PHE B 43 -10.85 10.20 2.81
N LEU B 44 -11.95 9.65 3.33
CA LEU B 44 -13.15 9.33 2.57
C LEU B 44 -14.39 9.85 3.29
N GLU B 45 -15.53 9.81 2.59
CA GLU B 45 -16.82 10.18 3.14
C GLU B 45 -17.46 8.97 3.84
N GLU B 46 -18.52 9.20 4.61
CA GLU B 46 -19.37 8.16 5.16
C GLU B 46 -19.89 7.29 4.02
N ILE B 47 -19.84 5.96 4.20
CA ILE B 47 -20.27 5.00 3.19
C ILE B 47 -21.76 4.67 3.38
N LYS B 48 -22.11 4.22 4.59
CA LYS B 48 -23.45 3.89 5.04
C LYS B 48 -24.09 2.69 4.31
N GLU B 49 -24.36 2.83 3.01
CA GLU B 49 -25.14 1.88 2.24
C GLU B 49 -24.34 0.60 1.94
N GLN B 50 -24.83 -0.55 2.42
CA GLN B 50 -24.17 -1.85 2.29
C GLN B 50 -23.78 -2.14 0.83
N GLU B 51 -24.63 -1.73 -0.11
CA GLU B 51 -24.40 -1.90 -1.53
C GLU B 51 -23.07 -1.22 -1.94
N VAL B 52 -22.80 -0.03 -1.38
CA VAL B 52 -21.60 0.72 -1.72
C VAL B 52 -20.39 -0.01 -1.16
N VAL B 53 -20.42 -0.36 0.12
CA VAL B 53 -19.32 -1.07 0.76
C VAL B 53 -19.00 -2.32 -0.07
N ASP B 54 -20.05 -3.08 -0.40
CA ASP B 54 -19.94 -4.27 -1.22
C ASP B 54 -19.32 -3.93 -2.59
N LYS B 55 -19.78 -2.87 -3.25
CA LYS B 55 -19.24 -2.50 -4.55
C LYS B 55 -17.74 -2.18 -4.45
N VAL B 56 -17.35 -1.32 -3.50
CA VAL B 56 -15.95 -0.90 -3.43
C VAL B 56 -15.07 -2.09 -3.08
N MET B 57 -15.51 -2.97 -2.16
CA MET B 57 -14.75 -4.18 -1.88
C MET B 57 -14.67 -5.05 -3.15
N GLU B 58 -15.82 -5.32 -3.78
CA GLU B 58 -15.93 -6.16 -4.97
C GLU B 58 -14.97 -5.68 -6.05
N THR B 59 -14.90 -4.36 -6.24
CA THR B 59 -14.04 -3.71 -7.20
C THR B 59 -12.57 -4.12 -6.99
N LEU B 60 -12.14 -4.37 -5.75
CA LEU B 60 -10.79 -4.85 -5.45
C LEU B 60 -10.76 -6.35 -5.10
N ASP B 61 -11.89 -7.06 -5.12
CA ASP B 61 -11.98 -8.42 -4.59
C ASP B 61 -11.33 -9.45 -5.54
N SER B 62 -10.00 -9.44 -5.61
CA SER B 62 -9.20 -10.43 -6.32
C SER B 62 -9.62 -11.86 -5.96
N ASP B 63 -9.98 -12.06 -4.68
CA ASP B 63 -10.31 -13.38 -4.15
C ASP B 63 -11.67 -13.86 -4.69
N GLY B 64 -12.48 -12.96 -5.25
CA GLY B 64 -13.85 -13.27 -5.67
C GLY B 64 -14.65 -13.96 -4.58
N ASP B 65 -14.36 -13.65 -3.31
CA ASP B 65 -14.91 -14.34 -2.14
C ASP B 65 -15.72 -13.36 -1.29
N GLY B 66 -16.03 -12.19 -1.84
CA GLY B 66 -16.61 -11.10 -1.07
C GLY B 66 -15.51 -10.50 -0.20
N GLU B 67 -15.17 -11.22 0.87
CA GLU B 67 -14.16 -10.79 1.83
C GLU B 67 -12.84 -10.51 1.12
N CYS B 68 -12.31 -9.30 1.34
CA CYS B 68 -11.18 -8.75 0.61
C CYS B 68 -9.91 -8.97 1.39
N ASP B 69 -8.88 -9.52 0.72
CA ASP B 69 -7.63 -9.88 1.36
C ASP B 69 -6.88 -8.63 1.80
N PHE B 70 -5.93 -8.81 2.72
CA PHE B 70 -4.99 -7.76 3.10
C PHE B 70 -4.42 -7.09 1.86
N GLN B 71 -4.00 -7.87 0.87
CA GLN B 71 -3.48 -7.35 -0.39
C GLN B 71 -4.43 -6.34 -1.03
N GLU B 72 -5.73 -6.64 -1.02
CA GLU B 72 -6.75 -5.82 -1.69
C GLU B 72 -7.05 -4.58 -0.86
N PHE B 73 -7.11 -4.74 0.46
CA PHE B 73 -7.16 -3.62 1.39
C PHE B 73 -6.01 -2.66 1.07
N MET B 74 -4.80 -3.21 0.98
CA MET B 74 -3.60 -2.42 0.73
C MET B 74 -3.64 -1.79 -0.67
N ALA B 75 -4.15 -2.50 -1.66
CA ALA B 75 -4.37 -1.94 -2.99
C ALA B 75 -5.31 -0.73 -2.93
N PHE B 76 -6.39 -0.82 -2.15
CA PHE B 76 -7.31 0.30 -1.96
C PHE B 76 -6.57 1.45 -1.29
N VAL B 77 -5.88 1.16 -0.19
CA VAL B 77 -5.02 2.14 0.46
C VAL B 77 -4.05 2.78 -0.54
N ALA B 78 -3.45 1.99 -1.45
CA ALA B 78 -2.51 2.51 -2.43
C ALA B 78 -3.15 3.59 -3.29
N MET B 79 -4.31 3.31 -3.91
CA MET B 79 -4.99 4.32 -4.72
C MET B 79 -5.32 5.55 -3.88
N ILE B 80 -5.88 5.35 -2.68
CA ILE B 80 -6.29 6.44 -1.79
C ILE B 80 -5.09 7.35 -1.49
N THR B 81 -3.99 6.74 -1.07
CA THR B 81 -2.76 7.44 -0.72
C THR B 81 -2.22 8.16 -1.95
N THR B 82 -2.10 7.45 -3.09
CA THR B 82 -1.56 8.03 -4.30
C THR B 82 -2.39 9.25 -4.72
N ALA B 83 -3.71 9.15 -4.68
CA ALA B 83 -4.60 10.26 -5.01
C ALA B 83 -4.35 11.44 -4.07
N CYS B 84 -4.24 11.17 -2.77
CA CYS B 84 -3.92 12.22 -1.80
C CYS B 84 -2.55 12.85 -2.10
N HIS B 85 -1.54 12.04 -2.45
CA HIS B 85 -0.24 12.52 -2.87
C HIS B 85 -0.42 13.47 -4.06
N GLU B 86 -1.09 13.04 -5.12
CA GLU B 86 -1.35 13.89 -6.29
C GLU B 86 -1.96 15.23 -5.85
N PHE B 87 -2.96 15.17 -4.97
CA PHE B 87 -3.63 16.37 -4.49
C PHE B 87 -2.63 17.29 -3.80
N PHE B 88 -1.90 16.74 -2.82
CA PHE B 88 -1.00 17.50 -1.96
C PHE B 88 0.20 18.05 -2.74
N GLU B 89 0.71 17.30 -3.72
CA GLU B 89 1.80 17.76 -4.58
C GLU B 89 1.44 19.12 -5.19
N HIS B 90 0.40 19.17 -6.02
CA HIS B 90 0.01 20.42 -6.66
C HIS B 90 -0.93 21.20 -5.72
N GLU B 91 -0.36 21.75 -4.64
CA GLU B 91 -1.11 22.54 -3.67
C GLU B 91 -1.95 23.63 -4.37
N LYS C 1 28.56 -17.84 -14.69
CA LYS C 1 27.63 -17.89 -13.54
C LYS C 1 28.04 -19.00 -12.55
N ARG C 2 27.25 -19.21 -11.50
CA ARG C 2 27.39 -20.28 -10.52
C ARG C 2 28.53 -19.99 -9.54
N LEU C 3 29.73 -19.73 -10.07
CA LEU C 3 30.88 -19.32 -9.29
C LEU C 3 30.60 -17.97 -8.63
N ARG C 4 29.95 -18.00 -7.46
CA ARG C 4 29.52 -16.85 -6.67
C ARG C 4 28.29 -16.19 -7.33
N ARG C 5 28.45 -15.76 -8.58
CA ARG C 5 27.40 -15.17 -9.42
C ARG C 5 26.36 -16.24 -9.76
N SER C 6 25.63 -16.69 -8.74
CA SER C 6 24.68 -17.78 -8.81
C SER C 6 23.37 -17.23 -9.37
N ALA C 7 23.42 -16.88 -10.67
CA ALA C 7 22.35 -16.23 -11.43
C ALA C 7 21.92 -14.93 -10.75
N HIS C 8 20.95 -15.00 -9.84
CA HIS C 8 20.51 -13.83 -9.07
C HIS C 8 21.57 -13.46 -8.02
N ALA C 9 22.35 -14.44 -7.57
CA ALA C 9 23.42 -14.32 -6.58
C ALA C 9 22.87 -14.30 -5.15
N ARG C 10 23.35 -15.23 -4.32
CA ARG C 10 22.87 -15.49 -2.97
C ARG C 10 22.64 -14.20 -2.18
N LYS C 11 23.66 -13.34 -2.15
CA LYS C 11 23.62 -12.04 -1.51
C LYS C 11 22.37 -11.25 -1.88
N GLU C 12 22.02 -11.22 -3.18
CA GLU C 12 20.87 -10.48 -3.66
C GLU C 12 19.56 -11.20 -3.30
N THR C 13 19.56 -12.54 -3.30
CA THR C 13 18.37 -13.27 -2.94
C THR C 13 18.01 -13.07 -1.47
N GLU C 14 19.00 -12.82 -0.59
CA GLU C 14 18.78 -12.77 0.87
C GLU C 14 17.58 -11.87 1.23
N PHE C 15 17.53 -10.65 0.70
CA PHE C 15 16.45 -9.70 0.94
C PHE C 15 15.08 -10.29 0.64
N LEU C 16 15.03 -11.16 -0.36
CA LEU C 16 13.83 -11.75 -0.90
C LEU C 16 13.52 -13.04 -0.14
N ARG C 17 14.54 -13.83 0.21
CA ARG C 17 14.36 -14.99 1.06
C ARG C 17 13.81 -14.56 2.43
N LEU C 18 14.22 -13.40 2.95
CA LEU C 18 13.60 -12.81 4.13
C LEU C 18 12.08 -12.75 3.96
N LYS C 19 11.61 -12.18 2.84
CA LYS C 19 10.18 -12.12 2.55
C LYS C 19 9.58 -13.53 2.59
N ARG C 20 10.16 -14.46 1.82
CA ARG C 20 9.69 -15.85 1.82
C ARG C 20 9.62 -16.42 3.25
N THR C 21 10.64 -16.16 4.07
CA THR C 21 10.68 -16.62 5.45
C THR C 21 9.49 -16.03 6.22
N ARG C 22 9.23 -14.73 6.04
CA ARG C 22 8.12 -14.06 6.72
C ARG C 22 6.77 -14.61 6.25
N LEU C 23 6.62 -14.99 4.98
CA LEU C 23 5.42 -15.74 4.58
C LEU C 23 5.43 -17.12 5.24
N GLY C 24 6.61 -17.73 5.32
CA GLY C 24 6.89 -19.10 5.70
C GLY C 24 6.28 -19.57 7.03
N LEU C 25 5.95 -18.64 7.94
CA LEU C 25 5.20 -18.99 9.14
C LEU C 25 3.91 -19.72 8.75
N GLU C 26 3.28 -19.30 7.66
CA GLU C 26 2.18 -20.04 7.04
C GLU C 26 2.77 -21.09 6.10
N LYS D 1 -17.81 13.10 -18.82
CA LYS D 1 -18.33 14.02 -19.85
C LYS D 1 -19.02 15.23 -19.21
N ARG D 2 -19.30 16.26 -20.01
CA ARG D 2 -19.96 17.48 -19.56
C ARG D 2 -21.44 17.18 -19.27
N LEU D 3 -21.67 16.54 -18.12
CA LEU D 3 -22.93 15.95 -17.71
C LEU D 3 -23.22 14.70 -18.55
N ARG D 4 -24.18 13.88 -18.11
CA ARG D 4 -24.49 12.59 -18.74
C ARG D 4 -23.24 11.72 -18.78
N ARG D 5 -22.44 11.76 -17.69
CA ARG D 5 -21.11 11.17 -17.63
C ARG D 5 -21.04 9.76 -18.22
N SER D 6 -22.11 8.96 -18.04
CA SER D 6 -22.18 7.58 -18.50
C SER D 6 -21.35 6.70 -17.56
N ALA D 7 -20.05 7.03 -17.41
CA ALA D 7 -19.18 6.43 -16.41
C ALA D 7 -19.57 6.98 -15.03
N HIS D 8 -20.76 6.58 -14.56
CA HIS D 8 -21.36 7.01 -13.30
C HIS D 8 -22.34 5.94 -12.85
N ALA D 9 -22.56 5.83 -11.54
CA ALA D 9 -23.56 4.93 -10.94
C ALA D 9 -24.47 5.68 -9.96
N ARG D 10 -24.39 7.01 -9.93
CA ARG D 10 -25.20 7.90 -9.10
C ARG D 10 -24.88 7.72 -7.62
N LYS D 11 -25.30 6.61 -7.01
CA LYS D 11 -25.08 6.35 -5.59
C LYS D 11 -23.58 6.30 -5.28
N GLU D 12 -22.85 5.35 -5.86
CA GLU D 12 -21.44 5.14 -5.56
C GLU D 12 -20.63 6.42 -5.82
N THR D 13 -20.97 7.14 -6.89
CA THR D 13 -20.31 8.39 -7.24
C THR D 13 -20.42 9.43 -6.13
N GLU D 14 -21.45 9.39 -5.25
CA GLU D 14 -21.54 10.32 -4.12
C GLU D 14 -20.22 10.38 -3.35
N PHE D 15 -19.62 9.21 -3.14
CA PHE D 15 -18.36 9.07 -2.43
C PHE D 15 -17.22 9.16 -3.46
N LEU D 16 -17.24 8.26 -4.44
CA LEU D 16 -16.13 8.07 -5.36
C LEU D 16 -15.75 9.34 -6.11
N ARG D 17 -16.69 10.29 -6.29
CA ARG D 17 -16.38 11.57 -6.92
C ARG D 17 -15.21 12.29 -6.26
N LEU D 18 -14.90 12.00 -4.99
CA LEU D 18 -13.73 12.61 -4.35
C LEU D 18 -12.45 12.40 -5.16
N LYS D 19 -12.34 11.27 -5.88
CA LYS D 19 -11.22 11.02 -6.78
C LYS D 19 -11.08 12.15 -7.79
N ARG D 20 -12.19 12.64 -8.34
CA ARG D 20 -12.19 13.70 -9.33
C ARG D 20 -11.47 14.91 -8.78
N THR D 21 -11.81 15.36 -7.57
CA THR D 21 -11.08 16.44 -6.91
C THR D 21 -9.62 16.05 -6.65
N ARG D 22 -9.41 14.89 -6.01
CA ARG D 22 -8.10 14.49 -5.50
C ARG D 22 -7.07 14.41 -6.63
N LEU D 23 -7.46 13.95 -7.82
CA LEU D 23 -6.55 13.99 -8.96
C LEU D 23 -6.68 15.33 -9.69
N GLY D 24 -7.91 15.85 -9.83
CA GLY D 24 -8.22 17.01 -10.63
C GLY D 24 -7.47 18.27 -10.20
N LEU D 25 -7.21 18.42 -8.90
CA LEU D 25 -6.40 19.55 -8.43
C LEU D 25 -5.05 19.58 -9.15
N GLU D 26 -4.48 18.41 -9.48
CA GLU D 26 -3.22 18.29 -10.21
C GLU D 26 -3.51 18.11 -11.70
N SER A 1 -8.25 7.17 12.07
CA SER A 1 -7.02 7.92 12.40
C SER A 1 -5.77 7.20 11.90
N GLU A 2 -5.54 5.98 12.39
CA GLU A 2 -4.30 5.24 12.18
C GLU A 2 -3.96 5.15 10.69
N LEU A 3 -4.90 4.66 9.90
CA LEU A 3 -4.72 4.51 8.46
C LEU A 3 -4.35 5.85 7.83
N GLU A 4 -5.11 6.90 8.15
CA GLU A 4 -4.89 8.23 7.60
C GLU A 4 -3.49 8.74 7.96
N LYS A 5 -3.09 8.56 9.22
CA LYS A 5 -1.79 8.96 9.73
C LYS A 5 -0.71 8.26 8.92
N ALA A 6 -0.78 6.94 8.87
CA ALA A 6 0.14 6.10 8.12
C ALA A 6 0.24 6.61 6.68
N VAL A 7 -0.90 6.76 6.01
CA VAL A 7 -1.01 7.25 4.66
C VAL A 7 -0.30 8.61 4.48
N VAL A 8 -0.63 9.62 5.27
CA VAL A 8 0.04 10.90 5.13
C VAL A 8 1.54 10.77 5.41
N ALA A 9 1.94 9.90 6.36
CA ALA A 9 3.35 9.62 6.59
C ALA A 9 4.02 9.07 5.34
N LEU A 10 3.41 8.07 4.69
CA LEU A 10 3.94 7.49 3.46
C LEU A 10 4.16 8.60 2.41
N ILE A 11 3.13 9.41 2.19
CA ILE A 11 3.19 10.49 1.22
C ILE A 11 4.30 11.48 1.60
N ASP A 12 4.29 11.97 2.84
CA ASP A 12 5.23 12.99 3.30
C ASP A 12 6.67 12.50 3.17
N VAL A 13 6.95 11.32 3.69
CA VAL A 13 8.27 10.70 3.58
C VAL A 13 8.65 10.60 2.10
N PHE A 14 7.77 10.01 1.29
CA PHE A 14 8.05 9.84 -0.13
C PHE A 14 8.42 11.17 -0.77
N HIS A 15 7.58 12.20 -0.59
CA HIS A 15 7.83 13.54 -1.11
C HIS A 15 9.20 14.03 -0.68
N GLN A 16 9.47 13.96 0.64
CA GLN A 16 10.71 14.44 1.22
C GLN A 16 11.91 13.85 0.49
N TYR A 17 11.94 12.53 0.28
CA TYR A 17 13.07 11.86 -0.34
C TYR A 17 13.10 12.13 -1.85
N SER A 18 11.98 11.91 -2.50
CA SER A 18 11.85 12.04 -3.95
C SER A 18 12.24 13.44 -4.44
N GLY A 19 11.95 14.47 -3.63
CA GLY A 19 12.30 15.83 -3.98
C GLY A 19 13.81 16.03 -4.10
N ARG A 20 14.62 15.20 -3.43
CA ARG A 20 16.05 15.42 -3.35
C ARG A 20 16.75 14.97 -4.63
N GLU A 21 16.49 13.74 -5.07
CA GLU A 21 17.02 13.23 -6.32
C GLU A 21 15.94 12.42 -7.05
N GLY A 22 15.38 13.02 -8.10
CA GLY A 22 14.41 12.43 -9.00
C GLY A 22 13.40 13.50 -9.39
N ASP A 23 12.37 13.68 -8.56
CA ASP A 23 11.30 14.67 -8.70
C ASP A 23 10.38 14.40 -7.52
N LYS A 24 9.47 15.31 -7.17
CA LYS A 24 8.48 15.07 -6.13
C LYS A 24 7.83 13.68 -6.24
N HIS A 25 7.59 13.20 -7.47
CA HIS A 25 6.93 11.94 -7.76
C HIS A 25 7.90 10.76 -7.96
N LYS A 26 9.23 10.98 -8.00
CA LYS A 26 10.22 9.97 -8.42
C LYS A 26 11.39 9.80 -7.43
N LEU A 27 11.80 8.54 -7.16
CA LEU A 27 12.95 8.18 -6.32
C LEU A 27 14.07 7.54 -7.15
N LYS A 28 15.30 8.09 -7.08
CA LYS A 28 16.46 7.41 -7.65
C LYS A 28 16.84 6.18 -6.81
N LYS A 29 17.77 5.36 -7.31
CA LYS A 29 18.34 4.25 -6.55
C LYS A 29 18.92 4.73 -5.22
N SER A 30 19.57 5.89 -5.21
CA SER A 30 20.15 6.47 -4.00
C SER A 30 19.04 6.76 -2.97
N GLU A 31 18.00 7.47 -3.41
CA GLU A 31 16.91 7.83 -2.50
C GLU A 31 16.20 6.58 -2.01
N LEU A 32 15.83 5.69 -2.94
CA LEU A 32 15.17 4.43 -2.64
C LEU A 32 15.99 3.62 -1.65
N LYS A 33 17.30 3.49 -1.90
CA LYS A 33 18.20 2.78 -0.99
C LYS A 33 18.10 3.39 0.40
N GLU A 34 18.43 4.67 0.54
CA GLU A 34 18.51 5.29 1.85
C GLU A 34 17.16 5.13 2.57
N LEU A 35 16.08 5.46 1.86
CA LEU A 35 14.72 5.33 2.32
C LEU A 35 14.48 3.94 2.92
N ILE A 36 14.77 2.87 2.18
CA ILE A 36 14.53 1.52 2.70
C ILE A 36 15.42 1.27 3.93
N ASN A 37 16.74 1.50 3.80
CA ASN A 37 17.69 1.23 4.89
C ASN A 37 17.24 1.92 6.17
N ASN A 38 16.86 3.19 6.05
CA ASN A 38 16.56 4.08 7.15
C ASN A 38 15.19 3.78 7.75
N GLU A 39 14.20 3.41 6.91
CA GLU A 39 12.81 3.33 7.35
C GLU A 39 12.17 1.94 7.31
N LEU A 40 12.88 0.92 6.84
CA LEU A 40 12.41 -0.46 6.83
C LEU A 40 13.34 -1.37 7.66
N SER A 41 14.23 -0.77 8.45
CA SER A 41 15.34 -1.39 9.16
C SER A 41 14.95 -2.64 9.95
N HIS A 42 13.81 -2.61 10.63
CA HIS A 42 13.33 -3.72 11.44
C HIS A 42 13.13 -4.97 10.56
N PHE A 43 12.73 -4.77 9.31
CA PHE A 43 12.42 -5.84 8.38
C PHE A 43 13.65 -6.18 7.55
N LEU A 44 14.23 -5.19 6.86
CA LEU A 44 15.32 -5.40 5.91
C LEU A 44 16.65 -4.97 6.51
N GLU A 45 17.67 -5.82 6.32
CA GLU A 45 19.04 -5.51 6.70
C GLU A 45 19.60 -4.37 5.85
N GLU A 46 20.76 -3.84 6.24
CA GLU A 46 21.43 -2.78 5.50
C GLU A 46 21.76 -3.26 4.08
N ILE A 47 21.22 -2.56 3.09
CA ILE A 47 21.25 -2.98 1.69
C ILE A 47 22.50 -2.36 1.04
N LYS A 48 23.65 -2.68 1.63
CA LYS A 48 24.97 -2.23 1.20
C LYS A 48 25.22 -2.57 -0.27
N GLU A 49 24.68 -3.69 -0.73
CA GLU A 49 24.81 -4.16 -2.09
C GLU A 49 24.02 -3.23 -3.03
N GLN A 50 24.65 -2.15 -3.51
CA GLN A 50 24.05 -1.24 -4.48
C GLN A 50 23.49 -2.00 -5.70
N GLU A 51 24.11 -3.13 -6.06
CA GLU A 51 23.60 -3.99 -7.11
C GLU A 51 22.16 -4.43 -6.78
N VAL A 52 21.93 -4.84 -5.53
CA VAL A 52 20.61 -5.27 -5.10
C VAL A 52 19.65 -4.09 -5.02
N VAL A 53 20.06 -2.92 -4.51
CA VAL A 53 19.16 -1.77 -4.50
C VAL A 53 18.70 -1.47 -5.93
N ASP A 54 19.65 -1.40 -6.86
CA ASP A 54 19.37 -1.24 -8.28
C ASP A 54 18.39 -2.33 -8.75
N LYS A 55 18.66 -3.60 -8.42
CA LYS A 55 17.81 -4.70 -8.86
C LYS A 55 16.39 -4.54 -8.35
N VAL A 56 16.19 -4.30 -7.04
CA VAL A 56 14.84 -4.20 -6.50
C VAL A 56 14.13 -2.98 -7.09
N MET A 57 14.79 -1.82 -7.11
CA MET A 57 14.13 -0.63 -7.64
C MET A 57 13.78 -0.83 -9.12
N GLU A 58 14.71 -1.37 -9.92
CA GLU A 58 14.44 -1.77 -11.30
C GLU A 58 13.24 -2.71 -11.37
N THR A 59 13.20 -3.73 -10.51
CA THR A 59 12.12 -4.70 -10.42
C THR A 59 10.78 -4.00 -10.20
N LEU A 60 10.73 -2.98 -9.33
CA LEU A 60 9.49 -2.28 -9.05
C LEU A 60 9.17 -1.27 -10.15
N ASP A 61 10.19 -0.72 -10.82
CA ASP A 61 10.09 0.41 -11.73
C ASP A 61 9.29 0.10 -13.01
N SER A 62 7.97 -0.03 -12.87
CA SER A 62 7.04 -0.17 -13.97
C SER A 62 7.15 0.98 -14.98
N ASP A 63 7.64 2.15 -14.53
CA ASP A 63 7.79 3.32 -15.40
C ASP A 63 8.95 3.14 -16.36
N GLY A 64 9.84 2.17 -16.13
CA GLY A 64 11.04 1.98 -16.96
C GLY A 64 11.85 3.26 -17.09
N ASP A 65 11.94 4.05 -16.02
CA ASP A 65 12.64 5.33 -15.99
C ASP A 65 13.87 5.25 -15.09
N GLY A 66 14.21 4.03 -14.63
CA GLY A 66 15.20 3.82 -13.60
C GLY A 66 14.59 4.21 -12.27
N GLU A 67 14.38 5.52 -12.08
CA GLU A 67 13.74 6.09 -10.92
C GLU A 67 12.36 5.46 -10.70
N CYS A 68 12.03 5.13 -9.45
CA CYS A 68 10.76 4.52 -9.09
C CYS A 68 9.71 5.61 -8.87
N ASP A 69 8.48 5.41 -9.36
CA ASP A 69 7.38 6.32 -9.11
C ASP A 69 6.68 5.95 -7.79
N PHE A 70 5.93 6.89 -7.22
CA PHE A 70 5.15 6.66 -6.02
C PHE A 70 4.30 5.38 -6.12
N GLN A 71 3.68 5.11 -7.27
CA GLN A 71 2.95 3.87 -7.47
C GLN A 71 3.82 2.63 -7.19
N GLU A 72 5.06 2.65 -7.66
CA GLU A 72 5.99 1.54 -7.50
C GLU A 72 6.39 1.41 -6.03
N PHE A 73 6.64 2.55 -5.38
CA PHE A 73 6.82 2.59 -3.93
C PHE A 73 5.63 1.95 -3.21
N MET A 74 4.40 2.37 -3.52
CA MET A 74 3.20 1.81 -2.91
C MET A 74 3.09 0.30 -3.17
N ALA A 75 3.40 -0.12 -4.40
CA ALA A 75 3.43 -1.54 -4.74
C ALA A 75 4.44 -2.29 -3.86
N PHE A 76 5.63 -1.71 -3.68
CA PHE A 76 6.67 -2.29 -2.83
C PHE A 76 6.14 -2.43 -1.40
N VAL A 77 5.62 -1.32 -0.85
CA VAL A 77 4.97 -1.31 0.45
C VAL A 77 3.93 -2.44 0.54
N ALA A 78 3.08 -2.58 -0.47
CA ALA A 78 2.05 -3.61 -0.50
C ALA A 78 2.65 -5.01 -0.40
N MET A 79 3.62 -5.36 -1.27
CA MET A 79 4.23 -6.69 -1.21
C MET A 79 4.87 -6.94 0.15
N ILE A 80 5.65 -5.97 0.65
CA ILE A 80 6.35 -6.11 1.92
C ILE A 80 5.35 -6.34 3.05
N THR A 81 4.39 -5.42 3.18
CA THR A 81 3.41 -5.50 4.26
C THR A 81 2.60 -6.79 4.12
N THR A 82 2.23 -7.18 2.90
CA THR A 82 1.56 -8.45 2.67
C THR A 82 2.41 -9.62 3.15
N ALA A 83 3.70 -9.65 2.81
CA ALA A 83 4.56 -10.74 3.24
C ALA A 83 4.61 -10.82 4.77
N CYS A 84 4.80 -9.68 5.43
CA CYS A 84 4.81 -9.63 6.89
C CYS A 84 3.46 -10.08 7.46
N HIS A 85 2.37 -9.55 6.91
CA HIS A 85 1.01 -9.91 7.27
C HIS A 85 0.82 -11.42 7.21
N GLU A 86 0.92 -12.00 6.02
CA GLU A 86 0.67 -13.42 5.82
C GLU A 86 1.59 -14.28 6.70
N PHE A 87 2.85 -13.87 6.90
CA PHE A 87 3.72 -14.52 7.86
C PHE A 87 3.05 -14.49 9.25
N PHE A 88 2.77 -13.28 9.73
CA PHE A 88 2.32 -13.02 11.09
C PHE A 88 0.97 -13.67 11.40
N GLU A 89 0.04 -13.68 10.45
CA GLU A 89 -1.27 -14.28 10.68
C GLU A 89 -1.12 -15.77 10.99
N HIS A 90 -0.23 -16.47 10.26
CA HIS A 90 0.03 -17.88 10.51
C HIS A 90 0.94 -18.01 11.74
N GLU A 91 0.39 -17.71 12.92
CA GLU A 91 1.10 -17.82 14.19
C GLU A 91 1.43 -19.29 14.48
N SER B 1 10.75 3.77 12.75
CA SER B 1 10.71 4.70 11.60
C SER B 1 9.33 4.72 10.94
N GLU B 2 8.99 5.82 10.25
CA GLU B 2 7.64 6.05 9.72
C GLU B 2 7.15 4.89 8.85
N LEU B 3 7.91 4.49 7.83
CA LEU B 3 7.46 3.42 6.95
C LEU B 3 7.20 2.14 7.77
N GLU B 4 8.20 1.66 8.51
CA GLU B 4 8.07 0.52 9.41
C GLU B 4 6.79 0.64 10.26
N LYS B 5 6.57 1.82 10.86
CA LYS B 5 5.45 2.06 11.76
C LYS B 5 4.14 1.89 11.00
N ALA B 6 4.00 2.59 9.87
CA ALA B 6 2.85 2.48 8.99
C ALA B 6 2.58 1.02 8.63
N VAL B 7 3.62 0.34 8.15
CA VAL B 7 3.60 -1.05 7.73
C VAL B 7 3.02 -1.93 8.84
N VAL B 8 3.61 -1.90 10.05
CA VAL B 8 3.08 -2.72 11.13
C VAL B 8 1.68 -2.25 11.55
N ALA B 9 1.43 -0.93 11.58
CA ALA B 9 0.13 -0.38 11.98
C ALA B 9 -1.00 -0.96 11.12
N LEU B 10 -0.81 -1.02 9.79
CA LEU B 10 -1.80 -1.59 8.90
C LEU B 10 -2.13 -3.03 9.34
N ILE B 11 -1.12 -3.86 9.58
CA ILE B 11 -1.31 -5.23 10.01
C ILE B 11 -2.06 -5.25 11.35
N ASP B 12 -1.55 -4.48 12.32
CA ASP B 12 -2.11 -4.40 13.66
C ASP B 12 -3.60 -4.06 13.62
N VAL B 13 -3.97 -3.00 12.89
CA VAL B 13 -5.38 -2.66 12.74
C VAL B 13 -6.09 -3.79 12.02
N PHE B 14 -5.67 -4.10 10.79
CA PHE B 14 -6.39 -5.01 9.92
C PHE B 14 -6.73 -6.32 10.63
N HIS B 15 -5.72 -6.96 11.23
CA HIS B 15 -5.93 -8.29 11.80
C HIS B 15 -6.95 -8.29 12.94
N GLN B 16 -7.15 -7.16 13.63
CA GLN B 16 -8.17 -7.11 14.67
C GLN B 16 -9.54 -7.24 14.03
N TYR B 17 -9.82 -6.42 13.00
CA TYR B 17 -11.10 -6.44 12.31
C TYR B 17 -11.28 -7.80 11.60
N SER B 18 -10.29 -8.20 10.79
CA SER B 18 -10.28 -9.47 10.08
C SER B 18 -10.34 -10.69 11.00
N GLY B 19 -9.86 -10.54 12.24
CA GLY B 19 -9.98 -11.58 13.24
C GLY B 19 -11.46 -11.84 13.54
N ARG B 20 -12.28 -10.78 13.52
CA ARG B 20 -13.69 -10.91 13.83
C ARG B 20 -14.43 -11.56 12.67
N GLU B 21 -14.28 -11.01 11.45
CA GLU B 21 -14.92 -11.58 10.26
C GLU B 21 -14.01 -11.45 9.04
N GLY B 22 -13.39 -12.57 8.66
CA GLY B 22 -12.54 -12.72 7.49
C GLY B 22 -11.26 -13.50 7.79
N ASP B 23 -11.29 -14.38 8.79
CA ASP B 23 -10.23 -15.34 9.10
C ASP B 23 -8.84 -14.71 9.07
N LYS B 24 -8.68 -13.56 9.75
CA LYS B 24 -7.41 -12.85 9.90
C LYS B 24 -6.91 -12.17 8.61
N HIS B 25 -7.11 -12.80 7.46
CA HIS B 25 -6.52 -12.41 6.17
C HIS B 25 -7.43 -11.50 5.33
N LYS B 26 -8.74 -11.53 5.58
CA LYS B 26 -9.74 -10.86 4.76
C LYS B 26 -10.63 -9.95 5.59
N LEU B 27 -11.47 -9.13 4.95
CA LEU B 27 -12.47 -8.30 5.63
C LEU B 27 -13.81 -8.49 4.93
N LYS B 28 -14.83 -8.98 5.65
CA LYS B 28 -16.20 -8.98 5.13
C LYS B 28 -16.75 -7.54 5.15
N LYS B 29 -17.82 -7.30 4.40
CA LYS B 29 -18.42 -5.98 4.22
C LYS B 29 -18.75 -5.29 5.54
N SER B 30 -19.16 -6.05 6.56
CA SER B 30 -19.45 -5.51 7.88
C SER B 30 -18.20 -4.89 8.49
N GLU B 31 -17.10 -5.64 8.50
CA GLU B 31 -15.84 -5.19 9.09
C GLU B 31 -15.26 -4.06 8.25
N LEU B 32 -15.23 -4.24 6.92
CA LEU B 32 -14.74 -3.23 6.00
C LEU B 32 -15.51 -1.92 6.22
N LYS B 33 -16.84 -1.98 6.29
CA LYS B 33 -17.67 -0.80 6.49
C LYS B 33 -17.22 -0.05 7.72
N GLU B 34 -17.26 -0.71 8.88
CA GLU B 34 -17.02 0.01 10.13
C GLU B 34 -15.57 0.47 10.20
N LEU B 35 -14.63 -0.36 9.73
CA LEU B 35 -13.22 0.00 9.60
C LEU B 35 -13.11 1.33 8.84
N ILE B 36 -13.70 1.41 7.64
CA ILE B 36 -13.60 2.60 6.80
C ILE B 36 -14.25 3.79 7.50
N ASN B 37 -15.52 3.65 7.89
CA ASN B 37 -16.28 4.69 8.57
C ASN B 37 -15.48 5.25 9.76
N ASN B 38 -14.94 4.34 10.58
CA ASN B 38 -14.27 4.66 11.82
C ASN B 38 -12.92 5.34 11.58
N GLU B 39 -12.09 4.77 10.72
CA GLU B 39 -10.69 5.19 10.59
C GLU B 39 -10.40 6.10 9.40
N LEU B 40 -11.23 6.09 8.35
CA LEU B 40 -10.97 6.84 7.11
C LEU B 40 -11.81 8.12 7.02
N SER B 41 -12.48 8.50 8.11
CA SER B 41 -13.49 9.56 8.16
C SER B 41 -13.08 10.88 7.49
N HIS B 42 -11.83 11.30 7.69
CA HIS B 42 -11.34 12.56 7.15
C HIS B 42 -11.05 12.43 5.65
N PHE B 43 -10.67 11.24 5.21
CA PHE B 43 -10.29 10.99 3.83
C PHE B 43 -11.53 10.69 2.98
N LEU B 44 -12.54 10.04 3.59
CA LEU B 44 -13.68 9.49 2.88
C LEU B 44 -14.92 9.71 3.73
N GLU B 45 -15.97 10.28 3.13
CA GLU B 45 -17.26 10.44 3.79
C GLU B 45 -17.72 9.09 4.36
N GLU B 46 -18.17 9.07 5.60
CA GLU B 46 -18.48 7.83 6.29
C GLU B 46 -19.55 7.03 5.54
N ILE B 47 -19.23 5.78 5.26
CA ILE B 47 -19.99 4.91 4.37
C ILE B 47 -21.12 4.28 5.16
N LYS B 48 -22.12 5.11 5.48
CA LYS B 48 -23.35 4.68 6.10
C LYS B 48 -24.15 3.73 5.20
N GLU B 49 -24.04 3.91 3.88
CA GLU B 49 -24.80 3.13 2.91
C GLU B 49 -24.10 1.80 2.61
N GLN B 50 -24.63 0.70 3.16
CA GLN B 50 -24.14 -0.66 2.92
C GLN B 50 -23.92 -0.96 1.43
N GLU B 51 -24.79 -0.47 0.55
CA GLU B 51 -24.62 -0.71 -0.88
C GLU B 51 -23.26 -0.19 -1.35
N VAL B 52 -22.83 0.97 -0.83
CA VAL B 52 -21.57 1.55 -1.21
C VAL B 52 -20.41 0.74 -0.61
N VAL B 53 -20.50 0.33 0.66
CA VAL B 53 -19.45 -0.49 1.25
C VAL B 53 -19.23 -1.72 0.37
N ASP B 54 -20.34 -2.40 0.05
CA ASP B 54 -20.34 -3.57 -0.80
C ASP B 54 -19.69 -3.24 -2.14
N LYS B 55 -20.13 -2.17 -2.80
CA LYS B 55 -19.58 -1.83 -4.11
C LYS B 55 -18.06 -1.58 -4.02
N VAL B 56 -17.62 -0.72 -3.10
CA VAL B 56 -16.22 -0.32 -3.09
C VAL B 56 -15.32 -1.52 -2.77
N MET B 57 -15.71 -2.37 -1.82
CA MET B 57 -14.92 -3.55 -1.51
C MET B 57 -15.01 -4.58 -2.65
N GLU B 58 -16.22 -4.85 -3.15
CA GLU B 58 -16.44 -5.76 -4.27
C GLU B 58 -15.57 -5.38 -5.47
N THR B 59 -15.45 -4.08 -5.74
CA THR B 59 -14.63 -3.56 -6.83
C THR B 59 -13.19 -4.05 -6.73
N LEU B 60 -12.66 -4.33 -5.53
CA LEU B 60 -11.32 -4.87 -5.34
C LEU B 60 -11.33 -6.37 -5.03
N ASP B 61 -12.48 -7.04 -4.98
CA ASP B 61 -12.58 -8.41 -4.49
C ASP B 61 -12.02 -9.44 -5.47
N SER B 62 -10.69 -9.46 -5.63
CA SER B 62 -9.95 -10.46 -6.40
C SER B 62 -10.34 -11.88 -5.98
N ASP B 63 -10.64 -12.04 -4.69
CA ASP B 63 -10.93 -13.33 -4.08
C ASP B 63 -12.29 -13.84 -4.54
N GLY B 64 -13.14 -12.98 -5.11
CA GLY B 64 -14.51 -13.33 -5.50
C GLY B 64 -15.28 -14.00 -4.35
N ASP B 65 -14.95 -13.63 -3.10
CA ASP B 65 -15.44 -14.28 -1.89
C ASP B 65 -16.25 -13.28 -1.04
N GLY B 66 -16.49 -12.08 -1.57
CA GLY B 66 -17.04 -10.99 -0.80
C GLY B 66 -15.94 -10.44 0.09
N GLU B 67 -15.51 -11.25 1.06
CA GLU B 67 -14.44 -10.90 1.98
C GLU B 67 -13.17 -10.54 1.19
N CYS B 68 -12.67 -9.31 1.39
CA CYS B 68 -11.56 -8.77 0.59
C CYS B 68 -10.25 -9.00 1.33
N ASP B 69 -9.23 -9.56 0.66
CA ASP B 69 -7.97 -9.94 1.27
C ASP B 69 -7.13 -8.71 1.62
N PHE B 70 -6.15 -8.89 2.51
CA PHE B 70 -5.19 -7.86 2.86
C PHE B 70 -4.57 -7.21 1.62
N GLN B 71 -4.22 -7.99 0.59
CA GLN B 71 -3.80 -7.46 -0.70
C GLN B 71 -4.78 -6.42 -1.25
N GLU B 72 -6.06 -6.76 -1.27
CA GLU B 72 -7.09 -5.94 -1.88
C GLU B 72 -7.36 -4.70 -1.03
N PHE B 73 -7.35 -4.88 0.28
CA PHE B 73 -7.36 -3.79 1.23
C PHE B 73 -6.20 -2.82 0.91
N MET B 74 -4.98 -3.35 0.78
CA MET B 74 -3.82 -2.56 0.39
C MET B 74 -4.00 -1.89 -0.98
N ALA B 75 -4.62 -2.57 -1.95
CA ALA B 75 -4.93 -1.98 -3.24
C ALA B 75 -5.89 -0.79 -3.10
N PHE B 76 -6.93 -0.94 -2.29
CA PHE B 76 -7.87 0.15 -2.00
C PHE B 76 -7.10 1.30 -1.35
N VAL B 77 -6.34 1.00 -0.29
CA VAL B 77 -5.46 1.97 0.35
C VAL B 77 -4.60 2.65 -0.72
N ALA B 78 -4.03 1.90 -1.66
CA ALA B 78 -3.17 2.46 -2.68
C ALA B 78 -3.92 3.52 -3.51
N MET B 79 -5.10 3.22 -4.05
CA MET B 79 -5.82 4.24 -4.84
C MET B 79 -6.08 5.49 -4.01
N ILE B 80 -6.56 5.31 -2.78
CA ILE B 80 -6.90 6.40 -1.88
C ILE B 80 -5.66 7.25 -1.60
N THR B 81 -4.56 6.59 -1.22
CA THR B 81 -3.27 7.21 -0.95
C THR B 81 -2.77 7.94 -2.20
N THR B 82 -2.99 7.38 -3.39
CA THR B 82 -2.59 8.02 -4.64
C THR B 82 -3.42 9.29 -4.87
N ALA B 83 -4.74 9.24 -4.66
CA ALA B 83 -5.56 10.43 -4.74
C ALA B 83 -5.06 11.51 -3.77
N CYS B 84 -4.74 11.09 -2.54
CA CYS B 84 -4.19 11.99 -1.54
C CYS B 84 -2.85 12.59 -1.99
N HIS B 85 -1.92 11.76 -2.47
CA HIS B 85 -0.66 12.18 -3.05
C HIS B 85 -0.91 13.24 -4.13
N GLU B 86 -1.84 12.98 -5.05
CA GLU B 86 -2.19 13.94 -6.09
C GLU B 86 -2.60 15.29 -5.50
N PHE B 87 -3.45 15.33 -4.46
CA PHE B 87 -3.77 16.63 -3.84
C PHE B 87 -2.55 17.24 -3.17
N PHE B 88 -1.74 16.41 -2.50
CA PHE B 88 -0.53 16.84 -1.83
C PHE B 88 0.46 17.48 -2.81
N GLU B 89 0.51 16.95 -4.04
CA GLU B 89 1.30 17.52 -5.11
C GLU B 89 0.59 18.78 -5.64
N HIS B 90 -0.53 18.59 -6.33
CA HIS B 90 -1.23 19.66 -7.01
C HIS B 90 -2.20 20.33 -6.03
N GLU B 91 -1.62 21.07 -5.09
CA GLU B 91 -2.37 21.80 -4.08
C GLU B 91 -3.13 22.97 -4.71
N LYS C 1 25.54 -22.30 -5.71
CA LYS C 1 25.15 -23.32 -6.70
C LYS C 1 23.67 -23.18 -7.04
N ARG C 2 23.21 -23.88 -8.09
CA ARG C 2 21.80 -23.95 -8.40
C ARG C 2 21.09 -24.70 -7.26
N LEU C 3 21.60 -25.90 -6.95
CA LEU C 3 21.03 -26.80 -5.94
C LEU C 3 20.83 -26.07 -4.62
N ARG C 4 21.90 -25.55 -4.03
CA ARG C 4 21.82 -24.69 -2.85
C ARG C 4 21.36 -23.31 -3.31
N ARG C 5 20.08 -23.22 -3.67
CA ARG C 5 19.43 -22.00 -4.14
C ARG C 5 19.43 -20.92 -3.05
N SER C 6 19.17 -19.67 -3.45
CA SER C 6 19.17 -18.47 -2.61
C SER C 6 20.50 -18.28 -1.88
N ALA C 7 20.50 -18.50 -0.56
CA ALA C 7 21.65 -18.32 0.30
C ALA C 7 22.28 -16.93 0.12
N HIS C 8 23.51 -16.75 0.60
CA HIS C 8 24.24 -15.50 0.44
C HIS C 8 24.87 -15.36 -0.95
N ALA C 9 24.75 -16.39 -1.80
CA ALA C 9 25.12 -16.28 -3.21
C ALA C 9 24.16 -15.28 -3.86
N ARG C 10 22.86 -15.58 -3.86
CA ARG C 10 21.86 -14.61 -4.26
C ARG C 10 21.68 -13.69 -3.05
N LYS C 11 22.60 -12.74 -2.87
CA LYS C 11 22.64 -11.80 -1.75
C LYS C 11 21.27 -11.18 -1.44
N GLU C 12 20.39 -11.07 -2.44
CA GLU C 12 19.01 -10.65 -2.28
C GLU C 12 18.36 -11.29 -1.04
N THR C 13 18.64 -12.58 -0.80
CA THR C 13 18.26 -13.34 0.38
C THR C 13 18.35 -12.53 1.68
N GLU C 14 19.42 -11.76 1.88
CA GLU C 14 19.61 -10.96 3.09
C GLU C 14 18.37 -10.12 3.40
N PHE C 15 17.64 -9.70 2.37
CA PHE C 15 16.48 -8.85 2.44
C PHE C 15 15.21 -9.67 2.17
N LEU C 16 15.22 -10.47 1.10
CA LEU C 16 14.06 -11.20 0.61
C LEU C 16 13.74 -12.45 1.45
N ARG C 17 14.58 -12.82 2.43
CA ARG C 17 14.24 -13.87 3.39
C ARG C 17 12.82 -13.70 3.93
N LEU C 18 12.35 -12.47 4.16
CA LEU C 18 10.98 -12.25 4.60
C LEU C 18 9.97 -12.91 3.66
N LYS C 19 10.18 -12.79 2.34
CA LYS C 19 9.31 -13.43 1.37
C LYS C 19 9.47 -14.95 1.45
N ARG C 20 10.71 -15.45 1.44
CA ARG C 20 10.94 -16.90 1.49
C ARG C 20 10.23 -17.51 2.70
N THR C 21 10.46 -16.92 3.88
CA THR C 21 9.82 -17.34 5.11
C THR C 21 8.30 -17.19 5.01
N ARG C 22 7.77 -16.06 4.51
CA ARG C 22 6.32 -15.94 4.40
C ARG C 22 5.73 -17.03 3.52
N LEU C 23 6.43 -17.44 2.44
CA LEU C 23 5.98 -18.57 1.64
C LEU C 23 6.02 -19.85 2.48
N GLY C 24 7.02 -19.99 3.35
CA GLY C 24 7.09 -21.06 4.33
C GLY C 24 5.86 -21.08 5.25
N LEU C 25 5.56 -19.96 5.90
CA LEU C 25 4.41 -19.84 6.78
C LEU C 25 3.09 -20.03 6.01
N GLU C 26 3.07 -19.52 4.77
CA GLU C 26 1.95 -19.33 3.85
C GLU C 26 1.67 -17.83 3.78
N LYS D 1 -42.85 7.39 -17.95
CA LYS D 1 -42.74 7.20 -16.50
C LYS D 1 -41.88 5.98 -16.18
N ARG D 2 -40.56 6.12 -16.37
CA ARG D 2 -39.59 5.08 -16.09
C ARG D 2 -38.40 5.73 -15.37
N LEU D 3 -37.70 4.96 -14.53
CA LEU D 3 -36.54 5.37 -13.75
C LEU D 3 -36.92 6.29 -12.59
N ARG D 4 -35.96 6.52 -11.70
CA ARG D 4 -36.09 7.19 -10.40
C ARG D 4 -36.80 6.25 -9.43
N ARG D 5 -38.02 5.83 -9.77
CA ARG D 5 -38.86 4.92 -9.02
C ARG D 5 -38.90 5.38 -7.54
N SER D 6 -38.60 4.48 -6.59
CA SER D 6 -38.50 4.79 -5.18
C SER D 6 -37.19 5.55 -4.87
N ALA D 7 -36.97 6.67 -5.55
CA ALA D 7 -35.81 7.54 -5.38
C ALA D 7 -34.49 6.74 -5.36
N HIS D 8 -34.19 6.01 -6.44
CA HIS D 8 -32.97 5.20 -6.55
C HIS D 8 -31.72 6.06 -6.78
N ALA D 9 -31.47 7.05 -5.92
CA ALA D 9 -30.36 7.97 -6.06
C ALA D 9 -29.03 7.22 -6.10
N ARG D 10 -28.11 7.68 -6.94
CA ARG D 10 -26.77 7.10 -7.06
C ARG D 10 -25.92 7.54 -5.87
N LYS D 11 -26.26 7.03 -4.67
CA LYS D 11 -25.58 7.29 -3.40
C LYS D 11 -24.05 7.16 -3.54
N GLU D 12 -23.60 6.27 -4.42
CA GLU D 12 -22.20 6.09 -4.78
C GLU D 12 -21.49 7.44 -5.01
N THR D 13 -22.13 8.35 -5.75
CA THR D 13 -21.53 9.58 -6.23
C THR D 13 -20.95 10.41 -5.07
N GLU D 14 -21.70 10.55 -3.97
CA GLU D 14 -21.30 11.33 -2.80
C GLU D 14 -19.87 10.97 -2.38
N PHE D 15 -19.54 9.68 -2.45
CA PHE D 15 -18.23 9.16 -2.11
C PHE D 15 -17.31 9.29 -3.33
N LEU D 16 -17.73 8.71 -4.46
CA LEU D 16 -16.89 8.60 -5.65
C LEU D 16 -16.50 9.95 -6.25
N ARG D 17 -17.12 11.07 -5.83
CA ARG D 17 -16.64 12.41 -6.17
C ARG D 17 -15.13 12.50 -5.98
N LEU D 18 -14.57 11.83 -4.96
CA LEU D 18 -13.13 11.79 -4.74
C LEU D 18 -12.36 11.45 -6.02
N LYS D 19 -12.86 10.50 -6.82
CA LYS D 19 -12.20 10.12 -8.07
C LYS D 19 -12.37 11.22 -9.11
N ARG D 20 -13.53 11.90 -9.14
CA ARG D 20 -13.71 13.00 -10.07
C ARG D 20 -12.69 14.09 -9.76
N THR D 21 -12.52 14.46 -8.50
CA THR D 21 -11.49 15.40 -8.11
C THR D 21 -10.10 14.86 -8.43
N ARG D 22 -9.86 13.55 -8.25
CA ARG D 22 -8.59 12.97 -8.67
C ARG D 22 -8.37 13.21 -10.17
N LEU D 23 -9.42 13.12 -10.98
CA LEU D 23 -9.39 13.46 -12.39
C LEU D 23 -9.59 14.98 -12.63
N GLY D 24 -9.22 15.81 -11.65
CA GLY D 24 -9.14 17.25 -11.76
C GLY D 24 -7.73 17.67 -11.35
N LEU D 25 -7.29 17.20 -10.17
CA LEU D 25 -5.94 17.36 -9.69
C LEU D 25 -4.95 16.68 -10.64
N GLU D 26 -5.24 15.43 -11.01
CA GLU D 26 -4.41 14.61 -11.89
C GLU D 26 -2.97 14.49 -11.38
N SER A 1 -6.62 9.36 12.49
CA SER A 1 -6.94 7.92 12.51
C SER A 1 -5.78 7.10 11.94
N GLU A 2 -5.61 5.87 12.41
CA GLU A 2 -4.47 5.03 12.12
C GLU A 2 -4.21 4.90 10.62
N LEU A 3 -5.22 4.50 9.84
CA LEU A 3 -5.03 4.30 8.41
C LEU A 3 -4.59 5.60 7.74
N GLU A 4 -5.30 6.70 8.03
CA GLU A 4 -4.99 7.98 7.43
C GLU A 4 -3.57 8.42 7.81
N LYS A 5 -3.20 8.22 9.08
CA LYS A 5 -1.89 8.58 9.61
C LYS A 5 -0.81 7.80 8.86
N ALA A 6 -0.97 6.48 8.78
CA ALA A 6 -0.11 5.60 8.02
C ALA A 6 0.03 6.13 6.58
N VAL A 7 -1.10 6.34 5.92
CA VAL A 7 -1.17 6.80 4.55
C VAL A 7 -0.38 8.12 4.37
N VAL A 8 -0.68 9.16 5.14
CA VAL A 8 0.07 10.40 5.01
C VAL A 8 1.55 10.19 5.33
N ALA A 9 1.88 9.32 6.29
CA ALA A 9 3.28 9.00 6.56
C ALA A 9 3.97 8.45 5.32
N LEU A 10 3.36 7.49 4.62
CA LEU A 10 3.96 6.93 3.40
C LEU A 10 4.24 8.07 2.40
N ILE A 11 3.22 8.89 2.13
CA ILE A 11 3.31 9.97 1.16
C ILE A 11 4.42 10.94 1.57
N ASP A 12 4.36 11.43 2.81
CA ASP A 12 5.24 12.47 3.30
C ASP A 12 6.68 11.99 3.29
N VAL A 13 6.93 10.82 3.89
CA VAL A 13 8.27 10.24 3.95
C VAL A 13 8.80 10.08 2.54
N PHE A 14 8.04 9.42 1.67
CA PHE A 14 8.44 9.29 0.28
C PHE A 14 8.83 10.66 -0.28
N HIS A 15 7.95 11.65 -0.12
CA HIS A 15 8.16 13.01 -0.61
C HIS A 15 9.49 13.58 -0.11
N GLN A 16 9.82 13.36 1.18
CA GLN A 16 11.08 13.86 1.73
C GLN A 16 12.28 13.36 0.92
N TYR A 17 12.31 12.06 0.59
CA TYR A 17 13.40 11.47 -0.18
C TYR A 17 13.33 11.86 -1.67
N SER A 18 12.18 11.61 -2.31
CA SER A 18 11.98 11.87 -3.73
C SER A 18 12.15 13.35 -4.10
N GLY A 19 11.94 14.25 -3.14
CA GLY A 19 12.22 15.66 -3.33
C GLY A 19 13.70 15.89 -3.60
N ARG A 20 14.58 15.05 -3.03
CA ARG A 20 16.02 15.28 -3.10
C ARG A 20 16.55 14.82 -4.44
N GLU A 21 16.28 13.56 -4.83
CA GLU A 21 16.57 13.10 -6.18
C GLU A 21 15.46 12.16 -6.66
N GLY A 22 14.56 12.69 -7.49
CA GLY A 22 13.49 11.95 -8.15
C GLY A 22 12.20 12.76 -8.22
N ASP A 23 12.32 14.07 -8.52
CA ASP A 23 11.23 14.98 -8.83
C ASP A 23 9.96 14.80 -7.98
N LYS A 24 10.09 14.55 -6.66
CA LYS A 24 8.98 14.45 -5.72
C LYS A 24 8.09 13.20 -5.90
N HIS A 25 8.00 12.66 -7.11
CA HIS A 25 7.11 11.57 -7.49
C HIS A 25 7.85 10.24 -7.66
N LYS A 26 9.19 10.24 -7.71
CA LYS A 26 10.02 9.07 -8.00
C LYS A 26 11.22 9.00 -7.05
N LEU A 27 11.91 7.85 -6.99
CA LEU A 27 13.12 7.65 -6.19
C LEU A 27 14.26 7.19 -7.08
N LYS A 28 15.39 7.90 -7.09
CA LYS A 28 16.61 7.43 -7.73
C LYS A 28 17.23 6.28 -6.93
N LYS A 29 18.16 5.54 -7.54
CA LYS A 29 18.91 4.47 -6.88
C LYS A 29 19.65 4.98 -5.65
N SER A 30 20.07 6.25 -5.69
CA SER A 30 20.67 6.96 -4.58
C SER A 30 19.66 7.09 -3.44
N GLU A 31 18.44 7.57 -3.72
CA GLU A 31 17.45 7.75 -2.67
C GLU A 31 16.92 6.41 -2.16
N LEU A 32 16.67 5.47 -3.06
CA LEU A 32 16.01 4.21 -2.75
C LEU A 32 16.78 3.48 -1.65
N LYS A 33 18.09 3.28 -1.81
CA LYS A 33 18.86 2.55 -0.81
C LYS A 33 18.78 3.17 0.58
N GLU A 34 18.96 4.49 0.67
CA GLU A 34 18.91 5.16 1.96
C GLU A 34 17.48 5.09 2.54
N LEU A 35 16.47 5.36 1.71
CA LEU A 35 15.06 5.20 2.08
C LEU A 35 14.84 3.81 2.71
N ILE A 36 15.22 2.75 2.00
CA ILE A 36 15.00 1.39 2.48
C ILE A 36 15.82 1.15 3.77
N ASN A 37 17.14 1.37 3.75
CA ASN A 37 17.98 1.26 4.94
C ASN A 37 17.35 1.92 6.16
N ASN A 38 16.99 3.20 6.01
CA ASN A 38 16.50 4.03 7.09
C ASN A 38 15.15 3.54 7.58
N GLU A 39 14.23 3.24 6.67
CA GLU A 39 12.86 2.97 7.04
C GLU A 39 12.61 1.50 7.34
N LEU A 40 13.11 0.59 6.52
CA LEU A 40 12.76 -0.84 6.60
C LEU A 40 13.77 -1.63 7.44
N SER A 41 14.53 -0.98 8.33
CA SER A 41 15.66 -1.57 9.06
C SER A 41 15.36 -2.93 9.71
N HIS A 42 14.16 -3.11 10.26
CA HIS A 42 13.73 -4.35 10.90
C HIS A 42 13.10 -5.29 9.86
N PHE A 43 12.52 -4.73 8.81
CA PHE A 43 11.84 -5.48 7.77
C PHE A 43 12.87 -6.18 6.88
N LEU A 44 13.75 -5.43 6.22
CA LEU A 44 14.82 -5.95 5.38
C LEU A 44 16.15 -5.60 6.03
N GLU A 45 17.14 -6.48 5.89
CA GLU A 45 18.49 -6.16 6.32
C GLU A 45 19.05 -5.01 5.47
N GLU A 46 20.15 -4.41 5.94
CA GLU A 46 20.75 -3.23 5.33
C GLU A 46 20.98 -3.42 3.83
N ILE A 47 20.81 -2.32 3.10
CA ILE A 47 20.92 -2.24 1.64
C ILE A 47 22.26 -1.60 1.33
N LYS A 48 23.27 -2.43 1.07
CA LYS A 48 24.65 -2.02 0.89
C LYS A 48 24.97 -1.79 -0.59
N GLU A 49 24.86 -2.83 -1.41
CA GLU A 49 25.34 -2.79 -2.79
C GLU A 49 24.42 -1.97 -3.69
N GLN A 50 24.83 -0.73 -3.99
CA GLN A 50 24.17 0.24 -4.88
C GLN A 50 23.54 -0.39 -6.13
N GLU A 51 24.19 -1.43 -6.69
CA GLU A 51 23.70 -2.13 -7.87
C GLU A 51 22.48 -3.00 -7.56
N VAL A 52 22.45 -3.71 -6.43
CA VAL A 52 21.32 -4.58 -6.11
C VAL A 52 20.09 -3.71 -5.82
N VAL A 53 20.30 -2.57 -5.16
CA VAL A 53 19.24 -1.58 -4.99
C VAL A 53 18.67 -1.22 -6.35
N ASP A 54 19.53 -0.98 -7.34
CA ASP A 54 19.09 -0.72 -8.70
C ASP A 54 18.33 -1.92 -9.27
N LYS A 55 18.78 -3.14 -9.02
CA LYS A 55 18.07 -4.32 -9.49
C LYS A 55 16.64 -4.37 -8.93
N VAL A 56 16.47 -4.20 -7.61
CA VAL A 56 15.13 -4.18 -7.04
C VAL A 56 14.34 -2.98 -7.59
N MET A 57 14.93 -1.78 -7.64
CA MET A 57 14.21 -0.63 -8.16
C MET A 57 13.71 -0.92 -9.58
N GLU A 58 14.58 -1.46 -10.43
CA GLU A 58 14.27 -1.85 -11.80
C GLU A 58 13.11 -2.85 -11.81
N THR A 59 13.19 -3.85 -10.93
CA THR A 59 12.15 -4.87 -10.79
C THR A 59 10.79 -4.22 -10.51
N LEU A 60 10.75 -3.12 -9.75
CA LEU A 60 9.50 -2.42 -9.48
C LEU A 60 9.14 -1.44 -10.59
N ASP A 61 10.15 -0.80 -11.18
CA ASP A 61 10.05 0.32 -12.11
C ASP A 61 9.32 0.00 -13.43
N SER A 62 8.00 -0.21 -13.34
CA SER A 62 7.11 -0.36 -14.48
C SER A 62 7.23 0.82 -15.45
N ASP A 63 7.66 2.00 -14.96
CA ASP A 63 7.81 3.19 -15.79
C ASP A 63 9.02 3.09 -16.71
N GLY A 64 9.93 2.14 -16.46
CA GLY A 64 11.16 2.00 -17.24
C GLY A 64 11.93 3.31 -17.33
N ASP A 65 11.99 4.06 -16.21
CA ASP A 65 12.59 5.39 -16.13
C ASP A 65 13.81 5.35 -15.23
N GLY A 66 14.22 4.15 -14.78
CA GLY A 66 15.25 3.98 -13.77
C GLY A 66 14.68 4.35 -12.42
N GLU A 67 14.47 5.64 -12.20
CA GLU A 67 13.92 6.18 -10.97
C GLU A 67 12.53 5.59 -10.71
N CYS A 68 12.34 5.01 -9.54
CA CYS A 68 11.17 4.19 -9.22
C CYS A 68 10.02 5.08 -8.78
N ASP A 69 8.86 4.99 -9.45
CA ASP A 69 7.76 5.93 -9.25
C ASP A 69 6.97 5.59 -7.97
N PHE A 70 6.28 6.57 -7.40
CA PHE A 70 5.44 6.38 -6.21
C PHE A 70 4.53 5.17 -6.36
N GLN A 71 3.93 4.96 -7.53
CA GLN A 71 3.08 3.80 -7.76
C GLN A 71 3.84 2.49 -7.53
N GLU A 72 5.08 2.43 -8.00
CA GLU A 72 5.91 1.24 -7.90
C GLU A 72 6.38 1.05 -6.46
N PHE A 73 6.74 2.15 -5.80
CA PHE A 73 6.99 2.16 -4.37
C PHE A 73 5.78 1.58 -3.62
N MET A 74 4.57 2.08 -3.89
CA MET A 74 3.35 1.56 -3.28
C MET A 74 3.17 0.07 -3.58
N ALA A 75 3.42 -0.36 -4.81
CA ALA A 75 3.36 -1.78 -5.17
C ALA A 75 4.34 -2.60 -4.31
N PHE A 76 5.57 -2.12 -4.14
CA PHE A 76 6.56 -2.79 -3.28
C PHE A 76 6.05 -2.85 -1.85
N VAL A 77 5.64 -1.70 -1.31
CA VAL A 77 5.02 -1.60 0.00
C VAL A 77 3.89 -2.62 0.11
N ALA A 78 3.05 -2.77 -0.92
CA ALA A 78 1.93 -3.70 -0.89
C ALA A 78 2.43 -5.12 -0.62
N MET A 79 3.36 -5.63 -1.43
CA MET A 79 3.82 -7.00 -1.26
C MET A 79 4.60 -7.19 0.04
N ILE A 80 5.45 -6.22 0.40
CA ILE A 80 6.18 -6.24 1.65
C ILE A 80 5.19 -6.35 2.82
N THR A 81 4.20 -5.46 2.83
CA THR A 81 3.14 -5.46 3.82
C THR A 81 2.38 -6.79 3.78
N THR A 82 2.09 -7.33 2.60
CA THR A 82 1.43 -8.63 2.47
C THR A 82 2.25 -9.71 3.18
N ALA A 83 3.55 -9.77 2.91
CA ALA A 83 4.41 -10.76 3.55
C ALA A 83 4.38 -10.59 5.08
N CYS A 84 4.51 -9.35 5.54
CA CYS A 84 4.47 -9.08 6.97
C CYS A 84 3.10 -9.41 7.55
N HIS A 85 2.02 -9.15 6.82
CA HIS A 85 0.66 -9.51 7.21
C HIS A 85 0.58 -11.01 7.41
N GLU A 86 0.92 -11.79 6.38
CA GLU A 86 0.89 -13.25 6.45
C GLU A 86 1.68 -13.75 7.67
N PHE A 87 2.88 -13.21 7.89
CA PHE A 87 3.62 -13.47 9.14
C PHE A 87 2.75 -13.17 10.36
N PHE A 88 2.26 -11.93 10.43
CA PHE A 88 1.58 -11.37 11.59
C PHE A 88 0.33 -12.17 11.99
N GLU A 89 -0.31 -12.86 11.04
CA GLU A 89 -1.45 -13.73 11.33
C GLU A 89 -1.10 -14.62 12.51
N HIS A 90 0.12 -15.13 12.53
CA HIS A 90 0.68 -15.81 13.68
C HIS A 90 2.01 -15.12 14.03
N GLU A 91 1.92 -13.88 14.52
CA GLU A 91 3.10 -13.09 14.86
C GLU A 91 4.01 -13.83 15.86
N SER B 1 11.87 4.18 10.48
CA SER B 1 10.80 3.22 10.85
C SER B 1 9.39 3.79 10.70
N GLU B 2 9.25 5.03 10.23
CA GLU B 2 7.95 5.61 9.91
C GLU B 2 7.15 4.64 9.02
N LEU B 3 7.77 4.17 7.94
CA LEU B 3 7.10 3.24 7.03
C LEU B 3 6.70 1.97 7.78
N GLU B 4 7.62 1.38 8.56
CA GLU B 4 7.32 0.19 9.34
C GLU B 4 6.11 0.41 10.26
N LYS B 5 6.06 1.56 10.93
CA LYS B 5 4.97 1.89 11.84
C LYS B 5 3.65 1.99 11.07
N ALA B 6 3.65 2.76 9.97
CA ALA B 6 2.51 2.86 9.08
C ALA B 6 2.03 1.46 8.69
N VAL B 7 2.95 0.66 8.16
CA VAL B 7 2.71 -0.70 7.72
C VAL B 7 2.08 -1.55 8.84
N VAL B 8 2.71 -1.63 10.02
CA VAL B 8 2.14 -2.46 11.08
C VAL B 8 0.79 -1.91 11.55
N ALA B 9 0.58 -0.59 11.49
CA ALA B 9 -0.74 -0.04 11.76
C ALA B 9 -1.78 -0.59 10.78
N LEU B 10 -1.49 -0.56 9.46
CA LEU B 10 -2.39 -1.12 8.46
C LEU B 10 -2.69 -2.58 8.80
N ILE B 11 -1.63 -3.38 9.00
CA ILE B 11 -1.75 -4.80 9.30
C ILE B 11 -2.61 -5.01 10.55
N ASP B 12 -2.28 -4.33 11.64
CA ASP B 12 -2.90 -4.54 12.93
C ASP B 12 -4.37 -4.17 12.89
N VAL B 13 -4.69 -2.97 12.38
CA VAL B 13 -6.07 -2.52 12.30
C VAL B 13 -6.87 -3.49 11.43
N PHE B 14 -6.33 -3.84 10.26
CA PHE B 14 -6.99 -4.81 9.39
C PHE B 14 -7.25 -6.11 10.16
N HIS B 15 -6.21 -6.68 10.76
CA HIS B 15 -6.27 -7.96 11.47
C HIS B 15 -7.34 -7.89 12.57
N GLN B 16 -7.31 -6.83 13.38
CA GLN B 16 -8.24 -6.59 14.47
C GLN B 16 -9.69 -6.67 13.96
N TYR B 17 -10.01 -5.95 12.88
CA TYR B 17 -11.36 -5.94 12.32
C TYR B 17 -11.69 -7.32 11.72
N SER B 18 -10.79 -7.83 10.88
CA SER B 18 -10.92 -9.13 10.24
C SER B 18 -11.14 -10.26 11.26
N GLY B 19 -10.54 -10.16 12.44
CA GLY B 19 -10.71 -11.12 13.51
C GLY B 19 -12.18 -11.29 13.85
N ARG B 20 -12.98 -10.24 13.67
CA ARG B 20 -14.37 -10.23 14.08
C ARG B 20 -15.23 -11.02 13.09
N GLU B 21 -15.12 -10.71 11.79
CA GLU B 21 -15.76 -11.51 10.74
C GLU B 21 -14.83 -11.58 9.52
N GLY B 22 -14.21 -12.75 9.32
CA GLY B 22 -13.27 -13.04 8.24
C GLY B 22 -11.89 -13.45 8.73
N ASP B 23 -11.81 -13.84 10.02
CA ASP B 23 -10.70 -14.48 10.70
C ASP B 23 -9.33 -13.98 10.23
N LYS B 24 -8.93 -12.80 10.68
CA LYS B 24 -7.59 -12.22 10.53
C LYS B 24 -7.27 -11.75 9.11
N HIS B 25 -7.53 -12.60 8.11
CA HIS B 25 -7.10 -12.43 6.72
C HIS B 25 -8.10 -11.72 5.81
N LYS B 26 -9.42 -11.75 6.11
CA LYS B 26 -10.42 -11.09 5.28
C LYS B 26 -11.40 -10.25 6.11
N LEU B 27 -12.05 -9.29 5.44
CA LEU B 27 -13.09 -8.43 5.97
C LEU B 27 -14.40 -8.70 5.22
N LYS B 28 -15.47 -9.07 5.91
CA LYS B 28 -16.79 -9.10 5.28
C LYS B 28 -17.27 -7.67 5.06
N LYS B 29 -18.36 -7.50 4.29
CA LYS B 29 -18.94 -6.18 4.06
C LYS B 29 -19.25 -5.46 5.38
N SER B 30 -19.74 -6.20 6.37
CA SER B 30 -19.96 -5.69 7.71
C SER B 30 -18.68 -5.06 8.26
N GLU B 31 -17.57 -5.78 8.23
CA GLU B 31 -16.31 -5.25 8.77
C GLU B 31 -15.79 -4.10 7.92
N LEU B 32 -15.83 -4.28 6.60
CA LEU B 32 -15.34 -3.32 5.62
C LEU B 32 -16.04 -1.97 5.84
N LYS B 33 -17.36 -1.96 6.01
CA LYS B 33 -18.08 -0.70 6.22
C LYS B 33 -17.56 0.01 7.47
N GLU B 34 -17.49 -0.68 8.61
CA GLU B 34 -17.10 -0.01 9.84
C GLU B 34 -15.65 0.45 9.74
N LEU B 35 -14.76 -0.39 9.20
CA LEU B 35 -13.37 -0.04 8.93
C LEU B 35 -13.33 1.29 8.18
N ILE B 36 -14.01 1.38 7.03
CA ILE B 36 -13.95 2.58 6.21
C ILE B 36 -14.57 3.77 6.94
N ASN B 37 -15.80 3.66 7.42
CA ASN B 37 -16.44 4.75 8.16
C ASN B 37 -15.53 5.25 9.29
N ASN B 38 -15.10 4.36 10.18
CA ASN B 38 -14.33 4.71 11.36
C ASN B 38 -13.03 5.42 10.96
N GLU B 39 -12.24 4.79 10.09
CA GLU B 39 -10.89 5.25 9.83
C GLU B 39 -10.81 6.27 8.69
N LEU B 40 -11.54 6.06 7.60
CA LEU B 40 -11.37 6.80 6.36
C LEU B 40 -12.18 8.09 6.21
N SER B 41 -12.97 8.48 7.23
CA SER B 41 -13.83 9.67 7.19
C SER B 41 -13.16 10.90 6.55
N HIS B 42 -11.86 11.10 6.82
CA HIS B 42 -11.09 12.21 6.29
C HIS B 42 -10.93 12.12 4.76
N PHE B 43 -10.66 10.93 4.22
CA PHE B 43 -10.31 10.75 2.81
C PHE B 43 -11.51 10.30 1.97
N LEU B 44 -12.59 9.82 2.62
CA LEU B 44 -13.75 9.24 1.95
C LEU B 44 -14.96 9.48 2.86
N GLU B 45 -16.11 9.86 2.28
CA GLU B 45 -17.32 10.12 3.04
C GLU B 45 -17.76 8.88 3.84
N GLU B 46 -18.59 9.08 4.86
CA GLU B 46 -19.27 8.00 5.55
C GLU B 46 -20.06 7.18 4.53
N ILE B 47 -20.09 5.87 4.71
CA ILE B 47 -20.72 4.95 3.77
C ILE B 47 -22.20 4.83 4.07
N LYS B 48 -22.51 4.46 5.33
CA LYS B 48 -23.82 4.08 5.86
C LYS B 48 -24.55 2.98 5.05
N GLU B 49 -24.89 3.24 3.80
CA GLU B 49 -25.64 2.34 2.92
C GLU B 49 -24.90 1.00 2.75
N GLN B 50 -25.49 -0.09 3.24
CA GLN B 50 -24.96 -1.44 3.04
C GLN B 50 -24.69 -1.71 1.55
N GLU B 51 -25.55 -1.17 0.69
CA GLU B 51 -25.44 -1.28 -0.76
C GLU B 51 -24.10 -0.73 -1.24
N VAL B 52 -23.66 0.41 -0.68
CA VAL B 52 -22.46 1.08 -1.15
C VAL B 52 -21.23 0.29 -0.70
N VAL B 53 -21.19 -0.09 0.58
CA VAL B 53 -20.09 -0.97 1.02
C VAL B 53 -20.06 -2.22 0.15
N ASP B 54 -21.21 -2.85 -0.08
CA ASP B 54 -21.29 -4.03 -0.93
C ASP B 54 -20.67 -3.73 -2.29
N LYS B 55 -21.06 -2.62 -2.94
CA LYS B 55 -20.55 -2.28 -4.26
C LYS B 55 -19.04 -2.10 -4.24
N VAL B 56 -18.49 -1.29 -3.32
CA VAL B 56 -17.05 -1.05 -3.32
C VAL B 56 -16.30 -2.34 -2.98
N MET B 57 -16.74 -3.06 -1.94
CA MET B 57 -16.02 -4.25 -1.53
C MET B 57 -16.09 -5.32 -2.63
N GLU B 58 -17.26 -5.50 -3.25
CA GLU B 58 -17.42 -6.33 -4.44
C GLU B 58 -16.45 -5.90 -5.54
N THR B 59 -16.37 -4.59 -5.81
CA THR B 59 -15.45 -4.03 -6.79
C THR B 59 -14.00 -4.44 -6.48
N LEU B 60 -13.62 -4.46 -5.20
CA LEU B 60 -12.26 -4.79 -4.81
C LEU B 60 -12.00 -6.29 -4.87
N ASP B 61 -12.99 -7.10 -4.44
CA ASP B 61 -12.98 -8.54 -4.19
C ASP B 61 -12.33 -9.39 -5.28
N SER B 62 -11.02 -9.24 -5.42
CA SER B 62 -10.17 -9.95 -6.37
C SER B 62 -10.14 -11.45 -6.04
N ASP B 63 -10.36 -11.80 -4.77
CA ASP B 63 -10.45 -13.19 -4.35
C ASP B 63 -11.76 -13.83 -4.81
N GLY B 64 -12.75 -13.04 -5.25
CA GLY B 64 -14.07 -13.54 -5.60
C GLY B 64 -14.68 -14.35 -4.46
N ASP B 65 -14.44 -13.92 -3.22
CA ASP B 65 -14.81 -14.64 -2.01
C ASP B 65 -15.88 -13.88 -1.24
N GLY B 66 -16.40 -12.79 -1.82
CA GLY B 66 -17.25 -11.85 -1.12
C GLY B 66 -16.39 -11.02 -0.18
N GLU B 67 -15.85 -11.66 0.86
CA GLU B 67 -14.95 -11.05 1.81
C GLU B 67 -13.73 -10.46 1.10
N CYS B 68 -13.33 -9.25 1.48
CA CYS B 68 -12.16 -8.58 0.92
C CYS B 68 -10.93 -9.05 1.70
N ASP B 69 -9.92 -9.60 1.02
CA ASP B 69 -8.70 -10.03 1.66
C ASP B 69 -7.83 -8.81 2.02
N PHE B 70 -6.81 -9.02 2.85
CA PHE B 70 -5.79 -8.00 3.10
C PHE B 70 -5.30 -7.41 1.78
N GLN B 71 -5.10 -8.26 0.76
CA GLN B 71 -4.65 -7.81 -0.55
C GLN B 71 -5.58 -6.74 -1.14
N GLU B 72 -6.89 -7.01 -1.19
CA GLU B 72 -7.89 -6.08 -1.68
C GLU B 72 -7.83 -4.77 -0.90
N PHE B 73 -7.87 -4.91 0.42
CA PHE B 73 -7.72 -3.77 1.32
C PHE B 73 -6.47 -2.96 0.94
N MET B 74 -5.33 -3.62 0.72
CA MET B 74 -4.08 -2.96 0.39
C MET B 74 -4.16 -2.25 -0.97
N ALA B 75 -4.79 -2.89 -1.95
CA ALA B 75 -5.03 -2.28 -3.26
C ALA B 75 -5.90 -1.03 -3.11
N PHE B 76 -6.94 -1.12 -2.29
CA PHE B 76 -7.82 0.00 -2.01
C PHE B 76 -7.03 1.14 -1.33
N VAL B 77 -6.24 0.81 -0.31
CA VAL B 77 -5.29 1.73 0.28
C VAL B 77 -4.44 2.36 -0.82
N ALA B 78 -3.89 1.56 -1.75
CA ALA B 78 -3.03 2.08 -2.79
C ALA B 78 -3.74 3.16 -3.61
N MET B 79 -4.94 2.91 -4.12
CA MET B 79 -5.67 3.92 -4.89
C MET B 79 -5.94 5.18 -4.04
N ILE B 80 -6.42 5.00 -2.80
CA ILE B 80 -6.73 6.09 -1.89
C ILE B 80 -5.49 6.98 -1.68
N THR B 81 -4.37 6.31 -1.36
CA THR B 81 -3.08 6.92 -1.15
C THR B 81 -2.59 7.59 -2.42
N THR B 82 -2.79 6.99 -3.60
CA THR B 82 -2.37 7.57 -4.86
C THR B 82 -3.05 8.91 -5.07
N ALA B 83 -4.38 8.96 -4.91
CA ALA B 83 -5.11 10.21 -5.09
C ALA B 83 -4.55 11.28 -4.14
N CYS B 84 -4.35 10.92 -2.87
CA CYS B 84 -3.79 11.83 -1.89
C CYS B 84 -2.36 12.26 -2.24
N HIS B 85 -1.54 11.31 -2.71
CA HIS B 85 -0.17 11.58 -3.14
C HIS B 85 -0.21 12.63 -4.25
N GLU B 86 -1.00 12.40 -5.29
CA GLU B 86 -1.13 13.35 -6.39
C GLU B 86 -1.51 14.74 -5.87
N PHE B 87 -2.49 14.84 -4.96
CA PHE B 87 -2.76 16.10 -4.27
C PHE B 87 -1.47 16.66 -3.68
N PHE B 88 -0.79 15.87 -2.86
CA PHE B 88 0.38 16.28 -2.10
C PHE B 88 1.52 16.75 -3.01
N GLU B 89 1.67 16.12 -4.17
CA GLU B 89 2.62 16.55 -5.20
C GLU B 89 2.32 17.99 -5.61
N HIS B 90 1.03 18.35 -5.75
CA HIS B 90 0.65 19.74 -5.96
C HIS B 90 0.74 20.46 -4.61
N GLU B 91 1.98 20.64 -4.14
CA GLU B 91 2.27 21.11 -2.80
C GLU B 91 1.97 22.61 -2.70
N LYS C 1 28.69 -26.09 -13.50
CA LYS C 1 28.11 -27.40 -13.85
C LYS C 1 27.48 -28.13 -12.65
N ARG C 2 27.37 -27.45 -11.50
CA ARG C 2 26.77 -27.96 -10.28
C ARG C 2 25.45 -27.21 -10.06
N LEU C 3 24.32 -27.93 -10.16
CA LEU C 3 23.00 -27.33 -10.04
C LEU C 3 22.91 -26.43 -8.80
N ARG C 4 22.32 -25.24 -8.94
CA ARG C 4 22.27 -24.17 -7.95
C ARG C 4 23.65 -23.57 -7.70
N ARG C 5 24.58 -24.38 -7.19
CA ARG C 5 25.90 -23.97 -6.72
C ARG C 5 26.67 -23.16 -7.77
N SER C 6 26.55 -23.51 -9.06
CA SER C 6 27.22 -22.76 -10.12
C SER C 6 26.97 -21.25 -10.00
N ALA C 7 25.76 -20.86 -9.58
CA ALA C 7 25.40 -19.45 -9.41
C ALA C 7 25.35 -19.10 -7.92
N HIS C 8 26.31 -19.57 -7.11
CA HIS C 8 26.28 -19.44 -5.65
C HIS C 8 25.83 -18.05 -5.17
N ALA C 9 26.46 -16.99 -5.68
CA ALA C 9 26.30 -15.64 -5.18
C ALA C 9 24.97 -15.00 -5.58
N ARG C 10 23.86 -15.55 -5.10
CA ARG C 10 22.54 -14.93 -5.22
C ARG C 10 22.42 -13.77 -4.24
N LYS C 11 23.27 -12.75 -4.42
CA LYS C 11 23.37 -11.59 -3.53
C LYS C 11 21.99 -11.01 -3.17
N GLU C 12 21.12 -10.87 -4.17
CA GLU C 12 19.75 -10.38 -4.01
C GLU C 12 19.01 -11.10 -2.87
N THR C 13 19.22 -12.42 -2.76
CA THR C 13 18.57 -13.22 -1.75
C THR C 13 18.90 -12.73 -0.34
N GLU C 14 20.09 -12.18 -0.09
CA GLU C 14 20.44 -11.74 1.26
C GLU C 14 19.41 -10.74 1.79
N PHE C 15 19.05 -9.76 0.95
CA PHE C 15 18.07 -8.75 1.32
C PHE C 15 16.66 -9.36 1.30
N LEU C 16 16.32 -10.03 0.20
CA LEU C 16 14.95 -10.50 -0.05
C LEU C 16 14.55 -11.64 0.89
N ARG C 17 15.52 -12.36 1.47
CA ARG C 17 15.34 -13.44 2.42
C ARG C 17 14.32 -13.08 3.49
N LEU C 18 14.40 -11.88 4.07
CA LEU C 18 13.50 -11.50 5.15
C LEU C 18 12.05 -11.51 4.67
N LYS C 19 11.78 -10.83 3.55
CA LYS C 19 10.47 -10.78 2.92
C LYS C 19 9.98 -12.20 2.65
N ARG C 20 10.83 -12.99 1.96
CA ARG C 20 10.54 -14.38 1.65
C ARG C 20 10.12 -15.12 2.92
N THR C 21 10.92 -15.03 3.99
CA THR C 21 10.66 -15.74 5.23
C THR C 21 9.34 -15.30 5.85
N ARG C 22 9.06 -14.00 5.92
CA ARG C 22 7.80 -13.55 6.49
C ARG C 22 6.62 -14.01 5.63
N LEU C 23 6.77 -14.05 4.30
CA LEU C 23 5.72 -14.54 3.43
C LEU C 23 5.53 -16.04 3.65
N GLY C 24 6.63 -16.77 3.80
CA GLY C 24 6.65 -18.21 4.00
C GLY C 24 6.77 -18.53 5.49
N LEU C 25 5.85 -18.01 6.30
CA LEU C 25 5.83 -18.26 7.74
C LEU C 25 5.83 -19.77 7.99
N GLU C 26 4.86 -20.46 7.39
CA GLU C 26 4.71 -21.91 7.49
C GLU C 26 5.94 -22.64 6.94
N LYS D 1 -29.23 5.40 -11.58
CA LYS D 1 -30.46 4.66 -11.87
C LYS D 1 -30.19 3.15 -11.93
N ARG D 2 -29.37 2.74 -12.90
CA ARG D 2 -28.90 1.39 -13.14
C ARG D 2 -27.50 1.51 -13.73
N LEU D 3 -26.88 0.38 -14.07
CA LEU D 3 -25.63 0.36 -14.83
C LEU D 3 -25.79 1.17 -16.13
N ARG D 4 -26.96 1.06 -16.77
CA ARG D 4 -27.32 1.89 -17.91
C ARG D 4 -27.55 3.33 -17.43
N ARG D 5 -26.45 4.05 -17.19
CA ARG D 5 -26.46 5.45 -16.80
C ARG D 5 -25.19 6.10 -17.32
N SER D 6 -25.21 7.42 -17.52
CA SER D 6 -24.15 8.21 -18.11
C SER D 6 -22.92 8.35 -17.21
N ALA D 7 -22.30 7.23 -16.82
CA ALA D 7 -21.08 7.13 -16.03
C ALA D 7 -21.24 7.60 -14.58
N HIS D 8 -21.62 8.88 -14.38
CA HIS D 8 -21.64 9.51 -13.08
C HIS D 8 -22.85 9.03 -12.27
N ALA D 9 -22.79 7.78 -11.79
CA ALA D 9 -23.74 7.22 -10.85
C ALA D 9 -23.65 8.00 -9.54
N ARG D 10 -24.32 9.16 -9.50
CA ARG D 10 -24.20 10.17 -8.46
C ARG D 10 -23.96 9.60 -7.06
N LYS D 11 -24.94 8.90 -6.49
CA LYS D 11 -24.82 8.32 -5.15
C LYS D 11 -23.49 7.58 -4.99
N GLU D 12 -23.27 6.54 -5.80
CA GLU D 12 -22.07 5.71 -5.71
C GLU D 12 -20.80 6.57 -5.83
N THR D 13 -20.77 7.47 -6.81
CA THR D 13 -19.62 8.32 -7.01
C THR D 13 -19.39 9.28 -5.84
N GLU D 14 -20.46 9.74 -5.16
CA GLU D 14 -20.37 10.77 -4.12
C GLU D 14 -19.28 10.45 -3.10
N PHE D 15 -19.33 9.22 -2.57
CA PHE D 15 -18.36 8.74 -1.58
C PHE D 15 -16.94 8.83 -2.13
N LEU D 16 -16.78 8.42 -3.39
CA LEU D 16 -15.49 8.27 -4.04
C LEU D 16 -14.98 9.61 -4.58
N ARG D 17 -15.86 10.60 -4.75
CA ARG D 17 -15.56 11.91 -5.31
C ARG D 17 -14.30 12.54 -4.70
N LEU D 18 -14.06 12.28 -3.41
CA LEU D 18 -12.86 12.74 -2.71
C LEU D 18 -11.59 12.31 -3.45
N LYS D 19 -11.53 11.06 -3.93
CA LYS D 19 -10.42 10.58 -4.73
C LYS D 19 -10.20 11.51 -5.92
N ARG D 20 -11.26 11.74 -6.70
CA ARG D 20 -11.21 12.58 -7.88
C ARG D 20 -10.74 13.98 -7.50
N THR D 21 -11.25 14.50 -6.38
CA THR D 21 -10.90 15.82 -5.89
C THR D 21 -9.40 15.89 -5.62
N ARG D 22 -8.85 14.94 -4.85
CA ARG D 22 -7.43 14.96 -4.53
C ARG D 22 -6.58 14.74 -5.78
N LEU D 23 -7.03 13.88 -6.69
CA LEU D 23 -6.29 13.59 -7.92
C LEU D 23 -6.29 14.82 -8.84
N GLY D 24 -7.43 15.52 -8.89
CA GLY D 24 -7.74 16.58 -9.84
C GLY D 24 -6.67 17.66 -9.92
N LEU D 25 -5.95 17.91 -8.83
CA LEU D 25 -4.89 18.91 -8.80
C LEU D 25 -3.79 18.61 -9.83
N GLU D 26 -3.60 17.32 -10.18
CA GLU D 26 -2.64 16.89 -11.19
C GLU D 26 -3.40 16.37 -12.41
N SER A 1 -8.64 7.31 11.46
CA SER A 1 -7.44 8.02 11.93
C SER A 1 -6.16 7.34 11.46
N GLU A 2 -5.83 6.22 12.10
CA GLU A 2 -4.56 5.53 11.98
C GLU A 2 -4.13 5.36 10.51
N LEU A 3 -5.00 4.79 9.67
CA LEU A 3 -4.65 4.61 8.26
C LEU A 3 -4.36 5.94 7.58
N GLU A 4 -5.13 6.99 7.87
CA GLU A 4 -4.93 8.30 7.27
C GLU A 4 -3.55 8.85 7.67
N LYS A 5 -3.23 8.76 8.95
CA LYS A 5 -1.96 9.23 9.50
C LYS A 5 -0.81 8.48 8.84
N ALA A 6 -0.91 7.15 8.83
CA ALA A 6 0.03 6.28 8.14
C ALA A 6 0.22 6.75 6.70
N VAL A 7 -0.88 6.87 5.96
CA VAL A 7 -0.89 7.32 4.57
C VAL A 7 -0.17 8.66 4.40
N VAL A 8 -0.54 9.71 5.14
CA VAL A 8 0.14 11.00 4.96
C VAL A 8 1.62 10.88 5.33
N ALA A 9 1.97 10.05 6.32
CA ALA A 9 3.38 9.76 6.59
C ALA A 9 4.05 9.16 5.35
N LEU A 10 3.45 8.15 4.70
CA LEU A 10 4.00 7.58 3.47
C LEU A 10 4.24 8.69 2.44
N ILE A 11 3.21 9.49 2.17
CA ILE A 11 3.26 10.55 1.17
C ILE A 11 4.40 11.52 1.50
N ASP A 12 4.41 12.04 2.73
CA ASP A 12 5.32 13.11 3.12
C ASP A 12 6.76 12.60 3.09
N VAL A 13 7.02 11.47 3.73
CA VAL A 13 8.35 10.88 3.77
C VAL A 13 8.82 10.61 2.34
N PHE A 14 7.98 9.94 1.54
CA PHE A 14 8.29 9.70 0.14
C PHE A 14 8.70 11.03 -0.51
N HIS A 15 7.90 12.09 -0.36
CA HIS A 15 8.22 13.39 -0.95
C HIS A 15 9.63 13.82 -0.55
N GLN A 16 9.98 13.73 0.74
CA GLN A 16 11.28 14.22 1.21
C GLN A 16 12.44 13.55 0.47
N TYR A 17 12.39 12.22 0.31
CA TYR A 17 13.42 11.47 -0.39
C TYR A 17 13.33 11.65 -1.93
N SER A 18 12.13 11.48 -2.50
CA SER A 18 11.90 11.54 -3.94
C SER A 18 12.27 12.91 -4.53
N GLY A 19 12.04 13.99 -3.78
CA GLY A 19 12.33 15.33 -4.24
C GLY A 19 13.80 15.53 -4.58
N ARG A 20 14.69 14.72 -3.97
CA ARG A 20 16.13 14.95 -4.07
C ARG A 20 16.68 14.46 -5.40
N GLU A 21 16.41 13.20 -5.77
CA GLU A 21 16.81 12.62 -7.05
C GLU A 21 15.67 11.74 -7.58
N GLY A 22 15.27 12.03 -8.81
CA GLY A 22 14.08 11.50 -9.45
C GLY A 22 13.18 12.72 -9.58
N ASP A 23 12.13 12.83 -8.77
CA ASP A 23 11.32 14.04 -8.62
C ASP A 23 10.37 13.79 -7.46
N LYS A 24 9.61 14.78 -7.02
CA LYS A 24 8.73 14.67 -5.85
C LYS A 24 7.71 13.51 -5.93
N HIS A 25 7.54 12.91 -7.11
CA HIS A 25 6.61 11.83 -7.39
C HIS A 25 7.33 10.51 -7.73
N LYS A 26 8.68 10.50 -7.81
CA LYS A 26 9.50 9.35 -8.22
C LYS A 26 10.81 9.26 -7.43
N LEU A 27 11.12 8.09 -6.85
CA LEU A 27 12.37 7.84 -6.12
C LEU A 27 13.43 7.24 -7.06
N LYS A 28 14.58 7.90 -7.22
CA LYS A 28 15.73 7.32 -7.89
C LYS A 28 16.44 6.36 -6.92
N LYS A 29 17.19 5.38 -7.44
CA LYS A 29 17.81 4.31 -6.65
C LYS A 29 18.71 4.82 -5.54
N SER A 30 19.38 5.95 -5.76
CA SER A 30 20.12 6.67 -4.74
C SER A 30 19.23 6.93 -3.53
N GLU A 31 18.02 7.43 -3.74
CA GLU A 31 17.10 7.82 -2.70
C GLU A 31 16.42 6.59 -2.11
N LEU A 32 15.95 5.70 -2.99
CA LEU A 32 15.28 4.47 -2.58
C LEU A 32 16.21 3.67 -1.66
N LYS A 33 17.50 3.60 -1.99
CA LYS A 33 18.48 2.88 -1.17
C LYS A 33 18.45 3.41 0.27
N GLU A 34 18.72 4.70 0.46
CA GLU A 34 18.80 5.25 1.80
C GLU A 34 17.42 5.19 2.48
N LEU A 35 16.35 5.46 1.74
CA LEU A 35 14.98 5.35 2.21
C LEU A 35 14.77 3.97 2.85
N ILE A 36 15.05 2.90 2.12
CA ILE A 36 14.82 1.55 2.65
C ILE A 36 15.72 1.32 3.85
N ASN A 37 17.04 1.54 3.67
CA ASN A 37 18.03 1.31 4.73
C ASN A 37 17.61 1.97 6.04
N ASN A 38 17.23 3.25 5.96
CA ASN A 38 16.95 4.06 7.12
C ASN A 38 15.56 3.75 7.67
N GLU A 39 14.52 3.88 6.83
CA GLU A 39 13.15 3.82 7.32
C GLU A 39 12.66 2.38 7.56
N LEU A 40 13.09 1.42 6.73
CA LEU A 40 12.58 0.05 6.79
C LEU A 40 13.46 -0.84 7.69
N SER A 41 14.35 -0.22 8.48
CA SER A 41 15.41 -0.85 9.25
C SER A 41 14.93 -1.95 10.19
N HIS A 42 13.72 -1.83 10.76
CA HIS A 42 13.20 -2.82 11.68
C HIS A 42 12.79 -4.10 10.93
N PHE A 43 12.38 -3.96 9.67
CA PHE A 43 11.94 -5.09 8.86
C PHE A 43 13.11 -5.67 8.08
N LEU A 44 13.80 -4.83 7.29
CA LEU A 44 14.88 -5.25 6.42
C LEU A 44 16.22 -4.84 7.03
N GLU A 45 17.22 -5.73 6.92
CA GLU A 45 18.59 -5.38 7.27
C GLU A 45 19.15 -4.44 6.19
N GLU A 46 20.23 -3.73 6.52
CA GLU A 46 20.78 -2.70 5.66
C GLU A 46 21.15 -3.24 4.27
N ILE A 47 20.87 -2.43 3.26
CA ILE A 47 20.97 -2.77 1.85
C ILE A 47 22.12 -1.96 1.28
N LYS A 48 23.32 -2.52 1.44
CA LYS A 48 24.57 -2.02 0.91
C LYS A 48 24.65 -2.19 -0.60
N GLU A 49 24.14 -3.32 -1.11
CA GLU A 49 24.33 -3.72 -2.49
C GLU A 49 23.33 -3.00 -3.41
N GLN A 50 23.79 -1.90 -4.01
CA GLN A 50 23.04 -1.07 -4.95
C GLN A 50 22.29 -1.91 -5.99
N GLU A 51 22.90 -3.00 -6.47
CA GLU A 51 22.30 -3.86 -7.48
C GLU A 51 20.96 -4.41 -6.98
N VAL A 52 20.85 -4.75 -5.69
CA VAL A 52 19.62 -5.31 -5.15
C VAL A 52 18.57 -4.21 -5.00
N VAL A 53 18.94 -3.00 -4.57
CA VAL A 53 17.98 -1.90 -4.53
C VAL A 53 17.40 -1.70 -5.94
N ASP A 54 18.31 -1.60 -6.93
CA ASP A 54 17.91 -1.46 -8.31
C ASP A 54 17.00 -2.63 -8.71
N LYS A 55 17.32 -3.86 -8.29
CA LYS A 55 16.51 -5.02 -8.63
C LYS A 55 15.10 -4.92 -8.04
N VAL A 56 14.96 -4.62 -6.74
CA VAL A 56 13.63 -4.56 -6.15
C VAL A 56 12.83 -3.42 -6.79
N MET A 57 13.48 -2.28 -7.08
CA MET A 57 12.84 -1.23 -7.84
C MET A 57 12.37 -1.76 -9.18
N GLU A 58 13.29 -2.38 -9.94
CA GLU A 58 13.03 -2.89 -11.28
C GLU A 58 11.80 -3.80 -11.24
N THR A 59 11.73 -4.65 -10.23
CA THR A 59 10.62 -5.57 -10.02
C THR A 59 9.27 -4.83 -9.94
N LEU A 60 9.24 -3.60 -9.41
CA LEU A 60 8.03 -2.78 -9.39
C LEU A 60 8.03 -1.68 -10.46
N ASP A 61 9.12 -1.44 -11.19
CA ASP A 61 9.30 -0.28 -12.06
C ASP A 61 8.43 -0.35 -13.33
N SER A 62 7.12 -0.20 -13.15
CA SER A 62 6.17 -0.10 -14.25
C SER A 62 6.47 1.10 -15.14
N ASP A 63 7.17 2.12 -14.62
CA ASP A 63 7.56 3.28 -15.40
C ASP A 63 8.69 2.95 -16.37
N GLY A 64 9.38 1.81 -16.19
CA GLY A 64 10.57 1.46 -16.95
C GLY A 64 11.58 2.62 -17.00
N ASP A 65 11.70 3.38 -15.91
CA ASP A 65 12.45 4.63 -15.86
C ASP A 65 13.62 4.52 -14.87
N GLY A 66 13.87 3.31 -14.35
CA GLY A 66 14.84 3.08 -13.30
C GLY A 66 14.27 3.53 -11.96
N GLU A 67 14.05 4.84 -11.83
CA GLU A 67 13.34 5.41 -10.69
C GLU A 67 11.93 4.83 -10.58
N CYS A 68 11.47 4.62 -9.35
CA CYS A 68 10.16 4.04 -9.08
C CYS A 68 9.19 5.17 -8.71
N ASP A 69 8.05 5.24 -9.40
CA ASP A 69 7.02 6.21 -9.10
C ASP A 69 6.37 5.89 -7.77
N PHE A 70 5.71 6.88 -7.18
CA PHE A 70 4.97 6.70 -5.94
C PHE A 70 4.07 5.47 -5.97
N GLN A 71 3.38 5.21 -7.08
CA GLN A 71 2.57 4.00 -7.19
C GLN A 71 3.41 2.73 -7.05
N GLU A 72 4.59 2.69 -7.66
CA GLU A 72 5.45 1.51 -7.62
C GLU A 72 5.98 1.33 -6.19
N PHE A 73 6.37 2.43 -5.56
CA PHE A 73 6.69 2.47 -4.15
C PHE A 73 5.53 1.86 -3.34
N MET A 74 4.31 2.36 -3.51
CA MET A 74 3.13 1.82 -2.84
C MET A 74 2.99 0.31 -3.07
N ALA A 75 3.18 -0.13 -4.31
CA ALA A 75 3.14 -1.56 -4.64
C ALA A 75 4.21 -2.36 -3.88
N PHE A 76 5.42 -1.81 -3.75
CA PHE A 76 6.47 -2.45 -2.97
C PHE A 76 6.02 -2.54 -1.51
N VAL A 77 5.61 -1.40 -0.97
CA VAL A 77 5.07 -1.33 0.39
C VAL A 77 3.93 -2.35 0.57
N ALA A 78 3.10 -2.55 -0.46
CA ALA A 78 2.02 -3.52 -0.43
C ALA A 78 2.55 -4.94 -0.19
N MET A 79 3.51 -5.40 -1.00
CA MET A 79 4.08 -6.73 -0.77
C MET A 79 4.72 -6.81 0.62
N ILE A 80 5.45 -5.77 1.04
CA ILE A 80 6.14 -5.77 2.32
C ILE A 80 5.15 -5.90 3.47
N THR A 81 4.15 -5.02 3.51
CA THR A 81 3.11 -5.04 4.54
C THR A 81 2.43 -6.41 4.57
N THR A 82 1.99 -6.89 3.41
CA THR A 82 1.37 -8.21 3.29
C THR A 82 2.28 -9.29 3.88
N ALA A 83 3.54 -9.29 3.45
CA ALA A 83 4.51 -10.29 3.85
C ALA A 83 4.69 -10.28 5.36
N CYS A 84 4.86 -9.10 5.95
CA CYS A 84 5.03 -8.98 7.39
C CYS A 84 3.76 -9.40 8.13
N HIS A 85 2.58 -8.99 7.64
CA HIS A 85 1.31 -9.40 8.23
C HIS A 85 1.24 -10.93 8.33
N GLU A 86 1.48 -11.62 7.20
CA GLU A 86 1.54 -13.08 7.24
C GLU A 86 2.65 -13.53 8.20
N PHE A 87 3.84 -12.94 8.12
CA PHE A 87 4.98 -13.34 8.94
C PHE A 87 4.59 -13.36 10.42
N PHE A 88 3.87 -12.33 10.87
CA PHE A 88 3.41 -12.22 12.24
C PHE A 88 2.56 -13.42 12.64
N GLU A 89 1.75 -13.95 11.72
CA GLU A 89 0.91 -15.09 12.03
C GLU A 89 1.79 -16.31 12.32
N HIS A 90 2.89 -16.46 11.58
CA HIS A 90 3.90 -17.46 11.90
C HIS A 90 4.75 -16.93 13.07
N GLU A 91 4.14 -16.90 14.26
CA GLU A 91 4.82 -16.48 15.48
C GLU A 91 6.05 -17.36 15.74
N SER B 1 11.65 4.46 10.33
CA SER B 1 10.89 5.04 11.45
C SER B 1 9.42 5.25 11.05
N GLU B 2 9.10 6.43 10.53
CA GLU B 2 7.75 6.84 10.19
C GLU B 2 7.05 5.81 9.30
N LEU B 3 7.68 5.42 8.19
CA LEU B 3 7.15 4.37 7.32
C LEU B 3 6.89 3.10 8.14
N GLU B 4 7.83 2.73 9.01
CA GLU B 4 7.70 1.53 9.81
C GLU B 4 6.47 1.61 10.70
N LYS B 5 6.26 2.77 11.34
CA LYS B 5 5.09 3.00 12.19
C LYS B 5 3.82 2.90 11.36
N ALA B 6 3.78 3.60 10.23
CA ALA B 6 2.68 3.54 9.28
C ALA B 6 2.35 2.08 8.92
N VAL B 7 3.39 1.33 8.54
CA VAL B 7 3.30 -0.07 8.18
C VAL B 7 2.70 -0.89 9.33
N VAL B 8 3.28 -0.85 10.54
CA VAL B 8 2.74 -1.67 11.62
C VAL B 8 1.32 -1.22 11.99
N ALA B 9 1.00 0.08 11.87
CA ALA B 9 -0.37 0.54 12.05
C ALA B 9 -1.31 -0.14 11.03
N LEU B 10 -0.95 -0.13 9.74
CA LEU B 10 -1.74 -0.80 8.71
C LEU B 10 -1.93 -2.27 9.10
N ILE B 11 -0.82 -2.95 9.41
CA ILE B 11 -0.86 -4.37 9.77
C ILE B 11 -1.79 -4.60 10.95
N ASP B 12 -1.60 -3.86 12.04
CA ASP B 12 -2.36 -4.06 13.27
C ASP B 12 -3.86 -3.85 13.03
N VAL B 13 -4.20 -2.70 12.42
CA VAL B 13 -5.59 -2.37 12.15
C VAL B 13 -6.19 -3.45 11.25
N PHE B 14 -5.53 -3.75 10.13
CA PHE B 14 -6.01 -4.77 9.21
C PHE B 14 -6.24 -6.09 9.95
N HIS B 15 -5.24 -6.54 10.70
CA HIS B 15 -5.27 -7.79 11.44
C HIS B 15 -6.48 -7.83 12.36
N GLN B 16 -6.67 -6.80 13.19
CA GLN B 16 -7.80 -6.77 14.11
C GLN B 16 -9.12 -6.98 13.35
N TYR B 17 -9.34 -6.19 12.29
CA TYR B 17 -10.61 -6.22 11.58
C TYR B 17 -10.80 -7.56 10.87
N SER B 18 -9.78 -8.00 10.14
CA SER B 18 -9.74 -9.27 9.43
C SER B 18 -9.83 -10.47 10.39
N GLY B 19 -9.41 -10.28 11.65
CA GLY B 19 -9.59 -11.26 12.69
C GLY B 19 -11.07 -11.48 12.98
N ARG B 20 -11.90 -10.44 12.83
CA ARG B 20 -13.32 -10.56 13.15
C ARG B 20 -14.04 -11.35 12.07
N GLU B 21 -13.93 -10.93 10.79
CA GLU B 21 -14.50 -11.68 9.68
C GLU B 21 -13.61 -11.63 8.43
N GLY B 22 -12.90 -12.75 8.22
CA GLY B 22 -12.11 -13.06 7.03
C GLY B 22 -10.74 -13.62 7.42
N ASP B 23 -10.77 -14.55 8.40
CA ASP B 23 -9.64 -15.24 9.02
C ASP B 23 -8.28 -14.58 8.79
N LYS B 24 -8.08 -13.39 9.38
CA LYS B 24 -6.82 -12.68 9.46
C LYS B 24 -6.40 -12.05 8.13
N HIS B 25 -6.47 -12.81 7.03
CA HIS B 25 -5.92 -12.44 5.73
C HIS B 25 -6.85 -11.53 4.94
N LYS B 26 -8.16 -11.55 5.21
CA LYS B 26 -9.15 -10.87 4.38
C LYS B 26 -10.18 -10.10 5.22
N LEU B 27 -10.85 -9.11 4.60
CA LEU B 27 -11.91 -8.31 5.21
C LEU B 27 -13.23 -8.54 4.47
N LYS B 28 -14.25 -9.10 5.15
CA LYS B 28 -15.61 -9.14 4.59
C LYS B 28 -16.08 -7.74 4.20
N LYS B 29 -17.16 -7.63 3.41
CA LYS B 29 -17.75 -6.33 3.10
C LYS B 29 -18.09 -5.55 4.37
N SER B 30 -18.60 -6.24 5.39
CA SER B 30 -18.89 -5.66 6.68
C SER B 30 -17.61 -5.05 7.26
N GLU B 31 -16.53 -5.85 7.32
CA GLU B 31 -15.29 -5.38 7.92
C GLU B 31 -14.69 -4.24 7.09
N LEU B 32 -14.65 -4.36 5.77
CA LEU B 32 -14.09 -3.34 4.90
C LEU B 32 -14.89 -2.04 5.04
N LYS B 33 -16.22 -2.14 5.10
CA LYS B 33 -17.07 -0.99 5.37
C LYS B 33 -16.65 -0.33 6.69
N GLU B 34 -16.67 -1.05 7.82
CA GLU B 34 -16.38 -0.38 9.09
C GLU B 34 -14.96 0.16 9.09
N LEU B 35 -14.00 -0.60 8.55
CA LEU B 35 -12.63 -0.18 8.34
C LEU B 35 -12.62 1.18 7.65
N ILE B 36 -13.29 1.31 6.48
CA ILE B 36 -13.30 2.57 5.75
C ILE B 36 -13.96 3.67 6.59
N ASN B 37 -15.19 3.45 7.07
CA ASN B 37 -15.92 4.46 7.81
C ASN B 37 -15.10 4.97 8.99
N ASN B 38 -14.50 4.04 9.75
CA ASN B 38 -13.76 4.37 10.96
C ASN B 38 -12.45 5.05 10.60
N GLU B 39 -11.64 4.41 9.75
CA GLU B 39 -10.29 4.86 9.52
C GLU B 39 -10.23 5.98 8.50
N LEU B 40 -10.94 5.87 7.37
CA LEU B 40 -10.98 6.92 6.36
C LEU B 40 -12.12 7.89 6.70
N SER B 41 -12.28 8.22 7.98
CA SER B 41 -13.38 9.02 8.50
C SER B 41 -13.34 10.45 7.95
N HIS B 42 -12.15 10.94 7.61
CA HIS B 42 -11.92 12.26 7.05
C HIS B 42 -11.68 12.14 5.54
N PHE B 43 -10.85 11.15 5.16
CA PHE B 43 -10.50 10.87 3.77
C PHE B 43 -11.74 10.63 2.91
N LEU B 44 -12.69 9.83 3.40
CA LEU B 44 -13.99 9.61 2.78
C LEU B 44 -15.09 10.01 3.77
N GLU B 45 -16.31 10.22 3.27
CA GLU B 45 -17.49 10.39 4.10
C GLU B 45 -17.93 9.00 4.58
N GLU B 46 -18.91 8.94 5.49
CA GLU B 46 -19.52 7.68 5.87
C GLU B 46 -20.10 7.01 4.62
N ILE B 47 -19.96 5.69 4.55
CA ILE B 47 -20.33 4.93 3.35
C ILE B 47 -21.82 4.60 3.40
N LYS B 48 -22.26 4.00 4.52
CA LYS B 48 -23.66 3.71 4.84
C LYS B 48 -24.28 2.62 3.95
N GLU B 49 -24.37 2.85 2.65
CA GLU B 49 -25.12 2.01 1.73
C GLU B 49 -24.41 0.66 1.51
N GLN B 50 -24.85 -0.38 2.22
CA GLN B 50 -24.32 -1.76 2.14
C GLN B 50 -23.97 -2.17 0.71
N GLU B 51 -24.90 -1.99 -0.23
CA GLU B 51 -24.70 -2.42 -1.61
C GLU B 51 -23.54 -1.67 -2.28
N VAL B 52 -23.33 -0.40 -1.92
CA VAL B 52 -22.22 0.37 -2.45
C VAL B 52 -20.91 -0.14 -1.83
N VAL B 53 -20.89 -0.43 -0.53
CA VAL B 53 -19.72 -1.03 0.10
C VAL B 53 -19.37 -2.33 -0.63
N ASP B 54 -20.38 -3.17 -0.86
CA ASP B 54 -20.26 -4.40 -1.62
C ASP B 54 -19.66 -4.10 -2.99
N LYS B 55 -20.17 -3.12 -3.73
CA LYS B 55 -19.62 -2.81 -5.05
C LYS B 55 -18.15 -2.42 -4.97
N VAL B 56 -17.78 -1.47 -4.10
CA VAL B 56 -16.40 -0.99 -4.07
C VAL B 56 -15.46 -2.09 -3.61
N MET B 57 -15.84 -2.90 -2.62
CA MET B 57 -14.99 -3.99 -2.20
C MET B 57 -14.92 -5.08 -3.28
N GLU B 58 -16.07 -5.44 -3.87
CA GLU B 58 -16.18 -6.40 -4.97
C GLU B 58 -15.25 -6.00 -6.11
N THR B 59 -15.20 -4.71 -6.42
CA THR B 59 -14.35 -4.14 -7.44
C THR B 59 -12.87 -4.50 -7.21
N LEU B 60 -12.44 -4.71 -5.95
CA LEU B 60 -11.09 -5.18 -5.63
C LEU B 60 -11.06 -6.66 -5.23
N ASP B 61 -12.20 -7.36 -5.17
CA ASP B 61 -12.26 -8.70 -4.60
C ASP B 61 -11.71 -9.76 -5.56
N SER B 62 -10.39 -9.75 -5.78
CA SER B 62 -9.67 -10.77 -6.53
C SER B 62 -10.04 -12.18 -6.04
N ASP B 63 -10.28 -12.31 -4.74
CA ASP B 63 -10.57 -13.59 -4.11
C ASP B 63 -11.97 -14.09 -4.48
N GLY B 64 -12.83 -13.21 -5.02
CA GLY B 64 -14.22 -13.51 -5.35
C GLY B 64 -14.93 -14.26 -4.21
N ASP B 65 -14.61 -13.90 -2.96
CA ASP B 65 -15.03 -14.63 -1.77
C ASP B 65 -15.92 -13.77 -0.87
N GLY B 66 -16.20 -12.53 -1.27
CA GLY B 66 -16.97 -11.60 -0.46
C GLY B 66 -16.15 -11.02 0.70
N GLU B 67 -14.88 -11.43 0.83
CA GLU B 67 -13.88 -10.87 1.70
C GLU B 67 -12.63 -10.57 0.88
N CYS B 68 -12.11 -9.34 0.99
CA CYS B 68 -10.99 -8.84 0.20
C CYS B 68 -9.69 -9.09 0.95
N ASP B 69 -8.70 -9.72 0.31
CA ASP B 69 -7.42 -10.04 0.93
C ASP B 69 -6.64 -8.77 1.29
N PHE B 70 -5.65 -8.92 2.17
CA PHE B 70 -4.71 -7.86 2.54
C PHE B 70 -4.20 -7.16 1.28
N GLN B 71 -3.78 -7.91 0.26
CA GLN B 71 -3.35 -7.35 -1.02
C GLN B 71 -4.38 -6.35 -1.57
N GLU B 72 -5.66 -6.75 -1.58
CA GLU B 72 -6.73 -5.98 -2.19
C GLU B 72 -7.06 -4.76 -1.35
N PHE B 73 -7.10 -4.95 -0.03
CA PHE B 73 -7.18 -3.83 0.91
C PHE B 73 -6.08 -2.83 0.59
N MET B 74 -4.84 -3.30 0.48
CA MET B 74 -3.70 -2.46 0.23
C MET B 74 -3.81 -1.79 -1.15
N ALA B 75 -4.35 -2.48 -2.14
CA ALA B 75 -4.64 -1.89 -3.45
C ALA B 75 -5.66 -0.75 -3.32
N PHE B 76 -6.73 -0.94 -2.55
CA PHE B 76 -7.71 0.12 -2.32
C PHE B 76 -7.03 1.30 -1.65
N VAL B 77 -6.29 1.03 -0.56
CA VAL B 77 -5.48 2.04 0.11
C VAL B 77 -4.58 2.73 -0.93
N ALA B 78 -3.93 1.98 -1.82
CA ALA B 78 -3.02 2.51 -2.81
C ALA B 78 -3.71 3.52 -3.72
N MET B 79 -4.88 3.21 -4.29
CA MET B 79 -5.57 4.19 -5.14
C MET B 79 -5.90 5.47 -4.36
N ILE B 80 -6.45 5.31 -3.16
CA ILE B 80 -6.83 6.44 -2.30
C ILE B 80 -5.59 7.31 -2.06
N THR B 81 -4.53 6.65 -1.60
CA THR B 81 -3.25 7.24 -1.28
C THR B 81 -2.62 7.88 -2.52
N THR B 82 -2.79 7.29 -3.71
CA THR B 82 -2.34 7.91 -4.95
C THR B 82 -3.06 9.25 -5.14
N ALA B 83 -4.39 9.28 -5.04
CA ALA B 83 -5.12 10.53 -5.24
C ALA B 83 -4.63 11.59 -4.24
N CYS B 84 -4.50 11.21 -2.97
CA CYS B 84 -4.01 12.11 -1.94
C CYS B 84 -2.57 12.56 -2.21
N HIS B 85 -1.71 11.64 -2.64
CA HIS B 85 -0.34 11.95 -3.04
C HIS B 85 -0.35 13.01 -4.13
N GLU B 86 -0.98 12.72 -5.26
CA GLU B 86 -1.04 13.64 -6.40
C GLU B 86 -1.52 15.02 -5.95
N PHE B 87 -2.59 15.06 -5.16
CA PHE B 87 -3.05 16.29 -4.50
C PHE B 87 -1.89 16.99 -3.81
N PHE B 88 -1.26 16.28 -2.86
CA PHE B 88 -0.24 16.83 -2.00
C PHE B 88 0.99 17.29 -2.78
N GLU B 89 1.37 16.58 -3.84
CA GLU B 89 2.48 16.98 -4.69
C GLU B 89 2.13 18.24 -5.48
N HIS B 90 0.92 18.31 -6.06
CA HIS B 90 0.49 19.42 -6.89
C HIS B 90 -0.76 20.07 -6.28
N GLU B 91 -0.61 20.76 -5.16
CA GLU B 91 -1.72 21.46 -4.53
C GLU B 91 -2.14 22.67 -5.38
N LYS C 1 29.77 -19.20 -5.51
CA LYS C 1 28.88 -18.30 -6.26
C LYS C 1 29.55 -16.94 -6.52
N ARG C 2 29.90 -16.25 -5.44
CA ARG C 2 30.37 -14.87 -5.46
C ARG C 2 31.82 -14.77 -5.93
N LEU C 3 32.10 -15.16 -7.17
CA LEU C 3 33.44 -15.07 -7.75
C LEU C 3 33.73 -13.65 -8.22
N ARG C 4 33.57 -12.67 -7.32
CA ARG C 4 33.65 -11.23 -7.58
C ARG C 4 32.51 -10.76 -8.49
N ARG C 5 32.53 -11.19 -9.76
CA ARG C 5 31.52 -10.92 -10.79
C ARG C 5 30.11 -10.84 -10.20
N SER C 6 29.36 -9.78 -10.51
CA SER C 6 28.09 -9.39 -9.89
C SER C 6 26.90 -10.36 -9.99
N ALA C 7 27.12 -11.65 -10.23
CA ALA C 7 26.07 -12.66 -10.14
C ALA C 7 25.77 -12.89 -8.66
N HIS C 8 25.08 -11.94 -8.03
CA HIS C 8 24.77 -11.95 -6.61
C HIS C 8 23.60 -12.91 -6.32
N ALA C 9 23.71 -14.15 -6.81
CA ALA C 9 22.62 -15.11 -6.82
C ALA C 9 22.06 -15.32 -5.41
N ARG C 10 20.79 -14.95 -5.21
CA ARG C 10 20.08 -15.05 -3.94
C ARG C 10 20.67 -14.18 -2.82
N LYS C 11 21.52 -13.19 -3.14
CA LYS C 11 21.90 -12.19 -2.14
C LYS C 11 20.63 -11.51 -1.62
N GLU C 12 19.65 -11.36 -2.53
CA GLU C 12 18.31 -10.87 -2.28
C GLU C 12 17.71 -11.47 -1.01
N THR C 13 17.94 -12.75 -0.74
CA THR C 13 17.43 -13.46 0.43
C THR C 13 17.71 -12.70 1.73
N GLU C 14 18.82 -11.97 1.82
CA GLU C 14 19.13 -11.10 2.96
C GLU C 14 17.92 -10.23 3.35
N PHE C 15 17.18 -9.78 2.34
CA PHE C 15 16.01 -8.93 2.49
C PHE C 15 14.75 -9.77 2.33
N LEU C 16 14.71 -10.60 1.30
CA LEU C 16 13.51 -11.32 0.90
C LEU C 16 13.17 -12.50 1.80
N ARG C 17 14.00 -12.84 2.81
CA ARG C 17 13.65 -13.85 3.80
C ARG C 17 12.20 -13.68 4.30
N LEU C 18 11.81 -12.44 4.65
CA LEU C 18 10.46 -12.14 5.10
C LEU C 18 9.45 -12.64 4.07
N LYS C 19 9.58 -12.16 2.84
CA LYS C 19 8.68 -12.46 1.73
C LYS C 19 8.62 -13.97 1.47
N ARG C 20 9.78 -14.62 1.39
CA ARG C 20 9.89 -16.05 1.20
C ARG C 20 9.12 -16.78 2.30
N THR C 21 9.37 -16.42 3.56
CA THR C 21 8.72 -17.07 4.71
C THR C 21 7.21 -16.87 4.63
N ARG C 22 6.75 -15.66 4.28
CA ARG C 22 5.32 -15.31 4.28
C ARG C 22 4.48 -16.32 3.50
N LEU C 23 5.04 -16.91 2.44
CA LEU C 23 4.31 -17.82 1.58
C LEU C 23 3.85 -19.05 2.38
N GLY C 24 4.58 -19.41 3.45
CA GLY C 24 4.19 -20.48 4.36
C GLY C 24 2.77 -20.32 4.89
N LEU C 25 2.28 -19.08 5.04
CA LEU C 25 0.92 -18.86 5.54
C LEU C 25 -0.13 -19.09 4.45
N GLU C 26 0.25 -19.06 3.17
CA GLU C 26 -0.69 -19.30 2.09
C GLU C 26 -0.89 -20.80 1.87
N LYS D 1 -23.01 19.14 -9.95
CA LYS D 1 -23.62 17.90 -10.46
C LYS D 1 -23.65 17.94 -12.00
N ARG D 2 -23.07 16.94 -12.66
CA ARG D 2 -22.97 16.91 -14.12
C ARG D 2 -24.29 16.38 -14.66
N LEU D 3 -25.37 17.13 -14.41
CA LEU D 3 -26.75 16.75 -14.73
C LEU D 3 -27.07 15.32 -14.28
N ARG D 4 -26.47 14.88 -13.17
CA ARG D 4 -26.63 13.53 -12.61
C ARG D 4 -26.23 12.41 -13.60
N ARG D 5 -25.52 12.72 -14.69
CA ARG D 5 -25.30 11.75 -15.77
C ARG D 5 -24.69 10.44 -15.28
N SER D 6 -23.57 10.50 -14.57
CA SER D 6 -22.88 9.33 -14.05
C SER D 6 -23.54 8.80 -12.78
N ALA D 7 -24.88 8.74 -12.76
CA ALA D 7 -25.72 8.24 -11.67
C ALA D 7 -25.34 8.80 -10.30
N HIS D 8 -24.76 10.01 -10.25
CA HIS D 8 -24.23 10.57 -9.02
C HIS D 8 -25.34 11.25 -8.22
N ALA D 9 -26.35 10.48 -7.81
CA ALA D 9 -27.44 10.94 -6.98
C ALA D 9 -27.01 11.10 -5.52
N ARG D 10 -25.95 11.89 -5.30
CA ARG D 10 -25.37 12.25 -4.01
C ARG D 10 -24.82 11.04 -3.24
N LYS D 11 -25.71 10.22 -2.71
CA LYS D 11 -25.42 9.14 -1.76
C LYS D 11 -24.21 8.32 -2.18
N GLU D 12 -24.28 7.66 -3.33
CA GLU D 12 -23.22 6.82 -3.86
C GLU D 12 -21.89 7.56 -4.10
N THR D 13 -21.92 8.89 -4.24
CA THR D 13 -20.77 9.68 -4.67
C THR D 13 -20.13 10.45 -3.52
N GLU D 14 -20.90 10.82 -2.49
CA GLU D 14 -20.47 11.74 -1.44
C GLU D 14 -19.10 11.42 -0.85
N PHE D 15 -18.75 10.14 -0.75
CA PHE D 15 -17.42 9.69 -0.32
C PHE D 15 -16.42 9.83 -1.47
N LEU D 16 -16.64 9.12 -2.58
CA LEU D 16 -15.73 9.10 -3.73
C LEU D 16 -15.38 10.51 -4.21
N ARG D 17 -16.29 11.48 -4.04
CA ARG D 17 -16.09 12.89 -4.31
C ARG D 17 -14.73 13.38 -3.77
N LEU D 18 -14.33 12.98 -2.57
CA LEU D 18 -13.07 13.46 -2.00
C LEU D 18 -11.90 12.89 -2.80
N LYS D 19 -11.94 11.60 -3.14
CA LYS D 19 -10.95 10.98 -4.00
C LYS D 19 -10.90 11.70 -5.34
N ARG D 20 -12.05 11.89 -5.97
CA ARG D 20 -12.19 12.59 -7.24
C ARG D 20 -11.54 13.98 -7.15
N THR D 21 -11.84 14.72 -6.08
CA THR D 21 -11.30 16.06 -5.88
C THR D 21 -9.76 15.98 -5.81
N ARG D 22 -9.21 15.11 -4.97
CA ARG D 22 -7.77 15.03 -4.82
C ARG D 22 -7.09 14.55 -6.10
N LEU D 23 -7.73 13.63 -6.82
CA LEU D 23 -7.26 13.15 -8.11
C LEU D 23 -7.30 14.30 -9.12
N GLY D 24 -8.30 15.17 -9.03
CA GLY D 24 -8.48 16.34 -9.86
C GLY D 24 -7.24 17.21 -9.99
N LEU D 25 -6.37 17.26 -8.97
CA LEU D 25 -5.13 18.02 -9.04
C LEU D 25 -4.18 17.48 -10.11
N GLU D 26 -4.27 16.18 -10.45
CA GLU D 26 -3.39 15.58 -11.43
C GLU D 26 -3.63 16.16 -12.82
N SER A 1 -8.56 7.49 11.37
CA SER A 1 -7.53 8.03 12.27
C SER A 1 -6.18 7.35 12.03
N GLU A 2 -5.96 6.19 12.66
CA GLU A 2 -4.71 5.46 12.60
C GLU A 2 -4.26 5.27 11.14
N LEU A 3 -5.15 4.76 10.29
CA LEU A 3 -4.79 4.56 8.89
C LEU A 3 -4.50 5.89 8.21
N GLU A 4 -5.22 6.95 8.54
CA GLU A 4 -4.94 8.27 7.98
C GLU A 4 -3.53 8.72 8.37
N LYS A 5 -3.13 8.49 9.61
CA LYS A 5 -1.78 8.84 10.06
C LYS A 5 -0.74 8.04 9.29
N ALA A 6 -0.94 6.72 9.21
CA ALA A 6 -0.11 5.85 8.40
C ALA A 6 0.03 6.38 6.96
N VAL A 7 -1.10 6.71 6.34
CA VAL A 7 -1.18 7.24 4.99
C VAL A 7 -0.36 8.52 4.86
N VAL A 8 -0.61 9.55 5.69
CA VAL A 8 0.13 10.80 5.52
C VAL A 8 1.61 10.61 5.85
N ALA A 9 1.95 9.73 6.80
CA ALA A 9 3.34 9.36 7.05
C ALA A 9 3.98 8.81 5.77
N LEU A 10 3.32 7.85 5.12
CA LEU A 10 3.81 7.29 3.85
C LEU A 10 4.05 8.42 2.83
N ILE A 11 3.04 9.26 2.60
CA ILE A 11 3.15 10.32 1.61
C ILE A 11 4.32 11.23 1.97
N ASP A 12 4.36 11.73 3.20
CA ASP A 12 5.36 12.72 3.59
C ASP A 12 6.76 12.14 3.48
N VAL A 13 7.00 10.96 4.08
CA VAL A 13 8.31 10.33 4.08
C VAL A 13 8.77 10.10 2.65
N PHE A 14 7.91 9.42 1.87
CA PHE A 14 8.24 9.12 0.49
C PHE A 14 8.56 10.41 -0.28
N HIS A 15 7.67 11.40 -0.20
CA HIS A 15 7.80 12.61 -1.01
C HIS A 15 9.07 13.37 -0.60
N GLN A 16 9.33 13.48 0.70
CA GLN A 16 10.56 14.08 1.20
C GLN A 16 11.78 13.41 0.56
N TYR A 17 11.83 12.08 0.60
CA TYR A 17 13.00 11.33 0.14
C TYR A 17 13.13 11.51 -1.38
N SER A 18 12.03 11.31 -2.11
CA SER A 18 11.92 11.58 -3.54
C SER A 18 12.42 12.99 -3.88
N GLY A 19 12.01 13.98 -3.08
CA GLY A 19 12.30 15.38 -3.30
C GLY A 19 13.79 15.65 -3.29
N ARG A 20 14.57 14.89 -2.51
CA ARG A 20 16.00 15.10 -2.44
C ARG A 20 16.64 14.88 -3.82
N GLU A 21 16.26 13.80 -4.52
CA GLU A 21 16.60 13.63 -5.93
C GLU A 21 15.71 12.59 -6.60
N GLY A 22 14.74 13.06 -7.39
CA GLY A 22 13.78 12.23 -8.08
C GLY A 22 12.61 13.10 -8.51
N ASP A 23 11.80 12.64 -9.45
CA ASP A 23 10.75 13.44 -10.09
C ASP A 23 9.51 13.53 -9.21
N LYS A 24 9.67 14.10 -8.00
CA LYS A 24 8.62 14.46 -7.05
C LYS A 24 7.91 13.25 -6.45
N HIS A 25 7.26 12.47 -7.32
CA HIS A 25 6.52 11.25 -7.02
C HIS A 25 7.40 10.00 -7.24
N LYS A 26 8.72 10.13 -7.38
CA LYS A 26 9.57 9.02 -7.80
C LYS A 26 10.91 9.02 -7.06
N LEU A 27 11.44 7.83 -6.78
CA LEU A 27 12.73 7.61 -6.11
C LEU A 27 13.76 7.10 -7.10
N LYS A 28 14.91 7.77 -7.22
CA LYS A 28 16.06 7.26 -7.96
C LYS A 28 16.64 6.05 -7.22
N LYS A 29 17.61 5.35 -7.82
CA LYS A 29 18.25 4.22 -7.17
C LYS A 29 18.87 4.61 -5.82
N SER A 30 19.47 5.81 -5.75
CA SER A 30 20.04 6.36 -4.55
C SER A 30 18.96 6.54 -3.49
N GLU A 31 17.86 7.23 -3.85
CA GLU A 31 16.81 7.52 -2.89
C GLU A 31 16.12 6.23 -2.45
N LEU A 32 15.84 5.33 -3.39
CA LEU A 32 15.24 4.03 -3.08
C LEU A 32 16.16 3.27 -2.13
N LYS A 33 17.45 3.18 -2.42
CA LYS A 33 18.40 2.48 -1.56
C LYS A 33 18.31 3.04 -0.14
N GLU A 34 18.52 4.35 0.00
CA GLU A 34 18.56 4.95 1.31
C GLU A 34 17.21 4.77 2.01
N LEU A 35 16.12 5.03 1.30
CA LEU A 35 14.75 4.83 1.77
C LEU A 35 14.59 3.44 2.37
N ILE A 36 14.93 2.37 1.63
CA ILE A 36 14.74 1.03 2.15
C ILE A 36 15.62 0.81 3.39
N ASN A 37 16.92 1.10 3.28
CA ASN A 37 17.85 0.91 4.39
C ASN A 37 17.35 1.63 5.65
N ASN A 38 16.97 2.88 5.48
CA ASN A 38 16.58 3.78 6.55
C ASN A 38 15.26 3.32 7.17
N GLU A 39 14.23 3.17 6.33
CA GLU A 39 12.89 2.94 6.83
C GLU A 39 12.65 1.47 7.14
N LEU A 40 13.07 0.53 6.29
CA LEU A 40 12.96 -0.90 6.60
C LEU A 40 14.22 -1.36 7.35
N SER A 41 14.72 -0.52 8.26
CA SER A 41 15.94 -0.78 9.01
C SER A 41 15.81 -2.02 9.89
N HIS A 42 14.59 -2.30 10.34
CA HIS A 42 14.27 -3.42 11.21
C HIS A 42 13.63 -4.54 10.37
N PHE A 43 12.75 -4.16 9.45
CA PHE A 43 12.03 -5.08 8.58
C PHE A 43 12.96 -5.87 7.66
N LEU A 44 13.92 -5.22 6.99
CA LEU A 44 14.79 -5.83 6.00
C LEU A 44 16.26 -5.68 6.37
N GLU A 45 17.13 -6.42 5.67
CA GLU A 45 18.57 -6.31 5.84
C GLU A 45 19.07 -5.00 5.24
N GLU A 46 20.28 -4.60 5.63
CA GLU A 46 21.00 -3.48 5.04
C GLU A 46 21.35 -3.80 3.59
N ILE A 47 21.05 -2.88 2.68
CA ILE A 47 21.15 -3.05 1.23
C ILE A 47 22.23 -2.11 0.72
N LYS A 48 23.45 -2.64 0.65
CA LYS A 48 24.64 -1.91 0.26
C LYS A 48 24.78 -1.90 -1.27
N GLU A 49 24.80 -3.11 -1.85
CA GLU A 49 25.14 -3.37 -3.23
C GLU A 49 24.24 -2.62 -4.22
N GLN A 50 24.75 -1.53 -4.80
CA GLN A 50 24.04 -0.69 -5.76
C GLN A 50 23.45 -1.52 -6.91
N GLU A 51 24.14 -2.58 -7.32
CA GLU A 51 23.62 -3.47 -8.36
C GLU A 51 22.26 -4.03 -7.93
N VAL A 52 22.13 -4.42 -6.66
CA VAL A 52 20.89 -4.96 -6.14
C VAL A 52 19.86 -3.85 -5.97
N VAL A 53 20.23 -2.70 -5.40
CA VAL A 53 19.27 -1.61 -5.24
C VAL A 53 18.68 -1.25 -6.61
N ASP A 54 19.55 -1.12 -7.62
CA ASP A 54 19.18 -0.93 -9.01
C ASP A 54 18.26 -2.06 -9.49
N LYS A 55 18.62 -3.32 -9.23
CA LYS A 55 17.79 -4.43 -9.69
C LYS A 55 16.38 -4.36 -9.09
N VAL A 56 16.25 -4.19 -7.77
CA VAL A 56 14.94 -4.24 -7.13
C VAL A 56 14.07 -3.06 -7.57
N MET A 57 14.65 -1.86 -7.70
CA MET A 57 13.87 -0.73 -8.19
C MET A 57 13.53 -0.90 -9.68
N GLU A 58 14.50 -1.31 -10.50
CA GLU A 58 14.27 -1.61 -11.91
C GLU A 58 13.13 -2.62 -12.07
N THR A 59 13.14 -3.66 -11.23
CA THR A 59 12.14 -4.71 -11.24
C THR A 59 10.73 -4.13 -11.12
N LEU A 60 10.56 -3.02 -10.38
CA LEU A 60 9.27 -2.37 -10.20
C LEU A 60 9.14 -1.09 -11.03
N ASP A 61 10.10 -0.77 -11.89
CA ASP A 61 10.09 0.47 -12.68
C ASP A 61 9.06 0.38 -13.81
N SER A 62 7.77 0.35 -13.45
CA SER A 62 6.64 0.33 -14.37
C SER A 62 6.73 1.48 -15.37
N ASP A 63 7.24 2.62 -14.91
CA ASP A 63 7.34 3.85 -15.69
C ASP A 63 8.42 3.74 -16.76
N GLY A 64 9.31 2.73 -16.68
CA GLY A 64 10.47 2.63 -17.56
C GLY A 64 11.30 3.91 -17.52
N ASP A 65 11.38 4.55 -16.35
CA ASP A 65 11.98 5.86 -16.14
C ASP A 65 13.18 5.73 -15.20
N GLY A 66 13.63 4.51 -14.93
CA GLY A 66 14.61 4.22 -13.89
C GLY A 66 13.95 4.39 -12.52
N GLU A 67 13.71 5.64 -12.15
CA GLU A 67 13.17 6.02 -10.85
C GLU A 67 11.82 5.34 -10.58
N CYS A 68 11.68 4.74 -9.40
CA CYS A 68 10.50 3.97 -9.02
C CYS A 68 9.42 4.94 -8.54
N ASP A 69 8.23 4.89 -9.13
CA ASP A 69 7.16 5.81 -8.81
C ASP A 69 6.50 5.44 -7.48
N PHE A 70 5.82 6.40 -6.85
CA PHE A 70 5.09 6.18 -5.61
C PHE A 70 4.21 4.94 -5.68
N GLN A 71 3.49 4.73 -6.78
CA GLN A 71 2.68 3.55 -6.98
C GLN A 71 3.52 2.27 -6.78
N GLU A 72 4.74 2.25 -7.31
CA GLU A 72 5.63 1.10 -7.30
C GLU A 72 6.20 0.90 -5.90
N PHE A 73 6.59 2.01 -5.26
CA PHE A 73 6.95 1.99 -3.85
C PHE A 73 5.81 1.36 -3.04
N MET A 74 4.57 1.82 -3.26
CA MET A 74 3.42 1.27 -2.57
C MET A 74 3.21 -0.21 -2.89
N ALA A 75 3.46 -0.64 -4.13
CA ALA A 75 3.44 -2.06 -4.48
C ALA A 75 4.47 -2.85 -3.66
N PHE A 76 5.70 -2.34 -3.53
CA PHE A 76 6.73 -2.98 -2.75
C PHE A 76 6.28 -3.06 -1.28
N VAL A 77 5.88 -1.92 -0.73
CA VAL A 77 5.31 -1.85 0.60
C VAL A 77 4.17 -2.86 0.75
N ALA A 78 3.29 -3.00 -0.25
CA ALA A 78 2.17 -3.93 -0.19
C ALA A 78 2.66 -5.37 0.01
N MET A 79 3.59 -5.85 -0.83
CA MET A 79 4.10 -7.21 -0.65
C MET A 79 4.72 -7.39 0.75
N ILE A 80 5.54 -6.42 1.17
CA ILE A 80 6.22 -6.46 2.46
C ILE A 80 5.19 -6.55 3.59
N THR A 81 4.25 -5.60 3.61
CA THR A 81 3.21 -5.51 4.62
C THR A 81 2.39 -6.80 4.63
N THR A 82 2.01 -7.31 3.45
CA THR A 82 1.25 -8.54 3.35
C THR A 82 2.03 -9.70 3.99
N ALA A 83 3.30 -9.88 3.62
CA ALA A 83 4.11 -10.93 4.22
C ALA A 83 4.16 -10.78 5.74
N CYS A 84 4.39 -9.54 6.21
CA CYS A 84 4.38 -9.25 7.63
C CYS A 84 3.02 -9.57 8.27
N HIS A 85 1.92 -9.26 7.59
CA HIS A 85 0.57 -9.58 8.05
C HIS A 85 0.44 -11.08 8.25
N GLU A 86 0.78 -11.85 7.22
CA GLU A 86 0.70 -13.29 7.24
C GLU A 86 1.49 -13.86 8.42
N PHE A 87 2.73 -13.38 8.63
CA PHE A 87 3.53 -13.71 9.80
C PHE A 87 2.77 -13.40 11.09
N PHE A 88 2.37 -12.13 11.20
CA PHE A 88 1.82 -11.54 12.41
C PHE A 88 0.56 -12.29 12.86
N GLU A 89 -0.27 -12.73 11.92
CA GLU A 89 -1.37 -13.62 12.25
C GLU A 89 -0.85 -15.03 12.53
N HIS A 90 -0.19 -15.66 11.55
CA HIS A 90 0.22 -17.04 11.66
C HIS A 90 1.56 -17.12 12.38
N GLU A 91 1.53 -16.84 13.68
CA GLU A 91 2.69 -16.90 14.55
C GLU A 91 3.27 -18.31 14.61
N SER B 1 11.75 3.26 10.21
CA SER B 1 10.94 3.38 11.44
C SER B 1 9.53 3.90 11.16
N GLU B 2 9.44 5.02 10.46
CA GLU B 2 8.18 5.69 10.18
C GLU B 2 7.29 4.77 9.33
N LEU B 3 7.83 4.28 8.22
CA LEU B 3 7.09 3.36 7.38
C LEU B 3 6.75 2.10 8.16
N GLU B 4 7.70 1.56 8.93
CA GLU B 4 7.45 0.38 9.76
C GLU B 4 6.27 0.63 10.69
N LYS B 5 6.19 1.79 11.32
CA LYS B 5 5.10 2.14 12.22
C LYS B 5 3.78 2.12 11.46
N ALA B 6 3.74 2.85 10.34
CA ALA B 6 2.57 2.90 9.46
C ALA B 6 2.12 1.50 9.06
N VAL B 7 3.07 0.67 8.63
CA VAL B 7 2.88 -0.70 8.21
C VAL B 7 2.27 -1.53 9.35
N VAL B 8 2.90 -1.57 10.54
CA VAL B 8 2.32 -2.35 11.62
C VAL B 8 0.96 -1.80 12.05
N ALA B 9 0.75 -0.48 11.99
CA ALA B 9 -0.56 0.10 12.26
C ALA B 9 -1.60 -0.44 11.29
N LEU B 10 -1.32 -0.41 9.98
CA LEU B 10 -2.20 -0.98 8.96
C LEU B 10 -2.50 -2.44 9.28
N ILE B 11 -1.46 -3.24 9.52
CA ILE B 11 -1.61 -4.66 9.84
C ILE B 11 -2.53 -4.83 11.06
N ASP B 12 -2.22 -4.14 12.16
CA ASP B 12 -2.90 -4.35 13.43
C ASP B 12 -4.36 -3.93 13.32
N VAL B 13 -4.61 -2.73 12.80
CA VAL B 13 -5.97 -2.24 12.62
C VAL B 13 -6.75 -3.20 11.74
N PHE B 14 -6.20 -3.58 10.58
CA PHE B 14 -6.87 -4.56 9.73
C PHE B 14 -7.16 -5.82 10.54
N HIS B 15 -6.15 -6.38 11.20
CA HIS B 15 -6.24 -7.64 11.93
C HIS B 15 -7.38 -7.60 12.94
N GLN B 16 -7.49 -6.50 13.71
CA GLN B 16 -8.59 -6.34 14.64
C GLN B 16 -9.93 -6.53 13.91
N TYR B 17 -10.11 -5.84 12.79
CA TYR B 17 -11.38 -5.84 12.06
C TYR B 17 -11.64 -7.20 11.40
N SER B 18 -10.70 -7.70 10.59
CA SER B 18 -10.79 -9.00 9.94
C SER B 18 -11.02 -10.11 10.95
N GLY B 19 -10.38 -10.01 12.12
CA GLY B 19 -10.52 -10.99 13.19
C GLY B 19 -11.97 -11.08 13.66
N ARG B 20 -12.72 -9.96 13.58
CA ARG B 20 -14.11 -9.96 13.99
C ARG B 20 -14.96 -10.71 12.96
N GLU B 21 -14.87 -10.34 11.68
CA GLU B 21 -15.52 -11.08 10.62
C GLU B 21 -14.68 -11.09 9.32
N GLY B 22 -14.02 -12.21 9.06
CA GLY B 22 -13.28 -12.44 7.83
C GLY B 22 -12.35 -13.61 8.04
N ASP B 23 -11.84 -14.20 6.95
CA ASP B 23 -10.93 -15.34 7.00
C ASP B 23 -9.51 -14.88 7.37
N LYS B 24 -9.37 -14.23 8.53
CA LYS B 24 -8.13 -13.69 9.10
C LYS B 24 -7.56 -12.55 8.25
N HIS B 25 -7.16 -12.89 7.02
CA HIS B 25 -6.43 -12.04 6.08
C HIS B 25 -7.39 -11.32 5.13
N LYS B 26 -8.68 -11.23 5.48
CA LYS B 26 -9.70 -10.65 4.61
C LYS B 26 -10.72 -9.88 5.44
N LEU B 27 -11.43 -8.93 4.83
CA LEU B 27 -12.50 -8.15 5.45
C LEU B 27 -13.83 -8.44 4.77
N LYS B 28 -14.86 -8.81 5.55
CA LYS B 28 -16.23 -8.89 5.04
C LYS B 28 -16.71 -7.47 4.65
N LYS B 29 -17.85 -7.39 3.96
CA LYS B 29 -18.48 -6.10 3.66
C LYS B 29 -18.75 -5.32 4.94
N SER B 30 -19.16 -6.00 6.01
CA SER B 30 -19.40 -5.38 7.31
C SER B 30 -18.12 -4.73 7.82
N GLU B 31 -17.03 -5.50 7.86
CA GLU B 31 -15.78 -5.00 8.39
C GLU B 31 -15.24 -3.87 7.50
N LEU B 32 -15.19 -4.09 6.19
CA LEU B 32 -14.72 -3.13 5.21
C LEU B 32 -15.50 -1.82 5.36
N LYS B 33 -16.82 -1.90 5.50
CA LYS B 33 -17.66 -0.74 5.72
C LYS B 33 -17.16 0.04 6.94
N GLU B 34 -17.15 -0.59 8.12
CA GLU B 34 -16.83 0.17 9.32
C GLU B 34 -15.38 0.65 9.28
N LEU B 35 -14.47 -0.15 8.71
CA LEU B 35 -13.08 0.20 8.50
C LEU B 35 -13.01 1.52 7.73
N ILE B 36 -13.64 1.60 6.56
CA ILE B 36 -13.61 2.83 5.75
C ILE B 36 -14.27 3.97 6.52
N ASN B 37 -15.51 3.77 6.98
CA ASN B 37 -16.26 4.77 7.73
C ASN B 37 -15.40 5.37 8.85
N ASN B 38 -14.82 4.51 9.69
CA ASN B 38 -14.12 4.96 10.88
C ASN B 38 -12.78 5.59 10.49
N GLU B 39 -11.94 4.84 9.77
CA GLU B 39 -10.57 5.23 9.55
C GLU B 39 -10.45 6.29 8.46
N LEU B 40 -11.22 6.14 7.37
CA LEU B 40 -11.08 6.97 6.19
C LEU B 40 -11.96 8.23 6.27
N SER B 41 -12.73 8.40 7.36
CA SER B 41 -13.62 9.53 7.62
C SER B 41 -12.98 10.87 7.23
N HIS B 42 -11.68 10.98 7.53
CA HIS B 42 -10.88 12.18 7.33
C HIS B 42 -10.78 12.56 5.85
N PHE B 43 -10.74 11.56 4.96
CA PHE B 43 -10.51 11.73 3.52
C PHE B 43 -11.80 11.52 2.72
N LEU B 44 -12.61 10.53 3.10
CA LEU B 44 -13.75 10.04 2.35
C LEU B 44 -14.98 10.08 3.25
N GLU B 45 -16.14 10.49 2.70
CA GLU B 45 -17.38 10.57 3.45
C GLU B 45 -17.76 9.19 4.02
N GLU B 46 -18.53 9.19 5.10
CA GLU B 46 -19.10 7.99 5.69
C GLU B 46 -19.98 7.27 4.66
N ILE B 47 -20.07 5.96 4.80
CA ILE B 47 -20.72 5.07 3.85
C ILE B 47 -21.67 4.15 4.62
N LYS B 48 -22.92 4.58 4.77
CA LYS B 48 -23.98 3.80 5.39
C LYS B 48 -24.59 2.80 4.39
N GLU B 49 -24.60 3.15 3.10
CA GLU B 49 -25.32 2.43 2.08
C GLU B 49 -24.64 1.09 1.76
N GLN B 50 -25.07 0.02 2.42
CA GLN B 50 -24.54 -1.34 2.26
C GLN B 50 -24.33 -1.73 0.80
N GLU B 51 -25.23 -1.33 -0.12
CA GLU B 51 -25.07 -1.64 -1.53
C GLU B 51 -23.74 -1.09 -2.05
N VAL B 52 -23.38 0.12 -1.64
CA VAL B 52 -22.14 0.76 -2.05
C VAL B 52 -20.95 0.10 -1.34
N VAL B 53 -21.05 -0.17 -0.03
CA VAL B 53 -19.94 -0.82 0.66
C VAL B 53 -19.62 -2.15 -0.01
N ASP B 54 -20.68 -2.92 -0.32
CA ASP B 54 -20.60 -4.14 -1.08
C ASP B 54 -19.97 -3.87 -2.45
N LYS B 55 -20.41 -2.84 -3.17
CA LYS B 55 -19.88 -2.55 -4.48
C LYS B 55 -18.37 -2.28 -4.45
N VAL B 56 -17.91 -1.39 -3.55
CA VAL B 56 -16.50 -1.00 -3.54
C VAL B 56 -15.61 -2.18 -3.19
N MET B 57 -16.03 -3.04 -2.25
CA MET B 57 -15.24 -4.21 -1.90
C MET B 57 -15.35 -5.30 -2.98
N GLU B 58 -16.54 -5.54 -3.51
CA GLU B 58 -16.77 -6.47 -4.63
C GLU B 58 -15.86 -6.10 -5.80
N THR B 59 -15.76 -4.81 -6.09
CA THR B 59 -14.94 -4.28 -7.17
C THR B 59 -13.48 -4.75 -7.03
N LEU B 60 -13.00 -4.93 -5.80
CA LEU B 60 -11.63 -5.37 -5.54
C LEU B 60 -11.54 -6.83 -5.09
N ASP B 61 -12.64 -7.59 -5.13
CA ASP B 61 -12.65 -8.98 -4.67
C ASP B 61 -11.93 -9.91 -5.67
N SER B 62 -10.62 -9.73 -5.80
CA SER B 62 -9.74 -10.54 -6.64
C SER B 62 -9.91 -12.02 -6.33
N ASP B 63 -10.13 -12.33 -5.05
CA ASP B 63 -10.23 -13.69 -4.55
C ASP B 63 -11.54 -14.36 -4.98
N GLY B 64 -12.52 -13.59 -5.46
CA GLY B 64 -13.86 -14.10 -5.72
C GLY B 64 -14.45 -14.78 -4.48
N ASP B 65 -14.14 -14.23 -3.31
CA ASP B 65 -14.49 -14.79 -2.00
C ASP B 65 -15.44 -13.85 -1.25
N GLY B 66 -15.91 -12.80 -1.90
CA GLY B 66 -16.63 -11.72 -1.26
C GLY B 66 -15.66 -10.87 -0.46
N GLU B 67 -15.11 -11.45 0.60
CA GLU B 67 -14.21 -10.82 1.55
C GLU B 67 -13.00 -10.21 0.82
N CYS B 68 -12.72 -8.93 1.05
CA CYS B 68 -11.61 -8.24 0.40
C CYS B 68 -10.34 -8.60 1.12
N ASP B 69 -9.36 -9.19 0.43
CA ASP B 69 -8.13 -9.68 1.03
C ASP B 69 -7.23 -8.52 1.43
N PHE B 70 -6.30 -8.77 2.36
CA PHE B 70 -5.33 -7.77 2.79
C PHE B 70 -4.63 -7.12 1.59
N GLN B 71 -4.27 -7.90 0.57
CA GLN B 71 -3.75 -7.38 -0.70
C GLN B 71 -4.67 -6.29 -1.27
N GLU B 72 -5.98 -6.59 -1.35
CA GLU B 72 -6.96 -5.73 -1.97
C GLU B 72 -7.18 -4.48 -1.12
N PHE B 73 -7.18 -4.64 0.20
CA PHE B 73 -7.15 -3.54 1.13
C PHE B 73 -5.93 -2.65 0.82
N MET B 74 -4.73 -3.22 0.75
CA MET B 74 -3.52 -2.46 0.41
C MET B 74 -3.65 -1.77 -0.95
N ALA B 75 -4.27 -2.43 -1.93
CA ALA B 75 -4.52 -1.83 -3.25
C ALA B 75 -5.45 -0.61 -3.14
N PHE B 76 -6.56 -0.75 -2.39
CA PHE B 76 -7.50 0.35 -2.17
C PHE B 76 -6.76 1.50 -1.49
N VAL B 77 -6.07 1.19 -0.39
CA VAL B 77 -5.23 2.15 0.31
C VAL B 77 -4.27 2.81 -0.69
N ALA B 78 -3.62 2.04 -1.56
CA ALA B 78 -2.69 2.58 -2.52
C ALA B 78 -3.34 3.61 -3.44
N MET B 79 -4.47 3.28 -4.08
CA MET B 79 -5.11 4.26 -4.95
C MET B 79 -5.47 5.54 -4.19
N ILE B 80 -6.05 5.39 -2.99
CA ILE B 80 -6.46 6.52 -2.17
C ILE B 80 -5.25 7.39 -1.83
N THR B 81 -4.22 6.76 -1.27
CA THR B 81 -2.99 7.43 -0.86
C THR B 81 -2.35 8.11 -2.07
N THR B 82 -2.32 7.45 -3.24
CA THR B 82 -1.75 8.03 -4.44
C THR B 82 -2.52 9.28 -4.86
N ALA B 83 -3.86 9.20 -4.92
CA ALA B 83 -4.69 10.36 -5.21
C ALA B 83 -4.37 11.49 -4.23
N CYS B 84 -4.28 11.16 -2.94
CA CYS B 84 -3.88 12.13 -1.93
C CYS B 84 -2.48 12.69 -2.22
N HIS B 85 -1.50 11.87 -2.58
CA HIS B 85 -0.14 12.33 -2.86
C HIS B 85 -0.13 13.36 -3.98
N GLU B 86 -0.80 13.08 -5.10
CA GLU B 86 -0.82 14.07 -6.18
C GLU B 86 -1.53 15.35 -5.74
N PHE B 87 -2.62 15.23 -4.96
CA PHE B 87 -3.28 16.38 -4.38
C PHE B 87 -2.33 17.15 -3.47
N PHE B 88 -1.52 16.43 -2.68
CA PHE B 88 -0.61 16.98 -1.68
C PHE B 88 0.37 17.93 -2.37
N GLU B 89 0.76 17.62 -3.61
CA GLU B 89 1.52 18.55 -4.42
C GLU B 89 0.57 19.64 -4.94
N HIS B 90 -0.31 19.33 -5.90
CA HIS B 90 -1.14 20.35 -6.51
C HIS B 90 -2.44 20.50 -5.70
N GLU B 91 -2.31 21.12 -4.52
CA GLU B 91 -3.46 21.37 -3.65
C GLU B 91 -4.44 22.35 -4.29
N LYS C 1 29.51 -21.73 -2.58
CA LYS C 1 28.31 -22.54 -2.84
C LYS C 1 27.59 -22.87 -1.54
N ARG C 2 28.31 -23.42 -0.56
CA ARG C 2 27.79 -23.71 0.77
C ARG C 2 28.69 -23.10 1.85
N LEU C 3 29.49 -22.08 1.49
CA LEU C 3 30.38 -21.39 2.41
C LEU C 3 29.54 -20.68 3.47
N ARG C 4 29.27 -21.39 4.57
CA ARG C 4 28.32 -20.98 5.59
C ARG C 4 26.94 -20.77 4.98
N ARG C 5 26.53 -21.68 4.06
CA ARG C 5 25.26 -21.68 3.35
C ARG C 5 24.65 -20.29 3.16
N SER C 6 23.60 -19.94 3.93
CA SER C 6 23.02 -18.60 4.06
C SER C 6 22.57 -18.00 2.72
N ALA C 7 23.53 -17.45 1.97
CA ALA C 7 23.35 -16.88 0.64
C ALA C 7 24.72 -16.81 -0.05
N HIS C 8 25.61 -15.97 0.47
CA HIS C 8 26.93 -15.58 -0.04
C HIS C 8 27.03 -15.48 -1.57
N ALA C 9 27.09 -16.61 -2.27
CA ALA C 9 27.17 -16.66 -3.72
C ALA C 9 25.89 -16.05 -4.30
N ARG C 10 24.73 -16.44 -3.76
CA ARG C 10 23.44 -15.88 -4.15
C ARG C 10 23.25 -14.54 -3.42
N LYS C 11 24.23 -13.64 -3.52
CA LYS C 11 24.32 -12.42 -2.73
C LYS C 11 23.02 -11.61 -2.78
N GLU C 12 22.45 -11.46 -3.98
CA GLU C 12 21.28 -10.64 -4.19
C GLU C 12 20.11 -11.02 -3.26
N THR C 13 20.02 -12.30 -2.89
CA THR C 13 18.94 -12.81 -2.07
C THR C 13 19.09 -12.46 -0.58
N GLU C 14 20.26 -11.95 -0.15
CA GLU C 14 20.54 -11.67 1.26
C GLU C 14 19.38 -10.91 1.92
N PHE C 15 18.94 -9.86 1.24
CA PHE C 15 17.91 -8.93 1.70
C PHE C 15 16.50 -9.47 1.45
N LEU C 16 16.35 -10.49 0.59
CA LEU C 16 15.06 -10.97 0.13
C LEU C 16 14.59 -12.19 0.92
N ARG C 17 15.48 -13.14 1.22
CA ARG C 17 15.12 -14.45 1.78
C ARG C 17 14.09 -14.35 2.91
N LEU C 18 14.35 -13.48 3.88
CA LEU C 18 13.50 -13.34 5.06
C LEU C 18 12.06 -12.98 4.72
N LYS C 19 11.80 -12.36 3.55
CA LYS C 19 10.43 -12.15 3.09
C LYS C 19 9.72 -13.49 2.92
N ARG C 20 10.40 -14.51 2.38
CA ARG C 20 9.82 -15.84 2.26
C ARG C 20 9.46 -16.30 3.67
N THR C 21 10.41 -16.22 4.60
CA THR C 21 10.21 -16.72 5.96
C THR C 21 9.03 -16.01 6.61
N ARG C 22 8.91 -14.70 6.38
CA ARG C 22 7.85 -13.91 6.97
C ARG C 22 6.50 -14.22 6.30
N LEU C 23 6.48 -14.46 4.99
CA LEU C 23 5.27 -14.80 4.25
C LEU C 23 4.81 -16.22 4.61
N GLY C 24 5.75 -17.14 4.76
CA GLY C 24 5.55 -18.56 5.02
C GLY C 24 6.22 -18.89 6.35
N LEU C 25 5.68 -18.30 7.42
CA LEU C 25 6.12 -18.48 8.80
C LEU C 25 5.90 -19.94 9.21
N GLU C 26 4.64 -20.36 9.25
CA GLU C 26 4.29 -21.75 9.50
C GLU C 26 4.44 -22.55 8.20
N LYS D 1 -29.83 15.53 -8.45
CA LYS D 1 -29.79 14.06 -8.57
C LYS D 1 -31.15 13.50 -8.97
N ARG D 2 -31.16 12.31 -9.58
CA ARG D 2 -32.35 11.62 -10.09
C ARG D 2 -32.99 12.38 -11.25
N LEU D 3 -33.50 13.59 -11.01
CA LEU D 3 -33.94 14.48 -12.07
C LEU D 3 -32.82 14.61 -13.11
N ARG D 4 -33.09 14.19 -14.34
CA ARG D 4 -32.16 14.21 -15.48
C ARG D 4 -30.96 13.27 -15.31
N ARG D 5 -30.87 12.50 -14.22
CA ARG D 5 -29.82 11.52 -13.96
C ARG D 5 -30.44 10.13 -14.13
N SER D 6 -31.43 9.83 -13.28
CA SER D 6 -32.27 8.65 -13.30
C SER D 6 -31.44 7.37 -13.43
N ALA D 7 -31.23 6.84 -14.65
CA ALA D 7 -30.42 5.67 -14.91
C ALA D 7 -29.00 5.81 -14.34
N HIS D 8 -28.50 7.05 -14.26
CA HIS D 8 -27.21 7.37 -13.66
C HIS D 8 -27.30 7.26 -12.13
N ALA D 9 -27.65 6.08 -11.62
CA ALA D 9 -27.73 5.81 -10.19
C ALA D 9 -26.36 5.33 -9.69
N ARG D 10 -25.31 6.05 -10.08
CA ARG D 10 -23.94 5.71 -9.72
C ARG D 10 -23.65 6.26 -8.32
N LYS D 11 -24.46 5.83 -7.33
CA LYS D 11 -24.49 6.39 -5.99
C LYS D 11 -23.10 6.51 -5.37
N GLU D 12 -22.23 5.54 -5.64
CA GLU D 12 -20.84 5.54 -5.20
C GLU D 12 -20.15 6.91 -5.42
N THR D 13 -20.51 7.61 -6.49
CA THR D 13 -19.97 8.93 -6.80
C THR D 13 -20.07 9.89 -5.61
N GLU D 14 -21.14 9.78 -4.81
CA GLU D 14 -21.37 10.68 -3.68
C GLU D 14 -20.15 10.72 -2.76
N PHE D 15 -19.66 9.54 -2.38
CA PHE D 15 -18.54 9.39 -1.47
C PHE D 15 -17.24 9.53 -2.26
N LEU D 16 -17.17 8.85 -3.41
CA LEU D 16 -15.97 8.84 -4.24
C LEU D 16 -15.64 10.22 -4.82
N ARG D 17 -16.57 11.18 -4.79
CA ARG D 17 -16.33 12.58 -5.18
C ARG D 17 -15.00 13.08 -4.60
N LEU D 18 -14.76 12.80 -3.31
CA LEU D 18 -13.55 13.23 -2.63
C LEU D 18 -12.31 12.64 -3.32
N LYS D 19 -12.30 11.31 -3.50
CA LYS D 19 -11.24 10.59 -4.18
C LYS D 19 -11.02 11.17 -5.58
N ARG D 20 -12.11 11.34 -6.33
CA ARG D 20 -12.11 11.95 -7.65
C ARG D 20 -11.40 13.30 -7.60
N THR D 21 -11.78 14.14 -6.65
CA THR D 21 -11.22 15.47 -6.50
C THR D 21 -9.72 15.37 -6.25
N ARG D 22 -9.29 14.52 -5.31
CA ARG D 22 -7.88 14.36 -5.06
C ARG D 22 -7.13 13.81 -6.29
N LEU D 23 -7.75 12.90 -7.04
CA LEU D 23 -7.08 12.28 -8.19
C LEU D 23 -6.98 13.28 -9.35
N GLY D 24 -8.03 14.07 -9.55
CA GLY D 24 -8.13 15.07 -10.60
C GLY D 24 -8.14 16.46 -9.98
N LEU D 25 -7.07 16.78 -9.27
CA LEU D 25 -6.86 18.01 -8.51
C LEU D 25 -6.77 19.30 -9.34
N GLU D 26 -7.15 19.26 -10.63
CA GLU D 26 -7.06 20.39 -11.53
C GLU D 26 -7.97 21.53 -11.05
N SER A 1 -8.73 7.01 12.83
CA SER A 1 -8.07 7.56 11.62
C SER A 1 -6.77 6.84 11.26
N GLU A 2 -6.50 5.68 11.86
CA GLU A 2 -5.21 5.01 11.79
C GLU A 2 -4.79 4.73 10.34
N LEU A 3 -5.71 4.31 9.46
CA LEU A 3 -5.36 4.08 8.06
C LEU A 3 -4.94 5.41 7.44
N GLU A 4 -5.74 6.46 7.63
CA GLU A 4 -5.39 7.76 7.09
C GLU A 4 -4.01 8.19 7.59
N LYS A 5 -3.72 7.97 8.88
CA LYS A 5 -2.47 8.36 9.50
C LYS A 5 -1.31 7.64 8.81
N ALA A 6 -1.39 6.31 8.76
CA ALA A 6 -0.44 5.48 8.05
C ALA A 6 -0.22 5.99 6.63
N VAL A 7 -1.32 6.17 5.90
CA VAL A 7 -1.33 6.66 4.53
C VAL A 7 -0.56 7.99 4.41
N VAL A 8 -0.92 9.01 5.18
CA VAL A 8 -0.20 10.27 5.10
C VAL A 8 1.26 10.09 5.51
N ALA A 9 1.60 9.17 6.43
CA ALA A 9 3.00 8.86 6.68
C ALA A 9 3.69 8.35 5.41
N LEU A 10 3.07 7.41 4.69
CA LEU A 10 3.64 6.89 3.44
C LEU A 10 3.92 8.05 2.48
N ILE A 11 2.92 8.91 2.25
CA ILE A 11 3.07 10.07 1.36
C ILE A 11 4.17 11.00 1.87
N ASP A 12 4.11 11.39 3.14
CA ASP A 12 5.04 12.31 3.77
C ASP A 12 6.48 11.85 3.55
N VAL A 13 6.74 10.59 3.86
CA VAL A 13 8.05 9.98 3.71
C VAL A 13 8.42 9.91 2.24
N PHE A 14 7.57 9.30 1.41
CA PHE A 14 7.90 9.08 0.01
C PHE A 14 8.24 10.40 -0.71
N HIS A 15 7.34 11.39 -0.62
CA HIS A 15 7.47 12.57 -1.44
C HIS A 15 8.71 13.38 -1.09
N GLN A 16 9.05 13.52 0.20
CA GLN A 16 10.23 14.29 0.57
C GLN A 16 11.48 13.60 0.00
N TYR A 17 11.62 12.28 0.21
CA TYR A 17 12.74 11.52 -0.32
C TYR A 17 12.80 11.72 -1.85
N SER A 18 11.68 11.47 -2.52
CA SER A 18 11.51 11.69 -3.95
C SER A 18 11.82 13.14 -4.36
N GLY A 19 11.66 14.09 -3.45
CA GLY A 19 12.01 15.49 -3.68
C GLY A 19 13.52 15.67 -3.63
N ARG A 20 14.19 15.06 -2.65
CA ARG A 20 15.62 15.27 -2.46
C ARG A 20 16.41 14.89 -3.72
N GLU A 21 16.18 13.68 -4.25
CA GLU A 21 16.71 13.30 -5.55
C GLU A 21 15.65 12.49 -6.31
N GLY A 22 15.01 13.12 -7.29
CA GLY A 22 13.90 12.55 -8.02
C GLY A 22 13.05 13.71 -8.50
N ASP A 23 11.72 13.55 -8.54
CA ASP A 23 10.80 14.60 -8.95
C ASP A 23 9.56 14.64 -8.05
N LYS A 24 9.71 14.29 -6.76
CA LYS A 24 8.64 14.19 -5.77
C LYS A 24 7.69 13.00 -6.03
N HIS A 25 7.34 12.73 -7.28
CA HIS A 25 6.53 11.58 -7.67
C HIS A 25 7.33 10.29 -7.78
N LYS A 26 8.67 10.37 -7.86
CA LYS A 26 9.54 9.23 -8.12
C LYS A 26 10.80 9.26 -7.26
N LEU A 27 11.24 8.08 -6.77
CA LEU A 27 12.46 7.91 -6.00
C LEU A 27 13.59 7.45 -6.92
N LYS A 28 14.77 8.09 -6.86
CA LYS A 28 15.98 7.59 -7.50
C LYS A 28 16.47 6.36 -6.75
N LYS A 29 17.44 5.61 -7.30
CA LYS A 29 18.06 4.49 -6.60
C LYS A 29 18.74 4.94 -5.31
N SER A 30 19.32 6.15 -5.29
CA SER A 30 19.90 6.71 -4.08
C SER A 30 18.81 6.85 -3.01
N GLU A 31 17.70 7.50 -3.37
CA GLU A 31 16.62 7.74 -2.42
C GLU A 31 16.01 6.41 -1.99
N LEU A 32 15.69 5.53 -2.94
CA LEU A 32 15.14 4.22 -2.68
C LEU A 32 16.07 3.46 -1.73
N LYS A 33 17.39 3.49 -1.97
CA LYS A 33 18.35 2.88 -1.05
C LYS A 33 18.19 3.45 0.37
N GLU A 34 18.36 4.76 0.56
CA GLU A 34 18.31 5.29 1.93
C GLU A 34 16.93 5.08 2.56
N LEU A 35 15.86 5.25 1.78
CA LEU A 35 14.47 4.99 2.15
C LEU A 35 14.36 3.57 2.73
N ILE A 36 14.81 2.56 1.99
CA ILE A 36 14.74 1.17 2.44
C ILE A 36 15.50 1.03 3.78
N ASN A 37 16.77 1.43 3.80
CA ASN A 37 17.60 1.32 5.01
C ASN A 37 16.91 1.95 6.21
N ASN A 38 16.54 3.22 6.06
CA ASN A 38 16.07 4.07 7.13
C ASN A 38 14.69 3.65 7.61
N GLU A 39 13.80 3.33 6.67
CA GLU A 39 12.39 3.15 6.96
C GLU A 39 11.89 1.69 7.00
N LEU A 40 12.60 0.73 6.39
CA LEU A 40 12.14 -0.66 6.26
C LEU A 40 13.03 -1.61 7.08
N SER A 41 13.86 -1.06 7.98
CA SER A 41 14.92 -1.72 8.72
C SER A 41 14.58 -3.09 9.31
N HIS A 42 13.40 -3.22 9.93
CA HIS A 42 13.00 -4.47 10.57
C HIS A 42 12.73 -5.56 9.52
N PHE A 43 12.32 -5.17 8.31
CA PHE A 43 11.92 -6.08 7.26
C PHE A 43 13.11 -6.38 6.33
N LEU A 44 13.83 -5.33 5.89
CA LEU A 44 15.01 -5.47 5.05
C LEU A 44 16.25 -5.00 5.82
N GLU A 45 17.31 -5.81 5.77
CA GLU A 45 18.60 -5.45 6.35
C GLU A 45 19.30 -4.37 5.52
N GLU A 46 20.36 -3.80 6.11
CA GLU A 46 21.15 -2.71 5.58
C GLU A 46 21.61 -3.01 4.15
N ILE A 47 21.30 -2.12 3.22
CA ILE A 47 21.66 -2.26 1.82
C ILE A 47 23.16 -2.00 1.65
N LYS A 48 23.92 -3.03 1.29
CA LYS A 48 25.29 -2.88 0.86
C LYS A 48 25.28 -2.58 -0.64
N GLU A 49 24.71 -3.50 -1.42
CA GLU A 49 24.80 -3.49 -2.86
C GLU A 49 23.64 -2.68 -3.44
N GLN A 50 23.82 -1.36 -3.55
CA GLN A 50 22.90 -0.43 -4.22
C GLN A 50 22.34 -1.04 -5.51
N GLU A 51 23.21 -1.68 -6.31
CA GLU A 51 22.83 -2.22 -7.60
C GLU A 51 21.69 -3.24 -7.46
N VAL A 52 21.63 -3.96 -6.34
CA VAL A 52 20.52 -4.84 -6.07
C VAL A 52 19.24 -4.02 -5.92
N VAL A 53 19.25 -2.90 -5.18
CA VAL A 53 18.05 -2.09 -5.08
C VAL A 53 17.68 -1.52 -6.44
N ASP A 54 18.70 -1.15 -7.23
CA ASP A 54 18.47 -0.76 -8.61
C ASP A 54 17.70 -1.89 -9.33
N LYS A 55 18.10 -3.15 -9.14
CA LYS A 55 17.34 -4.26 -9.68
C LYS A 55 15.92 -4.31 -9.10
N VAL A 56 15.74 -4.26 -7.77
CA VAL A 56 14.41 -4.43 -7.18
C VAL A 56 13.46 -3.32 -7.61
N MET A 57 13.96 -2.11 -7.82
CA MET A 57 13.14 -1.01 -8.32
C MET A 57 12.93 -1.15 -9.83
N GLU A 58 13.98 -1.47 -10.60
CA GLU A 58 13.91 -1.69 -12.04
C GLU A 58 12.84 -2.74 -12.37
N THR A 59 12.78 -3.77 -11.53
CA THR A 59 11.80 -4.85 -11.62
C THR A 59 10.37 -4.28 -11.66
N LEU A 60 10.12 -3.18 -10.95
CA LEU A 60 8.83 -2.51 -10.90
C LEU A 60 8.80 -1.21 -11.72
N ASP A 61 9.85 -0.89 -12.47
CA ASP A 61 9.99 0.42 -13.09
C ASP A 61 9.10 0.58 -14.32
N SER A 62 7.79 0.67 -14.08
CA SER A 62 6.76 1.01 -15.05
C SER A 62 7.15 2.26 -15.85
N ASP A 63 7.78 3.22 -15.17
CA ASP A 63 8.14 4.50 -15.74
C ASP A 63 9.29 4.37 -16.73
N GLY A 64 10.02 3.24 -16.72
CA GLY A 64 11.21 3.03 -17.53
C GLY A 64 12.21 4.18 -17.39
N ASP A 65 12.27 4.79 -16.20
CA ASP A 65 13.03 6.02 -15.96
C ASP A 65 14.12 5.78 -14.91
N GLY A 66 14.32 4.52 -14.50
CA GLY A 66 15.16 4.17 -13.37
C GLY A 66 14.45 4.53 -12.07
N GLU A 67 14.30 5.83 -11.83
CA GLU A 67 13.53 6.34 -10.71
C GLU A 67 12.10 5.80 -10.77
N CYS A 68 11.60 5.30 -9.64
CA CYS A 68 10.34 4.54 -9.56
C CYS A 68 9.26 5.37 -8.89
N ASP A 69 8.05 5.39 -9.47
CA ASP A 69 6.99 6.29 -9.01
C ASP A 69 6.24 5.76 -7.80
N PHE A 70 5.46 6.65 -7.18
CA PHE A 70 4.67 6.36 -6.00
C PHE A 70 3.88 5.05 -6.16
N GLN A 71 3.24 4.85 -7.32
CA GLN A 71 2.51 3.62 -7.61
C GLN A 71 3.37 2.37 -7.43
N GLU A 72 4.63 2.40 -7.90
CA GLU A 72 5.50 1.23 -7.90
C GLU A 72 6.03 0.99 -6.49
N PHE A 73 6.39 2.09 -5.81
CA PHE A 73 6.70 2.06 -4.40
C PHE A 73 5.56 1.38 -3.63
N MET A 74 4.33 1.85 -3.87
CA MET A 74 3.13 1.29 -3.28
C MET A 74 2.96 -0.19 -3.63
N ALA A 75 3.20 -0.57 -4.89
CA ALA A 75 3.15 -1.97 -5.30
C ALA A 75 4.12 -2.82 -4.47
N PHE A 76 5.35 -2.32 -4.28
CA PHE A 76 6.37 -2.97 -3.48
C PHE A 76 5.87 -3.13 -2.04
N VAL A 77 5.42 -2.02 -1.45
CA VAL A 77 4.81 -2.00 -0.13
C VAL A 77 3.70 -3.05 -0.04
N ALA A 78 2.84 -3.14 -1.06
CA ALA A 78 1.71 -4.04 -1.06
C ALA A 78 2.15 -5.48 -0.85
N MET A 79 3.09 -5.97 -1.69
CA MET A 79 3.53 -7.35 -1.56
C MET A 79 4.26 -7.59 -0.25
N ILE A 80 5.14 -6.67 0.15
CA ILE A 80 5.89 -6.79 1.40
C ILE A 80 4.90 -6.94 2.57
N THR A 81 3.96 -6.00 2.67
CA THR A 81 2.97 -5.99 3.73
C THR A 81 2.10 -7.25 3.68
N THR A 82 1.61 -7.62 2.48
CA THR A 82 0.77 -8.79 2.33
C THR A 82 1.51 -10.05 2.81
N ALA A 83 2.75 -10.25 2.36
CA ALA A 83 3.52 -11.40 2.78
C ALA A 83 3.63 -11.43 4.31
N CYS A 84 3.97 -10.28 4.91
CA CYS A 84 4.05 -10.21 6.37
C CYS A 84 2.71 -10.55 7.01
N HIS A 85 1.60 -10.00 6.51
CA HIS A 85 0.27 -10.27 7.01
C HIS A 85 -0.03 -11.76 6.98
N GLU A 86 0.14 -12.38 5.81
CA GLU A 86 -0.08 -13.81 5.61
C GLU A 86 0.70 -14.62 6.65
N PHE A 87 1.98 -14.31 6.85
CA PHE A 87 2.81 -15.12 7.74
C PHE A 87 2.55 -14.81 9.21
N PHE A 88 2.21 -13.56 9.50
CA PHE A 88 1.81 -13.12 10.83
C PHE A 88 0.58 -13.93 11.28
N GLU A 89 -0.33 -14.23 10.34
CA GLU A 89 -1.42 -15.16 10.59
C GLU A 89 -0.89 -16.61 10.64
N HIS A 90 -0.48 -17.13 9.47
CA HIS A 90 -0.12 -18.51 9.25
C HIS A 90 1.31 -18.58 8.70
N GLU A 91 2.30 -18.66 9.59
CA GLU A 91 3.69 -18.87 9.21
C GLU A 91 3.84 -20.03 8.21
N SER B 1 12.16 4.48 10.47
CA SER B 1 11.27 3.31 10.59
C SER B 1 9.81 3.62 10.26
N GLU B 2 9.53 4.81 9.75
CA GLU B 2 8.18 5.30 9.54
C GLU B 2 7.37 4.32 8.70
N LEU B 3 7.93 3.89 7.57
CA LEU B 3 7.26 2.92 6.70
C LEU B 3 7.02 1.61 7.46
N GLU B 4 8.04 1.06 8.11
CA GLU B 4 7.89 -0.14 8.94
C GLU B 4 6.71 0.02 9.92
N LYS B 5 6.62 1.17 10.59
CA LYS B 5 5.58 1.42 11.57
C LYS B 5 4.20 1.48 10.89
N ALA B 6 4.09 2.26 9.82
CA ALA B 6 2.89 2.33 9.01
C ALA B 6 2.44 0.93 8.58
N VAL B 7 3.38 0.14 8.04
CA VAL B 7 3.16 -1.24 7.61
C VAL B 7 2.58 -2.07 8.75
N VAL B 8 3.24 -2.14 9.92
CA VAL B 8 2.68 -2.96 10.99
C VAL B 8 1.34 -2.38 11.49
N ALA B 9 1.15 -1.06 11.44
CA ALA B 9 -0.14 -0.46 11.74
C ALA B 9 -1.22 -0.98 10.79
N LEU B 10 -0.98 -0.97 9.48
CA LEU B 10 -1.93 -1.52 8.50
C LEU B 10 -2.27 -2.97 8.86
N ILE B 11 -1.24 -3.80 9.11
CA ILE B 11 -1.46 -5.19 9.47
C ILE B 11 -2.32 -5.29 10.74
N ASP B 12 -1.93 -4.60 11.80
CA ASP B 12 -2.61 -4.65 13.08
C ASP B 12 -4.07 -4.22 12.94
N VAL B 13 -4.30 -3.06 12.32
CA VAL B 13 -5.64 -2.52 12.10
C VAL B 13 -6.47 -3.55 11.33
N PHE B 14 -5.97 -3.99 10.17
CA PHE B 14 -6.71 -4.96 9.38
C PHE B 14 -7.04 -6.19 10.22
N HIS B 15 -6.03 -6.77 10.87
CA HIS B 15 -6.17 -7.97 11.69
C HIS B 15 -7.28 -7.77 12.73
N GLN B 16 -7.27 -6.62 13.41
CA GLN B 16 -8.29 -6.28 14.40
C GLN B 16 -9.69 -6.45 13.83
N TYR B 17 -9.99 -5.86 12.66
CA TYR B 17 -11.32 -5.94 12.06
C TYR B 17 -11.61 -7.30 11.42
N SER B 18 -10.71 -7.78 10.56
CA SER B 18 -10.85 -9.07 9.88
C SER B 18 -11.08 -10.21 10.88
N GLY B 19 -10.51 -10.13 12.09
CA GLY B 19 -10.67 -11.15 13.11
C GLY B 19 -12.12 -11.26 13.58
N ARG B 20 -12.89 -10.18 13.44
CA ARG B 20 -14.24 -10.11 13.93
C ARG B 20 -15.18 -10.86 12.98
N GLU B 21 -15.14 -10.52 11.68
CA GLU B 21 -15.86 -11.27 10.66
C GLU B 21 -15.07 -11.32 9.35
N GLY B 22 -14.46 -12.47 9.08
CA GLY B 22 -13.71 -12.74 7.87
C GLY B 22 -12.76 -13.89 8.17
N ASP B 23 -12.21 -14.55 7.14
CA ASP B 23 -11.31 -15.69 7.32
C ASP B 23 -9.90 -15.21 7.68
N LYS B 24 -9.79 -14.26 8.62
CA LYS B 24 -8.57 -13.59 9.07
C LYS B 24 -7.90 -12.72 7.99
N HIS B 25 -7.77 -13.22 6.77
CA HIS B 25 -7.08 -12.57 5.68
C HIS B 25 -8.00 -11.62 4.91
N LYS B 26 -9.27 -11.49 5.32
CA LYS B 26 -10.28 -10.80 4.53
C LYS B 26 -11.26 -10.01 5.41
N LEU B 27 -12.00 -9.09 4.80
CA LEU B 27 -12.94 -8.18 5.45
C LEU B 27 -14.35 -8.36 4.88
N LYS B 28 -15.34 -8.73 5.69
CA LYS B 28 -16.74 -8.69 5.26
C LYS B 28 -17.16 -7.25 5.00
N LYS B 29 -18.33 -7.04 4.38
CA LYS B 29 -18.86 -5.70 4.17
C LYS B 29 -19.00 -4.94 5.49
N SER B 30 -19.42 -5.63 6.55
CA SER B 30 -19.55 -5.05 7.88
C SER B 30 -18.20 -4.52 8.34
N GLU B 31 -17.17 -5.38 8.30
CA GLU B 31 -15.86 -5.01 8.78
C GLU B 31 -15.30 -3.88 7.93
N LEU B 32 -15.35 -4.06 6.61
CA LEU B 32 -14.85 -3.12 5.61
C LEU B 32 -15.48 -1.74 5.85
N LYS B 33 -16.81 -1.69 6.01
CA LYS B 33 -17.52 -0.45 6.23
C LYS B 33 -16.94 0.27 7.44
N GLU B 34 -17.01 -0.35 8.62
CA GLU B 34 -16.61 0.35 9.83
C GLU B 34 -15.12 0.69 9.79
N LEU B 35 -14.29 -0.25 9.33
CA LEU B 35 -12.86 -0.06 9.10
C LEU B 35 -12.63 1.21 8.29
N ILE B 36 -13.25 1.36 7.12
CA ILE B 36 -13.03 2.56 6.31
C ILE B 36 -13.55 3.79 7.04
N ASN B 37 -14.83 3.82 7.42
CA ASN B 37 -15.41 5.02 8.03
C ASN B 37 -14.55 5.50 9.20
N ASN B 38 -14.19 4.58 10.08
CA ASN B 38 -13.48 4.91 11.31
C ASN B 38 -12.02 5.23 11.03
N GLU B 39 -11.30 4.32 10.37
CA GLU B 39 -9.86 4.42 10.26
C GLU B 39 -9.38 5.26 9.07
N LEU B 40 -10.25 5.53 8.09
CA LEU B 40 -9.95 6.41 6.96
C LEU B 40 -10.69 7.73 7.10
N SER B 41 -11.34 7.98 8.25
CA SER B 41 -12.22 9.12 8.54
C SER B 41 -11.68 10.45 8.03
N HIS B 42 -10.42 10.73 8.38
CA HIS B 42 -9.77 12.00 8.06
C HIS B 42 -9.71 12.25 6.54
N PHE B 43 -9.81 11.19 5.72
CA PHE B 43 -9.99 11.31 4.28
C PHE B 43 -11.47 11.14 3.94
N LEU B 44 -12.02 9.94 4.17
CA LEU B 44 -13.35 9.58 3.70
C LEU B 44 -14.43 10.03 4.68
N GLU B 45 -15.36 10.84 4.17
CA GLU B 45 -16.58 11.22 4.86
C GLU B 45 -17.43 9.96 5.08
N GLU B 46 -18.46 10.08 5.93
CA GLU B 46 -19.36 8.99 6.25
C GLU B 46 -19.92 8.36 4.97
N ILE B 47 -19.89 7.03 4.93
CA ILE B 47 -20.28 6.24 3.78
C ILE B 47 -21.73 5.77 3.96
N LYS B 48 -22.00 5.09 5.08
CA LYS B 48 -23.35 4.71 5.54
C LYS B 48 -24.02 3.63 4.66
N GLU B 49 -24.29 3.95 3.40
CA GLU B 49 -25.09 3.14 2.50
C GLU B 49 -24.47 1.77 2.26
N GLN B 50 -24.92 0.75 2.99
CA GLN B 50 -24.49 -0.64 2.83
C GLN B 50 -24.50 -1.09 1.36
N GLU B 51 -25.42 -0.56 0.56
CA GLU B 51 -25.46 -0.83 -0.88
C GLU B 51 -24.13 -0.43 -1.51
N VAL B 52 -23.65 0.79 -1.21
CA VAL B 52 -22.39 1.25 -1.73
C VAL B 52 -21.23 0.52 -1.08
N VAL B 53 -21.24 0.32 0.26
CA VAL B 53 -20.12 -0.39 0.88
C VAL B 53 -19.95 -1.77 0.22
N ASP B 54 -21.06 -2.49 0.04
CA ASP B 54 -21.12 -3.74 -0.69
C ASP B 54 -20.55 -3.56 -2.09
N LYS B 55 -21.00 -2.54 -2.83
CA LYS B 55 -20.54 -2.34 -4.20
C LYS B 55 -19.01 -2.13 -4.24
N VAL B 56 -18.47 -1.22 -3.43
CA VAL B 56 -17.04 -0.95 -3.49
C VAL B 56 -16.26 -2.20 -3.08
N MET B 57 -16.63 -2.84 -1.97
CA MET B 57 -15.88 -4.00 -1.51
C MET B 57 -15.98 -5.16 -2.51
N GLU B 58 -17.17 -5.37 -3.11
CA GLU B 58 -17.34 -6.30 -4.21
C GLU B 58 -16.38 -5.96 -5.35
N THR B 59 -16.31 -4.68 -5.73
CA THR B 59 -15.38 -4.19 -6.73
C THR B 59 -13.92 -4.52 -6.34
N LEU B 60 -13.54 -4.43 -5.06
CA LEU B 60 -12.19 -4.82 -4.68
C LEU B 60 -12.01 -6.33 -4.81
N ASP B 61 -12.97 -7.10 -4.27
CA ASP B 61 -12.96 -8.54 -4.06
C ASP B 61 -12.74 -9.37 -5.33
N SER B 62 -11.51 -9.32 -5.87
CA SER B 62 -11.04 -10.18 -6.94
C SER B 62 -11.17 -11.66 -6.56
N ASP B 63 -11.19 -11.97 -5.25
CA ASP B 63 -11.30 -13.33 -4.77
C ASP B 63 -12.70 -13.88 -5.01
N GLY B 64 -13.69 -13.01 -5.30
CA GLY B 64 -15.08 -13.42 -5.48
C GLY B 64 -15.59 -14.21 -4.28
N ASP B 65 -15.14 -13.86 -3.06
CA ASP B 65 -15.49 -14.54 -1.83
C ASP B 65 -16.42 -13.65 -0.99
N GLY B 66 -16.88 -12.54 -1.58
CA GLY B 66 -17.59 -11.50 -0.87
C GLY B 66 -16.58 -10.71 -0.04
N GLU B 67 -16.07 -11.35 1.01
CA GLU B 67 -15.08 -10.76 1.91
C GLU B 67 -13.81 -10.35 1.15
N CYS B 68 -13.42 -9.07 1.28
CA CYS B 68 -12.34 -8.45 0.54
C CYS B 68 -10.99 -8.88 1.12
N ASP B 69 -10.09 -9.48 0.35
CA ASP B 69 -8.83 -9.97 0.91
C ASP B 69 -7.85 -8.82 1.18
N PHE B 70 -6.87 -9.05 2.05
CA PHE B 70 -5.84 -8.08 2.40
C PHE B 70 -5.19 -7.45 1.17
N GLN B 71 -4.88 -8.25 0.14
CA GLN B 71 -4.30 -7.74 -1.10
C GLN B 71 -5.24 -6.71 -1.78
N GLU B 72 -6.54 -7.00 -1.80
CA GLU B 72 -7.55 -6.17 -2.45
C GLU B 72 -7.70 -4.88 -1.65
N PHE B 73 -7.76 -5.04 -0.33
CA PHE B 73 -7.68 -3.91 0.60
C PHE B 73 -6.45 -3.05 0.28
N MET B 74 -5.26 -3.67 0.14
CA MET B 74 -4.04 -2.96 -0.24
C MET B 74 -4.20 -2.25 -1.58
N ALA B 75 -4.84 -2.89 -2.56
CA ALA B 75 -5.13 -2.25 -3.84
C ALA B 75 -5.99 -0.99 -3.66
N PHE B 76 -7.01 -1.06 -2.79
CA PHE B 76 -7.83 0.10 -2.48
C PHE B 76 -6.98 1.19 -1.84
N VAL B 77 -6.24 0.83 -0.80
CA VAL B 77 -5.30 1.73 -0.14
C VAL B 77 -4.37 2.36 -1.19
N ALA B 78 -3.89 1.58 -2.15
CA ALA B 78 -2.99 2.06 -3.18
C ALA B 78 -3.62 3.19 -3.99
N MET B 79 -4.80 2.98 -4.56
CA MET B 79 -5.43 4.04 -5.35
C MET B 79 -5.74 5.27 -4.49
N ILE B 80 -6.27 5.06 -3.28
CA ILE B 80 -6.57 6.15 -2.35
C ILE B 80 -5.31 6.99 -2.11
N THR B 81 -4.25 6.31 -1.66
CA THR B 81 -2.99 6.94 -1.31
C THR B 81 -2.40 7.64 -2.54
N THR B 82 -2.41 7.00 -3.70
CA THR B 82 -1.88 7.60 -4.92
C THR B 82 -2.65 8.87 -5.25
N ALA B 83 -3.99 8.78 -5.32
CA ALA B 83 -4.83 9.94 -5.61
C ALA B 83 -4.51 11.09 -4.63
N CYS B 84 -4.40 10.76 -3.34
CA CYS B 84 -3.99 11.74 -2.35
C CYS B 84 -2.62 12.34 -2.69
N HIS B 85 -1.59 11.50 -2.84
CA HIS B 85 -0.23 11.91 -3.16
C HIS B 85 -0.21 12.89 -4.33
N GLU B 86 -0.91 12.56 -5.42
CA GLU B 86 -1.02 13.44 -6.57
C GLU B 86 -1.46 14.85 -6.15
N PHE B 87 -2.51 14.95 -5.33
CA PHE B 87 -2.95 16.22 -4.76
C PHE B 87 -1.85 16.82 -3.88
N PHE B 88 -1.23 15.99 -3.06
CA PHE B 88 -0.27 16.41 -2.04
C PHE B 88 0.89 17.14 -2.72
N GLU B 89 1.29 16.67 -3.91
CA GLU B 89 2.25 17.42 -4.72
C GLU B 89 1.55 18.61 -5.40
N HIS B 90 0.55 18.37 -6.25
CA HIS B 90 -0.16 19.45 -6.92
C HIS B 90 -1.19 20.05 -5.97
N GLU B 91 -0.70 20.77 -4.96
CA GLU B 91 -1.52 21.28 -3.88
C GLU B 91 -2.43 22.40 -4.39
N LYS C 1 41.68 -18.33 -12.96
CA LYS C 1 40.73 -19.43 -12.68
C LYS C 1 39.57 -18.94 -11.80
N ARG C 2 38.53 -19.76 -11.65
CA ARG C 2 37.38 -19.43 -10.83
C ARG C 2 37.72 -19.61 -9.34
N LEU C 3 38.67 -18.80 -8.85
CA LEU C 3 39.13 -18.82 -7.46
C LEU C 3 38.11 -18.10 -6.57
N ARG C 4 36.88 -18.63 -6.54
CA ARG C 4 35.71 -18.11 -5.85
C ARG C 4 35.22 -16.81 -6.48
N ARG C 5 36.06 -15.76 -6.43
CA ARG C 5 35.93 -14.45 -7.04
C ARG C 5 34.68 -13.64 -6.66
N SER C 6 33.48 -14.18 -6.86
CA SER C 6 32.20 -13.52 -6.74
C SER C 6 31.82 -13.24 -5.27
N ALA C 7 32.58 -12.39 -4.58
CA ALA C 7 32.40 -12.08 -3.16
C ALA C 7 30.98 -11.63 -2.83
N HIS C 8 30.31 -10.96 -3.77
CA HIS C 8 28.92 -10.51 -3.64
C HIS C 8 27.93 -11.66 -3.45
N ALA C 9 28.30 -12.90 -3.79
CA ALA C 9 27.45 -14.07 -3.69
C ALA C 9 26.73 -14.12 -2.34
N ARG C 10 25.40 -14.25 -2.39
CA ARG C 10 24.48 -14.27 -1.26
C ARG C 10 24.38 -12.96 -0.47
N LYS C 11 25.48 -12.24 -0.25
CA LYS C 11 25.44 -10.88 0.30
C LYS C 11 24.47 -10.03 -0.52
N GLU C 12 24.51 -10.16 -1.84
CA GLU C 12 23.55 -9.58 -2.77
C GLU C 12 22.10 -9.76 -2.32
N THR C 13 21.75 -10.92 -1.76
CA THR C 13 20.40 -11.23 -1.32
C THR C 13 20.18 -10.96 0.17
N GLU C 14 21.20 -10.53 0.92
CA GLU C 14 21.14 -10.42 2.38
C GLU C 14 19.89 -9.70 2.84
N PHE C 15 19.58 -8.57 2.21
CA PHE C 15 18.44 -7.74 2.58
C PHE C 15 17.15 -8.55 2.47
N LEU C 16 17.02 -9.34 1.41
CA LEU C 16 15.85 -10.15 1.13
C LEU C 16 15.89 -11.48 1.91
N ARG C 17 17.08 -11.93 2.35
CA ARG C 17 17.22 -13.14 3.16
C ARG C 17 16.29 -13.09 4.38
N LEU C 18 16.02 -11.89 4.91
CA LEU C 18 15.09 -11.66 6.00
C LEU C 18 13.69 -12.25 5.73
N LYS C 19 13.35 -12.57 4.48
CA LYS C 19 12.15 -13.33 4.16
C LYS C 19 12.07 -14.62 4.99
N ARG C 20 13.22 -15.21 5.34
CA ARG C 20 13.28 -16.33 6.28
C ARG C 20 12.48 -15.99 7.54
N THR C 21 12.76 -14.83 8.14
CA THR C 21 12.07 -14.35 9.32
C THR C 21 10.69 -13.79 8.99
N ARG C 22 10.48 -13.29 7.78
CA ARG C 22 9.12 -12.91 7.39
C ARG C 22 8.21 -14.14 7.44
N LEU C 23 8.71 -15.33 7.06
CA LEU C 23 7.96 -16.56 7.27
C LEU C 23 8.03 -16.99 8.73
N GLY C 24 9.21 -16.86 9.35
CA GLY C 24 9.50 -17.36 10.68
C GLY C 24 9.64 -16.23 11.69
N LEU C 25 8.60 -15.41 11.82
CA LEU C 25 8.50 -14.36 12.82
C LEU C 25 8.80 -14.93 14.21
N GLU C 26 8.13 -16.04 14.54
CA GLU C 26 8.32 -16.81 15.76
C GLU C 26 8.33 -15.90 16.99
N LYS D 1 -36.62 18.16 -18.03
CA LYS D 1 -36.84 17.85 -16.61
C LYS D 1 -35.50 17.90 -15.85
N ARG D 2 -35.16 19.06 -15.28
CA ARG D 2 -33.89 19.27 -14.58
C ARG D 2 -33.90 18.65 -13.17
N LEU D 3 -34.38 17.41 -13.04
CA LEU D 3 -34.26 16.64 -11.82
C LEU D 3 -32.79 16.22 -11.68
N ARG D 4 -32.18 16.52 -10.53
CA ARG D 4 -30.75 16.28 -10.26
C ARG D 4 -30.46 14.79 -10.06
N ARG D 5 -30.69 13.99 -11.10
CA ARG D 5 -30.38 12.57 -11.16
C ARG D 5 -28.94 12.37 -11.66
N SER D 6 -28.57 13.12 -12.70
CA SER D 6 -27.27 13.13 -13.33
C SER D 6 -26.14 13.10 -12.29
N ALA D 7 -25.32 12.04 -12.32
CA ALA D 7 -24.23 11.79 -11.39
C ALA D 7 -24.73 11.43 -9.99
N HIS D 8 -25.49 12.33 -9.35
CA HIS D 8 -25.95 12.18 -7.97
C HIS D 8 -26.64 10.83 -7.72
N ALA D 9 -27.40 10.33 -8.71
CA ALA D 9 -28.04 9.02 -8.62
C ALA D 9 -27.03 7.89 -8.41
N ARG D 10 -25.82 8.01 -8.97
CA ARG D 10 -24.73 7.10 -8.72
C ARG D 10 -24.15 7.47 -7.34
N LYS D 11 -24.90 7.15 -6.28
CA LYS D 11 -24.66 7.60 -4.91
C LYS D 11 -23.19 7.52 -4.48
N GLU D 12 -22.50 6.43 -4.83
CA GLU D 12 -21.08 6.26 -4.52
C GLU D 12 -20.22 7.48 -4.86
N THR D 13 -20.57 8.20 -5.94
CA THR D 13 -19.96 9.46 -6.34
C THR D 13 -19.76 10.39 -5.14
N GLU D 14 -20.75 10.48 -4.25
CA GLU D 14 -20.69 11.32 -3.06
C GLU D 14 -19.36 11.12 -2.31
N PHE D 15 -18.92 9.87 -2.18
CA PHE D 15 -17.70 9.53 -1.47
C PHE D 15 -16.51 9.61 -2.42
N LEU D 16 -16.66 9.05 -3.63
CA LEU D 16 -15.59 8.96 -4.61
C LEU D 16 -15.09 10.34 -5.06
N ARG D 17 -15.92 11.39 -4.90
CA ARG D 17 -15.63 12.77 -5.25
C ARG D 17 -14.20 13.16 -4.86
N LEU D 18 -13.83 12.90 -3.61
CA LEU D 18 -12.53 13.32 -3.11
C LEU D 18 -11.39 12.70 -3.91
N LYS D 19 -11.51 11.44 -4.32
CA LYS D 19 -10.47 10.78 -5.09
C LYS D 19 -10.32 11.47 -6.44
N ARG D 20 -11.47 11.62 -7.13
CA ARG D 20 -11.53 12.25 -8.43
C ARG D 20 -10.91 13.64 -8.36
N THR D 21 -11.30 14.43 -7.35
CA THR D 21 -10.78 15.77 -7.15
C THR D 21 -9.26 15.72 -6.92
N ARG D 22 -8.82 14.89 -5.97
CA ARG D 22 -7.42 14.85 -5.57
C ARG D 22 -6.53 14.41 -6.72
N LEU D 23 -6.98 13.48 -7.56
CA LEU D 23 -6.25 13.10 -8.77
C LEU D 23 -6.35 14.22 -9.80
N GLY D 24 -7.53 14.84 -9.90
CA GLY D 24 -7.85 15.90 -10.84
C GLY D 24 -6.87 17.08 -10.76
N LEU D 25 -6.25 17.32 -9.60
CA LEU D 25 -5.29 18.40 -9.46
C LEU D 25 -4.07 18.23 -10.38
N GLU D 26 -3.78 17.02 -10.87
CA GLU D 26 -2.75 16.82 -11.86
C GLU D 26 -3.06 17.62 -13.13
N SER A 1 -9.06 7.91 10.70
CA SER A 1 -8.29 7.90 11.95
C SER A 1 -6.85 7.45 11.72
N GLU A 2 -6.51 6.21 12.11
CA GLU A 2 -5.14 5.74 12.15
C GLU A 2 -4.54 5.64 10.75
N LEU A 3 -5.23 4.94 9.84
CA LEU A 3 -4.69 4.77 8.49
C LEU A 3 -4.38 6.12 7.85
N GLU A 4 -5.20 7.15 8.08
CA GLU A 4 -4.91 8.49 7.58
C GLU A 4 -3.52 8.98 8.04
N LYS A 5 -3.15 8.73 9.30
CA LYS A 5 -1.85 9.14 9.80
C LYS A 5 -0.74 8.42 9.06
N ALA A 6 -0.86 7.08 8.97
CA ALA A 6 0.08 6.26 8.22
C ALA A 6 0.22 6.79 6.78
N VAL A 7 -0.91 7.06 6.14
CA VAL A 7 -0.99 7.57 4.79
C VAL A 7 -0.22 8.89 4.67
N VAL A 8 -0.54 9.92 5.48
CA VAL A 8 0.17 11.19 5.32
C VAL A 8 1.65 11.02 5.65
N ALA A 9 2.00 10.17 6.62
CA ALA A 9 3.39 9.86 6.89
C ALA A 9 4.08 9.32 5.63
N LEU A 10 3.50 8.29 5.00
CA LEU A 10 4.04 7.72 3.76
C LEU A 10 4.21 8.81 2.70
N ILE A 11 3.16 9.60 2.46
CA ILE A 11 3.22 10.68 1.49
C ILE A 11 4.37 11.63 1.80
N ASP A 12 4.45 12.12 3.03
CA ASP A 12 5.45 13.10 3.44
C ASP A 12 6.86 12.54 3.29
N VAL A 13 7.09 11.35 3.86
CA VAL A 13 8.35 10.64 3.76
C VAL A 13 8.74 10.53 2.29
N PHE A 14 7.86 9.96 1.48
CA PHE A 14 8.12 9.79 0.06
C PHE A 14 8.51 11.14 -0.55
N HIS A 15 7.69 12.18 -0.34
CA HIS A 15 7.91 13.50 -0.91
C HIS A 15 9.32 14.00 -0.58
N GLN A 16 9.70 13.89 0.70
CA GLN A 16 11.01 14.34 1.14
C GLN A 16 12.10 13.72 0.27
N TYR A 17 12.07 12.40 0.07
CA TYR A 17 13.08 11.69 -0.70
C TYR A 17 12.95 11.94 -2.21
N SER A 18 11.75 11.82 -2.78
CA SER A 18 11.51 12.02 -4.20
C SER A 18 11.93 13.42 -4.63
N GLY A 19 11.75 14.42 -3.75
CA GLY A 19 12.08 15.79 -4.06
C GLY A 19 13.59 15.95 -4.28
N ARG A 20 14.40 15.07 -3.69
CA ARG A 20 15.84 15.12 -3.80
C ARG A 20 16.25 14.66 -5.19
N GLU A 21 15.80 13.47 -5.60
CA GLU A 21 16.03 12.96 -6.94
C GLU A 21 14.81 12.15 -7.42
N GLY A 22 14.04 12.75 -8.33
CA GLY A 22 12.98 12.09 -9.06
C GLY A 22 11.96 13.12 -9.51
N ASP A 23 11.10 12.77 -10.47
CA ASP A 23 10.10 13.68 -11.02
C ASP A 23 8.90 13.81 -10.07
N LYS A 24 9.16 14.27 -8.84
CA LYS A 24 8.21 14.53 -7.75
C LYS A 24 7.54 13.24 -7.25
N HIS A 25 6.83 12.55 -8.13
CA HIS A 25 6.06 11.36 -7.83
C HIS A 25 6.90 10.09 -7.89
N LYS A 26 8.24 10.21 -7.93
CA LYS A 26 9.12 9.09 -8.22
C LYS A 26 10.36 9.15 -7.32
N LEU A 27 10.86 8.00 -6.86
CA LEU A 27 12.11 7.90 -6.12
C LEU A 27 13.18 7.36 -7.06
N LYS A 28 14.29 8.08 -7.27
CA LYS A 28 15.44 7.52 -7.98
C LYS A 28 16.07 6.40 -7.13
N LYS A 29 16.87 5.52 -7.74
CA LYS A 29 17.45 4.35 -7.06
C LYS A 29 18.18 4.73 -5.78
N SER A 30 18.92 5.83 -5.79
CA SER A 30 19.55 6.40 -4.62
C SER A 30 18.53 6.62 -3.51
N GLU A 31 17.43 7.29 -3.86
CA GLU A 31 16.41 7.71 -2.91
C GLU A 31 15.71 6.48 -2.36
N LEU A 32 15.28 5.61 -3.28
CA LEU A 32 14.59 4.36 -3.00
C LEU A 32 15.44 3.55 -2.02
N LYS A 33 16.73 3.38 -2.35
CA LYS A 33 17.67 2.69 -1.50
C LYS A 33 17.72 3.33 -0.12
N GLU A 34 18.12 4.60 -0.01
CA GLU A 34 18.39 5.16 1.32
C GLU A 34 17.14 5.14 2.19
N LEU A 35 16.01 5.54 1.59
CA LEU A 35 14.73 5.56 2.26
C LEU A 35 14.41 4.17 2.81
N ILE A 36 14.43 3.14 1.96
CA ILE A 36 14.06 1.80 2.41
C ILE A 36 15.06 1.30 3.44
N ASN A 37 16.37 1.42 3.15
CA ASN A 37 17.43 1.00 4.06
C ASN A 37 17.17 1.50 5.47
N ASN A 38 16.88 2.80 5.61
CA ASN A 38 16.71 3.38 6.93
C ASN A 38 15.34 3.05 7.50
N GLU A 39 14.28 3.41 6.78
CA GLU A 39 12.93 3.36 7.33
C GLU A 39 12.25 1.99 7.32
N LEU A 40 12.80 1.01 6.58
CA LEU A 40 12.32 -0.37 6.58
C LEU A 40 13.36 -1.31 7.24
N SER A 41 14.44 -0.74 7.81
CA SER A 41 15.58 -1.46 8.38
C SER A 41 15.18 -2.70 9.19
N HIS A 42 14.15 -2.53 10.02
CA HIS A 42 13.72 -3.54 10.98
C HIS A 42 13.18 -4.79 10.28
N PHE A 43 12.58 -4.63 9.09
CA PHE A 43 12.05 -5.74 8.31
C PHE A 43 13.10 -6.17 7.28
N LEU A 44 13.65 -5.19 6.55
CA LEU A 44 14.47 -5.40 5.38
C LEU A 44 15.90 -4.94 5.66
N GLU A 45 16.86 -5.87 5.58
CA GLU A 45 18.26 -5.63 5.91
C GLU A 45 18.91 -4.66 4.90
N GLU A 46 19.95 -3.95 5.36
CA GLU A 46 20.66 -2.93 4.60
C GLU A 46 21.00 -3.43 3.18
N ILE A 47 20.45 -2.76 2.17
CA ILE A 47 20.48 -3.19 0.79
C ILE A 47 21.74 -2.63 0.15
N LYS A 48 22.90 -2.99 0.73
CA LYS A 48 24.19 -2.41 0.36
C LYS A 48 24.48 -2.53 -1.14
N GLU A 49 24.08 -3.66 -1.73
CA GLU A 49 24.33 -3.97 -3.13
C GLU A 49 23.46 -3.08 -4.03
N GLN A 50 23.97 -1.91 -4.42
CA GLN A 50 23.37 -0.97 -5.38
C GLN A 50 22.64 -1.72 -6.50
N GLU A 51 23.32 -2.68 -7.13
CA GLU A 51 22.79 -3.39 -8.28
C GLU A 51 21.47 -4.09 -7.92
N VAL A 52 21.33 -4.60 -6.69
CA VAL A 52 20.08 -5.19 -6.26
C VAL A 52 19.03 -4.11 -6.04
N VAL A 53 19.38 -2.94 -5.49
CA VAL A 53 18.42 -1.85 -5.37
C VAL A 53 17.85 -1.52 -6.75
N ASP A 54 18.74 -1.34 -7.72
CA ASP A 54 18.38 -1.13 -9.10
C ASP A 54 17.47 -2.26 -9.61
N LYS A 55 17.82 -3.52 -9.35
CA LYS A 55 17.01 -4.65 -9.80
C LYS A 55 15.60 -4.63 -9.20
N VAL A 56 15.48 -4.49 -7.88
CA VAL A 56 14.17 -4.49 -7.23
C VAL A 56 13.36 -3.27 -7.68
N MET A 57 14.01 -2.14 -7.96
CA MET A 57 13.32 -1.03 -8.60
C MET A 57 12.85 -1.46 -9.99
N GLU A 58 13.77 -1.97 -10.81
CA GLU A 58 13.55 -2.26 -12.21
C GLU A 58 12.34 -3.16 -12.38
N THR A 59 12.26 -4.24 -11.61
CA THR A 59 11.16 -5.18 -11.73
C THR A 59 9.80 -4.52 -11.46
N LEU A 60 9.75 -3.42 -10.70
CA LEU A 60 8.51 -2.70 -10.39
C LEU A 60 8.38 -1.42 -11.21
N ASP A 61 9.46 -0.93 -11.83
CA ASP A 61 9.49 0.38 -12.45
C ASP A 61 8.65 0.44 -13.72
N SER A 62 7.33 0.51 -13.55
CA SER A 62 6.33 0.75 -14.59
C SER A 62 6.74 1.87 -15.53
N ASP A 63 7.28 2.96 -14.95
CA ASP A 63 7.68 4.16 -15.66
C ASP A 63 8.95 3.96 -16.48
N GLY A 64 9.71 2.91 -16.14
CA GLY A 64 10.92 2.48 -16.83
C GLY A 64 11.92 3.62 -16.98
N ASP A 65 12.06 4.45 -15.93
CA ASP A 65 12.84 5.68 -15.96
C ASP A 65 14.00 5.63 -14.96
N GLY A 66 14.22 4.48 -14.33
CA GLY A 66 15.23 4.32 -13.30
C GLY A 66 14.87 5.14 -12.05
N GLU A 67 13.57 5.37 -11.86
CA GLU A 67 12.99 5.98 -10.69
C GLU A 67 11.58 5.40 -10.55
N CYS A 68 11.25 4.90 -9.36
CA CYS A 68 10.03 4.13 -9.12
C CYS A 68 8.94 5.09 -8.65
N ASP A 69 7.78 5.04 -9.31
CA ASP A 69 6.67 5.91 -9.00
C ASP A 69 6.07 5.58 -7.62
N PHE A 70 5.39 6.55 -7.02
CA PHE A 70 4.67 6.38 -5.76
C PHE A 70 3.83 5.11 -5.77
N GLN A 71 3.10 4.88 -6.87
CA GLN A 71 2.31 3.66 -7.06
C GLN A 71 3.17 2.40 -6.83
N GLU A 72 4.36 2.35 -7.43
CA GLU A 72 5.22 1.17 -7.38
C GLU A 72 5.80 1.02 -5.98
N PHE A 73 6.24 2.14 -5.39
CA PHE A 73 6.66 2.19 -4.00
C PHE A 73 5.59 1.57 -3.09
N MET A 74 4.35 2.05 -3.20
CA MET A 74 3.30 1.58 -2.33
C MET A 74 2.89 0.14 -2.65
N ALA A 75 2.96 -0.27 -3.92
CA ALA A 75 2.79 -1.67 -4.30
C ALA A 75 3.85 -2.55 -3.63
N PHE A 76 5.10 -2.08 -3.60
CA PHE A 76 6.19 -2.78 -2.92
C PHE A 76 5.83 -2.93 -1.44
N VAL A 77 5.48 -1.81 -0.80
CA VAL A 77 5.01 -1.81 0.58
C VAL A 77 3.89 -2.83 0.75
N ALA A 78 2.93 -2.89 -0.16
CA ALA A 78 1.78 -3.79 -0.05
C ALA A 78 2.23 -5.25 0.08
N MET A 79 3.05 -5.72 -0.85
CA MET A 79 3.47 -7.12 -0.81
C MET A 79 4.37 -7.39 0.38
N ILE A 80 5.28 -6.48 0.70
CA ILE A 80 6.15 -6.61 1.87
C ILE A 80 5.28 -6.79 3.12
N THR A 81 4.34 -5.87 3.31
CA THR A 81 3.44 -5.92 4.45
C THR A 81 2.66 -7.23 4.44
N THR A 82 2.14 -7.66 3.27
CA THR A 82 1.45 -8.95 3.17
C THR A 82 2.34 -10.09 3.66
N ALA A 83 3.58 -10.16 3.17
CA ALA A 83 4.52 -11.21 3.53
C ALA A 83 4.69 -11.29 5.04
N CYS A 84 4.85 -10.14 5.69
CA CYS A 84 4.87 -10.11 7.16
C CYS A 84 3.53 -10.59 7.72
N HIS A 85 2.44 -9.94 7.30
CA HIS A 85 1.06 -10.16 7.74
C HIS A 85 0.72 -11.64 7.84
N GLU A 86 0.97 -12.39 6.75
CA GLU A 86 0.78 -13.84 6.70
C GLU A 86 1.27 -14.51 7.97
N PHE A 87 2.48 -14.14 8.38
CA PHE A 87 3.20 -14.76 9.48
C PHE A 87 3.24 -13.82 10.68
N PHE A 88 2.25 -12.94 10.75
CA PHE A 88 1.91 -12.11 11.89
C PHE A 88 0.59 -12.68 12.42
N GLU A 89 -0.27 -13.13 11.50
CA GLU A 89 -1.43 -13.93 11.83
C GLU A 89 -0.89 -15.25 12.36
N HIS A 90 -0.14 -15.97 11.51
CA HIS A 90 0.57 -17.17 11.95
C HIS A 90 1.88 -16.73 12.58
N GLU A 91 1.80 -16.11 13.77
CA GLU A 91 2.99 -15.70 14.51
C GLU A 91 3.61 -16.92 15.19
N SER B 1 11.44 3.65 10.51
CA SER B 1 10.63 4.47 11.43
C SER B 1 9.18 4.56 10.92
N GLU B 2 8.88 5.60 10.16
CA GLU B 2 7.52 5.91 9.72
C GLU B 2 6.95 4.73 8.95
N LEU B 3 7.69 4.24 7.94
CA LEU B 3 7.23 3.10 7.15
C LEU B 3 6.93 1.91 8.06
N GLU B 4 7.87 1.54 8.93
CA GLU B 4 7.66 0.45 9.90
C GLU B 4 6.39 0.66 10.73
N LYS B 5 6.19 1.86 11.28
CA LYS B 5 5.03 2.13 12.12
C LYS B 5 3.74 1.99 11.30
N ALA B 6 3.68 2.65 10.14
CA ALA B 6 2.59 2.52 9.20
C ALA B 6 2.28 1.05 8.91
N VAL B 7 3.32 0.29 8.56
CA VAL B 7 3.25 -1.13 8.26
C VAL B 7 2.63 -1.90 9.43
N VAL B 8 3.19 -1.81 10.64
CA VAL B 8 2.63 -2.59 11.74
C VAL B 8 1.21 -2.11 12.08
N ALA B 9 0.94 -0.81 11.97
CA ALA B 9 -0.40 -0.27 12.16
C ALA B 9 -1.39 -0.92 11.18
N LEU B 10 -1.05 -0.95 9.89
CA LEU B 10 -1.88 -1.56 8.86
C LEU B 10 -2.18 -3.03 9.21
N ILE B 11 -1.14 -3.81 9.52
CA ILE B 11 -1.34 -5.20 9.92
C ILE B 11 -2.25 -5.27 11.14
N ASP B 12 -1.92 -4.52 12.19
CA ASP B 12 -2.62 -4.59 13.46
C ASP B 12 -4.10 -4.27 13.29
N VAL B 13 -4.40 -3.14 12.65
CA VAL B 13 -5.77 -2.72 12.40
C VAL B 13 -6.45 -3.80 11.56
N PHE B 14 -5.90 -4.09 10.38
CA PHE B 14 -6.60 -4.96 9.45
C PHE B 14 -6.87 -6.31 10.08
N HIS B 15 -5.84 -6.98 10.61
CA HIS B 15 -5.96 -8.37 11.05
C HIS B 15 -7.01 -8.54 12.15
N GLN B 16 -7.28 -7.47 12.90
CA GLN B 16 -8.31 -7.47 13.92
C GLN B 16 -9.67 -7.39 13.23
N TYR B 17 -9.87 -6.43 12.33
CA TYR B 17 -11.16 -6.24 11.65
C TYR B 17 -11.53 -7.48 10.83
N SER B 18 -10.62 -7.95 9.98
CA SER B 18 -10.78 -9.17 9.19
C SER B 18 -11.01 -10.40 10.08
N GLY B 19 -10.61 -10.35 11.35
CA GLY B 19 -10.84 -11.41 12.30
C GLY B 19 -12.32 -11.51 12.68
N ARG B 20 -13.04 -10.38 12.68
CA ARG B 20 -14.39 -10.36 13.22
C ARG B 20 -15.35 -11.10 12.30
N GLU B 21 -15.38 -10.72 11.02
CA GLU B 21 -16.14 -11.41 9.98
C GLU B 21 -15.27 -11.47 8.73
N GLY B 22 -14.75 -12.66 8.44
CA GLY B 22 -13.75 -12.89 7.42
C GLY B 22 -12.92 -14.08 7.89
N ASP B 23 -11.63 -13.86 8.16
CA ASP B 23 -10.67 -14.92 8.49
C ASP B 23 -9.28 -14.34 8.82
N LYS B 24 -9.21 -13.12 9.34
CA LYS B 24 -7.97 -12.35 9.54
C LYS B 24 -7.27 -11.95 8.23
N HIS B 25 -7.39 -12.72 7.15
CA HIS B 25 -6.80 -12.44 5.85
C HIS B 25 -7.67 -11.49 5.01
N LYS B 26 -9.00 -11.52 5.23
CA LYS B 26 -9.97 -10.83 4.38
C LYS B 26 -11.05 -10.13 5.21
N LEU B 27 -11.55 -8.99 4.74
CA LEU B 27 -12.63 -8.23 5.36
C LEU B 27 -13.95 -8.57 4.67
N LYS B 28 -14.97 -9.01 5.40
CA LYS B 28 -16.33 -9.14 4.85
C LYS B 28 -16.94 -7.72 4.73
N LYS B 29 -18.04 -7.56 4.00
CA LYS B 29 -18.63 -6.25 3.66
C LYS B 29 -18.87 -5.38 4.90
N SER B 30 -19.30 -6.00 6.00
CA SER B 30 -19.51 -5.35 7.27
C SER B 30 -18.20 -4.73 7.76
N GLU B 31 -17.14 -5.55 7.77
CA GLU B 31 -15.85 -5.16 8.29
C GLU B 31 -15.23 -4.10 7.39
N LEU B 32 -15.31 -4.33 6.07
CA LEU B 32 -14.84 -3.38 5.07
C LEU B 32 -15.54 -2.04 5.30
N LYS B 33 -16.87 -2.05 5.43
CA LYS B 33 -17.62 -0.84 5.66
C LYS B 33 -17.10 -0.10 6.88
N GLU B 34 -17.09 -0.74 8.06
CA GLU B 34 -16.70 0.00 9.25
C GLU B 34 -15.23 0.41 9.17
N LEU B 35 -14.35 -0.47 8.68
CA LEU B 35 -12.95 -0.19 8.45
C LEU B 35 -12.80 1.11 7.66
N ILE B 36 -13.43 1.23 6.50
CA ILE B 36 -13.24 2.41 5.66
C ILE B 36 -13.73 3.64 6.40
N ASN B 37 -14.96 3.63 6.94
CA ASN B 37 -15.50 4.78 7.66
C ASN B 37 -14.59 5.18 8.82
N ASN B 38 -14.22 4.21 9.67
CA ASN B 38 -13.42 4.42 10.86
C ASN B 38 -12.05 4.99 10.49
N GLU B 39 -11.45 4.48 9.41
CA GLU B 39 -10.06 4.77 9.09
C GLU B 39 -9.90 5.95 8.13
N LEU B 40 -10.85 6.20 7.23
CA LEU B 40 -10.82 7.30 6.27
C LEU B 40 -11.84 8.38 6.65
N SER B 41 -12.04 8.64 7.94
CA SER B 41 -13.10 9.54 8.42
C SER B 41 -13.04 10.97 7.88
N HIS B 42 -11.87 11.40 7.37
CA HIS B 42 -11.71 12.67 6.67
C HIS B 42 -11.60 12.45 5.16
N PHE B 43 -10.77 11.47 4.77
CA PHE B 43 -10.48 11.16 3.38
C PHE B 43 -11.74 10.79 2.58
N LEU B 44 -12.67 10.04 3.17
CA LEU B 44 -13.89 9.60 2.52
C LEU B 44 -15.11 10.02 3.34
N GLU B 45 -16.20 10.42 2.66
CA GLU B 45 -17.46 10.75 3.31
C GLU B 45 -18.11 9.45 3.80
N GLU B 46 -19.00 9.55 4.80
CA GLU B 46 -19.58 8.41 5.48
C GLU B 46 -20.40 7.55 4.53
N ILE B 47 -20.07 6.26 4.45
CA ILE B 47 -20.59 5.34 3.46
C ILE B 47 -21.96 4.81 3.91
N LYS B 48 -22.93 5.72 4.03
CA LYS B 48 -24.28 5.41 4.45
C LYS B 48 -24.92 4.37 3.52
N GLU B 49 -24.69 4.49 2.22
CA GLU B 49 -25.38 3.68 1.22
C GLU B 49 -24.71 2.31 1.18
N GLN B 50 -25.09 1.43 2.11
CA GLN B 50 -24.47 0.12 2.34
C GLN B 50 -24.14 -0.64 1.04
N GLU B 51 -24.99 -0.59 0.01
CA GLU B 51 -24.77 -1.34 -1.22
C GLU B 51 -23.40 -0.96 -1.81
N VAL B 52 -23.01 0.31 -1.69
CA VAL B 52 -21.75 0.78 -2.19
C VAL B 52 -20.58 0.09 -1.51
N VAL B 53 -20.67 -0.32 -0.24
CA VAL B 53 -19.57 -0.99 0.43
C VAL B 53 -19.27 -2.29 -0.33
N ASP B 54 -20.33 -3.06 -0.60
CA ASP B 54 -20.24 -4.26 -1.42
C ASP B 54 -19.68 -3.90 -2.80
N LYS B 55 -20.18 -2.84 -3.44
CA LYS B 55 -19.73 -2.49 -4.78
C LYS B 55 -18.22 -2.21 -4.81
N VAL B 56 -17.74 -1.35 -3.90
CA VAL B 56 -16.33 -0.97 -3.88
C VAL B 56 -15.46 -2.17 -3.49
N MET B 57 -15.93 -3.06 -2.61
CA MET B 57 -15.15 -4.26 -2.32
C MET B 57 -15.11 -5.15 -3.57
N GLU B 58 -16.27 -5.46 -4.15
CA GLU B 58 -16.42 -6.38 -5.26
C GLU B 58 -15.51 -6.01 -6.42
N THR B 59 -15.54 -4.74 -6.81
CA THR B 59 -14.69 -4.31 -7.93
C THR B 59 -13.20 -4.57 -7.69
N LEU B 60 -12.76 -4.69 -6.42
CA LEU B 60 -11.38 -5.00 -6.07
C LEU B 60 -11.22 -6.45 -5.61
N ASP B 61 -12.28 -7.26 -5.60
CA ASP B 61 -12.26 -8.58 -4.99
C ASP B 61 -11.55 -9.59 -5.89
N SER B 62 -10.22 -9.46 -6.01
CA SER B 62 -9.42 -10.40 -6.77
C SER B 62 -9.57 -11.84 -6.26
N ASP B 63 -9.95 -12.00 -4.98
CA ASP B 63 -10.17 -13.31 -4.38
C ASP B 63 -11.47 -13.95 -4.86
N GLY B 64 -12.38 -13.16 -5.47
CA GLY B 64 -13.72 -13.59 -5.84
C GLY B 64 -14.42 -14.33 -4.71
N ASP B 65 -14.23 -13.90 -3.45
CA ASP B 65 -14.72 -14.59 -2.28
C ASP B 65 -15.70 -13.69 -1.52
N GLY B 66 -16.14 -12.58 -2.13
CA GLY B 66 -16.92 -11.56 -1.45
C GLY B 66 -15.99 -10.76 -0.53
N GLU B 67 -15.57 -11.38 0.57
CA GLU B 67 -14.60 -10.78 1.47
C GLU B 67 -13.30 -10.44 0.73
N CYS B 68 -12.78 -9.23 0.97
CA CYS B 68 -11.64 -8.67 0.23
C CYS B 68 -10.37 -8.83 1.04
N ASP B 69 -9.31 -9.35 0.41
CA ASP B 69 -8.07 -9.70 1.09
C ASP B 69 -7.26 -8.47 1.46
N PHE B 70 -6.32 -8.65 2.38
CA PHE B 70 -5.35 -7.63 2.77
C PHE B 70 -4.71 -6.98 1.54
N GLN B 71 -4.36 -7.76 0.52
CA GLN B 71 -3.83 -7.22 -0.74
C GLN B 71 -4.81 -6.22 -1.38
N GLU B 72 -6.10 -6.55 -1.43
CA GLU B 72 -7.09 -5.70 -2.08
C GLU B 72 -7.28 -4.42 -1.25
N PHE B 73 -7.33 -4.58 0.08
CA PHE B 73 -7.29 -3.46 1.00
C PHE B 73 -6.09 -2.55 0.69
N MET B 74 -4.88 -3.12 0.62
CA MET B 74 -3.69 -2.36 0.29
C MET B 74 -3.82 -1.67 -1.07
N ALA B 75 -4.40 -2.35 -2.06
CA ALA B 75 -4.66 -1.75 -3.36
C ALA B 75 -5.57 -0.52 -3.23
N PHE B 76 -6.65 -0.63 -2.43
CA PHE B 76 -7.56 0.49 -2.22
C PHE B 76 -6.81 1.64 -1.56
N VAL B 77 -6.15 1.33 -0.44
CA VAL B 77 -5.35 2.30 0.30
C VAL B 77 -4.32 2.94 -0.64
N ALA B 78 -3.69 2.16 -1.52
CA ALA B 78 -2.71 2.66 -2.47
C ALA B 78 -3.33 3.67 -3.43
N MET B 79 -4.45 3.33 -4.10
CA MET B 79 -5.07 4.29 -5.02
C MET B 79 -5.42 5.59 -4.28
N ILE B 80 -6.00 5.46 -3.08
CA ILE B 80 -6.38 6.60 -2.26
C ILE B 80 -5.13 7.45 -1.96
N THR B 81 -4.09 6.82 -1.43
CA THR B 81 -2.85 7.50 -1.08
C THR B 81 -2.25 8.17 -2.31
N THR B 82 -2.28 7.51 -3.47
CA THR B 82 -1.75 8.07 -4.71
C THR B 82 -2.56 9.32 -5.10
N ALA B 83 -3.89 9.22 -5.09
CA ALA B 83 -4.78 10.33 -5.37
C ALA B 83 -4.48 11.51 -4.43
N CYS B 84 -4.24 11.23 -3.16
CA CYS B 84 -3.86 12.25 -2.19
C CYS B 84 -2.50 12.86 -2.55
N HIS B 85 -1.48 12.01 -2.62
CA HIS B 85 -0.08 12.30 -2.95
C HIS B 85 0.01 13.26 -4.14
N GLU B 86 -0.77 12.98 -5.19
CA GLU B 86 -0.79 13.72 -6.44
C GLU B 86 -0.68 15.22 -6.20
N PHE B 87 -1.40 15.74 -5.18
CA PHE B 87 -1.19 17.11 -4.75
C PHE B 87 -0.46 17.12 -3.40
N PHE B 88 -1.01 16.39 -2.44
CA PHE B 88 -0.65 16.42 -1.03
C PHE B 88 0.81 16.09 -0.74
N GLU B 89 1.60 15.60 -1.71
CA GLU B 89 3.02 15.53 -1.49
C GLU B 89 3.54 16.94 -1.14
N HIS B 90 3.02 17.95 -1.82
CA HIS B 90 3.37 19.34 -1.59
C HIS B 90 2.62 19.82 -0.34
N GLU B 91 3.03 19.34 0.83
CA GLU B 91 2.39 19.72 2.09
C GLU B 91 2.72 21.18 2.43
N LYS C 1 27.95 -24.42 -14.91
CA LYS C 1 27.29 -25.73 -14.79
C LYS C 1 26.38 -25.99 -16.00
N ARG C 2 25.86 -27.20 -16.13
CA ARG C 2 24.87 -27.54 -17.15
C ARG C 2 23.50 -26.97 -16.73
N LEU C 3 23.39 -25.64 -16.75
CA LEU C 3 22.20 -24.92 -16.32
C LEU C 3 21.98 -25.11 -14.82
N ARG C 4 20.79 -24.73 -14.32
CA ARG C 4 20.46 -24.64 -12.90
C ARG C 4 21.23 -23.46 -12.31
N ARG C 5 22.56 -23.57 -12.19
CA ARG C 5 23.46 -22.48 -11.83
C ARG C 5 22.94 -21.67 -10.65
N SER C 6 22.74 -22.34 -9.50
CA SER C 6 22.11 -21.82 -8.30
C SER C 6 22.59 -20.42 -7.87
N ALA C 7 23.86 -20.11 -8.13
CA ALA C 7 24.48 -18.83 -7.80
C ALA C 7 23.92 -17.65 -8.63
N HIS C 8 23.07 -17.90 -9.63
CA HIS C 8 22.42 -16.88 -10.44
C HIS C 8 21.89 -15.72 -9.59
N ALA C 9 22.51 -14.54 -9.72
CA ALA C 9 22.22 -13.33 -8.98
C ALA C 9 22.55 -13.48 -7.49
N ARG C 10 21.76 -14.27 -6.78
CA ARG C 10 21.96 -14.73 -5.39
C ARG C 10 21.86 -13.62 -4.33
N LYS C 11 22.64 -12.55 -4.46
CA LYS C 11 22.83 -11.50 -3.46
C LYS C 11 21.52 -11.04 -2.80
N GLU C 12 20.42 -10.99 -3.56
CA GLU C 12 19.09 -10.66 -3.06
C GLU C 12 18.77 -11.37 -1.73
N THR C 13 19.17 -12.65 -1.63
CA THR C 13 19.00 -13.49 -0.46
C THR C 13 19.39 -12.74 0.82
N GLU C 14 20.48 -11.96 0.78
CA GLU C 14 20.99 -11.25 1.95
C GLU C 14 19.96 -10.31 2.58
N PHE C 15 18.95 -9.88 1.81
CA PHE C 15 17.87 -9.03 2.28
C PHE C 15 16.59 -9.87 2.36
N LEU C 16 16.29 -10.59 1.27
CA LEU C 16 15.11 -11.42 1.13
C LEU C 16 15.05 -12.52 2.21
N ARG C 17 16.14 -12.74 2.95
CA ARG C 17 16.17 -13.56 4.16
C ARG C 17 14.96 -13.23 5.06
N LEU C 18 14.50 -11.97 5.09
CA LEU C 18 13.31 -11.58 5.83
C LEU C 18 12.11 -12.51 5.53
N LYS C 19 11.90 -12.82 4.24
CA LYS C 19 10.79 -13.65 3.80
C LYS C 19 10.98 -15.05 4.37
N ARG C 20 12.17 -15.63 4.19
CA ARG C 20 12.49 -16.95 4.71
C ARG C 20 12.25 -16.98 6.23
N THR C 21 12.67 -15.92 6.92
CA THR C 21 12.53 -15.82 8.37
C THR C 21 11.05 -15.87 8.74
N ARG C 22 10.23 -14.95 8.21
CA ARG C 22 8.81 -14.93 8.55
C ARG C 22 8.13 -16.22 8.11
N LEU C 23 8.50 -16.76 6.95
CA LEU C 23 7.95 -18.00 6.42
C LEU C 23 8.29 -19.16 7.35
N GLY C 24 9.47 -19.11 7.97
CA GLY C 24 9.89 -20.03 9.02
C GLY C 24 8.88 -20.19 10.15
N LEU C 25 8.02 -19.20 10.39
CA LEU C 25 6.98 -19.31 11.41
C LEU C 25 5.89 -20.31 10.98
N GLU C 26 5.72 -20.54 9.67
CA GLU C 26 4.78 -21.49 9.11
C GLU C 26 3.37 -21.32 9.67
N LYS D 1 -25.90 25.33 -19.81
CA LYS D 1 -25.35 26.55 -19.20
C LYS D 1 -24.44 26.20 -18.02
N ARG D 2 -24.98 25.49 -17.02
CA ARG D 2 -24.21 25.01 -15.88
C ARG D 2 -23.51 23.70 -16.25
N LEU D 3 -22.60 23.78 -17.22
CA LEU D 3 -21.76 22.65 -17.59
C LEU D 3 -20.92 22.22 -16.39
N ARG D 4 -20.53 23.19 -15.54
CA ARG D 4 -19.93 22.94 -14.23
C ARG D 4 -20.98 22.42 -13.25
N ARG D 5 -21.61 21.30 -13.58
CA ARG D 5 -22.78 20.77 -12.87
C ARG D 5 -22.50 20.56 -11.38
N SER D 6 -21.26 20.19 -11.03
CA SER D 6 -20.74 20.09 -9.67
C SER D 6 -21.34 18.94 -8.86
N ALA D 7 -22.66 18.88 -8.71
CA ALA D 7 -23.37 17.91 -7.88
C ALA D 7 -23.39 16.51 -8.52
N HIS D 8 -22.21 15.91 -8.66
CA HIS D 8 -22.03 14.56 -9.19
C HIS D 8 -22.32 13.47 -8.15
N ALA D 9 -22.82 13.85 -6.97
CA ALA D 9 -23.00 12.98 -5.82
C ALA D 9 -24.13 11.95 -6.04
N ARG D 10 -23.83 10.92 -6.84
CA ARG D 10 -24.66 9.74 -7.00
C ARG D 10 -24.22 8.75 -5.92
N LYS D 11 -24.87 7.59 -5.82
CA LYS D 11 -24.70 6.66 -4.71
C LYS D 11 -23.25 6.48 -4.27
N GLU D 12 -22.32 6.28 -5.22
CA GLU D 12 -20.91 6.07 -4.93
C GLU D 12 -20.15 7.40 -4.84
N THR D 13 -20.43 8.34 -5.74
CA THR D 13 -19.77 9.63 -5.74
C THR D 13 -20.06 10.42 -4.46
N GLU D 14 -21.15 10.11 -3.75
CA GLU D 14 -21.39 10.64 -2.39
C GLU D 14 -20.16 10.47 -1.49
N PHE D 15 -19.31 9.46 -1.78
CA PHE D 15 -18.06 9.24 -1.05
C PHE D 15 -16.89 9.54 -1.99
N LEU D 16 -16.90 8.94 -3.18
CA LEU D 16 -15.76 9.02 -4.11
C LEU D 16 -15.53 10.45 -4.65
N ARG D 17 -16.49 11.37 -4.49
CA ARG D 17 -16.27 12.79 -4.79
C ARG D 17 -14.98 13.27 -4.13
N LEU D 18 -14.73 12.88 -2.88
CA LEU D 18 -13.53 13.33 -2.18
C LEU D 18 -12.29 12.77 -2.88
N LYS D 19 -12.31 11.50 -3.29
CA LYS D 19 -11.21 10.88 -4.00
C LYS D 19 -10.86 11.68 -5.26
N ARG D 20 -11.85 11.91 -6.13
CA ARG D 20 -11.60 12.68 -7.35
C ARG D 20 -11.22 14.13 -7.03
N THR D 21 -11.75 14.71 -5.94
CA THR D 21 -11.30 16.03 -5.52
C THR D 21 -9.81 16.00 -5.19
N ARG D 22 -9.33 15.09 -4.33
CA ARG D 22 -7.92 15.08 -4.01
C ARG D 22 -7.07 14.78 -5.25
N LEU D 23 -7.56 13.90 -6.14
CA LEU D 23 -6.83 13.55 -7.35
C LEU D 23 -6.68 14.78 -8.25
N GLY D 24 -7.72 15.62 -8.34
CA GLY D 24 -7.72 16.83 -9.15
C GLY D 24 -7.79 18.09 -8.29
N LEU D 25 -7.02 18.15 -7.20
CA LEU D 25 -7.17 19.22 -6.22
C LEU D 25 -6.77 20.57 -6.82
N GLU D 26 -5.61 20.60 -7.47
CA GLU D 26 -5.07 21.78 -8.15
C GLU D 26 -4.01 21.30 -9.13
N SER A 1 -8.44 8.09 10.79
CA SER A 1 -7.57 8.06 11.99
C SER A 1 -6.22 7.40 11.65
N GLU A 2 -6.04 6.15 12.08
CA GLU A 2 -4.77 5.43 11.98
C GLU A 2 -4.36 5.32 10.51
N LEU A 3 -5.28 4.83 9.67
CA LEU A 3 -5.03 4.68 8.25
C LEU A 3 -4.60 6.02 7.66
N GLU A 4 -5.39 7.07 7.90
CA GLU A 4 -5.07 8.41 7.43
C GLU A 4 -3.68 8.85 7.88
N LYS A 5 -3.32 8.60 9.15
CA LYS A 5 -2.02 9.00 9.68
C LYS A 5 -0.92 8.30 8.89
N ALA A 6 -1.02 6.97 8.80
CA ALA A 6 -0.09 6.15 8.02
C ALA A 6 0.05 6.71 6.61
N VAL A 7 -1.08 6.86 5.92
CA VAL A 7 -1.19 7.35 4.56
C VAL A 7 -0.45 8.69 4.42
N VAL A 8 -0.79 9.71 5.22
CA VAL A 8 -0.11 11.00 5.10
C VAL A 8 1.37 10.88 5.42
N ALA A 9 1.77 10.03 6.38
CA ALA A 9 3.18 9.79 6.64
C ALA A 9 3.88 9.26 5.39
N LEU A 10 3.30 8.25 4.73
CA LEU A 10 3.86 7.69 3.50
C LEU A 10 4.05 8.79 2.46
N ILE A 11 3.00 9.58 2.19
CA ILE A 11 3.07 10.69 1.24
C ILE A 11 4.20 11.65 1.64
N ASP A 12 4.18 12.08 2.91
CA ASP A 12 5.09 13.09 3.42
C ASP A 12 6.53 12.66 3.23
N VAL A 13 6.87 11.47 3.73
CA VAL A 13 8.24 10.98 3.68
C VAL A 13 8.63 10.74 2.22
N PHE A 14 7.78 10.01 1.48
CA PHE A 14 8.08 9.66 0.10
C PHE A 14 8.44 10.89 -0.72
N HIS A 15 7.57 11.91 -0.71
CA HIS A 15 7.76 13.00 -1.64
C HIS A 15 8.99 13.82 -1.28
N GLN A 16 9.26 14.00 0.02
CA GLN A 16 10.47 14.67 0.44
C GLN A 16 11.69 13.90 -0.08
N TYR A 17 11.77 12.59 0.16
CA TYR A 17 12.91 11.78 -0.29
C TYR A 17 13.04 11.90 -1.81
N SER A 18 11.95 11.68 -2.53
CA SER A 18 11.81 11.86 -3.97
C SER A 18 12.25 13.24 -4.46
N GLY A 19 12.23 14.26 -3.60
CA GLY A 19 12.66 15.60 -3.95
C GLY A 19 14.19 15.71 -3.95
N ARG A 20 14.88 14.86 -3.18
CA ARG A 20 16.31 14.99 -2.97
C ARG A 20 17.07 14.44 -4.18
N GLU A 21 16.79 13.19 -4.56
CA GLU A 21 17.27 12.60 -5.80
C GLU A 21 16.14 11.73 -6.36
N GLY A 22 15.48 12.21 -7.41
CA GLY A 22 14.27 11.62 -7.92
C GLY A 22 13.55 12.71 -8.69
N ASP A 23 12.22 12.73 -8.65
CA ASP A 23 11.44 13.77 -9.30
C ASP A 23 10.15 14.05 -8.53
N LYS A 24 10.22 14.04 -7.18
CA LYS A 24 9.11 14.36 -6.27
C LYS A 24 8.03 13.27 -6.26
N HIS A 25 7.51 12.91 -7.43
CA HIS A 25 6.63 11.79 -7.66
C HIS A 25 7.40 10.47 -7.72
N LYS A 26 8.73 10.52 -7.84
CA LYS A 26 9.57 9.35 -8.07
C LYS A 26 10.87 9.42 -7.27
N LEU A 27 11.36 8.25 -6.82
CA LEU A 27 12.59 8.08 -6.06
C LEU A 27 13.69 7.60 -7.00
N LYS A 28 14.89 8.18 -6.94
CA LYS A 28 16.04 7.62 -7.63
C LYS A 28 16.61 6.47 -6.79
N LYS A 29 17.51 5.66 -7.36
CA LYS A 29 18.02 4.43 -6.74
C LYS A 29 18.56 4.69 -5.32
N SER A 30 19.27 5.80 -5.15
CA SER A 30 19.81 6.20 -3.87
C SER A 30 18.68 6.39 -2.85
N GLU A 31 17.67 7.19 -3.23
CA GLU A 31 16.55 7.49 -2.34
C GLU A 31 15.78 6.22 -2.05
N LEU A 32 15.51 5.42 -3.08
CA LEU A 32 14.82 4.15 -2.97
C LEU A 32 15.53 3.28 -1.94
N LYS A 33 16.84 3.07 -2.10
CA LYS A 33 17.54 2.15 -1.21
C LYS A 33 17.57 2.65 0.23
N GLU A 34 17.88 3.94 0.45
CA GLU A 34 17.97 4.44 1.81
C GLU A 34 16.59 4.47 2.45
N LEU A 35 15.59 4.86 1.67
CA LEU A 35 14.21 4.83 2.11
C LEU A 35 13.89 3.41 2.57
N ILE A 36 14.12 2.38 1.74
CA ILE A 36 13.87 1.00 2.15
C ILE A 36 14.63 0.67 3.44
N ASN A 37 15.95 0.93 3.49
CA ASN A 37 16.74 0.71 4.69
C ASN A 37 16.06 1.31 5.92
N ASN A 38 15.51 2.53 5.78
CA ASN A 38 14.88 3.20 6.89
C ASN A 38 13.54 2.52 7.24
N GLU A 39 12.65 2.38 6.25
CA GLU A 39 11.29 1.92 6.50
C GLU A 39 11.23 0.44 6.88
N LEU A 40 12.16 -0.39 6.40
CA LEU A 40 12.25 -1.80 6.77
C LEU A 40 13.40 -2.03 7.77
N SER A 41 13.90 -0.99 8.43
CA SER A 41 15.08 -1.07 9.30
C SER A 41 15.09 -2.28 10.25
N HIS A 42 13.93 -2.60 10.82
CA HIS A 42 13.76 -3.68 11.79
C HIS A 42 13.12 -4.92 11.15
N PHE A 43 12.64 -4.80 9.90
CA PHE A 43 11.97 -5.87 9.17
C PHE A 43 12.97 -6.66 8.32
N LEU A 44 13.92 -5.96 7.70
CA LEU A 44 14.81 -6.49 6.68
C LEU A 44 16.25 -6.17 7.05
N GLU A 45 17.19 -7.03 6.64
CA GLU A 45 18.61 -6.70 6.73
C GLU A 45 18.89 -5.50 5.83
N GLU A 46 19.91 -4.72 6.18
CA GLU A 46 20.28 -3.53 5.44
C GLU A 46 20.61 -3.85 3.97
N ILE A 47 20.57 -2.81 3.15
CA ILE A 47 20.77 -2.90 1.71
C ILE A 47 21.85 -1.89 1.33
N LYS A 48 22.92 -2.38 0.70
CA LYS A 48 24.10 -1.60 0.29
C LYS A 48 24.53 -1.93 -1.15
N GLU A 49 24.24 -3.14 -1.64
CA GLU A 49 24.65 -3.61 -2.95
C GLU A 49 23.93 -2.82 -4.05
N GLN A 50 24.48 -1.68 -4.46
CA GLN A 50 23.90 -0.76 -5.44
C GLN A 50 23.32 -1.48 -6.66
N GLU A 51 23.99 -2.53 -7.14
CA GLU A 51 23.50 -3.33 -8.27
C GLU A 51 22.13 -3.92 -7.94
N VAL A 52 21.99 -4.48 -6.74
CA VAL A 52 20.73 -5.06 -6.30
C VAL A 52 19.71 -3.95 -6.05
N VAL A 53 20.12 -2.82 -5.45
CA VAL A 53 19.17 -1.73 -5.25
C VAL A 53 18.57 -1.29 -6.59
N ASP A 54 19.45 -1.11 -7.59
CA ASP A 54 19.04 -0.85 -8.96
C ASP A 54 18.08 -1.95 -9.45
N LYS A 55 18.43 -3.22 -9.22
CA LYS A 55 17.61 -4.33 -9.67
C LYS A 55 16.20 -4.30 -9.06
N VAL A 56 16.08 -4.12 -7.74
CA VAL A 56 14.76 -4.05 -7.13
C VAL A 56 14.02 -2.81 -7.66
N MET A 57 14.71 -1.68 -7.83
CA MET A 57 14.10 -0.53 -8.48
C MET A 57 13.53 -0.95 -9.85
N GLU A 58 14.34 -1.59 -10.70
CA GLU A 58 13.90 -2.07 -12.01
C GLU A 58 12.65 -2.95 -11.87
N THR A 59 12.71 -3.88 -10.92
CA THR A 59 11.62 -4.82 -10.64
C THR A 59 10.33 -4.07 -10.32
N LEU A 60 10.40 -2.98 -9.54
CA LEU A 60 9.22 -2.21 -9.16
C LEU A 60 8.80 -1.21 -10.23
N ASP A 61 9.78 -0.71 -11.00
CA ASP A 61 9.67 0.40 -11.94
C ASP A 61 8.72 0.14 -13.11
N SER A 62 7.42 0.08 -12.83
CA SER A 62 6.38 -0.01 -13.85
C SER A 62 6.43 1.19 -14.82
N ASP A 63 7.02 2.31 -14.39
CA ASP A 63 7.16 3.49 -15.24
C ASP A 63 8.22 3.28 -16.32
N GLY A 64 9.09 2.26 -16.18
CA GLY A 64 10.22 2.06 -17.07
C GLY A 64 11.06 3.33 -17.23
N ASP A 65 11.19 4.12 -16.16
CA ASP A 65 11.86 5.42 -16.15
C ASP A 65 13.07 5.39 -15.22
N GLY A 66 13.44 4.19 -14.74
CA GLY A 66 14.42 4.04 -13.67
C GLY A 66 13.76 4.46 -12.37
N GLU A 67 13.58 5.78 -12.22
CA GLU A 67 13.05 6.39 -11.01
C GLU A 67 11.68 5.76 -10.68
N CYS A 68 11.53 5.30 -9.44
CA CYS A 68 10.38 4.48 -9.02
C CYS A 68 9.31 5.41 -8.48
N ASP A 69 8.10 5.40 -9.07
CA ASP A 69 7.07 6.34 -8.67
C ASP A 69 6.41 5.94 -7.37
N PHE A 70 5.62 6.86 -6.81
CA PHE A 70 4.89 6.66 -5.57
C PHE A 70 4.18 5.29 -5.58
N GLN A 71 3.46 4.98 -6.66
CA GLN A 71 2.77 3.71 -6.80
C GLN A 71 3.71 2.51 -6.64
N GLU A 72 4.94 2.59 -7.19
CA GLU A 72 5.89 1.49 -7.15
C GLU A 72 6.43 1.30 -5.74
N PHE A 73 6.75 2.43 -5.08
CA PHE A 73 7.07 2.42 -3.66
C PHE A 73 5.92 1.73 -2.90
N MET A 74 4.68 2.16 -3.16
CA MET A 74 3.51 1.59 -2.52
C MET A 74 3.40 0.08 -2.80
N ALA A 75 3.71 -0.35 -4.02
CA ALA A 75 3.71 -1.76 -4.37
C ALA A 75 4.71 -2.54 -3.49
N PHE A 76 5.91 -1.99 -3.30
CA PHE A 76 6.91 -2.63 -2.44
C PHE A 76 6.36 -2.74 -1.01
N VAL A 77 5.87 -1.60 -0.49
CA VAL A 77 5.22 -1.57 0.81
C VAL A 77 4.13 -2.64 0.89
N ALA A 78 3.29 -2.76 -0.15
CA ALA A 78 2.20 -3.71 -0.16
C ALA A 78 2.71 -5.14 0.01
N MET A 79 3.67 -5.58 -0.82
CA MET A 79 4.17 -6.94 -0.72
C MET A 79 4.78 -7.18 0.67
N ILE A 80 5.63 -6.26 1.14
CA ILE A 80 6.35 -6.42 2.39
C ILE A 80 5.35 -6.51 3.55
N THR A 81 4.44 -5.54 3.63
CA THR A 81 3.47 -5.48 4.70
C THR A 81 2.60 -6.73 4.67
N THR A 82 2.17 -7.17 3.48
CA THR A 82 1.40 -8.41 3.35
C THR A 82 2.19 -9.62 3.86
N ALA A 83 3.46 -9.73 3.44
CA ALA A 83 4.32 -10.81 3.91
C ALA A 83 4.42 -10.80 5.43
N CYS A 84 4.66 -9.61 6.00
CA CYS A 84 4.74 -9.44 7.44
C CYS A 84 3.41 -9.83 8.12
N HIS A 85 2.29 -9.39 7.55
CA HIS A 85 0.94 -9.72 8.02
C HIS A 85 0.78 -11.24 8.11
N GLU A 86 1.01 -11.95 7.00
CA GLU A 86 1.01 -13.40 7.00
C GLU A 86 1.96 -13.95 8.07
N PHE A 87 3.17 -13.39 8.16
CA PHE A 87 4.18 -13.87 9.10
C PHE A 87 3.65 -13.81 10.54
N PHE A 88 3.03 -12.69 10.92
CA PHE A 88 2.43 -12.54 12.24
C PHE A 88 1.35 -13.59 12.47
N GLU A 89 0.55 -13.89 11.44
CA GLU A 89 -0.59 -14.76 11.61
C GLU A 89 -0.16 -16.22 11.70
N HIS A 90 0.52 -16.72 10.67
CA HIS A 90 0.91 -18.11 10.58
C HIS A 90 2.15 -18.35 11.44
N GLU A 91 1.99 -18.34 12.76
CA GLU A 91 3.10 -18.42 13.70
C GLU A 91 3.99 -19.64 13.43
N SER B 1 11.58 3.01 11.28
CA SER B 1 11.27 4.45 11.25
C SER B 1 9.76 4.68 11.16
N GLU B 2 9.34 5.93 10.92
CA GLU B 2 7.95 6.34 10.89
C GLU B 2 7.14 5.43 9.98
N LEU B 3 7.63 5.20 8.76
CA LEU B 3 6.98 4.33 7.81
C LEU B 3 6.85 2.89 8.35
N GLU B 4 7.83 2.42 9.11
CA GLU B 4 7.77 1.11 9.74
C GLU B 4 6.65 1.11 10.79
N LYS B 5 6.57 2.19 11.57
CA LYS B 5 5.53 2.37 12.58
C LYS B 5 4.16 2.29 11.90
N ALA B 6 3.99 3.08 10.83
CA ALA B 6 2.81 3.08 10.00
C ALA B 6 2.48 1.67 9.52
N VAL B 7 3.46 0.97 8.96
CA VAL B 7 3.33 -0.40 8.50
C VAL B 7 2.77 -1.31 9.61
N VAL B 8 3.41 -1.36 10.78
CA VAL B 8 2.88 -2.22 11.85
C VAL B 8 1.50 -1.74 12.29
N ALA B 9 1.25 -0.42 12.32
CA ALA B 9 -0.06 0.11 12.65
C ALA B 9 -1.12 -0.42 11.69
N LEU B 10 -0.88 -0.41 10.37
CA LEU B 10 -1.81 -0.97 9.39
C LEU B 10 -2.10 -2.44 9.72
N ILE B 11 -1.05 -3.24 9.95
CA ILE B 11 -1.21 -4.66 10.27
C ILE B 11 -2.10 -4.82 11.51
N ASP B 12 -1.75 -4.10 12.58
CA ASP B 12 -2.43 -4.18 13.86
C ASP B 12 -3.91 -3.77 13.74
N VAL B 13 -4.15 -2.58 13.16
CA VAL B 13 -5.49 -2.09 12.90
C VAL B 13 -6.28 -3.15 12.16
N PHE B 14 -5.75 -3.61 11.03
CA PHE B 14 -6.42 -4.62 10.25
C PHE B 14 -6.80 -5.82 11.11
N HIS B 15 -5.85 -6.35 11.89
CA HIS B 15 -6.12 -7.50 12.77
C HIS B 15 -7.33 -7.25 13.67
N GLN B 16 -7.45 -6.06 14.28
CA GLN B 16 -8.62 -5.75 15.09
C GLN B 16 -9.92 -5.95 14.29
N TYR B 17 -10.02 -5.39 13.08
CA TYR B 17 -11.25 -5.48 12.29
C TYR B 17 -11.47 -6.89 11.71
N SER B 18 -10.44 -7.48 11.13
CA SER B 18 -10.53 -8.80 10.49
C SER B 18 -10.83 -9.89 11.52
N GLY B 19 -10.44 -9.68 12.78
CA GLY B 19 -10.76 -10.61 13.85
C GLY B 19 -12.27 -10.70 14.09
N ARG B 20 -13.03 -9.67 13.75
CA ARG B 20 -14.43 -9.58 14.14
C ARG B 20 -15.31 -10.46 13.25
N GLU B 21 -15.23 -10.28 11.93
CA GLU B 21 -15.99 -11.10 10.99
C GLU B 21 -15.16 -11.40 9.75
N GLY B 22 -15.23 -12.66 9.29
CA GLY B 22 -14.43 -13.19 8.20
C GLY B 22 -13.37 -14.10 8.82
N ASP B 23 -12.11 -13.68 8.76
CA ASP B 23 -11.01 -14.31 9.45
C ASP B 23 -9.87 -13.28 9.47
N LYS B 24 -8.85 -13.49 10.29
CA LYS B 24 -7.80 -12.50 10.50
C LYS B 24 -7.14 -11.98 9.21
N HIS B 25 -7.12 -12.76 8.13
CA HIS B 25 -6.49 -12.33 6.88
C HIS B 25 -7.41 -11.46 6.02
N LYS B 26 -8.72 -11.37 6.33
CA LYS B 26 -9.70 -10.75 5.43
C LYS B 26 -10.70 -9.84 6.18
N LEU B 27 -11.38 -8.95 5.45
CA LEU B 27 -12.46 -8.12 5.95
C LEU B 27 -13.74 -8.42 5.17
N LYS B 28 -14.86 -8.65 5.88
CA LYS B 28 -16.18 -8.72 5.28
C LYS B 28 -16.63 -7.31 4.90
N LYS B 29 -17.73 -7.19 4.13
CA LYS B 29 -18.32 -5.89 3.82
C LYS B 29 -18.62 -5.11 5.09
N SER B 30 -19.11 -5.76 6.14
CA SER B 30 -19.40 -5.11 7.41
C SER B 30 -18.14 -4.47 7.97
N GLU B 31 -17.07 -5.27 8.08
CA GLU B 31 -15.83 -4.82 8.71
C GLU B 31 -15.18 -3.73 7.86
N LEU B 32 -15.09 -3.98 6.56
CA LEU B 32 -14.54 -3.06 5.57
C LEU B 32 -15.34 -1.74 5.58
N LYS B 33 -16.66 -1.80 5.62
CA LYS B 33 -17.54 -0.65 5.71
C LYS B 33 -17.18 0.20 6.92
N GLU B 34 -17.25 -0.37 8.14
CA GLU B 34 -17.00 0.45 9.32
C GLU B 34 -15.56 0.96 9.33
N LEU B 35 -14.59 0.11 8.95
CA LEU B 35 -13.19 0.47 8.81
C LEU B 35 -13.08 1.75 7.96
N ILE B 36 -13.65 1.75 6.75
CA ILE B 36 -13.58 2.91 5.87
C ILE B 36 -14.29 4.11 6.49
N ASN B 37 -15.57 3.94 6.82
CA ASN B 37 -16.39 4.99 7.42
C ASN B 37 -15.66 5.69 8.56
N ASN B 38 -15.04 4.90 9.45
CA ASN B 38 -14.45 5.40 10.67
C ASN B 38 -13.06 5.96 10.43
N GLU B 39 -12.16 5.13 9.89
CA GLU B 39 -10.74 5.45 9.83
C GLU B 39 -10.28 6.05 8.51
N LEU B 40 -11.14 6.08 7.48
CA LEU B 40 -10.84 6.74 6.21
C LEU B 40 -11.82 7.91 5.98
N SER B 41 -12.56 8.29 7.03
CA SER B 41 -13.60 9.32 7.07
C SER B 41 -13.26 10.60 6.31
N HIS B 42 -12.00 11.00 6.35
CA HIS B 42 -11.55 12.27 5.80
C HIS B 42 -11.24 12.15 4.31
N PHE B 43 -10.86 10.95 3.86
CA PHE B 43 -10.51 10.67 2.46
C PHE B 43 -11.74 10.19 1.70
N LEU B 44 -12.55 9.33 2.33
CA LEU B 44 -13.83 8.86 1.81
C LEU B 44 -14.94 9.33 2.74
N GLU B 45 -15.97 9.92 2.13
CA GLU B 45 -17.21 10.29 2.79
C GLU B 45 -17.88 9.02 3.35
N GLU B 46 -18.81 9.18 4.30
CA GLU B 46 -19.58 8.12 4.90
C GLU B 46 -20.20 7.21 3.84
N ILE B 47 -20.20 5.91 4.13
CA ILE B 47 -20.66 4.84 3.26
C ILE B 47 -21.66 4.02 4.05
N LYS B 48 -22.92 4.47 4.02
CA LYS B 48 -24.07 3.76 4.56
C LYS B 48 -24.60 2.77 3.52
N GLU B 49 -24.41 3.08 2.24
CA GLU B 49 -24.93 2.31 1.12
C GLU B 49 -24.17 0.99 0.99
N GLN B 50 -24.60 -0.03 1.75
CA GLN B 50 -24.01 -1.36 1.78
C GLN B 50 -23.69 -1.89 0.37
N GLU B 51 -24.56 -1.62 -0.60
CA GLU B 51 -24.39 -2.04 -1.98
C GLU B 51 -23.08 -1.46 -2.55
N VAL B 52 -22.79 -0.20 -2.25
CA VAL B 52 -21.64 0.50 -2.82
C VAL B 52 -20.36 0.01 -2.17
N VAL B 53 -20.34 -0.10 -0.82
CA VAL B 53 -19.19 -0.70 -0.15
C VAL B 53 -18.94 -2.11 -0.70
N ASP B 54 -20.00 -2.90 -0.81
CA ASP B 54 -19.90 -4.23 -1.41
C ASP B 54 -19.30 -4.15 -2.81
N LYS B 55 -19.75 -3.21 -3.64
CA LYS B 55 -19.21 -3.06 -4.99
C LYS B 55 -17.71 -2.76 -4.96
N VAL B 56 -17.27 -1.77 -4.17
CA VAL B 56 -15.85 -1.41 -4.16
C VAL B 56 -15.00 -2.54 -3.58
N MET B 57 -15.52 -3.29 -2.60
CA MET B 57 -14.77 -4.46 -2.14
C MET B 57 -14.70 -5.49 -3.26
N GLU B 58 -15.84 -5.84 -3.86
CA GLU B 58 -15.96 -6.83 -4.92
C GLU B 58 -15.00 -6.50 -6.07
N THR B 59 -14.93 -5.21 -6.40
CA THR B 59 -14.06 -4.66 -7.43
C THR B 59 -12.60 -5.09 -7.18
N LEU B 60 -12.17 -5.19 -5.92
CA LEU B 60 -10.83 -5.61 -5.55
C LEU B 60 -10.77 -7.04 -5.03
N ASP B 61 -11.88 -7.79 -5.05
CA ASP B 61 -11.97 -9.09 -4.39
C ASP B 61 -11.28 -10.17 -5.23
N SER B 62 -9.95 -10.13 -5.28
CA SER B 62 -9.12 -11.14 -5.94
C SER B 62 -9.48 -12.55 -5.48
N ASP B 63 -9.86 -12.67 -4.21
CA ASP B 63 -10.18 -13.95 -3.58
C ASP B 63 -11.50 -14.52 -4.09
N GLY B 64 -12.34 -13.70 -4.74
CA GLY B 64 -13.68 -14.07 -5.15
C GLY B 64 -14.48 -14.68 -4.00
N ASP B 65 -14.26 -14.19 -2.77
CA ASP B 65 -14.79 -14.77 -1.54
C ASP B 65 -15.72 -13.77 -0.85
N GLY B 66 -16.07 -12.68 -1.54
CA GLY B 66 -16.77 -11.55 -0.95
C GLY B 66 -15.81 -10.77 -0.06
N GLU B 67 -15.46 -11.37 1.08
CA GLU B 67 -14.52 -10.78 2.02
C GLU B 67 -13.15 -10.60 1.37
N CYS B 68 -12.56 -9.42 1.54
CA CYS B 68 -11.35 -9.00 0.82
C CYS B 68 -10.13 -9.21 1.70
N ASP B 69 -9.04 -9.73 1.11
CA ASP B 69 -7.84 -10.09 1.83
C ASP B 69 -7.02 -8.85 2.16
N PHE B 70 -6.13 -8.97 3.15
CA PHE B 70 -5.19 -7.92 3.49
C PHE B 70 -4.49 -7.36 2.26
N GLN B 71 -4.09 -8.22 1.32
CA GLN B 71 -3.46 -7.82 0.08
C GLN B 71 -4.36 -6.85 -0.72
N GLU B 72 -5.66 -7.10 -0.73
CA GLU B 72 -6.60 -6.27 -1.47
C GLU B 72 -6.89 -4.98 -0.70
N PHE B 73 -6.98 -5.07 0.62
CA PHE B 73 -7.01 -3.89 1.47
C PHE B 73 -5.80 -3.01 1.16
N MET B 74 -4.60 -3.58 1.09
CA MET B 74 -3.39 -2.89 0.67
C MET B 74 -3.55 -2.26 -0.71
N ALA B 75 -4.08 -3.02 -1.67
CA ALA B 75 -4.35 -2.49 -3.01
C ALA B 75 -5.27 -1.26 -2.95
N PHE B 76 -6.31 -1.32 -2.12
CA PHE B 76 -7.23 -0.21 -1.97
C PHE B 76 -6.50 0.99 -1.37
N VAL B 77 -5.83 0.76 -0.24
CA VAL B 77 -5.03 1.78 0.42
C VAL B 77 -4.00 2.37 -0.58
N ALA B 78 -3.43 1.54 -1.45
CA ALA B 78 -2.47 1.97 -2.46
C ALA B 78 -3.10 2.98 -3.42
N MET B 79 -4.24 2.63 -4.04
CA MET B 79 -4.90 3.57 -4.94
C MET B 79 -5.23 4.87 -4.20
N ILE B 80 -5.74 4.76 -2.98
CA ILE B 80 -6.14 5.92 -2.20
C ILE B 80 -4.94 6.82 -1.94
N THR B 81 -3.85 6.26 -1.43
CA THR B 81 -2.66 7.04 -1.10
C THR B 81 -2.08 7.66 -2.38
N THR B 82 -1.94 6.87 -3.45
CA THR B 82 -1.44 7.37 -4.72
C THR B 82 -2.30 8.53 -5.20
N ALA B 83 -3.62 8.33 -5.24
CA ALA B 83 -4.56 9.35 -5.67
C ALA B 83 -4.40 10.61 -4.83
N CYS B 84 -4.34 10.48 -3.50
CA CYS B 84 -4.16 11.65 -2.64
C CYS B 84 -2.82 12.36 -2.93
N HIS B 85 -1.73 11.61 -3.02
CA HIS B 85 -0.42 12.16 -3.38
C HIS B 85 -0.53 12.96 -4.68
N GLU B 86 -1.10 12.35 -5.72
CA GLU B 86 -1.31 13.03 -6.97
C GLU B 86 -2.12 14.31 -6.75
N PHE B 87 -3.25 14.23 -6.05
CA PHE B 87 -4.12 15.41 -5.94
C PHE B 87 -3.57 16.41 -4.93
N PHE B 88 -2.53 16.05 -4.18
CA PHE B 88 -1.83 16.94 -3.26
C PHE B 88 -0.66 17.64 -3.98
N GLU B 89 0.00 16.93 -4.90
CA GLU B 89 1.26 17.39 -5.51
C GLU B 89 1.29 17.28 -7.03
N HIS B 90 0.91 16.12 -7.57
CA HIS B 90 1.09 15.76 -8.97
C HIS B 90 -0.25 15.39 -9.60
N GLU B 91 -1.09 16.42 -9.83
CA GLU B 91 -2.47 16.34 -10.30
C GLU B 91 -2.84 15.04 -11.02
N LYS C 1 36.09 -22.07 -18.29
CA LYS C 1 36.72 -21.65 -17.03
C LYS C 1 37.37 -20.27 -17.17
N ARG C 2 38.38 -20.15 -18.03
CA ARG C 2 39.01 -18.87 -18.31
C ARG C 2 37.98 -17.91 -18.91
N LEU C 3 38.02 -16.63 -18.55
CA LEU C 3 37.13 -15.57 -19.01
C LEU C 3 35.74 -15.67 -18.40
N ARG C 4 35.14 -16.86 -18.39
CA ARG C 4 33.82 -17.15 -17.81
C ARG C 4 33.88 -17.11 -16.28
N ARG C 5 34.21 -15.95 -15.72
CA ARG C 5 34.34 -15.73 -14.29
C ARG C 5 32.95 -15.49 -13.69
N SER C 6 32.03 -16.42 -13.93
CA SER C 6 30.62 -16.28 -13.63
C SER C 6 30.33 -16.52 -12.15
N ALA C 7 30.99 -15.76 -11.27
CA ALA C 7 30.84 -15.86 -9.82
C ALA C 7 29.52 -15.18 -9.42
N HIS C 8 28.39 -15.72 -9.87
CA HIS C 8 27.07 -15.17 -9.62
C HIS C 8 26.62 -15.48 -8.19
N ALA C 9 27.34 -14.96 -7.20
CA ALA C 9 26.93 -15.05 -5.81
C ALA C 9 25.58 -14.34 -5.66
N ARG C 10 24.55 -15.05 -5.22
CA ARG C 10 23.21 -14.48 -5.08
C ARG C 10 23.10 -13.70 -3.78
N LYS C 11 24.00 -12.74 -3.59
CA LYS C 11 24.18 -12.00 -2.34
C LYS C 11 22.88 -11.37 -1.84
N GLU C 12 22.00 -10.95 -2.75
CA GLU C 12 20.67 -10.43 -2.45
C GLU C 12 19.88 -11.31 -1.47
N THR C 13 20.15 -12.62 -1.46
CA THR C 13 19.67 -13.57 -0.47
C THR C 13 19.75 -13.00 0.95
N GLU C 14 20.79 -12.23 1.27
CA GLU C 14 21.02 -11.68 2.60
C GLU C 14 19.74 -11.04 3.16
N PHE C 15 18.97 -10.32 2.33
CA PHE C 15 17.64 -9.83 2.69
C PHE C 15 16.53 -10.66 2.01
N LEU C 16 16.62 -10.93 0.71
CA LEU C 16 15.52 -11.60 -0.01
C LEU C 16 15.20 -12.99 0.54
N ARG C 17 16.11 -13.64 1.26
CA ARG C 17 15.81 -14.87 2.00
C ARG C 17 14.52 -14.72 2.80
N LEU C 18 14.32 -13.56 3.44
CA LEU C 18 13.13 -13.32 4.23
C LEU C 18 11.88 -13.37 3.35
N LYS C 19 11.93 -12.69 2.19
CA LYS C 19 10.83 -12.71 1.24
C LYS C 19 10.56 -14.15 0.78
N ARG C 20 11.59 -14.89 0.39
CA ARG C 20 11.42 -16.28 -0.01
C ARG C 20 10.81 -17.11 1.13
N THR C 21 11.31 -16.91 2.35
CA THR C 21 10.80 -17.62 3.54
C THR C 21 9.31 -17.31 3.73
N ARG C 22 8.90 -16.05 3.48
CA ARG C 22 7.51 -15.63 3.63
C ARG C 22 6.56 -16.57 2.91
N LEU C 23 6.99 -17.18 1.79
CA LEU C 23 6.12 -18.05 1.03
C LEU C 23 5.67 -19.24 1.89
N GLY C 24 6.57 -19.74 2.75
CA GLY C 24 6.26 -20.83 3.67
C GLY C 24 5.14 -20.49 4.66
N LEU C 25 4.85 -19.20 4.86
CA LEU C 25 3.80 -18.78 5.78
C LEU C 25 2.42 -18.94 5.12
N GLU C 26 2.35 -19.06 3.79
CA GLU C 26 1.11 -19.43 3.12
C GLU C 26 0.98 -20.95 3.11
N LYS D 1 -39.61 23.73 -7.78
CA LYS D 1 -39.26 23.11 -9.06
C LYS D 1 -37.77 23.21 -9.34
N ARG D 2 -37.22 24.43 -9.36
CA ARG D 2 -35.78 24.65 -9.52
C ARG D 2 -35.04 23.84 -8.46
N LEU D 3 -34.03 23.07 -8.88
CA LEU D 3 -33.31 22.08 -8.07
C LEU D 3 -34.19 20.89 -7.69
N ARG D 4 -35.30 21.15 -6.99
CA ARG D 4 -36.26 20.14 -6.51
C ARG D 4 -36.57 19.07 -7.56
N ARG D 5 -36.77 19.49 -8.81
CA ARG D 5 -37.01 18.64 -9.97
C ARG D 5 -36.07 17.43 -10.05
N SER D 6 -34.83 17.57 -9.56
CA SER D 6 -33.85 16.49 -9.53
C SER D 6 -34.36 15.27 -8.77
N ALA D 7 -35.22 15.47 -7.77
CA ALA D 7 -35.86 14.43 -6.94
C ALA D 7 -34.90 13.72 -5.99
N HIS D 8 -33.64 13.52 -6.38
CA HIS D 8 -32.65 12.77 -5.65
C HIS D 8 -31.26 13.38 -5.89
N ALA D 9 -30.26 12.91 -5.14
CA ALA D 9 -28.85 13.22 -5.32
C ALA D 9 -28.11 11.90 -5.51
N ARG D 10 -27.03 11.88 -6.30
CA ARG D 10 -26.18 10.71 -6.50
C ARG D 10 -25.30 10.49 -5.26
N LYS D 11 -25.94 10.29 -4.10
CA LYS D 11 -25.25 10.07 -2.83
C LYS D 11 -24.23 8.94 -2.95
N GLU D 12 -24.57 7.92 -3.74
CA GLU D 12 -23.74 6.76 -4.00
C GLU D 12 -22.38 7.08 -4.65
N THR D 13 -22.07 8.36 -4.96
CA THR D 13 -20.78 8.74 -5.46
C THR D 13 -20.03 9.69 -4.51
N GLU D 14 -20.58 10.11 -3.37
CA GLU D 14 -20.00 11.16 -2.52
C GLU D 14 -18.51 10.92 -2.25
N PHE D 15 -18.18 9.71 -1.81
CA PHE D 15 -16.82 9.31 -1.46
C PHE D 15 -15.86 9.38 -2.65
N LEU D 16 -16.35 9.21 -3.87
CA LEU D 16 -15.55 9.43 -5.08
C LEU D 16 -15.56 10.92 -5.44
N ARG D 17 -16.67 11.61 -5.17
CA ARG D 17 -16.79 13.06 -5.33
C ARG D 17 -15.71 13.78 -4.54
N LEU D 18 -15.32 13.25 -3.38
CA LEU D 18 -14.17 13.78 -2.65
C LEU D 18 -12.89 13.74 -3.50
N LYS D 19 -12.67 12.69 -4.30
CA LYS D 19 -11.50 12.63 -5.16
C LYS D 19 -11.63 13.67 -6.27
N ARG D 20 -12.82 13.76 -6.88
CA ARG D 20 -13.11 14.81 -7.86
C ARG D 20 -12.82 16.20 -7.26
N THR D 21 -13.23 16.41 -6.01
CA THR D 21 -12.96 17.64 -5.28
C THR D 21 -11.45 17.85 -5.14
N ARG D 22 -10.73 16.84 -4.66
CA ARG D 22 -9.29 16.94 -4.45
C ARG D 22 -8.56 17.26 -5.76
N LEU D 23 -9.03 16.73 -6.90
CA LEU D 23 -8.48 17.09 -8.21
C LEU D 23 -8.66 18.58 -8.50
N GLY D 24 -9.65 19.22 -7.86
CA GLY D 24 -9.85 20.66 -7.84
C GLY D 24 -8.59 21.46 -7.50
N LEU D 25 -7.54 20.84 -6.91
CA LEU D 25 -6.24 21.49 -6.78
C LEU D 25 -5.81 22.12 -8.11
N GLU D 26 -5.96 21.36 -9.21
CA GLU D 26 -5.55 21.76 -10.55
C GLU D 26 -4.20 22.51 -10.55
N SER A 1 -8.32 7.05 13.09
CA SER A 1 -7.63 7.59 11.90
C SER A 1 -6.29 6.91 11.61
N GLU A 2 -5.97 5.82 12.31
CA GLU A 2 -4.65 5.19 12.23
C GLU A 2 -4.28 4.85 10.79
N LEU A 3 -5.21 4.29 10.01
CA LEU A 3 -4.97 4.04 8.59
C LEU A 3 -4.56 5.33 7.87
N GLU A 4 -5.27 6.43 8.10
CA GLU A 4 -4.93 7.71 7.48
C GLU A 4 -3.56 8.17 7.94
N LYS A 5 -3.23 8.00 9.23
CA LYS A 5 -1.94 8.38 9.77
C LYS A 5 -0.84 7.62 9.03
N ALA A 6 -0.98 6.29 8.96
CA ALA A 6 -0.11 5.41 8.21
C ALA A 6 0.06 5.93 6.78
N VAL A 7 -1.06 6.11 6.07
CA VAL A 7 -1.11 6.57 4.70
C VAL A 7 -0.35 7.90 4.53
N VAL A 8 -0.68 8.94 5.31
CA VAL A 8 0.01 10.22 5.15
C VAL A 8 1.49 10.07 5.52
N ALA A 9 1.84 9.22 6.48
CA ALA A 9 3.23 8.91 6.75
C ALA A 9 3.92 8.37 5.49
N LEU A 10 3.28 7.44 4.76
CA LEU A 10 3.84 6.94 3.50
C LEU A 10 4.13 8.12 2.55
N ILE A 11 3.12 8.97 2.31
CA ILE A 11 3.25 10.11 1.40
C ILE A 11 4.38 11.02 1.87
N ASP A 12 4.37 11.42 3.15
CA ASP A 12 5.30 12.37 3.73
C ASP A 12 6.75 11.86 3.62
N VAL A 13 6.98 10.64 4.09
CA VAL A 13 8.31 10.04 4.06
C VAL A 13 8.77 9.94 2.60
N PHE A 14 7.91 9.42 1.73
CA PHE A 14 8.21 9.37 0.31
C PHE A 14 8.61 10.75 -0.22
N HIS A 15 7.79 11.77 0.05
CA HIS A 15 8.00 13.14 -0.36
C HIS A 15 9.38 13.62 0.09
N GLN A 16 9.74 13.40 1.35
CA GLN A 16 11.06 13.76 1.86
C GLN A 16 12.18 13.22 0.96
N TYR A 17 12.14 11.95 0.60
CA TYR A 17 13.16 11.34 -0.25
C TYR A 17 13.05 11.77 -1.72
N SER A 18 11.90 11.57 -2.34
CA SER A 18 11.68 11.91 -3.74
C SER A 18 11.88 13.41 -4.00
N GLY A 19 11.68 14.25 -2.99
CA GLY A 19 11.97 15.66 -3.07
C GLY A 19 13.45 15.91 -3.35
N ARG A 20 14.34 15.07 -2.81
CA ARG A 20 15.77 15.29 -2.95
C ARG A 20 16.21 14.97 -4.37
N GLU A 21 15.87 13.76 -4.86
CA GLU A 21 16.15 13.37 -6.23
C GLU A 21 14.96 12.57 -6.79
N GLY A 22 14.17 13.22 -7.65
CA GLY A 22 13.01 12.64 -8.31
C GLY A 22 11.73 13.46 -8.11
N ASP A 23 11.90 14.80 -8.05
CA ASP A 23 10.86 15.83 -7.95
C ASP A 23 9.57 15.35 -7.28
N LYS A 24 9.69 14.86 -6.05
CA LYS A 24 8.56 14.55 -5.17
C LYS A 24 7.68 13.39 -5.65
N HIS A 25 8.02 12.71 -6.77
CA HIS A 25 7.16 11.72 -7.40
C HIS A 25 7.90 10.40 -7.69
N LYS A 26 9.22 10.48 -7.93
CA LYS A 26 10.08 9.35 -8.23
C LYS A 26 11.16 9.20 -7.16
N LEU A 27 11.74 8.01 -7.03
CA LEU A 27 12.93 7.74 -6.23
C LEU A 27 14.02 7.25 -7.17
N LYS A 28 15.17 7.91 -7.21
CA LYS A 28 16.33 7.36 -7.91
C LYS A 28 16.96 6.25 -7.06
N LYS A 29 17.93 5.50 -7.60
CA LYS A 29 18.57 4.41 -6.88
C LYS A 29 19.13 4.86 -5.53
N SER A 30 19.72 6.07 -5.50
CA SER A 30 20.24 6.73 -4.31
C SER A 30 19.14 6.90 -3.26
N GLU A 31 18.00 7.46 -3.66
CA GLU A 31 16.91 7.70 -2.73
C GLU A 31 16.33 6.35 -2.28
N LEU A 32 16.12 5.44 -3.23
CA LEU A 32 15.55 4.12 -3.04
C LEU A 32 16.35 3.34 -2.00
N LYS A 33 17.67 3.23 -2.17
CA LYS A 33 18.46 2.46 -1.21
C LYS A 33 18.29 3.01 0.19
N GLU A 34 18.53 4.31 0.36
CA GLU A 34 18.47 4.93 1.67
C GLU A 34 17.08 4.75 2.27
N LEU A 35 16.05 5.01 1.47
CA LEU A 35 14.65 4.80 1.82
C LEU A 35 14.49 3.40 2.38
N ILE A 36 14.90 2.35 1.66
CA ILE A 36 14.72 0.99 2.16
C ILE A 36 15.54 0.78 3.43
N ASN A 37 16.84 1.07 3.40
CA ASN A 37 17.74 0.87 4.54
C ASN A 37 17.15 1.47 5.81
N ASN A 38 16.75 2.73 5.73
CA ASN A 38 16.25 3.53 6.85
C ASN A 38 14.85 3.07 7.26
N GLU A 39 13.95 2.96 6.28
CA GLU A 39 12.54 2.75 6.58
C GLU A 39 12.18 1.29 6.81
N LEU A 40 12.99 0.33 6.36
CA LEU A 40 12.73 -1.09 6.60
C LEU A 40 13.69 -1.69 7.64
N SER A 41 14.35 -0.91 8.50
CA SER A 41 15.36 -1.44 9.41
C SER A 41 14.88 -2.56 10.36
N HIS A 42 13.57 -2.73 10.56
CA HIS A 42 12.98 -3.79 11.38
C HIS A 42 12.39 -4.93 10.53
N PHE A 43 12.34 -4.76 9.20
CA PHE A 43 11.68 -5.66 8.24
C PHE A 43 12.69 -6.27 7.27
N LEU A 44 13.79 -5.57 6.98
CA LEU A 44 14.84 -5.99 6.07
C LEU A 44 16.18 -5.54 6.65
N GLU A 45 17.26 -6.17 6.20
CA GLU A 45 18.62 -5.76 6.55
C GLU A 45 19.03 -4.55 5.69
N GLU A 46 20.19 -3.95 6.02
CA GLU A 46 20.79 -2.92 5.21
C GLU A 46 21.07 -3.44 3.79
N ILE A 47 21.14 -2.50 2.85
CA ILE A 47 21.29 -2.77 1.43
C ILE A 47 22.23 -1.72 0.84
N LYS A 48 23.53 -2.05 0.81
CA LYS A 48 24.59 -1.17 0.33
C LYS A 48 24.99 -1.48 -1.12
N GLU A 49 24.80 -2.73 -1.56
CA GLU A 49 25.21 -3.16 -2.89
C GLU A 49 24.33 -2.49 -3.95
N GLN A 50 24.78 -1.34 -4.45
CA GLN A 50 24.08 -0.52 -5.43
C GLN A 50 23.55 -1.35 -6.62
N GLU A 51 24.28 -2.36 -7.08
CA GLU A 51 23.80 -3.20 -8.17
C GLU A 51 22.46 -3.84 -7.79
N VAL A 52 22.33 -4.32 -6.55
CA VAL A 52 21.10 -4.93 -6.09
C VAL A 52 20.03 -3.88 -5.82
N VAL A 53 20.38 -2.71 -5.25
CA VAL A 53 19.37 -1.68 -5.06
C VAL A 53 18.75 -1.31 -6.42
N ASP A 54 19.61 -1.13 -7.43
CA ASP A 54 19.18 -0.93 -8.80
C ASP A 54 18.32 -2.11 -9.27
N LYS A 55 18.74 -3.35 -9.01
CA LYS A 55 17.97 -4.51 -9.44
C LYS A 55 16.56 -4.50 -8.83
N VAL A 56 16.43 -4.30 -7.51
CA VAL A 56 15.11 -4.32 -6.88
C VAL A 56 14.26 -3.15 -7.40
N MET A 57 14.85 -1.96 -7.58
CA MET A 57 14.10 -0.86 -8.18
C MET A 57 13.63 -1.27 -9.58
N GLU A 58 14.54 -1.77 -10.42
CA GLU A 58 14.26 -2.21 -11.77
C GLU A 58 13.11 -3.22 -11.77
N THR A 59 13.13 -4.15 -10.83
CA THR A 59 12.10 -5.17 -10.66
C THR A 59 10.72 -4.54 -10.51
N LEU A 60 10.61 -3.35 -9.89
CA LEU A 60 9.36 -2.63 -9.74
C LEU A 60 9.24 -1.46 -10.73
N ASP A 61 10.20 -1.23 -11.62
CA ASP A 61 10.26 -0.03 -12.44
C ASP A 61 9.25 -0.07 -13.59
N SER A 62 7.96 0.01 -13.27
CA SER A 62 6.86 0.14 -14.24
C SER A 62 7.14 1.28 -15.23
N ASP A 63 7.77 2.34 -14.73
CA ASP A 63 8.02 3.56 -15.47
C ASP A 63 9.10 3.35 -16.54
N GLY A 64 9.86 2.25 -16.46
CA GLY A 64 10.97 1.99 -17.37
C GLY A 64 11.95 3.15 -17.43
N ASP A 65 12.08 3.91 -16.33
CA ASP A 65 12.84 5.14 -16.26
C ASP A 65 13.98 5.00 -15.24
N GLY A 66 14.17 3.80 -14.70
CA GLY A 66 15.05 3.58 -13.56
C GLY A 66 14.35 4.09 -12.32
N GLU A 67 14.18 5.41 -12.24
CA GLU A 67 13.55 6.09 -11.12
C GLU A 67 12.15 5.51 -10.88
N CYS A 68 11.88 5.06 -9.66
CA CYS A 68 10.67 4.31 -9.34
C CYS A 68 9.63 5.27 -8.76
N ASP A 69 8.40 5.21 -9.28
CA ASP A 69 7.36 6.15 -8.91
C ASP A 69 6.79 5.83 -7.52
N PHE A 70 6.07 6.77 -6.92
CA PHE A 70 5.30 6.52 -5.71
C PHE A 70 4.51 5.21 -5.84
N GLN A 71 3.87 5.00 -7.00
CA GLN A 71 3.13 3.78 -7.26
C GLN A 71 3.99 2.52 -7.04
N GLU A 72 5.25 2.56 -7.48
CA GLU A 72 6.13 1.42 -7.41
C GLU A 72 6.68 1.26 -6.00
N PHE A 73 6.95 2.38 -5.33
CA PHE A 73 7.25 2.37 -3.90
C PHE A 73 6.10 1.67 -3.16
N MET A 74 4.87 2.09 -3.42
CA MET A 74 3.66 1.48 -2.87
C MET A 74 3.57 -0.01 -3.21
N ALA A 75 3.90 -0.38 -4.45
CA ALA A 75 3.96 -1.79 -4.84
C ALA A 75 4.97 -2.57 -3.96
N PHE A 76 6.16 -1.98 -3.75
CA PHE A 76 7.17 -2.61 -2.92
C PHE A 76 6.65 -2.75 -1.48
N VAL A 77 6.08 -1.65 -0.94
CA VAL A 77 5.41 -1.68 0.35
C VAL A 77 4.41 -2.82 0.38
N ALA A 78 3.58 -2.97 -0.65
CA ALA A 78 2.56 -4.00 -0.68
C ALA A 78 3.16 -5.39 -0.52
N MET A 79 4.17 -5.76 -1.32
CA MET A 79 4.78 -7.09 -1.17
C MET A 79 5.33 -7.29 0.25
N ILE A 80 6.06 -6.31 0.78
CA ILE A 80 6.67 -6.39 2.09
C ILE A 80 5.58 -6.60 3.16
N THR A 81 4.58 -5.72 3.14
CA THR A 81 3.47 -5.74 4.07
C THR A 81 2.75 -7.09 3.99
N THR A 82 2.50 -7.59 2.77
CA THR A 82 1.87 -8.89 2.56
C THR A 82 2.71 -10.00 3.20
N ALA A 83 4.01 -10.04 2.89
CA ALA A 83 4.91 -11.07 3.38
C ALA A 83 4.83 -11.17 4.90
N CYS A 84 4.84 -10.03 5.59
CA CYS A 84 4.66 -9.99 7.03
C CYS A 84 3.24 -10.43 7.41
N HIS A 85 2.21 -9.75 6.87
CA HIS A 85 0.80 -9.98 7.12
C HIS A 85 0.48 -11.47 7.20
N GLU A 86 0.86 -12.21 6.14
CA GLU A 86 0.67 -13.65 6.04
C GLU A 86 0.95 -14.38 7.35
N PHE A 87 2.04 -14.01 8.03
CA PHE A 87 2.52 -14.71 9.22
C PHE A 87 2.41 -13.84 10.47
N PHE A 88 1.73 -12.71 10.38
CA PHE A 88 1.40 -11.96 11.59
C PHE A 88 0.47 -12.82 12.44
N GLU A 89 -0.42 -13.56 11.76
CA GLU A 89 -1.21 -14.60 12.37
C GLU A 89 -0.29 -15.80 12.56
N HIS A 90 0.66 -15.68 13.49
CA HIS A 90 1.76 -16.60 13.68
C HIS A 90 1.27 -17.97 14.16
N GLU A 91 0.78 -18.78 13.22
CA GLU A 91 0.32 -20.13 13.43
C GLU A 91 -0.83 -20.13 14.46
N SER B 1 12.60 4.42 9.74
CA SER B 1 11.78 3.31 10.25
C SER B 1 10.34 3.71 10.58
N GLU B 2 9.96 4.96 10.25
CA GLU B 2 8.60 5.44 10.29
C GLU B 2 7.67 4.49 9.54
N LEU B 3 8.04 4.10 8.30
CA LEU B 3 7.19 3.24 7.49
C LEU B 3 6.84 1.94 8.22
N GLU B 4 7.73 1.42 9.06
CA GLU B 4 7.44 0.22 9.84
C GLU B 4 6.17 0.41 10.67
N LYS B 5 5.97 1.61 11.23
CA LYS B 5 4.85 1.91 12.09
C LYS B 5 3.57 1.89 11.28
N ALA B 6 3.59 2.58 10.13
CA ALA B 6 2.51 2.56 9.16
C ALA B 6 2.16 1.11 8.80
N VAL B 7 3.17 0.33 8.43
CA VAL B 7 3.04 -1.05 8.02
C VAL B 7 2.40 -1.91 9.13
N VAL B 8 2.98 -1.92 10.35
CA VAL B 8 2.42 -2.75 11.40
C VAL B 8 0.98 -2.32 11.72
N ALA B 9 0.70 -1.02 11.73
CA ALA B 9 -0.66 -0.54 11.90
C ALA B 9 -1.58 -1.10 10.79
N LEU B 10 -1.14 -1.01 9.53
CA LEU B 10 -1.92 -1.42 8.37
C LEU B 10 -2.30 -2.89 8.45
N ILE B 11 -1.34 -3.78 8.76
CA ILE B 11 -1.68 -5.19 8.96
C ILE B 11 -2.54 -5.35 10.21
N ASP B 12 -2.14 -4.78 11.34
CA ASP B 12 -2.78 -5.05 12.63
C ASP B 12 -4.25 -4.61 12.66
N VAL B 13 -4.52 -3.36 12.24
CA VAL B 13 -5.88 -2.83 12.20
C VAL B 13 -6.73 -3.74 11.33
N PHE B 14 -6.26 -4.01 10.11
CA PHE B 14 -6.95 -4.90 9.19
C PHE B 14 -7.25 -6.24 9.88
N HIS B 15 -6.23 -6.87 10.46
CA HIS B 15 -6.35 -8.16 11.12
C HIS B 15 -7.42 -8.09 12.21
N GLN B 16 -7.38 -7.08 13.09
CA GLN B 16 -8.34 -6.97 14.17
C GLN B 16 -9.76 -6.97 13.61
N TYR B 17 -10.04 -6.10 12.63
CA TYR B 17 -11.37 -5.98 12.06
C TYR B 17 -11.75 -7.29 11.36
N SER B 18 -10.88 -7.75 10.46
CA SER B 18 -10.99 -9.03 9.76
C SER B 18 -11.15 -10.21 10.73
N GLY B 19 -10.70 -10.08 11.98
CA GLY B 19 -10.88 -11.08 13.00
C GLY B 19 -12.34 -11.17 13.44
N ARG B 20 -13.06 -10.05 13.49
CA ARG B 20 -14.39 -10.03 14.08
C ARG B 20 -15.41 -10.70 13.16
N GLU B 21 -15.47 -10.23 11.90
CA GLU B 21 -16.22 -10.91 10.85
C GLU B 21 -15.34 -10.97 9.60
N GLY B 22 -14.81 -12.15 9.33
CA GLY B 22 -13.78 -12.36 8.34
C GLY B 22 -12.98 -13.56 8.78
N ASP B 23 -11.71 -13.63 8.38
CA ASP B 23 -10.80 -14.70 8.76
C ASP B 23 -9.40 -14.15 8.97
N LYS B 24 -9.27 -12.97 9.58
CA LYS B 24 -8.00 -12.24 9.76
C LYS B 24 -7.37 -11.73 8.46
N HIS B 25 -7.62 -12.39 7.31
CA HIS B 25 -7.03 -12.05 6.02
C HIS B 25 -8.06 -11.48 5.03
N LYS B 26 -9.35 -11.45 5.38
CA LYS B 26 -10.42 -10.96 4.53
C LYS B 26 -11.49 -10.23 5.38
N LEU B 27 -11.95 -9.06 4.93
CA LEU B 27 -12.90 -8.20 5.65
C LEU B 27 -14.32 -8.50 5.20
N LYS B 28 -15.24 -8.91 6.09
CA LYS B 28 -16.65 -8.97 5.72
C LYS B 28 -17.24 -7.56 5.69
N LYS B 29 -18.36 -7.37 4.98
CA LYS B 29 -18.96 -6.04 4.75
C LYS B 29 -19.19 -5.31 6.08
N SER B 30 -19.61 -6.05 7.10
CA SER B 30 -19.82 -5.53 8.43
C SER B 30 -18.58 -4.77 8.91
N GLU B 31 -17.40 -5.35 8.69
CA GLU B 31 -16.13 -4.79 9.11
C GLU B 31 -15.69 -3.71 8.15
N LEU B 32 -15.71 -3.99 6.84
CA LEU B 32 -15.26 -3.06 5.82
C LEU B 32 -16.00 -1.74 5.99
N LYS B 33 -17.31 -1.81 6.21
CA LYS B 33 -18.17 -0.65 6.37
C LYS B 33 -17.63 0.25 7.47
N GLU B 34 -17.57 -0.27 8.69
CA GLU B 34 -17.22 0.55 9.84
C GLU B 34 -15.76 0.99 9.73
N LEU B 35 -14.91 0.10 9.21
CA LEU B 35 -13.49 0.37 9.03
C LEU B 35 -13.31 1.60 8.14
N ILE B 36 -13.91 1.60 6.95
CA ILE B 36 -13.84 2.76 6.06
C ILE B 36 -14.42 3.97 6.79
N ASN B 37 -15.68 3.86 7.25
CA ASN B 37 -16.38 4.97 7.91
C ASN B 37 -15.53 5.62 9.00
N ASN B 38 -14.91 4.81 9.86
CA ASN B 38 -14.22 5.30 11.04
C ASN B 38 -12.78 5.71 10.69
N GLU B 39 -12.01 4.78 10.14
CA GLU B 39 -10.57 4.96 9.96
C GLU B 39 -10.27 5.84 8.74
N LEU B 40 -11.12 5.84 7.72
CA LEU B 40 -10.91 6.63 6.51
C LEU B 40 -11.85 7.84 6.50
N SER B 41 -12.35 8.25 7.68
CA SER B 41 -13.33 9.31 7.86
C SER B 41 -12.88 10.66 7.28
N HIS B 42 -11.60 10.98 7.47
CA HIS B 42 -11.08 12.29 7.15
C HIS B 42 -10.92 12.41 5.63
N PHE B 43 -10.46 11.33 5.00
CA PHE B 43 -10.33 11.23 3.55
C PHE B 43 -11.72 11.10 2.92
N LEU B 44 -12.39 9.96 3.17
CA LEU B 44 -13.64 9.61 2.51
C LEU B 44 -14.83 10.05 3.35
N GLU B 45 -15.85 10.57 2.67
CA GLU B 45 -17.15 10.83 3.25
C GLU B 45 -17.68 9.52 3.85
N GLU B 46 -18.49 9.61 4.92
CA GLU B 46 -19.05 8.45 5.57
C GLU B 46 -19.85 7.61 4.58
N ILE B 47 -20.08 6.35 4.93
CA ILE B 47 -20.75 5.38 4.07
C ILE B 47 -21.78 4.58 4.85
N LYS B 48 -22.93 5.20 5.06
CA LYS B 48 -24.12 4.56 5.59
C LYS B 48 -24.69 3.56 4.57
N GLU B 49 -24.47 3.81 3.28
CA GLU B 49 -25.04 3.04 2.19
C GLU B 49 -24.39 1.64 2.12
N GLN B 50 -24.88 0.71 2.94
CA GLN B 50 -24.42 -0.68 2.98
C GLN B 50 -24.36 -1.31 1.58
N GLU B 51 -25.30 -0.97 0.70
CA GLU B 51 -25.24 -1.46 -0.67
C GLU B 51 -23.92 -1.04 -1.34
N VAL B 52 -23.49 0.20 -1.12
CA VAL B 52 -22.25 0.69 -1.67
C VAL B 52 -21.05 0.08 -0.94
N VAL B 53 -21.09 -0.07 0.39
CA VAL B 53 -19.97 -0.70 1.08
C VAL B 53 -19.74 -2.11 0.52
N ASP B 54 -20.83 -2.87 0.35
CA ASP B 54 -20.78 -4.15 -0.33
C ASP B 54 -20.23 -3.99 -1.74
N LYS B 55 -20.73 -3.01 -2.51
CA LYS B 55 -20.30 -2.84 -3.89
C LYS B 55 -18.80 -2.57 -3.98
N VAL B 56 -18.25 -1.68 -3.16
CA VAL B 56 -16.81 -1.43 -3.20
C VAL B 56 -16.07 -2.71 -2.78
N MET B 57 -16.54 -3.40 -1.73
CA MET B 57 -15.93 -4.68 -1.35
C MET B 57 -15.86 -5.62 -2.57
N GLU B 58 -16.99 -5.79 -3.27
CA GLU B 58 -17.12 -6.62 -4.46
C GLU B 58 -16.13 -6.17 -5.53
N THR B 59 -16.07 -4.86 -5.76
CA THR B 59 -15.20 -4.24 -6.75
C THR B 59 -13.75 -4.63 -6.47
N LEU B 60 -13.34 -4.64 -5.20
CA LEU B 60 -11.97 -4.98 -4.85
C LEU B 60 -11.76 -6.50 -4.85
N ASP B 61 -12.71 -7.25 -4.30
CA ASP B 61 -12.65 -8.69 -4.00
C ASP B 61 -12.38 -9.59 -5.22
N SER B 62 -11.15 -9.56 -5.70
CA SER B 62 -10.59 -10.45 -6.72
C SER B 62 -11.01 -11.90 -6.50
N ASP B 63 -10.97 -12.36 -5.25
CA ASP B 63 -11.16 -13.75 -4.91
C ASP B 63 -12.63 -14.17 -5.03
N GLY B 64 -13.56 -13.21 -5.13
CA GLY B 64 -14.98 -13.52 -5.16
C GLY B 64 -15.40 -14.33 -3.93
N ASP B 65 -14.82 -14.02 -2.77
CA ASP B 65 -15.12 -14.69 -1.50
C ASP B 65 -16.14 -13.86 -0.72
N GLY B 66 -16.58 -12.73 -1.30
CA GLY B 66 -17.37 -11.74 -0.61
C GLY B 66 -16.43 -10.92 0.28
N GLU B 67 -15.89 -11.58 1.30
CA GLU B 67 -14.97 -10.97 2.24
C GLU B 67 -13.76 -10.40 1.49
N CYS B 68 -13.49 -9.10 1.61
CA CYS B 68 -12.50 -8.44 0.77
C CYS B 68 -11.08 -8.74 1.27
N ASP B 69 -10.23 -9.31 0.43
CA ASP B 69 -8.94 -9.86 0.84
C ASP B 69 -7.95 -8.74 1.15
N PHE B 70 -6.98 -9.02 2.05
CA PHE B 70 -5.95 -8.04 2.38
C PHE B 70 -5.30 -7.46 1.13
N GLN B 71 -4.97 -8.28 0.13
CA GLN B 71 -4.41 -7.82 -1.13
C GLN B 71 -5.26 -6.73 -1.78
N GLU B 72 -6.57 -6.92 -1.75
CA GLU B 72 -7.52 -6.04 -2.41
C GLU B 72 -7.69 -4.77 -1.59
N PHE B 73 -7.71 -4.91 -0.27
CA PHE B 73 -7.63 -3.77 0.64
C PHE B 73 -6.35 -2.97 0.35
N MET B 74 -5.20 -3.64 0.23
CA MET B 74 -3.92 -3.00 -0.08
C MET B 74 -3.98 -2.30 -1.44
N ALA B 75 -4.55 -2.94 -2.45
CA ALA B 75 -4.75 -2.32 -3.75
C ALA B 75 -5.58 -1.04 -3.63
N PHE B 76 -6.67 -1.10 -2.86
CA PHE B 76 -7.52 0.05 -2.61
C PHE B 76 -6.71 1.16 -1.93
N VAL B 77 -6.02 0.82 -0.84
CA VAL B 77 -5.11 1.71 -0.15
C VAL B 77 -4.14 2.34 -1.15
N ALA B 78 -3.56 1.55 -2.05
CA ALA B 78 -2.61 2.05 -3.03
C ALA B 78 -3.23 3.16 -3.88
N MET B 79 -4.38 2.91 -4.52
CA MET B 79 -4.98 3.93 -5.37
C MET B 79 -5.44 5.14 -4.56
N ILE B 80 -6.04 4.92 -3.39
CA ILE B 80 -6.47 5.99 -2.50
C ILE B 80 -5.27 6.87 -2.14
N THR B 81 -4.19 6.25 -1.66
CA THR B 81 -2.97 6.95 -1.30
C THR B 81 -2.41 7.69 -2.52
N THR B 82 -2.38 7.05 -3.69
CA THR B 82 -1.92 7.70 -4.92
C THR B 82 -2.76 8.96 -5.17
N ALA B 83 -4.09 8.85 -5.12
CA ALA B 83 -4.95 10.00 -5.35
C ALA B 83 -4.65 11.11 -4.35
N CYS B 84 -4.51 10.77 -3.07
CA CYS B 84 -4.14 11.74 -2.05
C CYS B 84 -2.79 12.40 -2.39
N HIS B 85 -1.77 11.60 -2.68
CA HIS B 85 -0.45 12.08 -3.09
C HIS B 85 -0.56 13.07 -4.25
N GLU B 86 -1.31 12.72 -5.28
CA GLU B 86 -1.54 13.62 -6.41
C GLU B 86 -2.19 14.91 -5.90
N PHE B 87 -3.24 14.81 -5.10
CA PHE B 87 -3.93 15.97 -4.55
C PHE B 87 -2.92 16.87 -3.82
N PHE B 88 -2.04 16.23 -3.05
CA PHE B 88 -1.01 16.86 -2.23
C PHE B 88 -0.05 17.72 -3.05
N GLU B 89 0.02 17.54 -4.38
CA GLU B 89 0.75 18.48 -5.24
C GLU B 89 0.32 19.91 -4.93
N HIS B 90 -0.96 20.11 -4.62
CA HIS B 90 -1.48 21.36 -4.08
C HIS B 90 -2.18 21.03 -2.76
N GLU B 91 -1.37 20.72 -1.74
CA GLU B 91 -1.84 20.44 -0.39
C GLU B 91 -2.55 21.65 0.22
N LYS C 1 36.10 -25.54 -17.27
CA LYS C 1 35.33 -24.52 -17.99
C LYS C 1 34.49 -23.68 -17.03
N ARG C 2 33.56 -24.33 -16.31
CA ARG C 2 32.64 -23.63 -15.41
C ARG C 2 33.40 -22.81 -14.36
N LEU C 3 34.47 -23.39 -13.80
CA LEU C 3 35.41 -22.71 -12.90
C LEU C 3 34.67 -21.91 -11.82
N ARG C 4 33.82 -22.60 -11.05
CA ARG C 4 33.12 -22.07 -9.89
C ARG C 4 31.96 -21.12 -10.26
N ARG C 5 32.22 -20.13 -11.11
CA ARG C 5 31.38 -18.98 -11.46
C ARG C 5 29.95 -18.98 -10.89
N SER C 6 29.08 -19.87 -11.35
CA SER C 6 27.68 -19.91 -11.00
C SER C 6 27.47 -20.22 -9.51
N ALA C 7 28.26 -21.16 -8.98
CA ALA C 7 28.17 -21.66 -7.62
C ALA C 7 28.74 -20.62 -6.63
N HIS C 8 28.01 -19.52 -6.44
CA HIS C 8 28.28 -18.53 -5.41
C HIS C 8 26.94 -18.05 -4.85
N ALA C 9 26.99 -17.31 -3.73
CA ALA C 9 25.84 -16.67 -3.13
C ALA C 9 25.62 -15.32 -3.80
N ARG C 10 24.61 -15.24 -4.68
CA ARG C 10 24.23 -13.97 -5.31
C ARG C 10 23.80 -13.03 -4.19
N LYS C 11 24.52 -11.92 -3.99
CA LYS C 11 24.37 -11.05 -2.83
C LYS C 11 22.91 -10.75 -2.48
N GLU C 12 22.08 -10.49 -3.49
CA GLU C 12 20.64 -10.23 -3.31
C GLU C 12 19.95 -11.22 -2.36
N THR C 13 20.35 -12.50 -2.44
CA THR C 13 19.82 -13.56 -1.59
C THR C 13 19.88 -13.14 -0.11
N GLU C 14 20.98 -12.48 0.29
CA GLU C 14 21.18 -12.05 1.67
C GLU C 14 19.99 -11.22 2.16
N PHE C 15 19.57 -10.25 1.35
CA PHE C 15 18.48 -9.36 1.70
C PHE C 15 17.15 -10.10 1.56
N LEU C 16 16.95 -10.76 0.41
CA LEU C 16 15.71 -11.47 0.11
C LEU C 16 15.43 -12.56 1.15
N ARG C 17 16.47 -13.05 1.83
CA ARG C 17 16.37 -13.93 2.98
C ARG C 17 15.30 -13.42 3.96
N LEU C 18 15.19 -12.10 4.17
CA LEU C 18 14.23 -11.55 5.12
C LEU C 18 12.81 -11.71 4.60
N LYS C 19 12.57 -11.50 3.30
CA LYS C 19 11.28 -11.79 2.71
C LYS C 19 10.95 -13.27 2.94
N ARG C 20 11.89 -14.15 2.57
CA ARG C 20 11.74 -15.58 2.77
C ARG C 20 11.38 -15.90 4.23
N THR C 21 12.09 -15.28 5.18
CA THR C 21 11.86 -15.49 6.59
C THR C 21 10.44 -15.05 6.95
N ARG C 22 10.02 -13.84 6.55
CA ARG C 22 8.67 -13.40 6.86
C ARG C 22 7.63 -14.33 6.22
N LEU C 23 7.91 -14.87 5.04
CA LEU C 23 7.08 -15.87 4.37
C LEU C 23 7.16 -17.27 5.01
N GLY C 24 7.86 -17.43 6.13
CA GLY C 24 7.94 -18.68 6.87
C GLY C 24 8.47 -18.37 8.27
N LEU C 25 7.73 -17.52 8.99
CA LEU C 25 8.18 -16.94 10.24
C LEU C 25 8.40 -17.96 11.35
N GLU C 26 7.60 -19.03 11.37
CA GLU C 26 7.72 -20.11 12.35
C GLU C 26 9.12 -20.73 12.28
N LYS D 1 -36.91 9.24 -14.01
CA LYS D 1 -36.40 7.87 -13.87
C LYS D 1 -36.86 7.30 -12.52
N ARG D 2 -36.11 6.36 -11.92
CA ARG D 2 -36.49 5.74 -10.66
C ARG D 2 -36.23 6.75 -9.52
N LEU D 3 -37.15 7.71 -9.38
CA LEU D 3 -37.18 8.70 -8.30
C LEU D 3 -35.81 9.34 -8.11
N ARG D 4 -35.11 9.04 -7.00
CA ARG D 4 -33.84 9.65 -6.65
C ARG D 4 -32.72 9.31 -7.65
N ARG D 5 -32.91 8.26 -8.47
CA ARG D 5 -32.03 7.98 -9.58
C ARG D 5 -32.00 9.16 -10.56
N SER D 6 -33.12 9.89 -10.68
CA SER D 6 -33.32 10.96 -11.65
C SER D 6 -32.50 12.22 -11.29
N ALA D 7 -31.18 12.14 -11.43
CA ALA D 7 -30.27 13.29 -11.35
C ALA D 7 -30.49 14.17 -10.11
N HIS D 8 -30.73 13.55 -8.95
CA HIS D 8 -30.72 14.26 -7.67
C HIS D 8 -29.25 14.32 -7.22
N ALA D 9 -28.98 14.39 -5.91
CA ALA D 9 -27.62 14.22 -5.42
C ALA D 9 -27.14 12.83 -5.84
N ARG D 10 -25.93 12.72 -6.39
CA ARG D 10 -25.40 11.45 -6.87
C ARG D 10 -24.82 10.67 -5.69
N LYS D 11 -25.68 10.38 -4.71
CA LYS D 11 -25.33 9.79 -3.42
C LYS D 11 -24.32 8.64 -3.56
N GLU D 12 -24.61 7.71 -4.46
CA GLU D 12 -23.79 6.54 -4.74
C GLU D 12 -22.31 6.89 -4.93
N THR D 13 -22.01 8.04 -5.57
CA THR D 13 -20.67 8.41 -5.97
C THR D 13 -19.97 9.30 -4.93
N GLU D 14 -20.67 9.80 -3.91
CA GLU D 14 -20.14 10.82 -3.01
C GLU D 14 -18.80 10.39 -2.40
N PHE D 15 -18.70 9.15 -1.98
CA PHE D 15 -17.48 8.59 -1.38
C PHE D 15 -16.27 8.71 -2.31
N LEU D 16 -16.50 8.76 -3.62
CA LEU D 16 -15.47 8.84 -4.63
C LEU D 16 -15.16 10.30 -4.99
N ARG D 17 -15.97 11.27 -4.51
CA ARG D 17 -15.91 12.66 -4.92
C ARG D 17 -14.49 13.21 -4.89
N LEU D 18 -13.77 12.99 -3.79
CA LEU D 18 -12.38 13.41 -3.66
C LEU D 18 -11.51 12.99 -4.85
N LYS D 19 -11.71 11.76 -5.35
CA LYS D 19 -10.90 11.18 -6.42
C LYS D 19 -11.13 11.89 -7.74
N ARG D 20 -12.30 12.51 -7.91
CA ARG D 20 -12.64 13.35 -9.04
C ARG D 20 -12.15 14.78 -8.78
N THR D 21 -12.38 15.27 -7.56
CA THR D 21 -12.04 16.63 -7.15
C THR D 21 -10.52 16.86 -7.29
N ARG D 22 -9.73 15.80 -7.09
CA ARG D 22 -8.30 15.79 -7.36
C ARG D 22 -7.98 16.35 -8.75
N LEU D 23 -8.82 16.09 -9.76
CA LEU D 23 -8.55 16.60 -11.10
C LEU D 23 -8.59 18.13 -11.12
N GLY D 24 -9.28 18.76 -10.17
CA GLY D 24 -9.24 20.19 -9.91
C GLY D 24 -8.62 20.46 -8.54
N LEU D 25 -7.46 19.84 -8.25
CA LEU D 25 -6.71 20.13 -7.04
C LEU D 25 -6.24 21.59 -6.95
N GLU D 26 -6.17 22.28 -8.10
CA GLU D 26 -5.65 23.63 -8.25
C GLU D 26 -4.18 23.72 -7.80
N SER A 1 -8.80 8.37 11.01
CA SER A 1 -8.16 7.79 12.20
C SER A 1 -6.83 7.10 11.85
N GLU A 2 -6.50 5.99 12.52
CA GLU A 2 -5.19 5.34 12.45
C GLU A 2 -4.65 5.24 11.02
N LEU A 3 -5.46 4.67 10.11
CA LEU A 3 -5.03 4.48 8.74
C LEU A 3 -4.68 5.81 8.07
N GLU A 4 -5.44 6.89 8.35
CA GLU A 4 -5.09 8.21 7.81
C GLU A 4 -3.71 8.63 8.31
N LYS A 5 -3.39 8.33 9.58
CA LYS A 5 -2.08 8.65 10.15
C LYS A 5 -1.01 7.92 9.34
N ALA A 6 -1.16 6.60 9.22
CA ALA A 6 -0.26 5.76 8.43
C ALA A 6 -0.08 6.31 7.01
N VAL A 7 -1.19 6.62 6.35
CA VAL A 7 -1.25 7.17 5.01
C VAL A 7 -0.44 8.47 4.92
N VAL A 8 -0.72 9.47 5.77
CA VAL A 8 0.03 10.72 5.70
C VAL A 8 1.51 10.49 6.03
N ALA A 9 1.83 9.55 6.94
CA ALA A 9 3.21 9.18 7.18
C ALA A 9 3.88 8.67 5.90
N LEU A 10 3.27 7.73 5.19
CA LEU A 10 3.80 7.22 3.92
C LEU A 10 4.03 8.38 2.95
N ILE A 11 3.00 9.20 2.76
CA ILE A 11 3.05 10.32 1.83
C ILE A 11 4.20 11.25 2.19
N ASP A 12 4.28 11.68 3.44
CA ASP A 12 5.27 12.64 3.89
C ASP A 12 6.66 12.06 3.73
N VAL A 13 6.90 10.86 4.27
CA VAL A 13 8.20 10.21 4.21
C VAL A 13 8.65 10.11 2.75
N PHE A 14 7.79 9.56 1.89
CA PHE A 14 8.09 9.46 0.48
C PHE A 14 8.43 10.83 -0.10
N HIS A 15 7.60 11.85 0.17
CA HIS A 15 7.85 13.20 -0.31
C HIS A 15 9.26 13.66 0.10
N GLN A 16 9.65 13.48 1.36
CA GLN A 16 10.98 13.89 1.81
C GLN A 16 12.07 13.30 0.93
N TYR A 17 12.06 11.99 0.67
CA TYR A 17 13.08 11.35 -0.17
C TYR A 17 12.94 11.76 -1.64
N SER A 18 11.73 11.65 -2.18
CA SER A 18 11.41 11.92 -3.58
C SER A 18 11.69 13.37 -3.97
N GLY A 19 11.70 14.30 -3.01
CA GLY A 19 12.07 15.67 -3.29
C GLY A 19 13.55 15.82 -3.62
N ARG A 20 14.40 14.87 -3.16
CA ARG A 20 15.83 15.02 -3.24
C ARG A 20 16.36 14.70 -4.63
N GLU A 21 16.01 13.52 -5.15
CA GLU A 21 16.33 13.12 -6.51
C GLU A 21 15.12 12.40 -7.11
N GLY A 22 14.41 13.08 -8.00
CA GLY A 22 13.14 12.65 -8.52
C GLY A 22 12.33 13.92 -8.75
N ASP A 23 11.04 13.89 -8.40
CA ASP A 23 10.22 15.09 -8.38
C ASP A 23 8.99 14.82 -7.52
N LYS A 24 9.21 14.50 -6.24
CA LYS A 24 8.16 14.35 -5.23
C LYS A 24 7.30 13.09 -5.38
N HIS A 25 7.07 12.61 -6.61
CA HIS A 25 6.22 11.47 -6.94
C HIS A 25 6.99 10.22 -7.38
N LYS A 26 8.32 10.28 -7.51
CA LYS A 26 9.12 9.16 -7.98
C LYS A 26 10.48 9.09 -7.28
N LEU A 27 10.95 7.87 -6.99
CA LEU A 27 12.25 7.61 -6.37
C LEU A 27 13.18 6.99 -7.43
N LYS A 28 14.44 7.46 -7.50
CA LYS A 28 15.46 6.79 -8.30
C LYS A 28 16.11 5.70 -7.43
N LYS A 29 17.04 4.91 -7.98
CA LYS A 29 17.75 3.91 -7.19
C LYS A 29 18.43 4.50 -5.97
N SER A 30 19.01 5.71 -6.05
CA SER A 30 19.62 6.36 -4.90
C SER A 30 18.58 6.52 -3.79
N GLU A 31 17.45 7.15 -4.13
CA GLU A 31 16.44 7.47 -3.15
C GLU A 31 15.78 6.19 -2.62
N LEU A 32 15.43 5.28 -3.51
CA LEU A 32 14.80 4.01 -3.19
C LEU A 32 15.74 3.17 -2.31
N LYS A 33 17.03 3.15 -2.62
CA LYS A 33 18.03 2.48 -1.77
C LYS A 33 18.00 3.08 -0.37
N GLU A 34 18.24 4.38 -0.22
CA GLU A 34 18.34 4.97 1.11
C GLU A 34 17.02 4.83 1.87
N LEU A 35 15.90 5.03 1.17
CA LEU A 35 14.54 4.78 1.65
C LEU A 35 14.49 3.39 2.26
N ILE A 36 14.87 2.34 1.51
CA ILE A 36 14.77 0.98 2.03
C ILE A 36 15.68 0.81 3.25
N ASN A 37 16.96 1.16 3.14
CA ASN A 37 17.91 0.98 4.24
C ASN A 37 17.44 1.66 5.51
N ASN A 38 17.01 2.93 5.41
CA ASN A 38 16.62 3.72 6.56
C ASN A 38 15.27 3.23 7.09
N GLU A 39 14.28 3.11 6.21
CA GLU A 39 12.93 2.85 6.65
C GLU A 39 12.73 1.38 6.99
N LEU A 40 13.18 0.43 6.16
CA LEU A 40 13.05 -0.98 6.46
C LEU A 40 14.26 -1.45 7.27
N SER A 41 14.63 -0.66 8.28
CA SER A 41 15.80 -0.85 9.12
C SER A 41 15.76 -2.22 9.80
N HIS A 42 14.60 -2.55 10.37
CA HIS A 42 14.36 -3.85 10.99
C HIS A 42 13.78 -4.80 9.94
N PHE A 43 12.89 -4.29 9.09
CA PHE A 43 12.08 -5.10 8.18
C PHE A 43 12.93 -5.84 7.14
N LEU A 44 14.03 -5.24 6.68
CA LEU A 44 14.91 -5.82 5.68
C LEU A 44 16.37 -5.68 6.15
N GLU A 45 17.28 -6.38 5.48
CA GLU A 45 18.71 -6.27 5.73
C GLU A 45 19.27 -5.08 4.95
N GLU A 46 20.36 -4.48 5.44
CA GLU A 46 21.13 -3.45 4.76
C GLU A 46 21.47 -3.92 3.35
N ILE A 47 21.28 -3.04 2.36
CA ILE A 47 21.36 -3.39 0.95
C ILE A 47 22.79 -3.59 0.47
N LYS A 48 23.57 -2.50 0.44
CA LYS A 48 24.90 -2.43 -0.18
C LYS A 48 24.85 -2.60 -1.71
N GLU A 49 24.32 -3.71 -2.20
CA GLU A 49 24.32 -4.05 -3.61
C GLU A 49 23.37 -3.12 -4.38
N GLN A 50 23.84 -1.94 -4.77
CA GLN A 50 23.08 -1.01 -5.62
C GLN A 50 22.47 -1.73 -6.83
N GLU A 51 23.19 -2.72 -7.35
CA GLU A 51 22.75 -3.54 -8.46
C GLU A 51 21.42 -4.24 -8.13
N VAL A 52 21.31 -4.81 -6.92
CA VAL A 52 20.15 -5.57 -6.53
C VAL A 52 18.97 -4.63 -6.26
N VAL A 53 19.18 -3.51 -5.55
CA VAL A 53 18.10 -2.55 -5.39
C VAL A 53 17.61 -2.08 -6.76
N ASP A 54 18.55 -1.75 -7.67
CA ASP A 54 18.20 -1.39 -9.03
C ASP A 54 17.35 -2.50 -9.68
N LYS A 55 17.79 -3.77 -9.54
CA LYS A 55 17.07 -4.89 -10.13
C LYS A 55 15.65 -5.00 -9.56
N VAL A 56 15.48 -5.00 -8.23
CA VAL A 56 14.14 -5.21 -7.67
C VAL A 56 13.24 -4.04 -8.07
N MET A 57 13.72 -2.80 -7.96
CA MET A 57 12.88 -1.67 -8.34
C MET A 57 12.54 -1.73 -9.82
N GLU A 58 13.52 -2.04 -10.68
CA GLU A 58 13.31 -2.23 -12.11
C GLU A 58 12.20 -3.26 -12.34
N THR A 59 12.23 -4.36 -11.60
CA THR A 59 11.20 -5.39 -11.64
C THR A 59 9.80 -4.82 -11.37
N LEU A 60 9.70 -3.73 -10.59
CA LEU A 60 8.43 -3.05 -10.30
C LEU A 60 8.27 -1.77 -11.11
N ASP A 61 9.20 -1.45 -12.01
CA ASP A 61 9.19 -0.17 -12.71
C ASP A 61 8.15 -0.19 -13.83
N SER A 62 6.87 -0.16 -13.46
CA SER A 62 5.78 -0.04 -14.43
C SER A 62 5.89 1.24 -15.25
N ASP A 63 6.60 2.26 -14.73
CA ASP A 63 6.83 3.50 -15.45
C ASP A 63 7.85 3.30 -16.58
N GLY A 64 8.62 2.20 -16.55
CA GLY A 64 9.70 1.92 -17.48
C GLY A 64 10.67 3.09 -17.63
N ASP A 65 10.86 3.88 -16.57
CA ASP A 65 11.61 5.14 -16.62
C ASP A 65 12.82 5.10 -15.70
N GLY A 66 13.22 3.91 -15.23
CA GLY A 66 14.31 3.73 -14.30
C GLY A 66 13.87 4.07 -12.88
N GLU A 67 13.38 5.29 -12.69
CA GLU A 67 12.73 5.69 -11.45
C GLU A 67 11.51 4.79 -11.21
N CYS A 68 11.05 4.72 -9.96
CA CYS A 68 9.83 4.04 -9.59
C CYS A 68 8.88 5.06 -8.97
N ASP A 69 7.65 5.13 -9.48
CA ASP A 69 6.63 6.07 -9.04
C ASP A 69 6.09 5.64 -7.67
N PHE A 70 5.42 6.58 -6.99
CA PHE A 70 4.74 6.35 -5.74
C PHE A 70 3.89 5.07 -5.77
N GLN A 71 3.15 4.83 -6.86
CA GLN A 71 2.42 3.58 -7.08
C GLN A 71 3.32 2.35 -6.89
N GLU A 72 4.48 2.33 -7.55
CA GLU A 72 5.36 1.17 -7.54
C GLU A 72 5.97 1.00 -6.15
N PHE A 73 6.34 2.12 -5.52
CA PHE A 73 6.73 2.13 -4.12
C PHE A 73 5.65 1.46 -3.28
N MET A 74 4.40 1.90 -3.41
CA MET A 74 3.29 1.29 -2.67
C MET A 74 3.11 -0.19 -3.00
N ALA A 75 3.36 -0.60 -4.25
CA ALA A 75 3.35 -2.02 -4.62
C ALA A 75 4.42 -2.79 -3.84
N PHE A 76 5.64 -2.25 -3.75
CA PHE A 76 6.72 -2.87 -2.99
C PHE A 76 6.29 -2.97 -1.52
N VAL A 77 5.83 -1.85 -0.96
CA VAL A 77 5.30 -1.81 0.38
C VAL A 77 4.22 -2.88 0.55
N ALA A 78 3.30 -3.04 -0.41
CA ALA A 78 2.22 -4.01 -0.31
C ALA A 78 2.75 -5.42 -0.13
N MET A 79 3.68 -5.88 -0.98
CA MET A 79 4.24 -7.21 -0.82
C MET A 79 4.91 -7.37 0.56
N ILE A 80 5.73 -6.39 0.96
CA ILE A 80 6.45 -6.44 2.22
C ILE A 80 5.46 -6.54 3.38
N THR A 81 4.52 -5.60 3.43
CA THR A 81 3.48 -5.49 4.45
C THR A 81 2.70 -6.81 4.52
N THR A 82 2.27 -7.34 3.36
CA THR A 82 1.55 -8.60 3.34
C THR A 82 2.41 -9.73 3.92
N ALA A 83 3.67 -9.83 3.51
CA ALA A 83 4.57 -10.85 4.04
C ALA A 83 4.67 -10.72 5.56
N CYS A 84 4.85 -9.50 6.06
CA CYS A 84 4.85 -9.23 7.50
C CYS A 84 3.54 -9.70 8.13
N HIS A 85 2.41 -9.38 7.48
CA HIS A 85 1.08 -9.82 7.91
C HIS A 85 1.06 -11.34 8.15
N GLU A 86 1.71 -12.12 7.28
CA GLU A 86 1.79 -13.57 7.48
C GLU A 86 2.33 -13.92 8.86
N PHE A 87 3.38 -13.23 9.33
CA PHE A 87 3.88 -13.47 10.69
C PHE A 87 2.81 -13.06 11.69
N PHE A 88 2.21 -11.89 11.47
CA PHE A 88 1.24 -11.31 12.40
C PHE A 88 0.05 -12.25 12.60
N GLU A 89 -0.34 -12.97 11.53
CA GLU A 89 -1.30 -14.06 11.62
C GLU A 89 -0.67 -15.25 12.35
N HIS A 90 0.45 -15.76 11.82
CA HIS A 90 1.07 -16.99 12.28
C HIS A 90 1.83 -16.73 13.59
N GLU A 91 1.10 -16.51 14.66
CA GLU A 91 1.63 -16.42 16.02
C GLU A 91 1.63 -17.81 16.66
N SER B 1 11.36 2.39 12.19
CA SER B 1 11.27 3.64 11.41
C SER B 1 9.82 3.94 10.99
N GLU B 2 9.59 5.13 10.43
CA GLU B 2 8.27 5.65 10.14
C GLU B 2 7.43 4.66 9.33
N LEU B 3 7.97 4.19 8.18
CA LEU B 3 7.21 3.24 7.36
C LEU B 3 6.87 1.98 8.14
N GLU B 4 7.81 1.46 8.96
CA GLU B 4 7.55 0.28 9.77
C GLU B 4 6.41 0.53 10.75
N LYS B 5 6.39 1.70 11.39
CA LYS B 5 5.32 2.03 12.32
C LYS B 5 3.97 2.09 11.60
N ALA B 6 3.93 2.85 10.51
CA ALA B 6 2.76 2.92 9.65
C ALA B 6 2.28 1.52 9.26
N VAL B 7 3.22 0.68 8.82
CA VAL B 7 2.98 -0.70 8.44
C VAL B 7 2.38 -1.51 9.59
N VAL B 8 3.00 -1.56 10.77
CA VAL B 8 2.44 -2.38 11.83
C VAL B 8 1.06 -1.86 12.24
N ALA B 9 0.84 -0.54 12.22
CA ALA B 9 -0.49 0.01 12.44
C ALA B 9 -1.48 -0.54 11.39
N LEU B 10 -1.14 -0.42 10.11
CA LEU B 10 -1.96 -0.86 8.98
C LEU B 10 -2.31 -2.35 9.14
N ILE B 11 -1.30 -3.18 9.39
CA ILE B 11 -1.48 -4.61 9.63
C ILE B 11 -2.40 -4.82 10.82
N ASP B 12 -2.12 -4.20 11.97
CA ASP B 12 -2.82 -4.46 13.21
C ASP B 12 -4.30 -4.05 13.11
N VAL B 13 -4.55 -2.83 12.66
CA VAL B 13 -5.90 -2.30 12.51
C VAL B 13 -6.72 -3.25 11.64
N PHE B 14 -6.16 -3.57 10.47
CA PHE B 14 -6.79 -4.51 9.57
C PHE B 14 -7.05 -5.84 10.28
N HIS B 15 -6.03 -6.42 10.92
CA HIS B 15 -6.11 -7.72 11.58
C HIS B 15 -7.29 -7.72 12.57
N GLN B 16 -7.36 -6.67 13.39
CA GLN B 16 -8.41 -6.42 14.34
C GLN B 16 -9.80 -6.47 13.68
N TYR B 17 -10.00 -5.87 12.51
CA TYR B 17 -11.27 -6.00 11.78
C TYR B 17 -11.45 -7.40 11.16
N SER B 18 -10.50 -7.82 10.33
CA SER B 18 -10.54 -9.04 9.54
C SER B 18 -10.67 -10.32 10.38
N GLY B 19 -10.22 -10.29 11.64
CA GLY B 19 -10.43 -11.39 12.55
C GLY B 19 -11.92 -11.69 12.73
N ARG B 20 -12.76 -10.65 12.63
CA ARG B 20 -14.18 -10.76 12.95
C ARG B 20 -14.94 -11.45 11.82
N GLU B 21 -14.79 -10.97 10.57
CA GLU B 21 -15.29 -11.68 9.39
C GLU B 21 -14.30 -11.54 8.24
N GLY B 22 -13.54 -12.63 8.00
CA GLY B 22 -12.59 -12.76 6.91
C GLY B 22 -11.24 -13.31 7.41
N ASP B 23 -11.31 -14.36 8.22
CA ASP B 23 -10.20 -15.16 8.76
C ASP B 23 -8.89 -14.38 8.87
N LYS B 24 -8.91 -13.25 9.58
CA LYS B 24 -7.75 -12.42 9.88
C LYS B 24 -6.84 -12.08 8.69
N HIS B 25 -7.38 -12.10 7.46
CA HIS B 25 -6.64 -11.68 6.26
C HIS B 25 -7.54 -11.07 5.19
N LYS B 26 -8.86 -11.04 5.39
CA LYS B 26 -9.83 -10.48 4.46
C LYS B 26 -10.87 -9.68 5.21
N LEU B 27 -11.61 -8.82 4.51
CA LEU B 27 -12.66 -7.98 5.06
C LEU B 27 -13.98 -8.32 4.41
N LYS B 28 -14.90 -8.98 5.14
CA LYS B 28 -16.26 -9.12 4.64
C LYS B 28 -16.90 -7.72 4.61
N LYS B 29 -17.94 -7.49 3.81
CA LYS B 29 -18.46 -6.13 3.58
C LYS B 29 -18.87 -5.40 4.86
N SER B 30 -19.33 -6.12 5.88
CA SER B 30 -19.53 -5.54 7.21
C SER B 30 -18.23 -4.90 7.71
N GLU B 31 -17.14 -5.66 7.66
CA GLU B 31 -15.84 -5.25 8.14
C GLU B 31 -15.31 -4.13 7.25
N LEU B 32 -15.39 -4.31 5.93
CA LEU B 32 -14.94 -3.34 4.94
C LEU B 32 -15.63 -2.00 5.20
N LYS B 33 -16.96 -2.05 5.39
CA LYS B 33 -17.76 -0.88 5.69
C LYS B 33 -17.24 -0.20 6.95
N GLU B 34 -17.27 -0.88 8.10
CA GLU B 34 -16.91 -0.22 9.35
C GLU B 34 -15.46 0.27 9.31
N LEU B 35 -14.56 -0.53 8.73
CA LEU B 35 -13.17 -0.18 8.46
C LEU B 35 -13.10 1.17 7.75
N ILE B 36 -13.77 1.33 6.61
CA ILE B 36 -13.69 2.60 5.90
C ILE B 36 -14.29 3.72 6.76
N ASN B 37 -15.51 3.53 7.26
CA ASN B 37 -16.21 4.59 7.99
C ASN B 37 -15.39 5.09 9.17
N ASN B 38 -14.80 4.18 9.95
CA ASN B 38 -14.04 4.54 11.15
C ASN B 38 -12.65 5.05 10.81
N GLU B 39 -11.95 4.38 9.89
CA GLU B 39 -10.55 4.70 9.65
C GLU B 39 -10.38 5.85 8.66
N LEU B 40 -11.16 5.88 7.58
CA LEU B 40 -10.97 6.79 6.46
C LEU B 40 -11.89 8.02 6.52
N SER B 41 -12.50 8.33 7.66
CA SER B 41 -13.55 9.33 7.80
C SER B 41 -13.32 10.65 7.05
N HIS B 42 -12.09 11.18 7.08
CA HIS B 42 -11.74 12.45 6.44
C HIS B 42 -11.37 12.24 4.96
N PHE B 43 -10.89 11.04 4.62
CA PHE B 43 -10.46 10.72 3.27
C PHE B 43 -11.68 10.38 2.42
N LEU B 44 -12.68 9.75 3.03
CA LEU B 44 -13.83 9.15 2.38
C LEU B 44 -15.01 9.28 3.36
N GLU B 45 -16.12 9.89 2.90
CA GLU B 45 -17.23 10.20 3.79
C GLU B 45 -17.99 8.94 4.20
N GLU B 46 -18.87 9.07 5.21
CA GLU B 46 -19.69 8.00 5.74
C GLU B 46 -20.41 7.27 4.59
N ILE B 47 -20.10 5.99 4.41
CA ILE B 47 -20.61 5.25 3.25
C ILE B 47 -22.11 5.08 3.35
N LYS B 48 -22.60 4.70 4.53
CA LYS B 48 -23.98 4.36 4.88
C LYS B 48 -24.60 3.25 4.00
N GLU B 49 -24.73 3.47 2.70
CA GLU B 49 -25.30 2.52 1.77
C GLU B 49 -24.45 1.26 1.67
N GLN B 50 -24.90 0.17 2.33
CA GLN B 50 -24.33 -1.16 2.19
C GLN B 50 -24.13 -1.52 0.71
N GLU B 51 -24.99 -1.02 -0.17
CA GLU B 51 -24.90 -1.20 -1.61
C GLU B 51 -23.55 -0.69 -2.15
N VAL B 52 -23.14 0.52 -1.74
CA VAL B 52 -21.93 1.11 -2.30
C VAL B 52 -20.71 0.34 -1.80
N VAL B 53 -20.64 0.04 -0.50
CA VAL B 53 -19.55 -0.79 0.00
C VAL B 53 -19.53 -2.17 -0.68
N ASP B 54 -20.69 -2.81 -0.88
CA ASP B 54 -20.75 -4.03 -1.67
C ASP B 54 -20.13 -3.82 -3.05
N LYS B 55 -20.44 -2.71 -3.71
CA LYS B 55 -19.81 -2.35 -4.98
C LYS B 55 -18.29 -2.17 -4.83
N VAL B 56 -17.80 -1.46 -3.80
CA VAL B 56 -16.35 -1.33 -3.66
C VAL B 56 -15.73 -2.72 -3.44
N MET B 57 -16.32 -3.54 -2.58
CA MET B 57 -15.91 -4.93 -2.40
C MET B 57 -15.79 -5.62 -3.75
N GLU B 58 -16.85 -5.57 -4.57
CA GLU B 58 -16.82 -6.17 -5.90
C GLU B 58 -15.62 -5.64 -6.70
N THR B 59 -15.43 -4.32 -6.66
CA THR B 59 -14.31 -3.65 -7.31
C THR B 59 -12.96 -4.18 -6.81
N LEU B 60 -12.78 -4.42 -5.51
CA LEU B 60 -11.48 -4.81 -4.96
C LEU B 60 -11.22 -6.32 -5.05
N ASP B 61 -12.30 -7.13 -4.97
CA ASP B 61 -12.29 -8.58 -4.83
C ASP B 61 -11.63 -9.32 -6.00
N SER B 62 -10.33 -9.12 -6.17
CA SER B 62 -9.53 -9.68 -7.24
C SER B 62 -9.50 -11.21 -7.16
N ASP B 63 -9.53 -11.74 -5.93
CA ASP B 63 -9.52 -13.16 -5.64
C ASP B 63 -10.87 -13.81 -5.92
N GLY B 64 -11.93 -13.02 -6.14
CA GLY B 64 -13.27 -13.56 -6.38
C GLY B 64 -13.76 -14.39 -5.19
N ASP B 65 -13.49 -13.93 -3.96
CA ASP B 65 -13.83 -14.61 -2.72
C ASP B 65 -14.85 -13.78 -1.93
N GLY B 66 -15.37 -12.71 -2.53
CA GLY B 66 -16.18 -11.72 -1.83
C GLY B 66 -15.26 -10.90 -0.94
N GLU B 67 -14.83 -11.51 0.16
CA GLU B 67 -14.11 -10.87 1.25
C GLU B 67 -12.86 -10.15 0.73
N CYS B 68 -12.70 -8.87 1.03
CA CYS B 68 -11.63 -8.05 0.48
C CYS B 68 -10.31 -8.40 1.17
N ASP B 69 -9.44 -9.16 0.50
CA ASP B 69 -8.18 -9.66 1.04
C ASP B 69 -7.26 -8.49 1.40
N PHE B 70 -6.30 -8.72 2.31
CA PHE B 70 -5.31 -7.71 2.66
C PHE B 70 -4.66 -7.09 1.41
N GLN B 71 -4.33 -7.89 0.39
CA GLN B 71 -3.81 -7.39 -0.88
C GLN B 71 -4.75 -6.35 -1.52
N GLU B 72 -6.03 -6.70 -1.58
CA GLU B 72 -7.08 -5.91 -2.21
C GLU B 72 -7.24 -4.59 -1.46
N PHE B 73 -7.29 -4.73 -0.14
CA PHE B 73 -7.21 -3.61 0.79
C PHE B 73 -5.98 -2.75 0.49
N MET B 74 -4.79 -3.34 0.40
CA MET B 74 -3.56 -2.60 0.08
C MET B 74 -3.70 -1.84 -1.25
N ALA B 75 -4.30 -2.47 -2.26
CA ALA B 75 -4.54 -1.81 -3.54
C ALA B 75 -5.49 -0.60 -3.38
N PHE B 76 -6.58 -0.78 -2.61
CA PHE B 76 -7.52 0.29 -2.33
C PHE B 76 -6.80 1.43 -1.61
N VAL B 77 -6.10 1.10 -0.53
CA VAL B 77 -5.26 2.02 0.21
C VAL B 77 -4.31 2.72 -0.77
N ALA B 78 -3.68 1.99 -1.69
CA ALA B 78 -2.77 2.57 -2.66
C ALA B 78 -3.45 3.65 -3.49
N MET B 79 -4.60 3.37 -4.12
CA MET B 79 -5.28 4.39 -4.92
C MET B 79 -5.64 5.61 -4.06
N ILE B 80 -6.22 5.38 -2.88
CA ILE B 80 -6.64 6.44 -1.96
C ILE B 80 -5.43 7.32 -1.61
N THR B 81 -4.39 6.68 -1.09
CA THR B 81 -3.14 7.30 -0.72
C THR B 81 -2.56 8.05 -1.91
N THR B 82 -2.58 7.47 -3.11
CA THR B 82 -2.02 8.12 -4.29
C THR B 82 -2.76 9.41 -4.62
N ALA B 83 -4.10 9.40 -4.60
CA ALA B 83 -4.86 10.63 -4.83
C ALA B 83 -4.44 11.71 -3.82
N CYS B 84 -4.34 11.33 -2.54
CA CYS B 84 -3.88 12.24 -1.50
C CYS B 84 -2.43 12.69 -1.71
N HIS B 85 -1.56 11.77 -2.12
CA HIS B 85 -0.16 12.04 -2.43
C HIS B 85 -0.06 13.10 -3.53
N GLU B 86 -0.87 12.96 -4.58
CA GLU B 86 -0.97 13.96 -5.62
C GLU B 86 -1.45 15.29 -5.03
N PHE B 87 -2.52 15.26 -4.22
CA PHE B 87 -3.00 16.46 -3.53
C PHE B 87 -1.89 17.11 -2.69
N PHE B 88 -0.95 16.32 -2.18
CA PHE B 88 0.13 16.80 -1.33
C PHE B 88 1.01 17.86 -2.00
N GLU B 89 0.99 17.95 -3.34
CA GLU B 89 1.62 19.07 -4.05
C GLU B 89 1.19 20.40 -3.41
N HIS B 90 -0.07 20.47 -2.94
CA HIS B 90 -0.56 21.56 -2.13
C HIS B 90 -1.08 20.94 -0.82
N GLU B 91 -0.16 20.43 0.00
CA GLU B 91 -0.46 19.89 1.31
C GLU B 91 -1.18 20.92 2.20
N LYS C 1 27.84 -7.55 -9.37
CA LYS C 1 28.92 -7.38 -8.39
C LYS C 1 29.06 -8.63 -7.50
N ARG C 2 27.96 -9.04 -6.85
CA ARG C 2 27.87 -10.30 -6.11
C ARG C 2 26.62 -11.07 -6.55
N LEU C 3 26.44 -11.18 -7.87
CA LEU C 3 25.25 -11.78 -8.46
C LEU C 3 25.33 -13.31 -8.35
N ARG C 4 24.99 -13.85 -7.17
CA ARG C 4 24.80 -15.28 -6.92
C ARG C 4 26.14 -16.00 -6.78
N ARG C 5 26.96 -15.94 -7.84
CA ARG C 5 28.19 -16.70 -8.06
C ARG C 5 29.16 -16.68 -6.87
N SER C 6 29.12 -15.66 -6.02
CA SER C 6 29.97 -15.48 -4.85
C SER C 6 29.88 -16.62 -3.83
N ALA C 7 30.49 -17.77 -4.15
CA ALA C 7 30.56 -18.96 -3.32
C ALA C 7 29.17 -19.29 -2.76
N HIS C 8 29.00 -19.22 -1.43
CA HIS C 8 27.69 -19.30 -0.79
C HIS C 8 27.43 -18.07 0.08
N ALA C 9 28.06 -16.93 -0.27
CA ALA C 9 27.70 -15.66 0.33
C ALA C 9 26.27 -15.33 -0.13
N ARG C 10 26.00 -15.60 -1.41
CA ARG C 10 24.67 -15.58 -2.00
C ARG C 10 23.99 -14.23 -1.74
N LYS C 11 24.79 -13.16 -1.84
CA LYS C 11 24.47 -11.80 -1.44
C LYS C 11 23.07 -11.36 -1.84
N GLU C 12 22.63 -11.66 -3.05
CA GLU C 12 21.29 -11.28 -3.53
C GLU C 12 20.18 -11.67 -2.54
N THR C 13 20.31 -12.83 -1.88
CA THR C 13 19.29 -13.32 -0.98
C THR C 13 19.31 -12.61 0.37
N GLU C 14 20.38 -11.87 0.70
CA GLU C 14 20.61 -11.27 2.01
C GLU C 14 19.36 -10.53 2.50
N PHE C 15 18.76 -9.73 1.62
CA PHE C 15 17.62 -8.89 1.94
C PHE C 15 16.35 -9.74 1.93
N LEU C 16 16.12 -10.42 0.80
CA LEU C 16 14.92 -11.20 0.54
C LEU C 16 14.70 -12.25 1.63
N ARG C 17 15.77 -12.81 2.19
CA ARG C 17 15.72 -13.73 3.31
C ARG C 17 14.80 -13.19 4.41
N LEU C 18 14.91 -11.91 4.76
CA LEU C 18 14.11 -11.33 5.85
C LEU C 18 12.63 -11.40 5.49
N LYS C 19 12.29 -11.13 4.22
CA LYS C 19 10.93 -11.22 3.73
C LYS C 19 10.46 -12.68 3.81
N ARG C 20 11.23 -13.61 3.23
CA ARG C 20 10.90 -15.03 3.26
C ARG C 20 10.70 -15.52 4.70
N THR C 21 11.56 -15.06 5.62
CA THR C 21 11.51 -15.47 7.01
C THR C 21 10.17 -15.12 7.67
N ARG C 22 9.42 -14.13 7.18
CA ARG C 22 8.17 -13.72 7.81
C ARG C 22 7.22 -14.91 8.06
N LEU C 23 7.26 -15.95 7.22
CA LEU C 23 6.44 -17.13 7.40
C LEU C 23 6.79 -17.87 8.70
N GLY C 24 8.09 -17.92 9.05
CA GLY C 24 8.62 -18.71 10.17
C GLY C 24 8.95 -17.85 11.38
N LEU C 25 9.12 -16.53 11.19
CA LEU C 25 9.43 -15.52 12.18
C LEU C 25 8.68 -15.77 13.49
N GLU C 26 7.38 -16.06 13.38
CA GLU C 26 6.57 -16.56 14.47
C GLU C 26 5.84 -17.82 13.98
N LYS D 1 -25.09 12.26 -13.21
CA LYS D 1 -24.11 12.22 -14.30
C LYS D 1 -22.86 13.04 -13.95
N ARG D 2 -23.05 14.34 -13.72
CA ARG D 2 -21.99 15.29 -13.44
C ARG D 2 -22.64 16.58 -12.95
N LEU D 3 -21.82 17.52 -12.45
CA LEU D 3 -22.28 18.79 -11.92
C LEU D 3 -23.18 18.59 -10.68
N ARG D 4 -23.73 19.69 -10.16
CA ARG D 4 -24.45 19.78 -8.90
C ARG D 4 -23.49 19.59 -7.72
N ARG D 5 -22.84 18.41 -7.66
CA ARG D 5 -21.75 18.04 -6.77
C ARG D 5 -22.18 18.06 -5.30
N SER D 6 -22.35 19.27 -4.75
CA SER D 6 -22.82 19.55 -3.40
C SER D 6 -23.97 18.62 -2.99
N ALA D 7 -25.10 18.77 -3.69
CA ALA D 7 -26.28 17.93 -3.51
C ALA D 7 -25.97 16.51 -3.99
N HIS D 8 -25.23 15.75 -3.19
CA HIS D 8 -24.75 14.41 -3.51
C HIS D 8 -25.87 13.35 -3.41
N ALA D 9 -26.97 13.59 -4.14
CA ALA D 9 -28.03 12.60 -4.34
C ALA D 9 -27.44 11.38 -5.06
N ARG D 10 -26.47 11.63 -5.94
CA ARG D 10 -25.62 10.64 -6.59
C ARG D 10 -24.71 10.04 -5.51
N LYS D 11 -25.27 9.32 -4.55
CA LYS D 11 -24.56 8.88 -3.35
C LYS D 11 -23.27 8.11 -3.66
N GLU D 12 -23.28 7.24 -4.67
CA GLU D 12 -22.06 6.59 -5.18
C GLU D 12 -20.92 7.61 -5.33
N THR D 13 -21.23 8.74 -5.96
CA THR D 13 -20.29 9.80 -6.26
C THR D 13 -19.86 10.58 -5.01
N GLU D 14 -20.67 10.57 -3.93
CA GLU D 14 -20.41 11.32 -2.71
C GLU D 14 -18.97 11.12 -2.24
N PHE D 15 -18.51 9.86 -2.29
CA PHE D 15 -17.20 9.45 -1.82
C PHE D 15 -16.15 9.71 -2.89
N LEU D 16 -16.40 9.17 -4.09
CA LEU D 16 -15.45 9.17 -5.20
C LEU D 16 -15.10 10.62 -5.59
N ARG D 17 -16.04 11.55 -5.40
CA ARG D 17 -15.82 12.99 -5.50
C ARG D 17 -14.55 13.40 -4.77
N LEU D 18 -14.33 12.94 -3.53
CA LEU D 18 -13.16 13.36 -2.76
C LEU D 18 -11.88 12.86 -3.43
N LYS D 19 -11.82 11.57 -3.77
CA LYS D 19 -10.70 11.01 -4.49
C LYS D 19 -10.42 11.83 -5.75
N ARG D 20 -11.46 12.06 -6.56
CA ARG D 20 -11.34 12.85 -7.77
C ARG D 20 -10.82 14.24 -7.46
N THR D 21 -11.33 14.91 -6.42
CA THR D 21 -10.87 16.24 -6.05
C THR D 21 -9.38 16.21 -5.70
N ARG D 22 -8.96 15.24 -4.88
CA ARG D 22 -7.56 15.15 -4.49
C ARG D 22 -6.65 14.85 -5.69
N LEU D 23 -7.11 14.01 -6.63
CA LEU D 23 -6.42 13.77 -7.89
C LEU D 23 -6.40 15.04 -8.74
N GLY D 24 -7.50 15.80 -8.71
CA GLY D 24 -7.77 16.96 -9.55
C GLY D 24 -6.73 18.05 -9.42
N LEU D 25 -5.93 18.05 -8.33
CA LEU D 25 -4.82 18.98 -8.21
C LEU D 25 -3.83 18.82 -9.37
N GLU D 26 -3.69 17.61 -9.92
CA GLU D 26 -2.85 17.39 -11.09
C GLU D 26 -3.46 18.09 -12.31
#